data_4GXU
#
_entry.id   4GXU
#
_cell.length_a   153.711
_cell.length_b   176.269
_cell.length_c   168.120
_cell.angle_alpha   90.00
_cell.angle_beta   92.14
_cell.angle_gamma   90.00
#
_symmetry.space_group_name_H-M   'P 1 21 1'
#
loop_
_entity.id
_entity.type
_entity.pdbx_description
1 polymer 'Hemagglutinin HA1 chain'
2 polymer 'Hemagglutinin HA2 chain'
3 polymer 'Antibody 1F1, heavy chain'
4 polymer 'Antibody 1F1, light chain'
5 branched beta-D-mannopyranose-(1-4)-2-acetamido-2-deoxy-beta-D-glucopyranose-(1-4)-2-acetamido-2-deoxy-beta-D-glucopyranose
6 non-polymer 2-acetamido-2-deoxy-beta-D-glucopyranose
#
loop_
_entity_poly.entity_id
_entity_poly.type
_entity_poly.pdbx_seq_one_letter_code
_entity_poly.pdbx_strand_id
1 'polypeptide(L)'
;ADPGDTICIGYHANNSTDTVDTVLEKNVTVTHSVNLLEDSHNGKLCKLKGIAPLQLGKCNIAGWLLGNPECDLLLTASSW
SYIVETSNSENGTCYPGDFIDYEELREQLSSVSSFEKFEIFPKTSSWPNHETTKGVTAACSYAGASSFYRNLLWLTKKGS
SYPKLSKSYVNNKGKEVLVLWGVHHPPTGTDQQSLYQNADAYVSVGSSKYNRRFTPEIAARPKVRDQAGRMNYYWTLLEP
GDTITFEATGNLIAPWYAFALNRGSGSGIITSDAPVHDCNTKCQTPHGAINSSLPFQNIHPVTIGECPKYVRSTKLRMAT
GLRNIPSIQSR
;
A,C,E,G,I,K
2 'polypeptide(L)'
;GLFGAIAGFIEGGWTGMIDGWYGYHHQNEQGSGYAADQKSTQNAIDGITNKVNSVIEKMNTQFTAVGKEFNNLERRIENL
NKKVDDGFLDIWTYNAELLVLLENERTLDFHDSNVRNLYEKVKSQLKNNAKEIGNGCFEFYHKCDDACMESVRNGTYDYP
KYSEESKLNREEIDGV
;
B,D,F,H,J,L
3 'polypeptide(L)'
;(PCA)VQLVQSGGGVVQPRRSLRLSCAASGFTFSSYAMHWVRQAPGKGLEWVAVISYDGRNKYYADSVKGRFTVSRDNSK
NTLYLQMNSLRAEDTSVYYCARELLMDYYDHIGYSPGPTWGQGTLVTVSSASTKGPSVFPLAPSSKSTSGGTAALGCLVK
DYFPEPVTVSWNSGALTSGVHTFPAVLQSSGLYSLSSVVTVPSSSLGTQTYICNVNHKPSNTKVDKRVEPKSCDK
;
M,O,Q,S,U,W
4 'polypeptide(L)'
;(PCA)PVLTQPPSASGSPGQRVTISCSGSSSNIGSYTVNWYQQLPGTAPKLLIYSLNQRPSGVPDRFSGSKSGTSASLAI
SGLQSEDEAVYYCAAWDDSLSAHVVFGGGTKLTVLGQPKAAPSVTLFPPSSEELQANKATLVCLISDFYPGAVTVAWKAD
SSPVKAGVETTTPSKQSNNKYAASSYLSLTPEQWKSHRSYSCQVTHEGSTVEKTVAPTECS
;
N,P,R,T,V,X
#
# COMPACT_ATOMS: atom_id res chain seq x y z
N PRO A 3 61.02 -44.10 -24.67
CA PRO A 3 60.01 -44.89 -23.96
C PRO A 3 60.30 -44.96 -22.47
N GLY A 4 60.92 -43.91 -21.94
CA GLY A 4 61.43 -43.95 -20.57
C GLY A 4 60.42 -43.65 -19.47
N ASP A 5 60.85 -43.91 -18.25
CA ASP A 5 60.10 -43.58 -17.04
C ASP A 5 59.82 -42.09 -16.94
N THR A 6 58.77 -41.75 -16.22
CA THR A 6 58.33 -40.36 -16.12
C THR A 6 57.85 -40.04 -14.70
N ILE A 7 58.04 -38.78 -14.31
CA ILE A 7 57.45 -38.21 -13.11
C ILE A 7 56.80 -36.87 -13.41
N CYS A 8 55.60 -36.67 -12.88
CA CYS A 8 54.89 -35.41 -13.06
C CYS A 8 54.63 -34.67 -11.73
N ILE A 9 54.63 -33.35 -11.80
CA ILE A 9 54.28 -32.51 -10.64
C ILE A 9 52.85 -32.05 -10.80
N GLY A 10 52.07 -32.07 -9.73
CA GLY A 10 50.66 -31.75 -9.83
C GLY A 10 50.01 -31.33 -8.53
N TYR A 11 48.72 -31.04 -8.60
CA TYR A 11 48.00 -30.55 -7.43
C TYR A 11 46.63 -31.20 -7.26
N HIS A 12 46.09 -31.10 -6.05
CA HIS A 12 44.83 -31.74 -5.69
C HIS A 12 43.62 -31.18 -6.40
N ALA A 13 42.73 -32.08 -6.79
CA ALA A 13 41.35 -31.71 -7.14
C ALA A 13 40.41 -32.65 -6.40
N ASN A 14 39.17 -32.21 -6.21
CA ASN A 14 38.15 -33.07 -5.60
C ASN A 14 36.75 -32.72 -6.08
N ASN A 15 35.72 -33.24 -5.41
CA ASN A 15 34.35 -33.00 -5.84
C ASN A 15 33.65 -31.80 -5.19
N SER A 16 34.41 -30.96 -4.51
CA SER A 16 33.82 -29.81 -3.83
C SER A 16 33.12 -28.91 -4.83
N THR A 17 32.00 -28.33 -4.43
CA THR A 17 31.28 -27.39 -5.26
C THR A 17 31.34 -25.99 -4.67
N ASP A 18 32.04 -25.86 -3.54
CA ASP A 18 32.19 -24.57 -2.87
C ASP A 18 32.78 -23.48 -3.77
N THR A 19 32.17 -22.30 -3.74
CA THR A 19 32.69 -21.16 -4.47
C THR A 19 33.04 -19.99 -3.55
N VAL A 20 34.08 -19.24 -3.93
CA VAL A 20 34.48 -18.03 -3.24
C VAL A 20 34.56 -16.95 -4.30
N ASP A 21 34.50 -15.71 -3.89
CA ASP A 21 34.74 -14.62 -4.81
C ASP A 21 36.16 -14.12 -4.62
N THR A 22 36.76 -13.63 -5.70
CA THR A 22 38.08 -13.02 -5.58
C THR A 22 38.07 -11.68 -6.27
N VAL A 23 39.19 -10.98 -6.16
CA VAL A 23 39.34 -9.68 -6.78
C VAL A 23 39.19 -9.69 -8.28
N LEU A 24 39.88 -10.62 -8.95
CA LEU A 24 39.91 -10.60 -10.39
C LEU A 24 38.73 -11.36 -10.97
N GLU A 25 38.10 -12.20 -10.16
CA GLU A 25 37.11 -13.14 -10.66
C GLU A 25 36.07 -13.51 -9.61
N LYS A 26 34.80 -13.49 -10.02
CA LYS A 26 33.72 -13.92 -9.15
C LYS A 26 33.46 -15.41 -9.30
N ASN A 27 32.89 -16.02 -8.26
CA ASN A 27 32.37 -17.39 -8.34
C ASN A 27 33.42 -18.45 -8.69
N VAL A 28 34.62 -18.34 -8.14
CA VAL A 28 35.63 -19.36 -8.41
C VAL A 28 35.37 -20.59 -7.55
N THR A 29 35.24 -21.75 -8.18
CA THR A 29 35.06 -22.98 -7.42
C THR A 29 36.40 -23.43 -6.84
N VAL A 30 36.40 -23.72 -5.55
CA VAL A 30 37.62 -24.08 -4.82
C VAL A 30 37.47 -25.40 -4.07
N THR A 31 38.61 -26.02 -3.77
CA THR A 31 38.62 -27.35 -3.19
C THR A 31 38.23 -27.32 -1.71
N HIS A 32 38.60 -26.24 -1.02
CA HIS A 32 38.31 -26.07 0.40
C HIS A 32 38.02 -24.62 0.75
N SER A 33 37.19 -24.39 1.77
CA SER A 33 36.88 -23.01 2.18
C SER A 33 36.25 -22.96 3.57
N VAL A 34 36.27 -21.77 4.17
CA VAL A 34 35.68 -21.55 5.49
C VAL A 34 34.75 -20.35 5.48
N ASN A 35 33.54 -20.52 6.02
CA ASN A 35 32.59 -19.42 6.17
C ASN A 35 32.88 -18.54 7.38
N LEU A 36 32.92 -17.23 7.16
CA LEU A 36 33.19 -16.27 8.23
C LEU A 36 31.92 -15.53 8.68
N LEU A 37 30.80 -15.84 8.05
CA LEU A 37 29.55 -15.09 8.27
C LEU A 37 28.44 -15.92 8.89
N GLU A 38 28.07 -15.62 10.13
CA GLU A 38 26.97 -16.36 10.73
C GLU A 38 25.65 -15.77 10.26
N ASP A 39 24.80 -16.61 9.68
CA ASP A 39 23.46 -16.21 9.24
C ASP A 39 22.36 -17.05 9.90
N SER A 40 22.75 -17.85 10.88
CA SER A 40 21.81 -18.70 11.60
C SER A 40 21.59 -18.32 13.06
N HIS A 41 20.33 -18.37 13.48
CA HIS A 41 19.96 -18.15 14.86
C HIS A 41 18.88 -19.15 15.23
N ASN A 42 18.57 -19.27 16.51
CA ASN A 42 17.67 -20.35 16.94
C ASN A 42 16.23 -19.94 17.17
N GLY A 43 15.92 -18.68 16.93
CA GLY A 43 14.54 -18.20 16.93
C GLY A 43 13.97 -18.11 18.33
N LYS A 44 14.85 -18.27 19.32
CA LYS A 44 14.44 -18.26 20.73
C LYS A 44 15.22 -17.19 21.49
N LEU A 45 14.67 -16.75 22.62
CA LEU A 45 15.41 -15.92 23.56
C LEU A 45 16.03 -16.75 24.68
N CYS A 46 17.36 -16.67 24.81
CA CYS A 46 18.06 -17.55 25.75
C CYS A 46 18.70 -16.74 26.87
N LYS A 47 19.28 -17.43 27.85
CA LYS A 47 20.03 -16.79 28.94
C LYS A 47 21.42 -16.27 28.60
N LEU A 48 21.82 -15.28 29.39
N LEU A 48 21.82 -15.26 29.36
CA LEU A 48 23.17 -14.73 29.37
CA LEU A 48 23.19 -14.75 29.37
C LEU A 48 23.72 -14.85 30.79
C LEU A 48 23.70 -14.88 30.79
N LYS A 49 24.94 -15.37 30.90
CA LYS A 49 25.60 -15.68 32.18
C LYS A 49 24.73 -16.69 32.93
N GLY A 50 24.02 -17.54 32.19
CA GLY A 50 23.16 -18.55 32.75
C GLY A 50 21.97 -18.00 33.50
N ILE A 51 21.69 -16.71 33.28
CA ILE A 51 20.56 -16.04 33.92
C ILE A 51 19.45 -15.65 32.95
N ALA A 52 18.20 -15.95 33.33
CA ALA A 52 17.07 -15.68 32.48
C ALA A 52 16.70 -14.18 32.42
N PRO A 53 16.14 -13.74 31.29
CA PRO A 53 15.59 -12.38 31.12
C PRO A 53 14.26 -12.22 31.84
N LEU A 54 13.86 -10.97 32.08
CA LEU A 54 12.55 -10.70 32.66
C LEU A 54 11.53 -10.44 31.57
N GLN A 55 10.47 -11.24 31.56
CA GLN A 55 9.43 -11.14 30.54
C GLN A 55 8.28 -10.30 31.05
N LEU A 56 8.16 -9.09 30.50
CA LEU A 56 7.10 -8.14 30.84
C LEU A 56 5.72 -8.46 30.27
N GLY A 57 5.67 -9.24 29.21
CA GLY A 57 4.43 -9.68 28.61
C GLY A 57 3.58 -8.51 28.11
N LYS A 58 2.35 -8.37 28.60
CA LYS A 58 1.48 -7.30 28.14
C LYS A 58 1.77 -5.97 28.83
N CYS A 59 2.72 -5.99 29.75
CA CYS A 59 3.16 -4.80 30.47
C CYS A 59 4.46 -4.27 29.90
N ASN A 60 4.73 -2.99 30.13
CA ASN A 60 6.05 -2.43 29.86
C ASN A 60 6.72 -2.03 31.16
N ILE A 61 7.92 -1.45 31.05
N ILE A 61 7.91 -1.43 31.09
CA ILE A 61 8.74 -1.08 32.20
CA ILE A 61 8.69 -1.16 32.29
C ILE A 61 7.97 -0.20 33.19
C ILE A 61 8.00 -0.17 33.24
N ALA A 62 7.33 0.83 32.67
CA ALA A 62 6.57 1.76 33.49
C ALA A 62 5.44 1.08 34.25
N GLY A 63 4.67 0.26 33.52
CA GLY A 63 3.57 -0.49 34.10
C GLY A 63 4.03 -1.44 35.19
N TRP A 64 5.17 -2.06 34.95
CA TRP A 64 5.81 -2.94 35.90
C TRP A 64 6.21 -2.22 37.19
N LEU A 65 7.00 -1.15 37.07
CA LEU A 65 7.56 -0.49 38.24
C LEU A 65 6.50 0.22 39.08
N LEU A 66 5.57 0.87 38.40
CA LEU A 66 4.47 1.51 39.09
C LEU A 66 3.51 0.43 39.61
N GLY A 67 3.54 -0.75 38.99
CA GLY A 67 2.62 -1.79 39.42
C GLY A 67 1.21 -1.58 38.92
N ASN A 68 1.08 -1.27 37.63
CA ASN A 68 -0.21 -1.33 36.95
C ASN A 68 -0.90 -2.64 37.32
N PRO A 69 -2.18 -2.56 37.73
CA PRO A 69 -2.88 -3.73 38.25
C PRO A 69 -3.07 -4.86 37.23
N GLU A 70 -2.98 -4.55 35.94
CA GLU A 70 -3.00 -5.59 34.91
C GLU A 70 -1.68 -6.38 34.86
N CYS A 71 -0.68 -5.87 35.56
CA CYS A 71 0.69 -6.41 35.52
C CYS A 71 0.96 -7.25 36.76
N ASP A 72 -0.10 -7.72 37.41
CA ASP A 72 0.06 -8.42 38.68
C ASP A 72 0.94 -9.67 38.61
N LEU A 73 1.01 -10.30 37.45
CA LEU A 73 1.83 -11.50 37.30
C LEU A 73 3.33 -11.23 37.41
N LEU A 74 3.70 -9.95 37.32
CA LEU A 74 5.11 -9.53 37.43
C LEU A 74 5.55 -9.16 38.85
N LEU A 75 4.61 -9.13 39.79
CA LEU A 75 4.90 -8.71 41.17
C LEU A 75 5.93 -9.59 41.89
N THR A 76 6.04 -10.84 41.46
CA THR A 76 7.01 -11.79 42.03
C THR A 76 8.40 -11.83 41.39
N ALA A 77 8.59 -11.08 40.31
CA ALA A 77 9.84 -11.04 39.55
C ALA A 77 10.99 -10.43 40.35
N SER A 78 12.18 -11.06 40.29
CA SER A 78 13.28 -10.56 41.11
C SER A 78 14.69 -10.47 40.50
N SER A 79 15.05 -11.29 39.54
CA SER A 79 16.39 -11.14 38.93
C SER A 79 16.46 -11.49 37.44
N TRP A 80 17.35 -10.83 36.68
CA TRP A 80 17.37 -11.06 35.23
C TRP A 80 18.68 -10.66 34.57
N SER A 81 18.92 -11.24 33.40
CA SER A 81 20.08 -10.95 32.56
C SER A 81 19.88 -9.80 31.56
N TYR A 82 18.62 -9.62 31.13
CA TYR A 82 18.25 -8.53 30.25
C TYR A 82 16.73 -8.41 30.29
N ILE A 83 16.19 -7.34 29.70
CA ILE A 83 14.76 -7.10 29.82
C ILE A 83 14.06 -7.22 28.47
N VAL A 84 12.94 -7.94 28.48
CA VAL A 84 12.19 -8.25 27.28
C VAL A 84 10.81 -7.61 27.27
N GLU A 85 10.58 -6.73 26.29
CA GLU A 85 9.25 -6.20 26.00
C GLU A 85 8.74 -6.94 24.78
N THR A 86 7.42 -7.06 24.66
CA THR A 86 6.84 -7.79 23.54
C THR A 86 5.92 -6.87 22.75
N SER A 87 5.36 -7.39 21.67
CA SER A 87 4.46 -6.60 20.83
C SER A 87 3.12 -6.32 21.51
N ASN A 88 2.82 -7.04 22.59
CA ASN A 88 1.59 -6.77 23.33
C ASN A 88 1.78 -5.98 24.62
N SER A 89 2.94 -5.37 24.81
CA SER A 89 3.14 -4.58 26.01
C SER A 89 2.50 -3.19 25.95
N GLU A 90 1.21 -3.12 26.23
CA GLU A 90 0.48 -1.85 26.12
C GLU A 90 0.12 -1.23 27.46
N ASN A 91 0.17 -2.03 28.52
CA ASN A 91 -0.05 -1.58 29.90
C ASN A 91 1.13 -0.88 30.59
N GLY A 92 0.96 0.42 30.79
CA GLY A 92 1.95 1.25 31.45
C GLY A 92 1.28 2.18 32.42
N THR A 93 1.25 3.46 32.08
CA THR A 93 0.63 4.47 32.91
C THR A 93 -0.88 4.52 32.66
N CYS A 94 -1.66 3.85 33.51
CA CYS A 94 -3.11 3.81 33.32
C CYS A 94 -3.76 5.14 33.62
N TYR A 95 -3.20 5.92 34.54
CA TYR A 95 -3.64 7.29 34.72
C TYR A 95 -2.75 8.16 33.84
N PRO A 96 -3.36 8.92 32.92
CA PRO A 96 -2.59 9.62 31.89
C PRO A 96 -1.66 10.70 32.45
N GLY A 97 -0.50 10.83 31.80
CA GLY A 97 0.49 11.82 32.16
C GLY A 97 1.87 11.39 31.72
N ASP A 98 2.89 12.07 32.22
CA ASP A 98 4.25 11.85 31.77
C ASP A 98 5.15 11.18 32.80
N PHE A 99 5.90 10.18 32.35
CA PHE A 99 6.88 9.49 33.18
C PHE A 99 8.21 10.19 32.87
N ILE A 100 8.70 10.96 33.83
N ILE A 100 8.68 11.01 33.79
CA ILE A 100 9.84 11.86 33.62
CA ILE A 100 9.81 11.88 33.54
C ILE A 100 11.17 11.12 33.60
C ILE A 100 11.15 11.15 33.60
N ASP A 101 12.00 11.42 32.60
CA ASP A 101 13.32 10.76 32.43
C ASP A 101 13.17 9.23 32.39
N TYR A 102 12.11 8.80 31.73
CA TYR A 102 11.76 7.39 31.57
C TYR A 102 12.83 6.64 30.79
N GLU A 103 13.37 7.26 29.75
CA GLU A 103 14.38 6.59 28.93
C GLU A 103 15.67 6.38 29.73
N GLU A 104 15.99 7.37 30.57
CA GLU A 104 17.13 7.27 31.46
C GLU A 104 16.89 6.16 32.48
N LEU A 105 15.66 6.06 32.96
CA LEU A 105 15.35 5.03 33.94
C LEU A 105 15.52 3.65 33.32
N ARG A 106 15.01 3.50 32.09
CA ARG A 106 15.20 2.27 31.33
C ARG A 106 16.66 1.91 31.10
N GLU A 107 17.47 2.91 30.75
CA GLU A 107 18.89 2.70 30.57
C GLU A 107 19.59 2.28 31.85
N GLN A 108 19.21 2.90 32.97
CA GLN A 108 19.77 2.55 34.25
C GLN A 108 19.38 1.10 34.55
N LEU A 109 18.14 0.75 34.26
CA LEU A 109 17.63 -0.57 34.61
C LEU A 109 18.32 -1.66 33.78
N SER A 110 18.95 -1.22 32.69
CA SER A 110 19.68 -2.09 31.77
C SER A 110 20.98 -2.59 32.40
N SER A 111 21.36 -1.95 33.51
CA SER A 111 22.52 -2.37 34.30
C SER A 111 22.12 -2.92 35.68
N VAL A 112 20.86 -3.30 35.82
CA VAL A 112 20.39 -3.98 37.02
C VAL A 112 20.11 -5.46 36.84
N SER A 113 20.67 -6.27 37.73
CA SER A 113 20.59 -7.72 37.62
C SER A 113 19.61 -8.35 38.62
N SER A 114 19.19 -7.59 39.63
CA SER A 114 18.25 -8.07 40.65
C SER A 114 17.76 -6.96 41.57
N PHE A 115 16.66 -7.17 42.27
CA PHE A 115 16.27 -6.25 43.34
C PHE A 115 15.52 -6.94 44.46
N GLU A 116 15.29 -6.22 45.54
CA GLU A 116 14.39 -6.68 46.61
C GLU A 116 13.28 -5.64 46.76
N LYS A 117 12.04 -6.01 46.44
CA LYS A 117 10.95 -5.05 46.59
C LYS A 117 10.61 -4.99 48.06
N PHE A 118 10.29 -3.80 48.56
CA PHE A 118 9.90 -3.65 49.97
C PHE A 118 8.93 -2.49 50.19
N GLU A 119 8.23 -2.52 51.32
CA GLU A 119 7.21 -1.51 51.59
C GLU A 119 7.90 -0.33 52.25
N ILE A 120 8.19 0.71 51.49
CA ILE A 120 8.97 1.84 52.02
C ILE A 120 8.15 2.66 53.02
N PHE A 121 6.90 2.91 52.65
CA PHE A 121 5.95 3.64 53.47
C PHE A 121 4.69 2.78 53.49
N PRO A 122 4.56 1.91 54.50
CA PRO A 122 3.39 1.04 54.60
C PRO A 122 2.05 1.78 54.62
N LYS A 123 1.12 1.31 53.80
CA LYS A 123 -0.15 2.00 53.59
C LYS A 123 -0.90 2.17 54.90
N THR A 124 -0.89 1.12 55.71
CA THR A 124 -1.75 1.07 56.89
C THR A 124 -1.22 1.89 58.08
N SER A 125 0.06 2.22 58.08
CA SER A 125 0.63 2.92 59.23
C SER A 125 1.28 4.27 58.93
N SER A 126 1.49 4.58 57.65
CA SER A 126 2.31 5.75 57.31
C SER A 126 1.54 7.06 57.33
N TRP A 127 0.21 7.00 57.27
CA TRP A 127 -0.56 8.19 56.92
C TRP A 127 -1.78 8.39 57.81
N PRO A 128 -1.56 8.51 59.13
CA PRO A 128 -2.71 8.59 60.04
C PRO A 128 -3.58 9.81 59.79
N ASN A 129 -3.02 10.84 59.14
CA ASN A 129 -3.76 12.08 58.97
C ASN A 129 -4.31 12.34 57.59
N HIS A 130 -4.17 11.37 56.69
CA HIS A 130 -4.68 11.54 55.34
C HIS A 130 -5.53 10.35 54.95
N GLU A 131 -6.38 10.52 53.95
CA GLU A 131 -7.22 9.41 53.54
C GLU A 131 -6.46 8.48 52.60
N THR A 132 -6.40 7.20 52.92
CA THR A 132 -5.66 6.25 52.10
C THR A 132 -6.54 5.26 51.32
N THR A 133 -7.85 5.36 51.43
CA THR A 133 -8.73 4.32 50.90
C THR A 133 -9.64 4.73 49.74
N LYS A 134 -9.50 5.98 49.30
CA LYS A 134 -10.39 6.62 48.34
C LYS A 134 -9.63 6.88 47.05
N GLY A 135 -8.38 6.46 47.05
CA GLY A 135 -7.39 6.66 46.00
C GLY A 135 -7.42 5.68 44.85
N VAL A 136 -8.62 5.41 44.34
CA VAL A 136 -8.76 4.59 43.13
C VAL A 136 -9.57 5.30 42.04
N THR A 137 -9.38 4.83 40.82
CA THR A 137 -9.94 5.42 39.61
C THR A 137 -10.26 4.38 38.55
N ALA A 138 -11.28 4.66 37.74
CA ALA A 138 -11.62 3.82 36.60
C ALA A 138 -10.58 3.76 35.47
N ALA A 139 -9.61 4.68 35.44
CA ALA A 139 -8.57 4.62 34.40
C ALA A 139 -7.61 3.44 34.66
N CYS A 140 -7.59 2.99 35.90
CA CYS A 140 -6.73 1.89 36.38
C CYS A 140 -7.61 0.77 36.88
N SER A 141 -8.84 0.70 36.38
N SER A 141 -8.63 0.46 36.09
CA SER A 141 -9.73 -0.44 36.66
CA SER A 141 -9.60 -0.56 36.46
C SER A 141 -9.16 -1.86 36.39
C SER A 141 -9.06 -1.96 36.35
N TYR A 142 -9.53 -2.80 37.28
CA TYR A 142 -9.11 -4.19 37.29
C TYR A 142 -10.26 -5.05 37.80
N ALA A 143 -10.55 -6.11 37.04
CA ALA A 143 -11.55 -7.11 37.40
C ALA A 143 -12.93 -6.50 37.67
N GLY A 144 -13.29 -5.49 36.87
CA GLY A 144 -14.64 -4.96 36.90
C GLY A 144 -14.84 -3.81 37.86
N ALA A 145 -13.76 -3.39 38.52
CA ALA A 145 -13.86 -2.32 39.50
C ALA A 145 -12.69 -1.36 39.37
N SER A 146 -12.91 -0.11 39.80
CA SER A 146 -11.86 0.88 39.82
C SER A 146 -10.73 0.47 40.77
N SER A 147 -9.50 0.74 40.36
CA SER A 147 -8.31 0.35 41.11
C SER A 147 -7.21 1.38 40.92
N PHE A 148 -5.97 1.00 41.20
CA PHE A 148 -4.86 1.93 41.07
C PHE A 148 -3.56 1.13 41.08
N TYR A 149 -2.46 1.80 40.77
CA TYR A 149 -1.12 1.23 40.86
C TYR A 149 -0.91 0.51 42.20
N ARG A 150 -0.24 -0.65 42.14
CA ARG A 150 0.00 -1.44 43.35
C ARG A 150 1.13 -0.86 44.19
N ASN A 151 2.03 -0.11 43.55
CA ASN A 151 3.25 0.35 44.22
C ASN A 151 3.18 1.81 44.69
N LEU A 152 2.04 2.45 44.42
CA LEU A 152 1.83 3.82 44.86
C LEU A 152 0.51 3.94 45.60
N LEU A 153 0.36 5.07 46.29
CA LEU A 153 -0.79 5.31 47.14
C LEU A 153 -1.30 6.73 46.94
N TRP A 154 -2.54 6.86 46.47
CA TRP A 154 -3.10 8.17 46.18
C TRP A 154 -3.69 8.73 47.46
N LEU A 155 -3.00 9.69 48.05
CA LEU A 155 -3.48 10.29 49.28
C LEU A 155 -4.44 11.42 48.90
N THR A 156 -5.52 11.53 49.68
CA THR A 156 -6.48 12.61 49.51
C THR A 156 -6.84 13.12 50.89
N LYS A 157 -7.71 14.11 50.95
CA LYS A 157 -7.96 14.77 52.21
C LYS A 157 -8.77 13.80 53.07
N LYS A 158 -8.60 13.89 54.37
CA LYS A 158 -9.33 13.02 55.29
C LYS A 158 -10.33 13.88 56.01
N GLY A 159 -11.60 13.52 55.88
CA GLY A 159 -12.67 14.36 56.38
C GLY A 159 -12.63 15.61 55.53
N SER A 160 -12.56 16.76 56.17
CA SER A 160 -12.58 18.02 55.43
C SER A 160 -11.23 18.72 55.53
N SER A 161 -10.16 17.97 55.75
CA SER A 161 -8.84 18.57 55.92
C SER A 161 -7.69 17.71 55.42
N TYR A 162 -6.70 18.38 54.83
CA TYR A 162 -5.45 17.77 54.41
C TYR A 162 -4.29 18.53 55.04
N PRO A 163 -3.79 18.05 56.19
CA PRO A 163 -2.69 18.77 56.82
C PRO A 163 -1.38 18.51 56.08
N LYS A 164 -0.40 19.39 56.24
CA LYS A 164 0.89 19.21 55.60
C LYS A 164 1.45 17.88 56.06
N LEU A 165 1.78 17.01 55.11
CA LEU A 165 2.53 15.81 55.45
C LEU A 165 4.02 15.96 55.26
N SER A 166 4.75 15.25 56.11
CA SER A 166 6.21 15.15 56.07
C SER A 166 6.57 13.72 56.40
N LYS A 167 7.29 13.05 55.50
CA LYS A 167 7.58 11.63 55.68
C LYS A 167 8.96 11.35 55.13
N SER A 168 9.79 10.67 55.91
CA SER A 168 11.15 10.41 55.50
C SER A 168 11.50 8.92 55.55
N TYR A 169 12.45 8.54 54.70
CA TYR A 169 12.98 7.18 54.71
C TYR A 169 14.52 7.23 54.72
N VAL A 170 15.13 6.51 55.65
CA VAL A 170 16.58 6.35 55.65
C VAL A 170 16.93 5.05 54.94
N ASN A 171 17.83 5.13 53.97
CA ASN A 171 18.22 3.94 53.22
C ASN A 171 19.27 3.11 53.94
N ASN A 172 18.84 2.03 54.60
N ASN A 172 18.78 2.08 54.64
CA ASN A 172 19.75 1.13 55.30
CA ASN A 172 19.60 1.12 55.36
C ASN A 172 20.05 -0.14 54.51
C ASN A 172 19.72 -0.22 54.62
N LYS A 173 19.48 -0.21 53.31
CA LYS A 173 19.49 -1.45 52.53
C LYS A 173 20.87 -1.88 52.04
N GLY A 174 21.88 -1.04 52.19
CA GLY A 174 23.21 -1.43 51.77
C GLY A 174 23.39 -1.36 50.26
N LYS A 175 22.42 -0.77 49.58
CA LYS A 175 22.50 -0.59 48.13
C LYS A 175 21.55 0.51 47.70
N GLU A 176 21.61 0.87 46.41
CA GLU A 176 20.74 1.92 45.89
C GLU A 176 19.30 1.49 46.04
N VAL A 177 18.44 2.44 46.39
CA VAL A 177 17.02 2.15 46.45
C VAL A 177 16.35 3.02 45.41
N LEU A 178 15.57 2.42 44.52
CA LEU A 178 14.84 3.20 43.56
C LEU A 178 13.51 3.62 44.17
N VAL A 179 13.27 4.92 44.28
CA VAL A 179 12.02 5.39 44.85
C VAL A 179 11.23 6.11 43.77
N LEU A 180 9.98 5.69 43.59
CA LEU A 180 9.06 6.33 42.67
C LEU A 180 7.88 6.95 43.39
N TRP A 181 7.39 8.06 42.83
CA TRP A 181 6.22 8.73 43.38
C TRP A 181 5.51 9.43 42.23
N GLY A 182 4.36 10.04 42.52
CA GLY A 182 3.64 10.80 41.51
C GLY A 182 3.03 12.10 42.01
N VAL A 183 2.61 12.92 41.06
CA VAL A 183 1.93 14.18 41.31
C VAL A 183 0.69 14.33 40.44
N HIS A 184 -0.45 14.49 41.09
CA HIS A 184 -1.72 14.65 40.40
C HIS A 184 -2.00 16.08 40.01
N HIS A 185 -2.48 16.25 38.78
CA HIS A 185 -2.77 17.56 38.25
C HIS A 185 -4.24 17.62 37.81
N PRO A 186 -5.13 18.07 38.71
CA PRO A 186 -6.56 18.16 38.37
C PRO A 186 -6.83 19.15 37.23
N PRO A 187 -7.98 19.01 36.56
CA PRO A 187 -8.37 19.90 35.46
C PRO A 187 -8.93 21.24 35.87
N THR A 188 -9.38 21.34 37.10
CA THR A 188 -9.99 22.58 37.57
C THR A 188 -9.59 22.84 38.99
N GLY A 189 -9.72 24.09 39.39
CA GLY A 189 -9.44 24.49 40.76
C GLY A 189 -10.47 23.86 41.67
N THR A 190 -11.67 23.67 41.12
CA THR A 190 -12.73 23.03 41.87
C THR A 190 -12.39 21.58 42.23
N ASP A 191 -11.88 20.79 41.29
CA ASP A 191 -11.52 19.42 41.65
C ASP A 191 -10.29 19.34 42.57
N GLN A 192 -9.33 20.24 42.35
CA GLN A 192 -8.20 20.41 43.27
C GLN A 192 -8.58 20.63 44.71
N GLN A 193 -9.43 21.63 44.87
CA GLN A 193 -9.97 21.99 46.16
C GLN A 193 -10.78 20.83 46.76
N SER A 194 -11.62 20.21 45.95
N SER A 194 -11.61 20.21 45.94
CA SER A 194 -12.46 19.11 46.39
CA SER A 194 -12.47 19.12 46.38
C SER A 194 -11.64 17.92 46.91
C SER A 194 -11.67 17.90 46.86
N LEU A 195 -10.53 17.63 46.23
CA LEU A 195 -9.71 16.49 46.60
C LEU A 195 -8.74 16.76 47.76
N TYR A 196 -8.10 17.92 47.75
CA TYR A 196 -6.91 18.16 48.56
C TYR A 196 -7.05 19.30 49.55
N GLN A 197 -8.18 19.99 49.48
CA GLN A 197 -8.55 21.12 50.34
C GLN A 197 -7.75 22.38 50.01
N ASN A 198 -6.45 22.24 49.79
CA ASN A 198 -5.61 23.41 49.60
C ASN A 198 -5.54 23.85 48.13
N ALA A 199 -6.03 25.03 47.82
CA ALA A 199 -6.01 25.54 46.45
C ALA A 199 -4.55 25.76 46.04
N ASP A 200 -3.75 26.08 47.04
CA ASP A 200 -2.36 26.52 46.94
C ASP A 200 -1.36 25.43 47.34
N ALA A 201 -1.67 24.18 47.01
CA ALA A 201 -0.90 23.04 47.51
C ALA A 201 0.41 22.91 46.75
N TYR A 202 1.40 22.26 47.38
CA TYR A 202 2.61 21.83 46.69
C TYR A 202 3.17 20.48 47.18
N VAL A 203 4.12 19.95 46.42
CA VAL A 203 4.89 18.78 46.82
C VAL A 203 6.38 19.09 46.68
N SER A 204 7.16 18.76 47.70
CA SER A 204 8.62 18.88 47.68
C SER A 204 9.27 17.55 47.98
N VAL A 205 10.32 17.22 47.22
CA VAL A 205 11.04 15.97 47.43
C VAL A 205 12.52 16.24 47.47
N GLY A 206 13.19 15.75 48.51
CA GLY A 206 14.62 15.97 48.61
C GLY A 206 15.40 14.84 49.26
N SER A 207 16.61 14.63 48.77
CA SER A 207 17.59 13.78 49.44
C SER A 207 18.87 14.58 49.56
N SER A 208 19.98 13.93 49.89
CA SER A 208 21.22 14.69 49.96
C SER A 208 21.60 15.18 48.58
N LYS A 209 21.19 14.47 47.53
CA LYS A 209 21.64 14.85 46.20
C LYS A 209 20.48 15.29 45.31
N TYR A 210 19.26 14.86 45.63
CA TYR A 210 18.11 15.21 44.78
C TYR A 210 17.30 16.30 45.49
N ASN A 211 16.74 17.24 44.74
CA ASN A 211 15.95 18.30 45.36
C ASN A 211 15.05 18.92 44.30
N ARG A 212 13.73 18.82 44.48
CA ARG A 212 12.81 19.34 43.47
C ARG A 212 11.46 19.73 44.06
N ARG A 213 10.89 20.82 43.55
CA ARG A 213 9.56 21.27 43.97
C ARG A 213 8.59 21.15 42.81
N PHE A 214 7.42 20.66 43.15
CA PHE A 214 6.35 20.36 42.23
C PHE A 214 5.15 21.12 42.70
N THR A 215 4.51 21.79 41.74
N THR A 215 4.46 21.76 41.77
CA THR A 215 3.27 22.52 41.98
CA THR A 215 3.24 22.49 42.09
C THR A 215 2.19 21.89 41.12
C THR A 215 2.18 22.07 41.10
N PRO A 216 0.93 21.92 41.58
CA PRO A 216 -0.15 21.37 40.76
C PRO A 216 -0.24 22.22 39.53
N GLU A 217 -0.45 21.54 38.42
CA GLU A 217 -0.63 22.18 37.15
C GLU A 217 -2.06 21.99 36.73
N ILE A 218 -2.87 23.02 36.95
CA ILE A 218 -4.29 22.87 36.69
C ILE A 218 -4.73 23.41 35.33
N ALA A 219 -5.22 22.54 34.45
CA ALA A 219 -5.58 23.01 33.13
C ALA A 219 -6.75 22.22 32.56
N ALA A 220 -7.71 22.91 31.95
CA ALA A 220 -8.72 22.20 31.18
C ALA A 220 -7.98 21.55 30.00
N ARG A 221 -8.26 20.28 29.72
CA ARG A 221 -7.54 19.55 28.67
C ARG A 221 -8.35 18.29 28.39
N PRO A 222 -8.12 17.64 27.23
CA PRO A 222 -9.08 16.55 26.99
C PRO A 222 -8.85 15.31 27.83
N LYS A 223 -9.89 14.49 27.89
CA LYS A 223 -9.84 13.25 28.63
C LYS A 223 -9.11 12.16 27.87
N VAL A 224 -8.24 11.49 28.62
CA VAL A 224 -7.58 10.29 28.18
C VAL A 224 -7.89 9.23 29.20
N ARG A 225 -8.38 8.07 28.75
CA ARG A 225 -8.86 7.04 29.66
C ARG A 225 -9.84 7.59 30.71
N ASP A 226 -10.72 8.49 30.26
CA ASP A 226 -11.77 9.12 31.07
C ASP A 226 -11.32 10.29 31.96
N GLN A 227 -10.02 10.61 31.95
CA GLN A 227 -9.57 11.61 32.91
C GLN A 227 -9.05 12.86 32.20
N ALA A 228 -9.59 14.02 32.59
CA ALA A 228 -9.08 15.30 32.12
C ALA A 228 -7.90 15.71 32.98
N GLY A 229 -7.78 15.06 34.13
CA GLY A 229 -6.62 15.21 34.99
C GLY A 229 -5.42 14.53 34.37
N ARG A 230 -4.25 14.82 34.90
CA ARG A 230 -3.02 14.15 34.50
C ARG A 230 -2.23 13.81 35.75
N MET A 231 -1.42 12.77 35.68
CA MET A 231 -0.49 12.48 36.75
C MET A 231 0.90 12.35 36.16
N ASN A 232 1.86 13.06 36.74
CA ASN A 232 3.25 12.86 36.38
C ASN A 232 3.97 11.95 37.37
N TYR A 233 4.86 11.13 36.85
CA TYR A 233 5.54 10.16 37.68
C TYR A 233 7.02 10.48 37.75
N TYR A 234 7.61 10.32 38.93
CA TYR A 234 8.99 10.74 39.13
C TYR A 234 9.72 9.66 39.88
N TRP A 235 11.04 9.67 39.77
CA TRP A 235 11.88 8.71 40.47
C TRP A 235 13.27 9.22 40.81
N THR A 236 13.89 8.58 41.80
CA THR A 236 15.30 8.83 42.06
C THR A 236 15.98 7.62 42.69
N LEU A 237 17.29 7.56 42.56
CA LEU A 237 18.04 6.51 43.21
C LEU A 237 18.74 7.01 44.48
N LEU A 238 18.27 6.53 45.62
CA LEU A 238 18.83 6.87 46.92
C LEU A 238 19.96 5.94 47.37
N GLU A 239 21.16 6.48 47.50
CA GLU A 239 22.33 5.68 47.83
C GLU A 239 22.21 5.22 49.29
N PRO A 240 22.91 4.14 49.66
CA PRO A 240 22.93 3.63 51.04
C PRO A 240 23.30 4.66 52.08
N GLY A 241 22.59 4.63 53.21
CA GLY A 241 22.85 5.53 54.32
C GLY A 241 22.23 6.90 54.18
N ASP A 242 21.72 7.22 53.01
CA ASP A 242 21.15 8.54 52.76
C ASP A 242 19.66 8.56 53.08
N THR A 243 19.09 9.75 53.16
CA THR A 243 17.71 9.93 53.58
C THR A 243 16.91 10.65 52.51
N ILE A 244 15.66 10.25 52.30
CA ILE A 244 14.77 10.97 51.40
C ILE A 244 13.57 11.52 52.18
N THR A 245 13.19 12.76 51.88
CA THR A 245 12.13 13.43 52.62
C THR A 245 11.09 13.99 51.65
N PHE A 246 9.84 13.62 51.92
CA PHE A 246 8.68 14.07 51.17
C PHE A 246 7.84 15.03 52.00
N GLU A 247 7.52 16.19 51.42
CA GLU A 247 6.62 17.13 52.06
C GLU A 247 5.53 17.55 51.10
N ALA A 248 4.29 17.60 51.56
CA ALA A 248 3.24 18.00 50.63
C ALA A 248 2.04 18.58 51.34
N THR A 249 1.37 19.49 50.66
CA THR A 249 0.10 20.00 51.16
C THR A 249 -1.01 19.61 50.20
N GLY A 250 -0.70 18.73 49.25
CA GLY A 250 -1.73 18.11 48.43
C GLY A 250 -1.09 17.44 47.22
N ASN A 251 -1.90 16.72 46.44
CA ASN A 251 -1.51 16.33 45.09
C ASN A 251 -0.40 15.26 45.00
N LEU A 252 0.08 14.80 46.16
CA LEU A 252 1.13 13.79 46.22
C LEU A 252 0.57 12.39 46.03
N ILE A 253 1.09 11.67 45.04
CA ILE A 253 0.88 10.23 44.95
C ILE A 253 2.09 9.59 45.61
N ALA A 254 1.88 9.12 46.84
CA ALA A 254 2.98 8.69 47.69
C ALA A 254 3.57 7.35 47.28
N PRO A 255 4.88 7.18 47.52
CA PRO A 255 5.49 5.84 47.47
C PRO A 255 4.80 4.90 48.45
N TRP A 256 4.61 3.66 48.02
CA TRP A 256 4.11 2.62 48.90
C TRP A 256 5.17 1.51 48.96
N TYR A 257 5.51 0.96 47.79
CA TYR A 257 6.62 0.03 47.70
C TYR A 257 7.75 0.64 46.88
N ALA A 258 9.00 0.31 47.23
CA ALA A 258 10.16 0.78 46.48
C ALA A 258 11.10 -0.39 46.21
N PHE A 259 12.22 -0.13 45.55
CA PHE A 259 13.07 -1.22 45.11
C PHE A 259 14.55 -1.04 45.43
N ALA A 260 15.13 -1.93 46.24
CA ALA A 260 16.57 -1.91 46.45
C ALA A 260 17.30 -2.65 45.32
N LEU A 261 18.20 -1.97 44.60
CA LEU A 261 18.79 -2.52 43.37
C LEU A 261 20.19 -3.09 43.50
N ASN A 262 20.41 -4.19 42.80
CA ASN A 262 21.74 -4.75 42.61
C ASN A 262 22.20 -4.49 41.18
N ARG A 263 23.35 -3.82 41.05
CA ARG A 263 23.91 -3.44 39.76
C ARG A 263 24.63 -4.60 39.09
N GLY A 264 24.48 -4.70 37.77
CA GLY A 264 25.23 -5.70 37.02
C GLY A 264 25.48 -5.33 35.57
N SER A 265 26.64 -5.75 35.09
CA SER A 265 27.14 -5.40 33.77
C SER A 265 26.61 -6.29 32.65
N GLY A 266 26.65 -5.75 31.44
CA GLY A 266 26.39 -6.51 30.22
C GLY A 266 24.95 -6.87 29.93
N SER A 267 24.01 -6.16 30.56
CA SER A 267 22.58 -6.35 30.26
C SER A 267 22.06 -5.25 29.32
N GLY A 268 20.77 -5.32 29.00
CA GLY A 268 20.10 -4.31 28.18
C GLY A 268 18.67 -4.71 27.82
N ILE A 269 17.99 -3.90 27.02
CA ILE A 269 16.61 -4.19 26.64
C ILE A 269 16.41 -4.49 25.16
N ILE A 270 15.74 -5.59 24.85
CA ILE A 270 15.37 -5.88 23.46
C ILE A 270 13.85 -6.06 23.31
N THR A 271 13.38 -5.84 22.09
CA THR A 271 11.98 -6.07 21.73
C THR A 271 11.92 -7.28 20.83
N SER A 272 11.26 -8.34 21.30
CA SER A 272 11.17 -9.57 20.55
C SER A 272 9.91 -10.35 20.92
N ASP A 273 9.32 -11.01 19.92
CA ASP A 273 8.19 -11.87 20.18
C ASP A 273 8.60 -13.33 20.21
N ALA A 274 9.90 -13.60 20.14
CA ALA A 274 10.36 -14.97 20.16
C ALA A 274 10.18 -15.52 21.56
N PRO A 275 9.93 -16.83 21.69
CA PRO A 275 9.72 -17.37 23.03
C PRO A 275 11.00 -17.52 23.84
N VAL A 276 10.93 -17.25 25.14
CA VAL A 276 12.05 -17.50 26.02
C VAL A 276 12.00 -18.99 26.36
N HIS A 277 13.13 -19.68 26.29
CA HIS A 277 13.19 -21.10 26.64
C HIS A 277 14.37 -21.28 27.58
N ASP A 278 14.53 -22.44 28.22
CA ASP A 278 15.64 -22.39 29.15
C ASP A 278 16.77 -23.05 28.39
N CYS A 279 17.46 -22.18 27.66
CA CYS A 279 18.63 -22.46 26.83
C CYS A 279 19.74 -21.55 27.33
N ASN A 280 20.96 -21.77 26.89
CA ASN A 280 22.02 -20.84 27.26
C ASN A 280 22.64 -20.31 25.96
N THR A 281 23.07 -19.06 25.95
CA THR A 281 23.70 -18.53 24.72
C THR A 281 24.84 -17.57 25.03
N LYS A 282 25.68 -17.31 24.04
CA LYS A 282 26.73 -16.32 24.20
C LYS A 282 26.30 -14.96 23.66
N CYS A 283 25.31 -15.01 22.77
CA CYS A 283 24.87 -13.86 22.00
C CYS A 283 23.36 -13.82 21.80
N GLN A 284 22.68 -12.77 22.22
CA GLN A 284 21.24 -12.75 22.03
C GLN A 284 20.91 -11.60 21.08
N THR A 285 20.10 -11.92 20.06
CA THR A 285 19.46 -10.89 19.23
C THR A 285 17.94 -10.99 19.31
N PRO A 286 17.24 -9.94 18.84
CA PRO A 286 15.78 -9.96 18.86
C PRO A 286 15.13 -11.06 18.02
N HIS A 287 15.85 -11.62 17.05
CA HIS A 287 15.28 -12.69 16.23
C HIS A 287 15.49 -14.03 16.90
N GLY A 288 16.48 -14.09 17.78
CA GLY A 288 16.90 -15.34 18.36
C GLY A 288 18.36 -15.24 18.80
N ALA A 289 18.83 -16.26 19.52
CA ALA A 289 20.18 -16.22 20.06
C ALA A 289 21.17 -16.74 19.02
N ILE A 290 22.41 -16.28 19.11
CA ILE A 290 23.48 -16.76 18.25
C ILE A 290 24.50 -17.51 19.09
N ASN A 291 24.94 -18.68 18.61
CA ASN A 291 26.02 -19.35 19.29
C ASN A 291 27.11 -19.61 18.26
N SER A 292 28.14 -18.75 18.25
CA SER A 292 29.11 -18.75 17.16
C SER A 292 30.40 -18.03 17.53
N SER A 293 31.51 -18.54 17.00
CA SER A 293 32.83 -17.95 17.18
C SER A 293 33.25 -17.14 15.95
N LEU A 294 32.35 -17.01 14.99
CA LEU A 294 32.62 -16.23 13.78
C LEU A 294 32.69 -14.73 14.04
N PRO A 295 33.57 -14.05 13.29
CA PRO A 295 33.78 -12.60 13.40
C PRO A 295 32.61 -11.73 12.91
N PHE A 296 31.83 -12.22 11.96
CA PHE A 296 30.76 -11.39 11.39
C PHE A 296 29.39 -12.09 11.44
N GLN A 297 28.32 -11.31 11.49
CA GLN A 297 26.97 -11.86 11.37
C GLN A 297 26.03 -10.88 10.66
N ASN A 298 25.03 -11.43 9.98
CA ASN A 298 24.03 -10.63 9.27
C ASN A 298 22.64 -10.82 9.85
N ILE A 299 22.56 -11.30 11.08
CA ILE A 299 21.26 -11.54 11.71
C ILE A 299 20.59 -10.28 12.24
N HIS A 300 21.32 -9.45 12.97
CA HIS A 300 20.74 -8.26 13.56
C HIS A 300 21.82 -7.34 14.12
N PRO A 301 21.67 -6.03 13.89
CA PRO A 301 22.62 -5.06 14.46
C PRO A 301 22.50 -4.91 15.97
N VAL A 302 21.33 -5.22 16.52
CA VAL A 302 21.09 -5.17 17.95
C VAL A 302 21.45 -6.49 18.62
N THR A 303 22.33 -6.45 19.62
CA THR A 303 22.74 -7.67 20.30
C THR A 303 22.95 -7.41 21.79
N ILE A 304 22.72 -8.43 22.60
CA ILE A 304 22.97 -8.33 24.03
C ILE A 304 23.88 -9.48 24.45
N GLY A 305 24.92 -9.15 25.19
CA GLY A 305 25.84 -10.18 25.64
C GLY A 305 27.07 -10.08 24.76
N GLU A 306 27.67 -11.21 24.44
CA GLU A 306 28.94 -11.17 23.74
C GLU A 306 28.77 -11.82 22.38
N CYS A 307 28.70 -10.98 21.35
CA CYS A 307 28.23 -11.39 20.03
C CYS A 307 29.20 -10.99 18.90
N PRO A 308 29.02 -11.62 17.71
CA PRO A 308 29.76 -11.24 16.49
C PRO A 308 29.36 -9.87 15.98
N LYS A 309 30.24 -9.28 15.17
CA LYS A 309 30.03 -7.98 14.57
C LYS A 309 29.00 -8.06 13.43
N TYR A 310 28.01 -7.16 13.43
CA TYR A 310 26.99 -7.11 12.38
C TYR A 310 27.49 -6.48 11.07
N VAL A 311 27.23 -7.16 9.95
CA VAL A 311 27.53 -6.63 8.61
C VAL A 311 26.38 -6.88 7.64
N ARG A 312 26.36 -6.15 6.53
CA ARG A 312 25.31 -6.32 5.53
C ARG A 312 25.55 -7.44 4.53
N SER A 313 26.72 -8.08 4.60
CA SER A 313 27.06 -9.11 3.62
C SER A 313 26.05 -10.24 3.65
N THR A 314 25.79 -10.87 2.50
CA THR A 314 24.96 -12.08 2.53
C THR A 314 25.82 -13.32 2.48
N LYS A 315 27.10 -13.15 2.14
CA LYS A 315 28.08 -14.24 2.24
C LYS A 315 29.52 -13.75 2.34
N LEU A 316 30.32 -14.42 3.17
CA LEU A 316 31.73 -14.08 3.33
C LEU A 316 32.43 -15.41 3.51
N ARG A 317 33.02 -15.91 2.42
CA ARG A 317 33.66 -17.21 2.44
C ARG A 317 35.11 -17.13 1.96
N MET A 318 36.04 -17.51 2.83
CA MET A 318 37.45 -17.51 2.49
C MET A 318 37.89 -18.84 1.92
N ALA A 319 38.62 -18.78 0.81
CA ALA A 319 39.30 -19.94 0.29
C ALA A 319 40.36 -20.35 1.31
N THR A 320 40.50 -21.66 1.50
CA THR A 320 41.59 -22.23 2.28
C THR A 320 42.41 -23.15 1.39
N GLY A 321 41.71 -23.96 0.61
CA GLY A 321 42.37 -24.84 -0.34
C GLY A 321 42.49 -24.13 -1.68
N LEU A 322 42.68 -24.88 -2.75
CA LEU A 322 43.01 -24.26 -4.03
C LEU A 322 41.87 -24.34 -5.03
N ARG A 323 42.11 -23.72 -6.18
CA ARG A 323 41.19 -23.73 -7.31
C ARG A 323 40.88 -25.15 -7.72
N ASN A 324 39.58 -25.47 -7.84
CA ASN A 324 39.20 -26.84 -8.11
C ASN A 324 39.08 -27.02 -9.63
N ILE A 325 40.03 -27.77 -10.15
CA ILE A 325 40.19 -28.05 -11.57
C ILE A 325 40.27 -29.57 -11.69
N PRO A 326 39.13 -30.25 -11.60
CA PRO A 326 39.16 -31.72 -11.67
C PRO A 326 39.48 -32.29 -13.05
N SER A 327 39.04 -31.64 -14.12
CA SER A 327 39.24 -32.10 -15.51
C SER A 327 39.36 -33.62 -15.67
N GLY B 1 46.66 -18.40 -13.17
CA GLY B 1 47.16 -17.85 -11.92
C GLY B 1 48.42 -17.02 -12.10
N LEU B 2 48.83 -16.32 -11.05
CA LEU B 2 49.95 -15.39 -11.11
C LEU B 2 51.27 -16.04 -11.48
N PHE B 3 51.43 -17.29 -11.05
CA PHE B 3 52.71 -17.97 -11.19
C PHE B 3 52.66 -18.96 -12.34
N GLY B 4 51.51 -19.02 -13.01
CA GLY B 4 51.45 -19.68 -14.30
C GLY B 4 51.37 -21.18 -14.25
N ALA B 5 51.30 -21.76 -13.05
CA ALA B 5 51.31 -23.21 -12.92
C ALA B 5 49.90 -23.77 -12.81
N ILE B 6 49.20 -23.47 -11.71
CA ILE B 6 47.83 -23.93 -11.54
C ILE B 6 46.96 -23.26 -12.59
N ALA B 7 46.19 -24.05 -13.34
CA ALA B 7 45.41 -23.57 -14.48
C ALA B 7 46.33 -22.92 -15.51
N GLY B 8 47.59 -23.36 -15.49
CA GLY B 8 48.66 -22.79 -16.27
C GLY B 8 49.27 -23.88 -17.11
N PHE B 9 50.59 -24.04 -17.02
CA PHE B 9 51.27 -25.06 -17.79
C PHE B 9 50.93 -26.45 -17.27
N ILE B 10 50.34 -26.49 -16.07
CA ILE B 10 49.74 -27.73 -15.58
C ILE B 10 48.24 -27.55 -15.61
N GLU B 11 47.61 -28.11 -16.63
CA GLU B 11 46.27 -27.70 -17.05
C GLU B 11 45.18 -28.00 -16.03
N GLY B 12 45.31 -29.14 -15.34
CA GLY B 12 44.27 -29.57 -14.42
C GLY B 12 44.75 -30.28 -13.18
N GLY B 13 43.81 -30.53 -12.27
CA GLY B 13 44.08 -31.13 -10.98
C GLY B 13 43.84 -32.63 -11.02
N TRP B 14 44.15 -33.31 -9.93
CA TRP B 14 44.08 -34.77 -9.91
C TRP B 14 43.10 -35.24 -8.84
N THR B 15 41.93 -35.71 -9.27
CA THR B 15 40.97 -36.30 -8.37
C THR B 15 41.49 -37.63 -7.81
N GLY B 16 42.51 -38.18 -8.45
CA GLY B 16 43.14 -39.40 -8.00
C GLY B 16 44.16 -39.24 -6.89
N MET B 17 44.56 -38.00 -6.61
CA MET B 17 45.44 -37.74 -5.47
C MET B 17 44.69 -37.25 -4.23
N ILE B 18 44.31 -38.19 -3.37
CA ILE B 18 43.36 -37.90 -2.30
C ILE B 18 44.04 -37.47 -1.01
N ASP B 19 45.35 -37.67 -0.93
CA ASP B 19 46.09 -37.47 0.32
C ASP B 19 46.96 -36.20 0.45
N GLY B 20 46.79 -35.23 -0.45
CA GLY B 20 47.53 -33.97 -0.31
C GLY B 20 47.16 -32.86 -1.26
N TRP B 21 47.62 -31.65 -0.98
CA TRP B 21 47.34 -30.52 -1.87
C TRP B 21 48.26 -30.55 -3.08
N TYR B 22 49.50 -30.97 -2.87
CA TYR B 22 50.50 -31.00 -3.93
C TYR B 22 51.21 -32.34 -3.92
N GLY B 23 51.77 -32.73 -5.07
CA GLY B 23 52.48 -33.99 -5.16
C GLY B 23 52.85 -34.45 -6.56
N TYR B 24 52.99 -35.76 -6.70
CA TYR B 24 53.71 -36.35 -7.80
C TYR B 24 52.90 -37.51 -8.37
N HIS B 25 52.98 -37.70 -9.68
CA HIS B 25 52.49 -38.94 -10.26
C HIS B 25 53.63 -39.61 -11.01
N HIS B 26 53.84 -40.89 -10.75
CA HIS B 26 54.92 -41.59 -11.43
C HIS B 26 54.39 -42.83 -12.13
N GLN B 27 55.08 -43.25 -13.18
CA GLN B 27 54.76 -44.51 -13.82
C GLN B 27 56.05 -45.21 -14.23
N ASN B 28 56.22 -46.46 -13.83
CA ASN B 28 57.38 -47.23 -14.25
C ASN B 28 57.06 -48.73 -14.37
N GLU B 29 58.07 -49.54 -14.67
CA GLU B 29 57.86 -50.95 -14.93
C GLU B 29 57.22 -51.64 -13.72
N GLN B 30 57.54 -51.15 -12.52
CA GLN B 30 57.02 -51.76 -11.30
C GLN B 30 55.56 -51.38 -11.05
N GLY B 31 55.11 -50.30 -11.68
CA GLY B 31 53.76 -49.82 -11.49
C GLY B 31 53.55 -48.31 -11.60
N SER B 32 52.41 -47.86 -11.10
CA SER B 32 51.95 -46.48 -11.31
C SER B 32 51.29 -45.91 -10.06
N GLY B 33 51.38 -44.60 -9.86
CA GLY B 33 50.67 -44.01 -8.73
C GLY B 33 50.87 -42.54 -8.41
N TYR B 34 49.97 -42.01 -7.57
CA TYR B 34 50.04 -40.63 -7.10
C TYR B 34 50.62 -40.65 -5.69
N ALA B 35 51.32 -39.59 -5.31
CA ALA B 35 51.81 -39.47 -3.93
C ALA B 35 51.91 -38.00 -3.57
N ALA B 36 51.30 -37.61 -2.44
CA ALA B 36 51.38 -36.24 -1.96
C ALA B 36 52.77 -35.89 -1.45
N ASP B 37 53.20 -34.65 -1.68
CA ASP B 37 54.41 -34.17 -1.02
C ASP B 37 54.04 -33.67 0.37
N GLN B 38 54.49 -34.40 1.41
CA GLN B 38 54.06 -34.09 2.76
C GLN B 38 54.59 -32.77 3.33
N LYS B 39 55.86 -32.46 3.04
CA LYS B 39 56.50 -31.29 3.63
C LYS B 39 55.87 -29.97 3.15
N SER B 40 55.77 -29.81 1.83
N SER B 40 55.73 -29.83 1.84
CA SER B 40 55.19 -28.62 1.24
CA SER B 40 55.18 -28.60 1.26
C SER B 40 53.71 -28.48 1.59
C SER B 40 53.70 -28.46 1.58
N THR B 41 52.99 -29.59 1.51
CA THR B 41 51.57 -29.61 1.87
C THR B 41 51.36 -29.18 3.32
N GLN B 42 52.18 -29.69 4.22
CA GLN B 42 51.98 -29.37 5.64
C GLN B 42 52.36 -27.93 5.89
N ASN B 43 53.40 -27.44 5.22
CA ASN B 43 53.75 -26.04 5.35
C ASN B 43 52.62 -25.12 4.86
N ALA B 44 52.00 -25.51 3.75
CA ALA B 44 50.89 -24.72 3.20
C ALA B 44 49.65 -24.76 4.10
N ILE B 45 49.41 -25.93 4.69
CA ILE B 45 48.26 -26.13 5.58
C ILE B 45 48.46 -25.24 6.80
N ASP B 46 49.69 -25.22 7.29
CA ASP B 46 50.02 -24.48 8.49
C ASP B 46 49.87 -22.98 8.20
N GLY B 47 50.39 -22.55 7.06
CA GLY B 47 50.25 -21.17 6.63
C GLY B 47 48.81 -20.71 6.53
N ILE B 48 47.97 -21.50 5.86
CA ILE B 48 46.59 -21.10 5.61
C ILE B 48 45.81 -21.14 6.92
N THR B 49 46.20 -22.06 7.79
CA THR B 49 45.50 -22.19 9.06
C THR B 49 45.86 -20.96 9.88
N ASN B 50 47.10 -20.50 9.77
CA ASN B 50 47.51 -19.34 10.54
C ASN B 50 46.79 -18.11 9.98
N LYS B 51 46.57 -18.07 8.66
CA LYS B 51 45.88 -16.93 8.06
C LYS B 51 44.44 -16.85 8.55
N VAL B 52 43.74 -17.99 8.50
CA VAL B 52 42.34 -18.01 8.91
C VAL B 52 42.21 -17.69 10.39
N ASN B 53 43.03 -18.37 11.19
CA ASN B 53 43.01 -18.13 12.62
C ASN B 53 43.31 -16.69 12.92
N SER B 54 44.20 -16.06 12.15
CA SER B 54 44.58 -14.69 12.43
C SER B 54 43.43 -13.76 12.05
N VAL B 55 42.71 -14.08 10.98
CA VAL B 55 41.55 -13.26 10.66
C VAL B 55 40.48 -13.35 11.75
N ILE B 56 40.17 -14.56 12.22
CA ILE B 56 39.12 -14.68 13.23
C ILE B 56 39.52 -14.11 14.60
N GLU B 57 40.79 -14.34 14.96
CA GLU B 57 41.41 -14.00 16.25
C GLU B 57 41.45 -12.51 16.56
N LYS B 58 41.50 -11.68 15.51
CA LYS B 58 41.61 -10.23 15.68
C LYS B 58 40.29 -9.54 16.02
N MET B 59 39.21 -10.30 16.09
CA MET B 59 37.93 -9.71 16.44
C MET B 59 37.65 -10.13 17.85
N ASN B 60 38.23 -9.36 18.76
CA ASN B 60 37.95 -9.50 20.17
C ASN B 60 36.46 -9.34 20.16
N THR B 61 35.74 -10.13 20.94
CA THR B 61 34.31 -10.07 20.82
C THR B 61 33.76 -8.73 21.25
N GLN B 62 32.55 -8.47 20.79
CA GLN B 62 31.80 -7.28 21.09
C GLN B 62 31.06 -7.69 22.33
N PHE B 63 31.30 -6.91 23.39
CA PHE B 63 30.60 -7.15 24.63
C PHE B 63 29.30 -6.40 24.50
N THR B 64 28.47 -6.39 25.53
CA THR B 64 27.17 -5.75 25.38
C THR B 64 27.16 -4.35 24.78
N ALA B 65 26.35 -4.24 23.73
CA ALA B 65 26.12 -3.03 22.96
C ALA B 65 24.64 -3.06 22.67
N VAL B 66 23.87 -2.18 23.29
CA VAL B 66 22.42 -2.20 23.08
C VAL B 66 21.91 -0.89 22.54
N GLY B 67 20.71 -0.94 21.94
CA GLY B 67 20.20 0.25 21.31
C GLY B 67 19.86 1.18 22.44
N LYS B 68 20.06 2.46 22.19
CA LYS B 68 19.64 3.55 23.04
C LYS B 68 18.25 4.05 22.63
N GLU B 69 17.47 4.51 23.59
CA GLU B 69 16.16 5.03 23.25
C GLU B 69 16.07 6.54 23.44
N PHE B 70 15.19 7.16 22.66
CA PHE B 70 15.04 8.62 22.70
C PHE B 70 13.59 9.08 22.60
N ASN B 71 13.29 10.14 23.33
CA ASN B 71 11.97 10.78 23.28
C ASN B 71 11.81 11.72 22.08
N ASN B 72 10.63 12.31 21.92
N ASN B 72 10.63 12.32 21.95
CA ASN B 72 10.34 13.07 20.71
CA ASN B 72 10.29 13.09 20.74
C ASN B 72 11.17 14.35 20.58
C ASN B 72 10.99 14.44 20.63
N LEU B 73 11.67 14.85 21.70
CA LEU B 73 12.44 16.07 21.67
C LEU B 73 13.94 15.77 21.68
N GLU B 74 14.29 14.53 21.38
CA GLU B 74 15.69 14.10 21.30
C GLU B 74 16.05 13.53 19.92
N ARG B 75 15.33 13.97 18.89
CA ARG B 75 15.56 13.49 17.54
C ARG B 75 16.98 13.73 17.00
N ARG B 76 17.63 14.83 17.36
CA ARG B 76 18.96 15.10 16.84
C ARG B 76 19.97 14.10 17.37
N ILE B 77 19.92 13.83 18.67
N ILE B 77 19.92 13.79 18.65
CA ILE B 77 20.83 12.87 19.31
CA ILE B 77 20.86 12.85 19.26
C ILE B 77 20.52 11.45 18.84
C ILE B 77 20.52 11.43 18.85
N GLU B 78 19.23 11.18 18.63
CA GLU B 78 18.79 9.89 18.11
C GLU B 78 19.43 9.68 16.75
N ASN B 79 19.45 10.75 15.96
CA ASN B 79 20.03 10.71 14.63
C ASN B 79 21.55 10.58 14.72
N LEU B 80 22.17 11.17 15.74
CA LEU B 80 23.59 10.99 15.97
C LEU B 80 23.90 9.52 16.23
N ASN B 81 23.05 8.90 17.03
CA ASN B 81 23.20 7.49 17.35
C ASN B 81 23.08 6.64 16.09
N LYS B 82 22.12 6.99 15.25
CA LYS B 82 21.91 6.27 13.99
C LYS B 82 23.07 6.46 13.01
N LYS B 83 23.61 7.67 12.99
CA LYS B 83 24.75 8.01 12.16
C LYS B 83 25.95 7.18 12.58
N VAL B 84 26.11 7.03 13.89
CA VAL B 84 27.23 6.27 14.42
C VAL B 84 27.09 4.80 14.03
N ASP B 85 25.89 4.26 14.27
CA ASP B 85 25.67 2.82 14.03
C ASP B 85 25.81 2.47 12.54
N ASP B 86 25.18 3.28 11.69
CA ASP B 86 25.31 3.14 10.24
C ASP B 86 26.74 3.32 9.74
N GLY B 87 27.48 4.25 10.33
CA GLY B 87 28.84 4.53 9.90
C GLY B 87 29.71 3.32 10.20
N PHE B 88 29.52 2.76 11.39
CA PHE B 88 30.26 1.57 11.77
C PHE B 88 29.87 0.37 10.90
N LEU B 89 28.58 0.23 10.59
CA LEU B 89 28.15 -0.85 9.72
C LEU B 89 28.70 -0.76 8.29
N ASP B 90 28.78 0.46 7.77
CA ASP B 90 29.35 0.69 6.45
C ASP B 90 30.82 0.32 6.45
N ILE B 91 31.50 0.73 7.52
CA ILE B 91 32.92 0.44 7.58
C ILE B 91 33.23 -1.05 7.70
N TRP B 92 32.53 -1.73 8.59
CA TRP B 92 32.83 -3.14 8.77
C TRP B 92 32.38 -3.99 7.61
N THR B 93 31.25 -3.67 7.01
CA THR B 93 30.85 -4.44 5.84
C THR B 93 31.79 -4.25 4.65
N TYR B 94 32.12 -3.00 4.33
CA TYR B 94 33.09 -2.76 3.26
C TYR B 94 34.43 -3.47 3.53
N ASN B 95 34.94 -3.33 4.75
CA ASN B 95 36.27 -3.88 5.05
C ASN B 95 36.22 -5.40 5.00
N ALA B 96 35.15 -6.00 5.51
CA ALA B 96 35.09 -7.46 5.54
C ALA B 96 35.01 -7.99 4.09
N GLU B 97 34.16 -7.38 3.27
CA GLU B 97 34.00 -7.89 1.91
C GLU B 97 35.29 -7.73 1.10
N LEU B 98 35.91 -6.56 1.23
CA LEU B 98 37.05 -6.26 0.40
C LEU B 98 38.22 -7.14 0.87
N LEU B 99 38.34 -7.30 2.19
CA LEU B 99 39.41 -8.11 2.78
C LEU B 99 39.31 -9.56 2.33
N VAL B 100 38.09 -10.08 2.34
CA VAL B 100 37.89 -11.46 1.91
C VAL B 100 38.23 -11.62 0.43
N LEU B 101 37.86 -10.64 -0.39
CA LEU B 101 38.21 -10.70 -1.80
C LEU B 101 39.74 -10.78 -2.00
N LEU B 102 40.44 -9.86 -1.33
CA LEU B 102 41.86 -9.70 -1.57
C LEU B 102 42.63 -10.91 -1.04
N GLU B 103 42.20 -11.39 0.13
CA GLU B 103 42.90 -12.51 0.75
C GLU B 103 42.62 -13.81 -0.01
N ASN B 104 41.43 -13.95 -0.58
CA ASN B 104 41.14 -15.12 -1.39
C ASN B 104 42.06 -15.14 -2.61
N GLU B 105 42.21 -13.98 -3.26
CA GLU B 105 43.14 -13.91 -4.39
C GLU B 105 44.53 -14.33 -3.95
N ARG B 106 44.99 -13.77 -2.82
CA ARG B 106 46.33 -14.10 -2.33
C ARG B 106 46.50 -15.59 -2.05
N THR B 107 45.44 -16.23 -1.55
CA THR B 107 45.51 -17.63 -1.18
C THR B 107 45.66 -18.49 -2.45
N LEU B 108 44.77 -18.25 -3.42
CA LEU B 108 44.90 -18.97 -4.69
C LEU B 108 46.30 -18.80 -5.32
N ASP B 109 46.81 -17.58 -5.24
CA ASP B 109 48.12 -17.29 -5.85
C ASP B 109 49.22 -18.02 -5.07
N PHE B 110 49.00 -18.16 -3.76
CA PHE B 110 49.94 -18.84 -2.87
C PHE B 110 50.03 -20.31 -3.27
N HIS B 111 48.88 -20.93 -3.52
CA HIS B 111 48.89 -22.31 -4.02
C HIS B 111 49.63 -22.41 -5.35
N ASP B 112 49.36 -21.46 -6.24
CA ASP B 112 50.01 -21.49 -7.56
C ASP B 112 51.54 -21.44 -7.38
N SER B 113 51.98 -20.59 -6.46
CA SER B 113 53.39 -20.47 -6.15
C SER B 113 53.96 -21.77 -5.61
N ASN B 114 53.22 -22.44 -4.73
CA ASN B 114 53.75 -23.68 -4.15
C ASN B 114 53.92 -24.77 -5.20
N VAL B 115 52.97 -24.84 -6.14
CA VAL B 115 53.12 -25.81 -7.23
C VAL B 115 54.32 -25.46 -8.13
N ARG B 116 54.48 -24.18 -8.45
CA ARG B 116 55.61 -23.78 -9.31
C ARG B 116 56.95 -24.10 -8.64
N ASN B 117 57.02 -23.88 -7.33
CA ASN B 117 58.27 -24.06 -6.61
C ASN B 117 58.57 -25.55 -6.48
N LEU B 118 57.53 -26.37 -6.31
CA LEU B 118 57.72 -27.81 -6.25
C LEU B 118 58.26 -28.33 -7.61
N TYR B 119 57.69 -27.79 -8.69
CA TYR B 119 58.10 -28.17 -10.04
C TYR B 119 59.56 -27.82 -10.25
N GLU B 120 59.96 -26.62 -9.84
CA GLU B 120 61.35 -26.22 -10.08
C GLU B 120 62.27 -27.02 -9.17
N LYS B 121 61.76 -27.45 -8.01
CA LYS B 121 62.56 -28.31 -7.14
C LYS B 121 62.89 -29.61 -7.85
N VAL B 122 61.85 -30.27 -8.38
CA VAL B 122 62.10 -31.51 -9.12
C VAL B 122 63.03 -31.26 -10.32
N LYS B 123 62.80 -30.16 -11.03
CA LYS B 123 63.58 -29.86 -12.23
C LYS B 123 65.05 -29.75 -11.86
N SER B 124 65.32 -29.06 -10.75
CA SER B 124 66.70 -28.81 -10.37
C SER B 124 67.37 -30.05 -9.78
N GLN B 125 66.59 -30.93 -9.14
CA GLN B 125 67.16 -32.23 -8.75
C GLN B 125 67.56 -33.07 -9.96
N LEU B 126 66.67 -33.15 -10.95
CA LEU B 126 66.87 -34.07 -12.06
C LEU B 126 67.85 -33.55 -13.11
N LYS B 127 67.88 -32.24 -13.31
CA LYS B 127 68.72 -31.61 -14.32
C LYS B 127 68.58 -32.27 -15.70
N ASN B 128 69.71 -32.61 -16.32
CA ASN B 128 69.68 -33.17 -17.67
C ASN B 128 69.59 -34.69 -17.75
N ASN B 129 69.27 -35.31 -16.62
CA ASN B 129 68.93 -36.73 -16.61
C ASN B 129 67.49 -36.97 -17.02
N ALA B 130 66.75 -35.88 -17.24
CA ALA B 130 65.39 -35.96 -17.77
C ALA B 130 65.10 -34.79 -18.69
N LYS B 131 64.10 -34.96 -19.57
CA LYS B 131 63.65 -33.87 -20.43
C LYS B 131 62.30 -33.38 -19.93
N GLU B 132 62.14 -32.07 -19.87
CA GLU B 132 60.87 -31.47 -19.49
C GLU B 132 59.94 -31.68 -20.68
N ILE B 133 58.80 -32.31 -20.40
CA ILE B 133 57.72 -32.40 -21.37
C ILE B 133 57.05 -31.03 -21.53
N GLY B 134 56.60 -30.45 -20.42
CA GLY B 134 56.01 -29.12 -20.42
C GLY B 134 54.69 -29.03 -19.69
N ASN B 135 54.14 -30.20 -19.36
CA ASN B 135 52.83 -30.34 -18.76
C ASN B 135 53.03 -30.74 -17.31
N GLY B 136 54.20 -30.39 -16.76
CA GLY B 136 54.53 -30.73 -15.38
C GLY B 136 55.26 -32.04 -15.27
N CYS B 137 55.53 -32.67 -16.42
CA CYS B 137 56.12 -34.01 -16.48
C CYS B 137 57.59 -33.98 -16.87
N PHE B 138 58.34 -34.96 -16.39
CA PHE B 138 59.72 -35.15 -16.79
C PHE B 138 59.90 -36.57 -17.29
N GLU B 139 60.59 -36.73 -18.42
CA GLU B 139 60.89 -38.07 -18.93
C GLU B 139 62.36 -38.37 -18.69
N PHE B 140 62.61 -39.45 -17.94
CA PHE B 140 63.98 -39.84 -17.63
C PHE B 140 64.69 -40.42 -18.85
N TYR B 141 65.98 -40.10 -18.97
CA TYR B 141 66.84 -40.71 -19.97
C TYR B 141 67.46 -41.97 -19.39
N HIS B 142 67.01 -42.35 -18.20
CA HIS B 142 67.48 -43.57 -17.55
C HIS B 142 66.32 -44.29 -16.90
N LYS B 143 66.50 -45.57 -16.58
CA LYS B 143 65.47 -46.29 -15.86
C LYS B 143 65.43 -45.78 -14.43
N CYS B 144 64.22 -45.55 -13.92
CA CYS B 144 64.05 -44.96 -12.59
C CYS B 144 63.02 -45.77 -11.83
N ASP B 145 63.51 -46.67 -10.98
CA ASP B 145 62.65 -47.55 -10.22
C ASP B 145 62.07 -46.90 -8.98
N ASP B 146 61.45 -47.71 -8.14
CA ASP B 146 60.62 -47.22 -7.03
C ASP B 146 61.48 -46.45 -6.03
N ALA B 147 62.68 -46.98 -5.76
CA ALA B 147 63.60 -46.33 -4.84
C ALA B 147 64.05 -44.98 -5.37
N CYS B 148 64.40 -44.92 -6.66
CA CYS B 148 64.77 -43.67 -7.31
C CYS B 148 63.65 -42.62 -7.24
N MET B 149 62.44 -43.08 -7.58
CA MET B 149 61.26 -42.25 -7.52
C MET B 149 61.12 -41.70 -6.11
N GLU B 150 61.31 -42.57 -5.12
CA GLU B 150 61.16 -42.18 -3.72
C GLU B 150 62.23 -41.17 -3.33
N SER B 151 63.41 -41.30 -3.93
CA SER B 151 64.47 -40.33 -3.70
C SER B 151 64.07 -38.97 -4.21
N VAL B 152 63.41 -38.98 -5.37
CA VAL B 152 62.84 -37.75 -5.92
C VAL B 152 61.77 -37.16 -4.99
N ARG B 153 60.90 -38.02 -4.48
CA ARG B 153 59.77 -37.60 -3.66
C ARG B 153 60.25 -37.00 -2.33
N ASN B 154 61.33 -37.56 -1.79
CA ASN B 154 61.86 -37.08 -0.52
C ASN B 154 63.08 -36.16 -0.67
N GLY B 155 63.40 -35.79 -1.90
CA GLY B 155 64.39 -34.77 -2.16
C GLY B 155 65.82 -35.24 -2.03
N THR B 156 66.03 -36.53 -2.22
CA THR B 156 67.37 -37.14 -2.14
C THR B 156 67.90 -37.73 -3.45
N TYR B 157 67.35 -37.36 -4.60
CA TYR B 157 67.81 -37.89 -5.87
C TYR B 157 69.32 -37.71 -6.12
N ASP B 158 69.92 -38.78 -6.62
CA ASP B 158 71.36 -38.89 -6.84
C ASP B 158 71.71 -38.73 -8.32
N TYR B 159 72.02 -37.51 -8.74
CA TYR B 159 72.29 -37.24 -10.16
C TYR B 159 73.44 -38.06 -10.75
N PRO B 160 74.58 -38.17 -10.04
CA PRO B 160 75.70 -38.93 -10.63
C PRO B 160 75.42 -40.42 -10.84
N LYS B 161 74.66 -41.07 -9.95
CA LYS B 161 74.37 -42.49 -10.12
C LYS B 161 73.73 -42.83 -11.47
N TYR B 162 72.80 -41.99 -11.92
CA TYR B 162 72.06 -42.26 -13.14
C TYR B 162 72.58 -41.41 -14.30
N SER B 163 73.54 -40.55 -13.99
CA SER B 163 74.13 -39.66 -15.00
C SER B 163 74.72 -40.38 -16.19
N GLU B 164 75.41 -41.49 -15.95
CA GLU B 164 76.09 -42.18 -17.03
C GLU B 164 75.13 -42.85 -18.00
N GLU B 165 74.17 -43.58 -17.42
CA GLU B 165 73.12 -44.24 -18.17
C GLU B 165 72.36 -43.19 -18.96
N SER B 166 72.08 -42.06 -18.31
CA SER B 166 71.33 -40.99 -18.95
C SER B 166 72.09 -40.42 -20.12
N LYS B 167 73.40 -40.22 -19.95
CA LYS B 167 74.18 -39.59 -20.99
C LYS B 167 74.22 -40.53 -22.18
N LEU B 168 74.33 -41.83 -21.88
CA LEU B 168 74.32 -42.87 -22.92
C LEU B 168 73.02 -42.94 -23.72
N ASN B 169 71.89 -42.96 -23.02
CA ASN B 169 70.58 -43.01 -23.67
C ASN B 169 70.12 -41.73 -24.34
N ARG B 170 70.64 -40.61 -23.88
CA ARG B 170 70.21 -39.30 -24.39
C ARG B 170 70.77 -39.07 -25.77
N GLU B 171 71.95 -39.63 -26.01
CA GLU B 171 72.63 -39.52 -27.29
C GLU B 171 72.42 -40.77 -28.14
N PRO C 3 87.54 -27.11 -11.04
CA PRO C 3 88.24 -26.21 -10.11
C PRO C 3 88.20 -24.77 -10.60
N GLY C 4 87.14 -24.41 -11.32
CA GLY C 4 87.08 -23.13 -12.00
C GLY C 4 86.66 -21.99 -11.10
N ASP C 5 86.81 -20.76 -11.59
CA ASP C 5 86.33 -19.57 -10.90
C ASP C 5 84.83 -19.62 -10.65
N THR C 6 84.37 -18.92 -9.61
CA THR C 6 82.97 -18.96 -9.21
C THR C 6 82.49 -17.58 -8.76
N ILE C 7 81.21 -17.31 -9.01
CA ILE C 7 80.51 -16.17 -8.42
C ILE C 7 79.17 -16.63 -7.84
N CYS C 8 78.83 -16.17 -6.64
CA CYS C 8 77.55 -16.55 -6.07
C CYS C 8 76.64 -15.36 -5.83
N ILE C 9 75.34 -15.58 -5.95
CA ILE C 9 74.35 -14.57 -5.65
C ILE C 9 73.79 -14.91 -4.27
N GLY C 10 73.61 -13.89 -3.44
CA GLY C 10 73.21 -14.11 -2.06
C GLY C 10 72.58 -12.88 -1.46
N TYR C 11 72.19 -13.00 -0.19
CA TYR C 11 71.52 -11.90 0.49
C TYR C 11 72.06 -11.71 1.88
N HIS C 12 71.79 -10.53 2.43
CA HIS C 12 72.31 -10.10 3.71
C HIS C 12 71.72 -10.94 4.84
N ALA C 13 72.57 -11.28 5.80
CA ALA C 13 72.10 -11.75 7.09
C ALA C 13 72.82 -10.96 8.16
N ASN C 14 72.24 -10.89 9.34
CA ASN C 14 72.89 -10.24 10.48
C ASN C 14 72.48 -10.84 11.82
N ASN C 15 72.80 -10.13 12.88
CA ASN C 15 72.55 -10.59 14.23
C ASN C 15 71.24 -10.14 14.88
N SER C 16 70.31 -9.59 14.09
CA SER C 16 69.07 -9.11 14.67
C SER C 16 68.29 -10.24 15.35
N THR C 17 67.64 -9.90 16.46
CA THR C 17 66.78 -10.84 17.18
C THR C 17 65.34 -10.38 17.06
N ASP C 18 65.14 -9.28 16.34
CA ASP C 18 63.81 -8.72 16.12
C ASP C 18 62.88 -9.76 15.50
N THR C 19 61.67 -9.87 16.03
CA THR C 19 60.69 -10.76 15.43
C THR C 19 59.48 -9.97 14.97
N VAL C 20 58.87 -10.41 13.88
CA VAL C 20 57.64 -9.83 13.40
C VAL C 20 56.66 -10.96 13.24
N ASP C 21 55.38 -10.66 13.21
CA ASP C 21 54.40 -11.67 12.87
C ASP C 21 54.01 -11.44 11.42
N THR C 22 53.66 -12.52 10.73
CA THR C 22 53.15 -12.40 9.37
C THR C 22 51.87 -13.20 9.24
N VAL C 23 51.25 -13.12 8.06
CA VAL C 23 50.02 -13.84 7.82
C VAL C 23 50.17 -15.33 7.96
N LEU C 24 51.21 -15.86 7.33
CA LEU C 24 51.40 -17.30 7.23
C LEU C 24 52.15 -17.86 8.43
N GLU C 25 52.85 -17.02 9.16
CA GLU C 25 53.79 -17.50 10.18
C GLU C 25 53.99 -16.50 11.31
N LYS C 26 53.95 -17.00 12.54
CA LYS C 26 54.21 -16.18 13.72
C LYS C 26 55.69 -16.18 14.06
N ASN C 27 56.15 -15.13 14.74
CA ASN C 27 57.49 -15.11 15.31
C ASN C 27 58.59 -15.25 14.27
N VAL C 28 58.45 -14.62 13.11
CA VAL C 28 59.51 -14.68 12.13
C VAL C 28 60.63 -13.74 12.51
N THR C 29 61.84 -14.26 12.66
CA THR C 29 62.97 -13.38 12.95
C THR C 29 63.43 -12.67 11.68
N VAL C 30 63.59 -11.36 11.76
CA VAL C 30 63.94 -10.57 10.59
C VAL C 30 65.15 -9.69 10.83
N THR C 31 65.81 -9.29 9.75
CA THR C 31 67.08 -8.58 9.83
C THR C 31 66.88 -7.12 10.24
N HIS C 32 65.77 -6.53 9.83
CA HIS C 32 65.46 -5.14 10.15
C HIS C 32 63.96 -4.93 10.35
N SER C 33 63.59 -3.97 11.20
CA SER C 33 62.19 -3.70 11.45
C SER C 33 61.94 -2.34 12.10
N VAL C 34 60.70 -1.88 12.01
CA VAL C 34 60.30 -0.61 12.62
C VAL C 34 59.03 -0.80 13.46
N ASN C 35 59.07 -0.27 14.69
CA ASN C 35 57.89 -0.28 15.56
C ASN C 35 56.89 0.82 15.25
N LEU C 36 55.61 0.46 15.14
CA LEU C 36 54.56 1.43 14.85
C LEU C 36 53.68 1.77 16.07
N LEU C 37 53.98 1.15 17.20
CA LEU C 37 53.16 1.25 18.41
C LEU C 37 53.85 1.92 19.57
N GLU C 38 53.40 3.11 19.98
CA GLU C 38 54.04 3.72 21.13
C GLU C 38 53.46 3.14 22.43
N ASP C 39 54.35 2.59 23.26
CA ASP C 39 53.97 2.05 24.57
C ASP C 39 54.69 2.71 25.74
N SER C 40 55.41 3.79 25.46
CA SER C 40 56.16 4.54 26.44
C SER C 40 55.64 5.95 26.73
N HIS C 41 55.60 6.32 28.00
CA HIS C 41 55.24 7.69 28.38
C HIS C 41 56.14 8.16 29.52
N ASN C 42 56.09 9.45 29.81
CA ASN C 42 57.04 10.03 30.76
C ASN C 42 56.51 10.25 32.18
N GLY C 43 55.26 9.86 32.42
CA GLY C 43 54.73 9.83 33.76
C GLY C 43 54.42 11.21 34.30
N LYS C 44 54.50 12.22 33.44
CA LYS C 44 54.29 13.60 33.86
C LYS C 44 53.17 14.27 33.07
N LEU C 45 52.60 15.33 33.65
CA LEU C 45 51.68 16.23 32.97
C LEU C 45 52.42 17.45 32.42
N CYS C 46 52.34 17.65 31.11
CA CYS C 46 53.14 18.66 30.44
C CYS C 46 52.32 19.81 29.83
N LYS C 47 53.01 20.79 29.25
CA LYS C 47 52.33 21.86 28.54
C LYS C 47 51.87 21.48 27.13
N LEU C 48 50.82 22.16 26.68
N LEU C 48 50.81 22.15 26.67
CA LEU C 48 50.30 22.02 25.31
CA LEU C 48 50.34 22.01 25.31
C LEU C 48 50.26 23.38 24.63
C LEU C 48 50.33 23.38 24.65
N LYS C 49 50.77 23.43 23.40
CA LYS C 49 50.93 24.68 22.64
C LYS C 49 51.85 25.59 23.44
N GLY C 50 52.79 25.00 24.18
CA GLY C 50 53.71 25.76 25.01
C GLY C 50 53.03 26.48 26.16
N ILE C 51 51.80 26.09 26.46
CA ILE C 51 51.03 26.66 27.57
C ILE C 51 50.80 25.67 28.70
N ALA C 52 51.03 26.11 29.92
CA ALA C 52 50.90 25.24 31.08
C ALA C 52 49.41 25.00 31.36
N PRO C 53 49.09 23.84 31.93
CA PRO C 53 47.75 23.47 32.42
C PRO C 53 47.37 24.21 33.69
N LEU C 54 46.08 24.23 34.00
CA LEU C 54 45.63 24.80 35.25
C LEU C 54 45.47 23.76 36.34
N GLN C 55 46.21 23.97 37.43
CA GLN C 55 46.19 23.03 38.55
C GLN C 55 45.23 23.50 39.64
N LEU C 56 44.10 22.81 39.77
CA LEU C 56 43.09 23.10 40.79
C LEU C 56 43.48 22.64 42.19
N GLY C 57 44.39 21.68 42.25
CA GLY C 57 44.94 21.15 43.48
C GLY C 57 43.87 20.51 44.34
N LYS C 58 43.67 20.98 45.56
CA LYS C 58 42.67 20.36 46.45
C LYS C 58 41.24 20.86 46.18
N CYS C 59 41.12 21.79 45.25
CA CYS C 59 39.83 22.33 44.82
C CYS C 59 39.37 21.71 43.49
N ASN C 60 38.07 21.77 43.23
CA ASN C 60 37.56 21.44 41.90
C ASN C 60 37.00 22.68 41.21
N ILE C 61 36.49 22.51 40.00
N ILE C 61 36.45 22.53 40.01
CA ILE C 61 35.98 23.63 39.22
CA ILE C 61 36.04 23.70 39.26
C ILE C 61 34.95 24.46 39.98
C ILE C 61 34.90 24.48 39.94
N ALA C 62 33.96 23.77 40.56
CA ALA C 62 32.91 24.43 41.33
C ALA C 62 33.49 25.21 42.51
N GLY C 63 34.35 24.53 43.26
CA GLY C 63 35.04 25.10 44.40
C GLY C 63 35.90 26.29 44.06
N TRP C 64 36.56 26.18 42.92
CA TRP C 64 37.38 27.24 42.37
C TRP C 64 36.57 28.50 42.06
N LEU C 65 35.54 28.34 41.23
CA LEU C 65 34.77 29.48 40.74
C LEU C 65 33.95 30.19 41.81
N LEU C 66 33.32 29.43 42.67
CA LEU C 66 32.59 30.02 43.77
C LEU C 66 33.60 30.57 44.77
N GLY C 67 34.81 30.01 44.78
CA GLY C 67 35.80 30.44 45.73
C GLY C 67 35.60 29.87 47.12
N ASN C 68 35.34 28.56 47.17
CA ASN C 68 35.40 27.80 48.42
C ASN C 68 36.69 28.20 49.13
N PRO C 69 36.59 28.50 50.43
CA PRO C 69 37.71 29.06 51.21
C PRO C 69 38.91 28.13 51.30
N GLU C 70 38.70 26.86 51.06
CA GLU C 70 39.78 25.88 50.96
C GLU C 70 40.59 26.06 49.68
N CYS C 71 40.12 26.88 48.75
CA CYS C 71 40.73 27.00 47.43
C CYS C 71 41.60 28.24 47.26
N ASP C 72 42.07 28.78 48.38
CA ASP C 72 42.82 30.04 48.41
C ASP C 72 44.11 29.95 47.58
N LEU C 73 44.60 28.73 47.42
CA LEU C 73 45.82 28.36 46.68
C LEU C 73 45.73 28.61 45.16
N LEU C 74 44.51 28.85 44.68
CA LEU C 74 44.19 29.12 43.28
C LEU C 74 44.21 30.59 42.80
N LEU C 75 44.40 31.53 43.71
CA LEU C 75 44.33 32.96 43.39
C LEU C 75 45.26 33.56 42.32
N THR C 76 46.44 33.00 42.08
CA THR C 76 47.32 33.54 41.02
C THR C 76 47.16 33.01 39.58
N ALA C 77 46.31 32.00 39.37
CA ALA C 77 46.11 31.36 38.05
C ALA C 77 45.47 32.21 36.95
N SER C 78 46.02 32.18 35.73
CA SER C 78 45.48 33.05 34.68
C SER C 78 45.30 32.49 33.27
N SER C 79 46.11 31.53 32.84
CA SER C 79 45.91 30.93 31.50
C SER C 79 46.27 29.45 31.34
N TRP C 80 45.58 28.71 30.49
CA TRP C 80 45.89 27.27 30.42
C TRP C 80 45.42 26.60 29.12
N SER C 81 46.05 25.47 28.83
CA SER C 81 45.74 24.62 27.68
C SER C 81 44.68 23.55 28.00
N TYR C 82 44.62 23.15 29.28
CA TYR C 82 43.61 22.22 29.78
C TYR C 82 43.56 22.29 31.30
N ILE C 83 42.51 21.72 31.90
CA ILE C 83 42.29 21.82 33.34
C ILE C 83 42.46 20.44 33.96
N VAL C 84 43.19 20.40 35.06
CA VAL C 84 43.54 19.16 35.74
C VAL C 84 42.90 19.05 37.10
N GLU C 85 42.06 18.04 37.27
CA GLU C 85 41.59 17.72 38.60
C GLU C 85 42.35 16.49 39.07
N THR C 86 42.52 16.37 40.38
CA THR C 86 43.27 15.25 40.91
C THR C 86 42.39 14.47 41.86
N SER C 87 42.92 13.39 42.41
CA SER C 87 42.16 12.57 43.33
C SER C 87 41.93 13.23 44.69
N ASN C 88 42.67 14.29 44.95
N ASN C 88 42.64 14.31 45.01
CA ASN C 88 42.54 15.05 46.20
CA ASN C 88 42.31 14.93 46.28
C ASN C 88 41.63 16.29 46.12
C ASN C 88 41.50 16.22 46.16
N SER C 89 40.92 16.46 44.99
CA SER C 89 40.07 17.64 44.84
C SER C 89 38.67 17.43 45.42
N GLU C 90 38.47 17.57 46.73
CA GLU C 90 37.14 17.27 47.27
C GLU C 90 36.34 18.48 47.73
N ASN C 91 37.03 19.60 47.91
CA ASN C 91 36.40 20.87 48.23
C ASN C 91 35.76 21.62 47.06
N GLY C 92 34.43 21.68 47.07
CA GLY C 92 33.65 22.37 46.06
C GLY C 92 32.53 23.20 46.66
N THR C 93 31.28 22.77 46.48
CA THR C 93 30.15 23.51 47.05
C THR C 93 29.93 23.13 48.51
N CYS C 94 30.46 23.94 49.43
CA CYS C 94 30.34 23.62 50.85
C CYS C 94 28.94 23.79 51.42
N TYR C 95 28.16 24.73 50.86
CA TYR C 95 26.74 24.80 51.21
C TYR C 95 25.96 23.97 50.21
N PRO C 96 25.19 22.98 50.69
CA PRO C 96 24.56 21.99 49.80
C PRO C 96 23.51 22.56 48.85
N GLY C 97 23.47 21.98 47.64
CA GLY C 97 22.52 22.34 46.62
C GLY C 97 23.04 22.02 45.23
N ASP C 98 22.39 22.55 44.19
CA ASP C 98 22.74 22.16 42.83
C ASP C 98 23.40 23.26 42.02
N PHE C 99 24.48 22.89 41.35
CA PHE C 99 25.20 23.77 40.44
C PHE C 99 24.69 23.50 39.02
N ILE C 100 23.94 24.45 38.48
N ILE C 100 23.89 24.41 38.49
CA ILE C 100 23.19 24.26 37.23
CA ILE C 100 23.17 24.16 37.25
C ILE C 100 24.10 24.29 36.01
C ILE C 100 24.05 24.28 36.02
N ASP C 101 23.92 23.30 35.12
CA ASP C 101 24.74 23.19 33.90
C ASP C 101 26.23 23.20 34.20
N TYR C 102 26.59 22.51 35.28
CA TYR C 102 27.98 22.43 35.71
C TYR C 102 28.86 21.74 34.67
N GLU C 103 28.39 20.66 34.06
CA GLU C 103 29.24 19.98 33.09
C GLU C 103 29.49 20.84 31.86
N GLU C 104 28.46 21.57 31.44
CA GLU C 104 28.60 22.49 30.33
C GLU C 104 29.56 23.61 30.66
N LEU C 105 29.48 24.10 31.90
CA LEU C 105 30.35 25.19 32.32
C LEU C 105 31.78 24.70 32.32
N ARG C 106 31.99 23.49 32.83
CA ARG C 106 33.30 22.86 32.79
C ARG C 106 33.88 22.67 31.41
N GLU C 107 33.05 22.23 30.46
CA GLU C 107 33.51 22.07 29.09
C GLU C 107 33.91 23.41 28.51
N GLN C 108 33.08 24.41 28.81
CA GLN C 108 33.33 25.76 28.38
C GLN C 108 34.62 26.31 28.98
N LEU C 109 34.86 26.06 30.26
CA LEU C 109 36.00 26.66 30.95
C LEU C 109 37.39 26.19 30.46
N SER C 110 37.41 25.07 29.75
CA SER C 110 38.63 24.46 29.21
C SER C 110 39.16 25.28 28.03
N SER C 111 38.29 26.18 27.62
CA SER C 111 38.43 27.20 26.58
C SER C 111 38.96 28.56 27.01
N VAL C 112 39.62 28.66 28.13
CA VAL C 112 40.21 29.95 28.48
C VAL C 112 41.71 30.12 28.30
N SER C 113 42.07 31.21 27.63
CA SER C 113 43.47 31.46 27.27
C SER C 113 44.00 32.51 28.20
N SER C 114 43.09 33.20 28.87
CA SER C 114 43.39 34.21 29.87
C SER C 114 42.06 34.58 30.50
N PHE C 115 42.05 35.14 31.70
CA PHE C 115 40.82 35.75 32.14
C PHE C 115 41.28 36.83 33.10
N GLU C 116 40.39 37.72 33.49
CA GLU C 116 40.70 38.65 34.56
C GLU C 116 39.73 38.53 35.73
N LYS C 117 40.17 38.12 36.91
CA LYS C 117 39.17 38.07 37.97
C LYS C 117 39.01 39.53 38.36
N PHE C 118 37.80 39.96 38.65
CA PHE C 118 37.60 41.34 39.09
C PHE C 118 36.41 41.47 40.03
N GLU C 119 36.36 42.57 40.78
CA GLU C 119 35.32 42.73 41.78
C GLU C 119 34.12 43.36 41.07
N ILE C 120 33.14 42.54 40.72
CA ILE C 120 32.01 43.04 39.94
C ILE C 120 31.14 43.97 40.77
N PHE C 121 30.86 43.53 42.00
CA PHE C 121 30.06 44.28 42.95
C PHE C 121 30.84 44.28 44.25
N PRO C 122 31.66 45.33 44.47
CA PRO C 122 32.45 45.42 45.70
C PRO C 122 31.60 45.34 46.95
N LYS C 123 32.04 44.51 47.89
CA LYS C 123 31.27 44.18 49.10
C LYS C 123 30.91 45.40 49.93
N THR C 124 31.87 46.31 50.10
CA THR C 124 31.73 47.40 51.05
C THR C 124 30.87 48.54 50.54
N SER C 125 30.69 48.64 49.23
CA SER C 125 29.95 49.76 48.67
C SER C 125 28.71 49.41 47.85
N SER C 126 28.50 48.14 47.50
CA SER C 126 27.45 47.86 46.54
C SER C 126 26.08 47.78 47.20
N TRP C 127 26.05 47.58 48.52
CA TRP C 127 24.83 47.14 49.19
C TRP C 127 24.60 47.93 50.47
N PRO C 128 24.51 49.26 50.35
CA PRO C 128 24.39 50.08 51.57
C PRO C 128 23.14 49.79 52.39
N ASN C 129 22.12 49.22 51.75
CA ASN C 129 20.84 49.01 52.41
C ASN C 129 20.53 47.59 52.84
N HIS C 130 21.51 46.71 52.67
CA HIS C 130 21.35 45.31 53.05
C HIS C 130 22.54 44.94 53.93
N GLU C 131 22.41 43.87 54.71
CA GLU C 131 23.50 43.47 55.57
C GLU C 131 24.54 42.62 54.82
N THR C 132 25.82 43.03 54.87
CA THR C 132 26.86 42.30 54.14
C THR C 132 27.85 41.52 55.02
N THR C 133 27.68 41.54 56.33
CA THR C 133 28.72 41.01 57.22
C THR C 133 28.32 39.78 58.02
N LYS C 134 27.10 39.31 57.79
CA LYS C 134 26.42 38.28 58.57
C LYS C 134 26.26 37.02 57.72
N GLY C 135 26.81 37.11 56.52
CA GLY C 135 26.73 36.10 55.49
C GLY C 135 27.72 34.97 55.55
N VAL C 136 27.98 34.44 56.75
CA VAL C 136 28.82 33.24 56.88
C VAL C 136 28.12 32.13 57.65
N THR C 137 28.63 30.92 57.43
CA THR C 137 28.08 29.67 57.94
C THR C 137 29.15 28.64 58.25
N ALA C 138 28.85 27.79 59.23
CA ALA C 138 29.71 26.66 59.57
C ALA C 138 29.84 25.56 58.51
N ALA C 139 28.97 25.53 57.50
CA ALA C 139 29.10 24.52 56.45
C ALA C 139 30.31 24.84 55.55
N CYS C 140 30.72 26.10 55.57
CA CYS C 140 31.83 26.64 54.77
C CYS C 140 32.89 27.16 55.73
N SER C 141 32.93 26.64 56.95
N SER C 141 33.20 26.37 56.74
CA SER C 141 34.01 26.95 57.90
CA SER C 141 34.14 26.76 57.77
C SER C 141 35.46 26.77 57.38
C SER C 141 35.57 26.73 57.29
N TYR C 142 36.32 27.69 57.81
CA TYR C 142 37.74 27.79 57.46
C TYR C 142 38.58 28.28 58.62
N ALA C 143 39.65 27.55 58.89
CA ALA C 143 40.64 27.91 59.90
C ALA C 143 39.98 28.08 61.26
N GLY C 144 39.01 27.22 61.56
CA GLY C 144 38.43 27.16 62.89
C GLY C 144 37.24 28.09 63.07
N ALA C 145 36.86 28.77 61.99
CA ALA C 145 35.76 29.72 62.07
C ALA C 145 34.84 29.61 60.87
N SER C 146 33.59 29.99 61.06
CA SER C 146 32.61 30.05 59.98
C SER C 146 33.00 31.05 58.89
N SER C 147 32.76 30.69 57.64
CA SER C 147 33.16 31.54 56.51
C SER C 147 32.17 31.39 55.36
N PHE C 148 32.58 31.79 54.16
CA PHE C 148 31.71 31.70 53.00
C PHE C 148 32.58 31.84 51.76
N TYR C 149 32.00 31.52 50.60
CA TYR C 149 32.64 31.71 49.31
C TYR C 149 33.28 33.10 49.17
N ARG C 150 34.47 33.15 48.57
CA ARG C 150 35.18 34.42 48.40
C ARG C 150 34.59 35.20 47.24
N ASN C 151 33.94 34.51 46.31
CA ASN C 151 33.51 35.16 45.08
C ASN C 151 32.03 35.53 45.07
N LEU C 152 31.34 35.20 46.14
CA LEU C 152 29.94 35.56 46.29
C LEU C 152 29.78 36.26 47.62
N LEU C 153 28.64 36.91 47.78
CA LEU C 153 28.37 37.71 48.95
C LEU C 153 26.95 37.44 49.42
N TRP C 154 26.82 36.91 50.62
CA TRP C 154 25.50 36.57 51.13
C TRP C 154 24.84 37.78 51.77
N LEU C 155 23.88 38.37 51.07
CA LEU C 155 23.17 39.53 51.60
C LEU C 155 22.04 39.04 52.47
N THR C 156 21.82 39.74 53.58
CA THR C 156 20.69 39.46 54.45
C THR C 156 20.04 40.76 54.88
N LYS C 157 18.98 40.67 55.67
CA LYS C 157 18.19 41.85 55.96
C LYS C 157 18.98 42.74 56.90
N LYS C 158 18.76 44.05 56.80
CA LYS C 158 19.43 44.99 57.68
C LYS C 158 18.37 45.56 58.62
N GLY C 159 18.59 45.39 59.93
CA GLY C 159 17.58 45.74 60.89
C GLY C 159 16.40 44.82 60.71
N SER C 160 15.22 45.39 60.54
CA SER C 160 14.00 44.60 60.41
C SER C 160 13.44 44.74 59.00
N SER C 161 14.31 45.03 58.04
CA SER C 161 13.85 45.24 56.67
C SER C 161 14.88 44.84 55.61
N TYR C 162 14.35 44.27 54.52
CA TYR C 162 15.11 43.94 53.34
C TYR C 162 14.41 44.62 52.18
N PRO C 163 14.90 45.82 51.80
CA PRO C 163 14.22 46.50 50.69
C PRO C 163 14.58 45.89 49.36
N LYS C 164 13.74 46.07 48.35
CA LYS C 164 14.03 45.55 47.02
C LYS C 164 15.37 46.11 46.56
N LEU C 165 16.31 45.24 46.23
CA LEU C 165 17.54 45.68 45.57
C LEU C 165 17.48 45.55 44.06
N SER C 166 18.18 46.48 43.40
CA SER C 166 18.34 46.47 41.96
C SER C 166 19.77 46.89 41.65
N LYS C 167 20.50 46.04 40.96
CA LYS C 167 21.92 46.29 40.70
C LYS C 167 22.28 45.75 39.33
N SER C 168 22.95 46.56 38.54
CA SER C 168 23.27 46.17 37.18
C SER C 168 24.77 46.29 36.94
N TYR C 169 25.27 45.49 36.02
CA TYR C 169 26.66 45.57 35.60
C TYR C 169 26.71 45.61 34.08
N VAL C 170 27.42 46.60 33.57
CA VAL C 170 27.72 46.70 32.15
C VAL C 170 29.09 46.10 31.86
N ASN C 171 29.15 45.18 30.90
CA ASN C 171 30.41 44.56 30.57
C ASN C 171 31.24 45.42 29.64
N ASN C 172 32.24 46.11 30.20
N ASN C 172 32.19 46.14 30.25
CA ASN C 172 33.13 46.96 29.41
CA ASN C 172 33.13 47.01 29.53
C ASN C 172 34.45 46.27 29.14
C ASN C 172 34.50 46.35 29.43
N LYS C 173 34.56 45.03 29.59
CA LYS C 173 35.83 44.32 29.60
C LYS C 173 36.33 43.97 28.21
N GLY C 174 35.49 44.18 27.20
CA GLY C 174 35.92 43.88 25.84
C GLY C 174 35.92 42.39 25.57
N LYS C 175 35.32 41.64 26.47
CA LYS C 175 35.20 40.19 26.31
C LYS C 175 34.09 39.63 27.19
N GLU C 176 33.78 38.34 27.04
CA GLU C 176 32.75 37.72 27.85
C GLU C 176 33.11 37.79 29.33
N VAL C 177 32.13 38.04 30.18
CA VAL C 177 32.36 38.02 31.62
C VAL C 177 31.50 36.91 32.17
N LEU C 178 32.09 36.00 32.91
CA LEU C 178 31.33 34.94 33.54
C LEU C 178 30.84 35.44 34.89
N VAL C 179 29.52 35.45 35.06
CA VAL C 179 28.93 35.91 36.31
C VAL C 179 28.27 34.71 36.96
N LEU C 180 28.62 34.46 38.22
CA LEU C 180 27.97 33.40 38.98
C LEU C 180 27.22 33.99 40.15
N TRP C 181 26.11 33.34 40.51
CA TRP C 181 25.34 33.78 41.67
C TRP C 181 24.65 32.58 42.28
N GLY C 182 23.96 32.79 43.39
CA GLY C 182 23.20 31.74 44.01
C GLY C 182 21.86 32.18 44.56
N VAL C 183 21.03 31.19 44.90
CA VAL C 183 19.74 31.43 45.51
C VAL C 183 19.58 30.52 46.71
N HIS C 184 19.36 31.13 47.87
CA HIS C 184 19.21 30.35 49.09
C HIS C 184 17.76 29.92 49.31
N HIS C 185 17.61 28.66 49.72
CA HIS C 185 16.31 28.07 49.95
C HIS C 185 16.26 27.54 51.38
N PRO C 186 15.79 28.37 52.33
CA PRO C 186 15.68 27.99 53.74
C PRO C 186 14.71 26.83 53.95
N PRO C 187 14.83 26.14 55.08
CA PRO C 187 13.98 24.99 55.42
C PRO C 187 12.60 25.31 55.96
N THR C 188 12.37 26.53 56.46
CA THR C 188 11.08 26.83 57.02
C THR C 188 10.73 28.25 56.62
N GLY C 189 9.44 28.56 56.68
CA GLY C 189 8.98 29.89 56.39
C GLY C 189 9.50 30.77 57.49
N THR C 190 9.64 30.18 58.67
CA THR C 190 10.19 30.89 59.80
C THR C 190 11.65 31.29 59.54
N ASP C 191 12.50 30.40 59.03
CA ASP C 191 13.87 30.82 58.74
C ASP C 191 13.98 31.80 57.56
N GLN C 192 13.14 31.60 56.55
CA GLN C 192 13.01 32.57 55.45
C GLN C 192 12.73 33.98 55.89
N GLN C 193 11.69 34.06 56.69
CA GLN C 193 11.24 35.29 57.30
C GLN C 193 12.31 35.88 58.20
N SER C 194 12.95 35.03 59.01
N SER C 194 12.94 35.03 59.01
CA SER C 194 13.97 35.48 59.94
CA SER C 194 13.98 35.45 59.95
C SER C 194 15.18 36.08 59.22
C SER C 194 15.21 36.04 59.26
N LEU C 195 15.56 35.50 58.09
CA LEU C 195 16.73 35.98 57.36
C LEU C 195 16.47 37.17 56.45
N TYR C 196 15.34 37.16 55.76
CA TYR C 196 15.15 38.05 54.61
C TYR C 196 13.95 38.99 54.78
N GLN C 197 13.22 38.77 55.87
CA GLN C 197 12.03 39.55 56.25
C GLN C 197 10.83 39.27 55.36
N ASN C 198 11.05 39.19 54.05
CA ASN C 198 9.95 39.05 53.12
C ASN C 198 9.53 37.60 52.87
N ALA C 199 8.31 37.25 53.23
CA ALA C 199 7.81 35.89 53.04
C ALA C 199 7.67 35.57 51.54
N ASP C 200 7.40 36.63 50.79
CA ASP C 200 7.05 36.61 49.37
C ASP C 200 8.20 37.04 48.47
N ALA C 201 9.43 36.68 48.84
CA ALA C 201 10.59 37.22 48.16
C ALA C 201 10.79 36.49 46.83
N TYR C 202 11.48 37.14 45.91
CA TYR C 202 11.96 36.50 44.69
C TYR C 202 13.31 37.05 44.28
N VAL C 203 13.96 36.37 43.33
CA VAL C 203 15.17 36.90 42.72
C VAL C 203 14.98 36.88 41.21
N SER C 204 15.28 37.99 40.55
CA SER C 204 15.24 38.05 39.10
C SER C 204 16.58 38.46 38.53
N VAL C 205 16.99 37.78 37.47
CA VAL C 205 18.25 38.08 36.82
C VAL C 205 18.03 38.16 35.32
N GLY C 206 18.49 39.22 34.68
CA GLY C 206 18.31 39.31 33.24
C GLY C 206 19.43 40.01 32.50
N SER C 207 19.73 39.52 31.30
CA SER C 207 20.58 40.23 30.34
C SER C 207 19.84 40.29 29.03
N SER C 208 20.54 40.65 27.96
CA SER C 208 19.87 40.67 26.68
C SER C 208 19.48 39.27 26.25
N LYS C 209 20.22 38.27 26.73
CA LYS C 209 19.96 36.93 26.27
C LYS C 209 19.51 36.01 27.40
N TYR C 210 19.82 36.40 28.64
CA TYR C 210 19.48 35.56 29.77
C TYR C 210 18.26 36.17 30.46
N ASN C 211 17.35 35.35 30.97
CA ASN C 211 16.19 35.91 31.66
C ASN C 211 15.52 34.90 32.56
N ARG C 212 15.51 35.17 33.87
CA ARG C 212 14.92 34.22 34.79
C ARG C 212 14.40 34.81 36.11
N ARG C 213 13.28 34.25 36.57
CA ARG C 213 12.67 34.59 37.84
C ARG C 213 12.78 33.35 38.73
N PHE C 214 13.15 33.58 39.98
CA PHE C 214 13.42 32.57 40.99
C PHE C 214 12.55 32.84 42.19
N THR C 215 11.91 31.77 42.68
N THR C 215 11.95 31.79 42.73
CA THR C 215 11.11 31.83 43.88
CA THR C 215 11.14 31.93 43.92
C THR C 215 11.75 30.92 44.93
C THR C 215 11.56 30.89 44.93
N PRO C 216 11.62 31.29 46.21
CA PRO C 216 12.15 30.50 47.33
C PRO C 216 11.45 29.17 47.45
N GLU C 217 12.27 28.17 47.75
CA GLU C 217 11.80 26.83 47.98
C GLU C 217 11.93 26.40 49.42
N ILE C 218 10.82 26.45 50.14
CA ILE C 218 10.93 26.17 51.55
C ILE C 218 10.56 24.72 51.84
N ALA C 219 11.51 23.90 52.27
CA ALA C 219 11.16 22.52 52.49
C ALA C 219 11.94 21.89 53.63
N ALA C 220 11.28 21.14 54.50
CA ALA C 220 12.00 20.32 55.46
C ALA C 220 12.71 19.27 54.60
N ARG C 221 13.98 18.99 54.86
CA ARG C 221 14.75 18.06 54.04
C ARG C 221 15.99 17.74 54.87
N PRO C 222 16.70 16.64 54.53
CA PRO C 222 17.73 16.40 55.54
C PRO C 222 18.93 17.33 55.46
N LYS C 223 19.66 17.35 56.57
CA LYS C 223 20.86 18.17 56.70
C LYS C 223 22.06 17.57 56.01
N VAL C 224 22.75 18.45 55.29
CA VAL C 224 24.04 18.15 54.71
C VAL C 224 25.04 19.19 55.19
N ARG C 225 26.17 18.73 55.71
CA ARG C 225 27.15 19.61 56.34
C ARG C 225 26.49 20.54 57.36
N ASP C 226 25.55 19.97 58.12
CA ASP C 226 24.81 20.65 59.18
C ASP C 226 23.63 21.50 58.73
N GLN C 227 23.40 21.62 57.42
CA GLN C 227 22.39 22.56 56.96
C GLN C 227 21.24 21.85 56.29
N ALA C 228 20.03 22.11 56.75
CA ALA C 228 18.81 21.63 56.11
C ALA C 228 18.40 22.54 54.97
N GLY C 229 18.95 23.74 54.94
CA GLY C 229 18.77 24.66 53.83
C GLY C 229 19.54 24.17 52.61
N ARG C 230 19.22 24.75 51.47
CA ARG C 230 19.97 24.48 50.24
C ARG C 230 20.24 25.79 49.52
N MET C 231 21.32 25.79 48.76
CA MET C 231 21.62 26.90 47.87
C MET C 231 21.80 26.35 46.49
N ASN C 232 21.12 26.96 45.54
CA ASN C 232 21.34 26.64 44.13
C ASN C 232 22.28 27.64 43.49
N TYR C 233 23.13 27.16 42.60
CA TYR C 233 24.12 28.02 41.96
C TYR C 233 23.83 28.14 40.48
N TYR C 234 24.02 29.34 39.95
CA TYR C 234 23.66 29.64 38.59
C TYR C 234 24.83 30.43 38.00
N TRP C 235 24.92 30.47 36.68
CA TRP C 235 25.98 31.22 36.00
C TRP C 235 25.50 31.69 34.64
N THR C 236 26.16 32.71 34.11
CA THR C 236 25.95 33.10 32.72
C THR C 236 27.19 33.75 32.10
N LEU C 237 27.25 33.72 30.77
CA LEU C 237 28.30 34.44 30.06
C LEU C 237 27.70 35.71 29.51
N LEU C 238 28.15 36.84 30.04
CA LEU C 238 27.71 38.16 29.60
C LEU C 238 28.59 38.66 28.46
N GLU C 239 27.99 38.86 27.28
CA GLU C 239 28.76 39.24 26.11
C GLU C 239 29.24 40.67 26.26
N PRO C 240 30.31 41.04 25.53
CA PRO C 240 30.82 42.42 25.58
C PRO C 240 29.72 43.44 25.27
N GLY C 241 29.70 44.52 26.03
CA GLY C 241 28.75 45.58 25.80
C GLY C 241 27.38 45.33 26.39
N ASP C 242 27.11 44.10 26.83
CA ASP C 242 25.79 43.81 27.35
C ASP C 242 25.69 44.05 28.85
N THR C 243 24.47 44.07 29.36
CA THR C 243 24.22 44.41 30.75
C THR C 243 23.48 43.28 31.46
N ILE C 244 23.83 43.04 32.71
CA ILE C 244 23.12 42.08 33.53
C ILE C 244 22.49 42.81 34.71
N THR C 245 21.25 42.47 35.04
CA THR C 245 20.53 43.18 36.06
C THR C 245 19.96 42.19 37.07
N PHE C 246 20.25 42.44 38.34
CA PHE C 246 19.78 41.66 39.46
C PHE C 246 18.76 42.44 40.24
N GLU C 247 17.62 41.84 40.49
CA GLU C 247 16.61 42.46 41.34
C GLU C 247 16.16 41.44 42.37
N ALA C 248 16.03 41.84 43.64
CA ALA C 248 15.62 40.84 44.62
C ALA C 248 14.96 41.44 45.85
N THR C 249 14.02 40.67 46.41
CA THR C 249 13.43 41.02 47.69
C THR C 249 13.79 39.97 48.72
N GLY C 250 14.73 39.08 48.37
CA GLY C 250 15.33 38.19 49.33
C GLY C 250 16.08 37.07 48.65
N ASN C 251 16.79 36.25 49.43
CA ASN C 251 17.29 34.95 48.96
C ASN C 251 18.42 35.01 47.92
N LEU C 252 18.84 36.22 47.57
CA LEU C 252 19.91 36.39 46.60
C LEU C 252 21.28 36.20 47.23
N ILE C 253 22.06 35.29 46.68
CA ILE C 253 23.48 35.22 46.96
C ILE C 253 24.16 35.99 45.84
N ALA C 254 24.56 37.22 46.15
CA ALA C 254 25.01 38.16 45.13
C ALA C 254 26.39 37.82 44.58
N PRO C 255 26.61 38.14 43.30
CA PRO C 255 27.97 38.17 42.75
C PRO C 255 28.84 39.13 43.54
N TRP C 256 30.09 38.76 43.77
CA TRP C 256 31.06 39.66 44.38
C TRP C 256 32.20 39.84 43.39
N TYR C 257 32.83 38.73 43.02
CA TYR C 257 33.82 38.71 41.95
C TYR C 257 33.34 37.90 40.74
N ALA C 258 33.74 38.34 39.55
CA ALA C 258 33.41 37.61 38.31
C ALA C 258 34.67 37.48 37.46
N PHE C 259 34.54 36.86 36.29
CA PHE C 259 35.73 36.54 35.51
C PHE C 259 35.56 36.94 34.04
N ALA C 260 36.37 37.85 33.49
CA ALA C 260 36.26 38.08 32.04
C ALA C 260 37.06 37.07 31.18
N LEU C 261 36.38 36.33 30.31
CA LEU C 261 37.00 35.18 29.61
C LEU C 261 37.43 35.35 28.13
N ASN C 262 38.57 34.78 27.78
CA ASN C 262 38.96 34.63 26.38
C ASN C 262 38.84 33.15 26.00
N ARG C 263 38.03 32.89 24.99
CA ARG C 263 37.69 31.55 24.51
C ARG C 263 38.65 30.81 23.57
N GLY C 264 38.79 29.49 23.74
CA GLY C 264 39.59 28.68 22.81
C GLY C 264 39.16 27.21 22.76
N SER C 265 39.23 26.64 21.56
CA SER C 265 38.72 25.29 21.27
C SER C 265 39.48 23.98 21.48
N GLY C 266 38.68 22.90 21.60
CA GLY C 266 39.17 21.53 21.54
C GLY C 266 39.96 20.92 22.68
N SER C 267 39.84 21.51 23.85
CA SER C 267 40.44 21.07 25.10
C SER C 267 39.45 20.31 25.93
N GLY C 268 39.89 19.98 27.14
CA GLY C 268 39.05 19.28 28.08
C GLY C 268 39.76 18.95 29.38
N ILE C 269 39.06 18.23 30.24
CA ILE C 269 39.56 17.90 31.57
C ILE C 269 39.89 16.45 31.82
N ILE C 270 41.09 16.26 32.36
CA ILE C 270 41.53 14.94 32.80
C ILE C 270 41.87 14.91 34.27
N THR C 271 41.80 13.69 34.81
CA THR C 271 42.15 13.33 36.16
C THR C 271 43.42 12.50 36.26
N SER C 272 44.43 13.06 36.92
CA SER C 272 45.73 12.43 37.04
C SER C 272 46.39 12.89 38.33
N ASP C 273 47.11 11.98 38.95
CA ASP C 273 47.88 12.32 40.14
C ASP C 273 49.34 12.49 39.79
N ALA C 274 49.65 12.48 38.50
CA ALA C 274 51.03 12.64 38.09
C ALA C 274 51.43 14.08 38.30
N PRO C 275 52.72 14.32 38.59
CA PRO C 275 53.15 15.69 38.86
C PRO C 275 53.23 16.52 37.59
N VAL C 276 52.87 17.81 37.71
CA VAL C 276 53.05 18.71 36.61
C VAL C 276 54.51 19.15 36.64
N HIS C 277 55.16 19.15 35.49
CA HIS C 277 56.54 19.58 35.40
C HIS C 277 56.65 20.56 34.25
N ASP C 278 57.77 21.26 34.07
CA ASP C 278 57.67 22.22 33.01
C ASP C 278 58.32 21.55 31.83
N CYS C 279 57.47 20.84 31.11
CA CYS C 279 57.81 20.11 29.91
C CYS C 279 56.95 20.58 28.77
N ASN C 280 57.28 20.20 27.55
CA ASN C 280 56.38 20.55 26.47
C ASN C 280 56.01 19.24 25.77
N THR C 281 54.78 19.07 25.30
CA THR C 281 54.42 17.85 24.60
C THR C 281 53.44 18.10 23.46
N LYS C 282 53.31 17.14 22.54
CA LYS C 282 52.28 17.26 21.52
C LYS C 282 51.06 16.44 21.98
N CYS C 283 51.29 15.52 22.92
CA CYS C 283 50.27 14.55 23.33
C CYS C 283 50.27 14.24 24.82
N GLN C 284 49.15 14.49 25.50
CA GLN C 284 49.08 14.23 26.93
C GLN C 284 48.03 13.14 27.23
N THR C 285 48.42 12.16 28.05
CA THR C 285 47.47 11.24 28.65
C THR C 285 47.48 11.32 30.18
N PRO C 286 46.45 10.75 30.84
CA PRO C 286 46.42 10.76 32.31
C PRO C 286 47.57 10.05 33.00
N HIS C 287 48.25 9.14 32.29
CA HIS C 287 49.36 8.42 32.89
C HIS C 287 50.66 9.18 32.75
N GLY C 288 50.70 10.10 31.78
CA GLY C 288 51.92 10.78 31.43
C GLY C 288 51.82 11.22 29.99
N ALA C 289 52.77 12.04 29.55
CA ALA C 289 52.71 12.59 28.21
C ALA C 289 53.35 11.64 27.20
N ILE C 290 52.87 11.71 25.96
CA ILE C 290 53.45 10.94 24.87
C ILE C 290 54.06 11.94 23.90
N ASN C 291 55.27 11.67 23.43
CA ASN C 291 55.82 12.51 22.39
C ASN C 291 56.20 11.60 21.24
N SER C 292 55.36 11.54 20.22
CA SER C 292 55.54 10.51 19.21
C SER C 292 54.82 10.78 17.90
N SER C 293 55.48 10.36 16.83
CA SER C 293 54.97 10.43 15.47
C SER C 293 54.45 9.07 15.02
N LEU C 294 54.44 8.11 15.94
CA LEU C 294 53.92 6.78 15.62
C LEU C 294 52.41 6.81 15.45
N PRO C 295 51.90 5.97 14.55
CA PRO C 295 50.46 5.95 14.29
C PRO C 295 49.61 5.40 15.42
N PHE C 296 50.15 4.51 16.24
CA PHE C 296 49.34 3.86 17.26
C PHE C 296 49.92 3.96 18.67
N GLN C 297 49.06 3.90 19.68
CA GLN C 297 49.52 3.80 21.07
C GLN C 297 48.58 2.97 21.92
N ASN C 298 49.12 2.35 22.97
CA ASN C 298 48.33 1.53 23.89
C ASN C 298 48.31 2.05 25.34
N ILE C 299 48.63 3.32 25.54
CA ILE C 299 48.65 3.91 26.88
C ILE C 299 47.28 4.28 27.45
N HIS C 300 46.43 4.94 26.68
CA HIS C 300 45.13 5.35 27.21
C HIS C 300 44.21 5.84 26.10
N PRO C 301 42.92 5.45 26.17
CA PRO C 301 41.91 5.89 25.21
C PRO C 301 41.56 7.35 25.34
N VAL C 302 41.71 7.88 26.55
CA VAL C 302 41.45 9.29 26.84
C VAL C 302 42.73 10.08 26.63
N THR C 303 42.66 11.08 25.76
CA THR C 303 43.83 11.83 25.38
C THR C 303 43.47 13.30 25.21
N ILE C 304 44.50 14.13 25.19
CA ILE C 304 44.35 15.56 25.02
C ILE C 304 45.56 15.98 24.19
N GLY C 305 45.32 16.86 23.21
CA GLY C 305 46.40 17.27 22.34
C GLY C 305 46.52 16.45 21.08
N GLU C 306 47.75 16.22 20.65
CA GLU C 306 47.96 15.59 19.36
C GLU C 306 48.63 14.26 19.53
N CYS C 307 47.82 13.21 19.37
CA CYS C 307 48.24 11.88 19.79
C CYS C 307 48.09 10.84 18.70
N PRO C 308 48.74 9.68 18.89
CA PRO C 308 48.53 8.55 18.00
C PRO C 308 47.13 8.01 18.22
N LYS C 309 46.60 7.28 17.24
CA LYS C 309 45.28 6.70 17.40
C LYS C 309 45.47 5.51 18.36
N TYR C 310 44.61 5.42 19.36
CA TYR C 310 44.67 4.33 20.35
C TYR C 310 44.17 2.98 19.87
N VAL C 311 44.98 1.96 20.12
CA VAL C 311 44.65 0.55 19.84
C VAL C 311 45.04 -0.36 21.00
N ARG C 312 44.47 -1.57 21.03
CA ARG C 312 44.78 -2.53 22.08
C ARG C 312 46.02 -3.39 21.85
N SER C 313 46.65 -3.27 20.68
CA SER C 313 47.78 -4.14 20.38
C SER C 313 48.86 -3.96 21.44
N THR C 314 49.58 -5.04 21.72
CA THR C 314 50.74 -4.92 22.60
C THR C 314 52.01 -4.86 21.77
N LYS C 315 51.89 -5.17 20.48
CA LYS C 315 52.99 -4.95 19.55
C LYS C 315 52.57 -4.85 18.09
N LEU C 316 53.21 -3.92 17.38
CA LEU C 316 52.95 -3.70 15.96
C LEU C 316 54.32 -3.37 15.38
N ARG C 317 54.95 -4.35 14.78
CA ARG C 317 56.30 -4.20 14.24
C ARG C 317 56.31 -4.60 12.78
N MET C 318 56.67 -3.65 11.92
CA MET C 318 56.76 -3.92 10.49
C MET C 318 58.15 -4.38 10.10
N ALA C 319 58.21 -5.46 9.32
CA ALA C 319 59.47 -5.85 8.69
C ALA C 319 59.87 -4.78 7.68
N THR C 320 61.16 -4.49 7.63
CA THR C 320 61.72 -3.63 6.60
C THR C 320 62.77 -4.40 5.81
N GLY C 321 63.64 -5.11 6.52
CA GLY C 321 64.63 -5.96 5.90
C GLY C 321 64.11 -7.37 5.70
N LEU C 322 65.00 -8.33 5.52
CA LEU C 322 64.55 -9.66 5.14
C LEU C 322 64.67 -10.69 6.27
N ARG C 323 64.21 -11.91 5.98
CA ARG C 323 64.29 -13.04 6.89
C ARG C 323 65.74 -13.32 7.27
N ASN C 324 66.04 -13.42 8.56
CA ASN C 324 67.42 -13.58 9.00
C ASN C 324 67.85 -15.03 9.15
N ILE C 325 68.71 -15.46 8.23
CA ILE C 325 69.20 -16.84 8.15
C ILE C 325 70.74 -16.79 8.12
N PRO C 326 71.39 -16.54 9.27
CA PRO C 326 72.86 -16.45 9.31
C PRO C 326 73.62 -17.76 9.12
N SER C 327 73.10 -18.88 9.61
CA SER C 327 73.76 -20.20 9.53
C SER C 327 75.29 -20.15 9.50
N GLY D 1 59.33 -19.21 0.55
CA GLY D 1 58.73 -17.97 0.09
C GLY D 1 58.08 -18.13 -1.27
N LEU D 2 57.33 -17.10 -1.69
CA LEU D 2 56.55 -17.18 -2.92
C LEU D 2 57.46 -17.38 -4.12
N PHE D 3 58.65 -16.82 -4.05
CA PHE D 3 59.54 -16.81 -5.21
C PHE D 3 60.66 -17.85 -5.08
N GLY D 4 60.65 -18.57 -3.95
CA GLY D 4 61.44 -19.78 -3.85
C GLY D 4 62.92 -19.64 -3.59
N ALA D 5 63.42 -18.42 -3.41
CA ALA D 5 64.86 -18.23 -3.26
C ALA D 5 65.30 -18.14 -1.81
N ILE D 6 64.89 -17.08 -1.10
CA ILE D 6 65.25 -16.92 0.30
C ILE D 6 64.58 -18.02 1.13
N ALA D 7 65.38 -18.73 1.94
CA ALA D 7 64.91 -19.90 2.70
C ALA D 7 64.37 -20.95 1.73
N GLY D 8 64.87 -20.88 0.50
CA GLY D 8 64.40 -21.68 -0.62
C GLY D 8 65.59 -22.44 -1.16
N PHE D 9 65.83 -22.34 -2.47
CA PHE D 9 66.93 -23.07 -3.08
C PHE D 9 68.27 -22.47 -2.64
N ILE D 10 68.21 -21.27 -2.06
CA ILE D 10 69.36 -20.69 -1.38
C ILE D 10 69.06 -20.69 0.12
N GLU D 11 69.62 -21.65 0.84
CA GLU D 11 69.12 -22.03 2.15
C GLU D 11 69.31 -20.91 3.17
N GLY D 12 70.42 -20.17 3.03
CA GLY D 12 70.78 -19.15 3.99
C GLY D 12 71.45 -17.88 3.48
N GLY D 13 71.61 -16.93 4.40
CA GLY D 13 72.14 -15.61 4.17
C GLY D 13 73.63 -15.51 4.47
N TRP D 14 74.22 -14.35 4.20
CA TRP D 14 75.66 -14.16 4.32
C TRP D 14 75.94 -13.08 5.34
N THR D 15 76.41 -13.50 6.51
CA THR D 15 76.84 -12.59 7.56
C THR D 15 78.10 -11.81 7.20
N GLY D 16 78.82 -12.27 6.18
CA GLY D 16 80.00 -11.57 5.73
C GLY D 16 79.81 -10.37 4.81
N MET D 17 78.61 -10.19 4.27
CA MET D 17 78.31 -8.99 3.49
C MET D 17 77.59 -7.89 4.25
N ILE D 18 78.36 -6.97 4.81
CA ILE D 18 77.83 -6.02 5.79
C ILE D 18 77.35 -4.72 5.14
N ASP D 19 77.70 -4.52 3.88
CA ASP D 19 77.47 -3.24 3.20
C ASP D 19 76.31 -3.22 2.20
N GLY D 20 75.45 -4.22 2.23
CA GLY D 20 74.27 -4.22 1.38
C GLY D 20 73.29 -5.35 1.67
N TRP D 21 72.07 -5.25 1.15
CA TRP D 21 71.08 -6.30 1.35
C TRP D 21 71.33 -7.49 0.43
N TYR D 22 71.76 -7.20 -0.80
CA TYR D 22 72.02 -8.24 -1.79
C TYR D 22 73.36 -8.02 -2.44
N GLY D 23 73.95 -9.09 -2.96
CA GLY D 23 75.24 -9.00 -3.60
C GLY D 23 75.86 -10.35 -3.90
N TYR D 24 77.19 -10.35 -3.99
CA TYR D 24 77.92 -11.42 -4.64
C TYR D 24 79.10 -11.84 -3.78
N HIS D 25 79.40 -13.14 -3.79
CA HIS D 25 80.67 -13.60 -3.25
C HIS D 25 81.41 -14.35 -4.35
N HIS D 26 82.67 -13.98 -4.55
CA HIS D 26 83.47 -14.61 -5.59
C HIS D 26 84.78 -15.19 -5.05
N GLN D 27 85.29 -16.17 -5.79
CA GLN D 27 86.60 -16.75 -5.53
C GLN D 27 87.26 -16.97 -6.88
N ASN D 28 88.45 -16.42 -7.03
CA ASN D 28 89.26 -16.61 -8.23
C ASN D 28 90.74 -16.58 -7.92
N GLU D 29 91.56 -16.66 -8.96
CA GLU D 29 93.00 -16.76 -8.80
C GLU D 29 93.61 -15.57 -8.04
N GLN D 30 93.04 -14.38 -8.19
CA GLN D 30 93.58 -13.18 -7.54
C GLN D 30 93.22 -13.09 -6.05
N GLY D 31 92.19 -13.81 -5.63
CA GLY D 31 91.73 -13.77 -4.26
C GLY D 31 90.22 -14.00 -4.14
N SER D 32 89.65 -13.64 -3.00
CA SER D 32 88.27 -14.00 -2.68
C SER D 32 87.61 -12.82 -2.00
N GLY D 33 86.29 -12.67 -2.18
CA GLY D 33 85.58 -11.62 -1.47
C GLY D 33 84.10 -11.37 -1.77
N TYR D 34 83.48 -10.59 -0.89
CA TYR D 34 82.09 -10.17 -1.04
C TYR D 34 82.00 -8.75 -1.59
N ALA D 35 80.92 -8.48 -2.31
CA ALA D 35 80.63 -7.14 -2.79
C ALA D 35 79.12 -7.03 -2.90
N ALA D 36 78.55 -5.99 -2.29
CA ALA D 36 77.11 -5.76 -2.38
C ALA D 36 76.69 -5.34 -3.78
N ASP D 37 75.51 -5.77 -4.21
CA ASP D 37 74.92 -5.23 -5.43
C ASP D 37 74.23 -3.94 -5.01
N GLN D 38 74.79 -2.82 -5.46
CA GLN D 38 74.33 -1.52 -5.01
C GLN D 38 72.94 -1.11 -5.51
N LYS D 39 72.65 -1.41 -6.78
CA LYS D 39 71.41 -0.98 -7.41
C LYS D 39 70.16 -1.62 -6.82
N SER D 40 70.14 -2.94 -6.74
N SER D 40 70.15 -2.93 -6.69
CA SER D 40 68.99 -3.66 -6.20
CA SER D 40 68.99 -3.64 -6.18
C SER D 40 68.79 -3.33 -4.73
C SER D 40 68.78 -3.35 -4.71
N THR D 41 69.88 -3.30 -3.97
CA THR D 41 69.85 -2.97 -2.56
C THR D 41 69.25 -1.58 -2.34
N GLN D 42 69.71 -0.61 -3.14
CA GLN D 42 69.25 0.76 -2.96
C GLN D 42 67.80 0.91 -3.38
N ASN D 43 67.41 0.22 -4.46
CA ASN D 43 66.03 0.22 -4.89
C ASN D 43 65.09 -0.35 -3.83
N ALA D 44 65.54 -1.44 -3.20
CA ALA D 44 64.75 -2.06 -2.15
C ALA D 44 64.66 -1.18 -0.93
N ILE D 45 65.76 -0.50 -0.60
CA ILE D 45 65.78 0.38 0.57
C ILE D 45 64.82 1.54 0.34
N ASP D 46 64.84 2.08 -0.86
CA ASP D 46 64.01 3.23 -1.19
C ASP D 46 62.55 2.82 -1.17
N GLY D 47 62.26 1.67 -1.78
CA GLY D 47 60.90 1.14 -1.79
C GLY D 47 60.33 0.90 -0.40
N ILE D 48 61.11 0.23 0.46
CA ILE D 48 60.64 -0.15 1.77
C ILE D 48 60.51 1.09 2.67
N THR D 49 61.39 2.06 2.42
CA THR D 49 61.39 3.28 3.21
C THR D 49 60.14 4.03 2.82
N ASN D 50 59.80 3.94 1.55
CA ASN D 50 58.62 4.63 1.05
C ASN D 50 57.40 3.94 1.66
N LYS D 51 57.46 2.62 1.83
CA LYS D 51 56.32 1.89 2.41
C LYS D 51 56.06 2.30 3.85
N VAL D 52 57.13 2.34 4.65
CA VAL D 52 57.02 2.67 6.07
C VAL D 52 56.54 4.11 6.20
N ASN D 53 57.18 4.99 5.43
CA ASN D 53 56.82 6.40 5.45
C ASN D 53 55.37 6.58 5.04
N SER D 54 54.89 5.75 4.11
CA SER D 54 53.53 5.90 3.63
C SER D 54 52.56 5.41 4.69
N VAL D 55 52.93 4.36 5.43
CA VAL D 55 52.07 3.93 6.53
C VAL D 55 51.96 5.02 7.59
N ILE D 56 53.09 5.62 7.98
CA ILE D 56 53.08 6.65 9.04
C ILE D 56 52.40 7.97 8.61
N GLU D 57 52.64 8.36 7.37
CA GLU D 57 52.21 9.61 6.73
C GLU D 57 50.69 9.78 6.63
N LYS D 58 49.97 8.67 6.55
CA LYS D 58 48.52 8.65 6.37
C LYS D 58 47.77 8.89 7.66
N MET D 59 48.50 9.08 8.75
CA MET D 59 47.85 9.35 10.02
C MET D 59 48.11 10.80 10.21
N ASN D 60 47.19 11.54 9.58
CA ASN D 60 47.06 12.96 9.70
C ASN D 60 46.93 13.10 11.18
N THR D 61 47.54 14.11 11.76
CA THR D 61 47.53 14.12 13.18
C THR D 61 46.13 14.28 13.71
N GLN D 62 46.02 13.88 14.95
CA GLN D 62 44.85 13.93 15.78
C GLN D 62 45.08 15.31 16.30
N PHE D 63 44.16 16.22 16.09
CA PHE D 63 44.41 17.52 16.66
C PHE D 63 43.92 17.41 18.08
N THR D 64 44.00 18.48 18.86
CA THR D 64 43.63 18.33 20.25
C THR D 64 42.23 17.65 20.23
N ALA D 65 42.11 16.51 20.90
CA ALA D 65 40.85 15.74 20.93
C ALA D 65 40.67 15.13 22.31
N VAL D 66 39.54 15.35 22.97
CA VAL D 66 39.39 14.93 24.37
C VAL D 66 38.17 14.06 24.75
N GLY D 67 38.22 13.51 25.96
CA GLY D 67 37.07 12.84 26.58
C GLY D 67 36.03 13.86 27.04
N LYS D 68 34.76 13.48 26.94
CA LYS D 68 33.58 14.20 27.47
C LYS D 68 33.06 13.84 28.88
N GLU D 69 32.49 14.82 29.60
CA GLU D 69 31.92 14.53 30.92
C GLU D 69 30.40 14.61 30.94
N PHE D 70 29.76 13.84 31.82
CA PHE D 70 28.30 13.76 31.89
C PHE D 70 27.68 13.69 33.30
N ASN D 71 26.52 14.33 33.48
CA ASN D 71 25.80 14.26 34.75
C ASN D 71 24.98 12.97 34.91
N ASN D 72 24.33 12.78 36.05
N ASN D 72 24.31 12.82 36.06
CA ASN D 72 23.69 11.50 36.35
CA ASN D 72 23.67 11.55 36.42
C ASN D 72 22.49 11.16 35.47
C ASN D 72 22.37 11.22 35.66
N LEU D 73 21.86 12.17 34.89
CA LEU D 73 20.69 11.95 34.05
C LEU D 73 21.10 11.92 32.59
N GLU D 74 22.40 11.74 32.34
CA GLU D 74 22.95 11.67 30.99
C GLU D 74 23.65 10.35 30.65
N ARG D 75 23.24 9.26 31.30
CA ARG D 75 23.84 7.95 31.05
C ARG D 75 23.76 7.51 29.59
N ARG D 76 22.68 7.87 28.91
CA ARG D 76 22.52 7.44 27.53
C ARG D 76 23.54 8.08 26.59
N ILE D 77 23.74 9.39 26.72
N ILE D 77 23.77 9.38 26.75
CA ILE D 77 24.71 10.08 25.88
CA ILE D 77 24.72 10.07 25.89
C ILE D 77 26.15 9.68 26.25
C ILE D 77 26.16 9.72 26.25
N GLU D 78 26.39 9.45 27.54
CA GLU D 78 27.69 8.97 28.01
C GLU D 78 28.01 7.64 27.35
N ASN D 79 26.99 6.79 27.28
CA ASN D 79 27.11 5.47 26.69
C ASN D 79 27.28 5.56 25.20
N LEU D 80 26.64 6.55 24.57
CA LEU D 80 26.85 6.80 23.14
C LEU D 80 28.30 7.15 22.91
N ASN D 81 28.84 7.97 23.81
CA ASN D 81 30.23 8.37 23.72
C ASN D 81 31.18 7.18 23.86
N LYS D 82 30.85 6.31 24.80
CA LYS D 82 31.64 5.12 25.05
C LYS D 82 31.57 4.15 23.89
N LYS D 83 30.39 4.05 23.28
CA LYS D 83 30.17 3.21 22.12
C LYS D 83 31.02 3.70 20.97
N VAL D 84 31.10 5.02 20.82
CA VAL D 84 31.89 5.61 19.75
C VAL D 84 33.38 5.31 19.97
N ASP D 85 33.85 5.55 21.19
CA ASP D 85 35.29 5.38 21.48
C ASP D 85 35.74 3.92 21.36
N ASP D 86 34.95 3.03 21.94
CA ASP D 86 35.16 1.59 21.84
C ASP D 86 35.08 1.08 20.39
N GLY D 87 34.15 1.61 19.61
CA GLY D 87 33.95 1.19 18.23
C GLY D 87 35.16 1.57 17.38
N PHE D 88 35.63 2.79 17.61
CA PHE D 88 36.80 3.28 16.91
C PHE D 88 38.00 2.44 17.35
N LEU D 89 38.05 2.10 18.63
CA LEU D 89 39.12 1.25 19.10
C LEU D 89 39.14 -0.14 18.47
N ASP D 90 37.95 -0.71 18.24
CA ASP D 90 37.85 -2.01 17.59
C ASP D 90 38.35 -1.94 16.16
N ILE D 91 37.93 -0.88 15.47
CA ILE D 91 38.30 -0.74 14.07
C ILE D 91 39.78 -0.51 13.88
N TRP D 92 40.34 0.39 14.68
CA TRP D 92 41.74 0.68 14.53
C TRP D 92 42.64 -0.44 15.02
N THR D 93 42.26 -1.13 16.09
CA THR D 93 43.08 -2.26 16.48
C THR D 93 43.09 -3.41 15.47
N TYR D 94 41.90 -3.80 15.00
CA TYR D 94 41.84 -4.84 13.97
C TYR D 94 42.63 -4.43 12.72
N ASN D 95 42.42 -3.20 12.25
CA ASN D 95 43.04 -2.79 11.01
C ASN D 95 44.54 -2.71 11.18
N ALA D 96 45.01 -2.22 12.32
CA ALA D 96 46.45 -2.09 12.49
C ALA D 96 47.10 -3.46 12.54
N GLU D 97 46.52 -4.39 13.30
CA GLU D 97 47.15 -5.70 13.41
C GLU D 97 47.16 -6.44 12.09
N LEU D 98 46.03 -6.39 11.38
CA LEU D 98 45.89 -7.17 10.17
C LEU D 98 46.78 -6.56 9.08
N LEU D 99 46.81 -5.23 9.03
CA LEU D 99 47.59 -4.50 8.03
C LEU D 99 49.06 -4.81 8.21
N VAL D 100 49.51 -4.83 9.47
CA VAL D 100 50.90 -5.13 9.75
C VAL D 100 51.24 -6.57 9.36
N LEU D 101 50.30 -7.47 9.62
CA LEU D 101 50.50 -8.86 9.23
C LEU D 101 50.71 -9.01 7.69
N LEU D 102 49.78 -8.42 6.94
CA LEU D 102 49.74 -8.61 5.49
C LEU D 102 50.95 -7.91 4.85
N GLU D 103 51.27 -6.73 5.36
CA GLU D 103 52.36 -5.96 4.78
C GLU D 103 53.70 -6.60 5.12
N ASN D 104 53.80 -7.23 6.29
CA ASN D 104 55.03 -7.95 6.61
C ASN D 104 55.24 -9.09 5.62
N GLU D 105 54.15 -9.82 5.36
CA GLU D 105 54.24 -10.89 4.36
C GLU D 105 54.72 -10.31 3.04
N ARG D 106 54.10 -9.21 2.61
CA ARG D 106 54.48 -8.60 1.33
C ARG D 106 55.95 -8.18 1.29
N THR D 107 56.47 -7.68 2.40
CA THR D 107 57.84 -7.18 2.42
C THR D 107 58.80 -8.35 2.26
N LEU D 108 58.60 -9.38 3.09
CA LEU D 108 59.43 -10.58 2.93
C LEU D 108 59.37 -11.14 1.49
N ASP D 109 58.18 -11.11 0.90
CA ASP D 109 58.03 -11.67 -0.44
C ASP D 109 58.76 -10.79 -1.46
N PHE D 110 58.79 -9.49 -1.19
CA PHE D 110 59.45 -8.51 -2.04
C PHE D 110 60.94 -8.81 -2.05
N HIS D 111 61.51 -9.06 -0.88
CA HIS D 111 62.92 -9.45 -0.81
C HIS D 111 63.19 -10.75 -1.58
N ASP D 112 62.31 -11.74 -1.41
CA ASP D 112 62.49 -13.02 -2.10
C ASP D 112 62.52 -12.81 -3.63
N SER D 113 61.60 -11.95 -4.10
CA SER D 113 61.53 -11.60 -5.51
C SER D 113 62.81 -10.92 -5.97
N ASN D 114 63.32 -9.99 -5.17
CA ASN D 114 64.51 -9.29 -5.59
C ASN D 114 65.72 -10.21 -5.71
N VAL D 115 65.84 -11.16 -4.78
CA VAL D 115 66.92 -12.15 -4.87
C VAL D 115 66.79 -13.06 -6.08
N ARG D 116 65.58 -13.55 -6.33
CA ARG D 116 65.38 -14.44 -7.47
C ARG D 116 65.69 -13.71 -8.78
N ASN D 117 65.30 -12.44 -8.86
CA ASN D 117 65.46 -11.70 -10.10
C ASN D 117 66.93 -11.34 -10.31
N LEU D 118 67.65 -11.05 -9.23
CA LEU D 118 69.08 -10.80 -9.37
C LEU D 118 69.80 -12.07 -9.86
N TYR D 119 69.40 -13.20 -9.29
CA TYR D 119 70.01 -14.48 -9.68
C TYR D 119 69.76 -14.80 -11.15
N GLU D 120 68.52 -14.61 -11.59
CA GLU D 120 68.17 -14.94 -12.96
C GLU D 120 68.81 -13.92 -13.91
N LYS D 121 69.03 -12.70 -13.43
CA LYS D 121 69.71 -11.66 -14.20
C LYS D 121 71.15 -12.11 -14.49
N VAL D 122 71.87 -12.50 -13.44
CA VAL D 122 73.24 -13.00 -13.62
C VAL D 122 73.25 -14.21 -14.55
N LYS D 123 72.27 -15.09 -14.33
CA LYS D 123 72.15 -16.33 -15.08
C LYS D 123 72.01 -16.01 -16.55
N SER D 124 71.19 -15.00 -16.86
CA SER D 124 70.92 -14.68 -18.24
C SER D 124 72.10 -13.96 -18.87
N GLN D 125 72.88 -13.23 -18.08
CA GLN D 125 74.13 -12.74 -18.65
C GLN D 125 75.10 -13.86 -19.02
N LEU D 126 75.28 -14.82 -18.12
CA LEU D 126 76.32 -15.83 -18.31
C LEU D 126 75.96 -16.96 -19.27
N LYS D 127 74.68 -17.34 -19.32
CA LYS D 127 74.23 -18.47 -20.14
C LYS D 127 75.13 -19.68 -19.92
N ASN D 128 75.62 -20.27 -21.01
CA ASN D 128 76.41 -21.49 -20.93
C ASN D 128 77.93 -21.33 -20.81
N ASN D 129 78.38 -20.11 -20.50
CA ASN D 129 79.79 -19.91 -20.14
C ASN D 129 80.05 -20.27 -18.69
N ALA D 130 78.99 -20.64 -17.99
CA ALA D 130 79.11 -21.14 -16.63
C ALA D 130 78.08 -22.24 -16.39
N LYS D 131 78.34 -23.09 -15.39
CA LYS D 131 77.36 -24.09 -15.00
C LYS D 131 76.73 -23.69 -13.67
N GLU D 132 75.41 -23.82 -13.59
CA GLU D 132 74.67 -23.56 -12.36
C GLU D 132 74.93 -24.70 -11.40
N ILE D 133 75.41 -24.37 -10.21
CA ILE D 133 75.50 -25.33 -9.13
C ILE D 133 74.10 -25.64 -8.58
N GLY D 134 73.37 -24.60 -8.19
CA GLY D 134 72.01 -24.76 -7.72
C GLY D 134 71.73 -24.03 -6.42
N ASN D 135 72.81 -23.58 -5.78
CA ASN D 135 72.77 -22.96 -4.47
C ASN D 135 73.02 -21.46 -4.61
N GLY D 136 72.71 -20.93 -5.80
CA GLY D 136 72.90 -19.52 -6.06
C GLY D 136 74.25 -19.20 -6.69
N CYS D 137 75.04 -20.23 -6.91
CA CYS D 137 76.41 -20.07 -7.39
C CYS D 137 76.54 -20.43 -8.86
N PHE D 138 77.49 -19.81 -9.55
CA PHE D 138 77.79 -20.17 -10.93
C PHE D 138 79.29 -20.47 -11.01
N GLU D 139 79.62 -21.58 -11.67
CA GLU D 139 81.02 -21.93 -11.90
C GLU D 139 81.43 -21.69 -13.35
N PHE D 140 82.43 -20.84 -13.57
CA PHE D 140 82.88 -20.53 -14.92
C PHE D 140 83.66 -21.65 -15.62
N TYR D 141 83.41 -21.80 -16.91
CA TYR D 141 84.18 -22.68 -17.78
C TYR D 141 85.37 -21.94 -18.38
N HIS D 142 85.62 -20.71 -17.93
CA HIS D 142 86.76 -19.95 -18.41
C HIS D 142 87.38 -19.20 -17.25
N LYS D 143 88.61 -18.74 -17.39
CA LYS D 143 89.18 -17.93 -16.33
C LYS D 143 88.50 -16.57 -16.27
N CYS D 144 88.16 -16.14 -15.06
CA CYS D 144 87.41 -14.91 -14.86
C CYS D 144 88.07 -14.12 -13.75
N ASP D 145 88.90 -13.14 -14.11
CA ASP D 145 89.61 -12.38 -13.10
C ASP D 145 88.74 -11.26 -12.52
N ASP D 146 89.36 -10.38 -11.75
CA ASP D 146 88.63 -9.43 -10.91
C ASP D 146 87.85 -8.45 -11.78
N ALA D 147 88.48 -8.01 -12.87
CA ALA D 147 87.83 -7.11 -13.80
C ALA D 147 86.64 -7.79 -14.45
N CYS D 148 86.84 -9.04 -14.87
CA CYS D 148 85.76 -9.85 -15.42
C CYS D 148 84.61 -10.01 -14.43
N MET D 149 84.95 -10.34 -13.18
CA MET D 149 83.95 -10.48 -12.13
C MET D 149 83.15 -9.20 -11.98
N GLU D 150 83.84 -8.05 -11.97
CA GLU D 150 83.17 -6.78 -11.77
C GLU D 150 82.26 -6.49 -12.96
N SER D 151 82.69 -6.94 -14.14
CA SER D 151 81.89 -6.81 -15.35
C SER D 151 80.61 -7.63 -15.23
N VAL D 152 80.72 -8.80 -14.61
CA VAL D 152 79.56 -9.62 -14.31
C VAL D 152 78.63 -8.88 -13.33
N ARG D 153 79.22 -8.28 -12.30
CA ARG D 153 78.42 -7.63 -11.26
C ARG D 153 77.68 -6.41 -11.77
N ASN D 154 78.26 -5.67 -12.70
CA ASN D 154 77.61 -4.45 -13.20
C ASN D 154 76.90 -4.63 -14.55
N GLY D 155 76.80 -5.87 -15.00
CA GLY D 155 75.99 -6.19 -16.15
C GLY D 155 76.64 -5.85 -17.48
N THR D 156 77.97 -5.82 -17.49
CA THR D 156 78.71 -5.54 -18.71
C THR D 156 79.56 -6.73 -19.15
N TYR D 157 79.24 -7.92 -18.62
CA TYR D 157 79.98 -9.13 -18.98
C TYR D 157 79.99 -9.37 -20.49
N ASP D 158 81.15 -9.74 -21.03
CA ASP D 158 81.31 -9.90 -22.46
C ASP D 158 81.28 -11.37 -22.84
N TYR D 159 80.08 -11.87 -23.15
CA TYR D 159 79.89 -13.28 -23.45
C TYR D 159 80.74 -13.77 -24.64
N PRO D 160 80.77 -12.99 -25.76
CA PRO D 160 81.55 -13.47 -26.90
C PRO D 160 83.04 -13.57 -26.62
N LYS D 161 83.59 -12.66 -25.83
CA LYS D 161 85.00 -12.69 -25.51
C LYS D 161 85.43 -14.01 -24.88
N TYR D 162 84.59 -14.54 -24.00
CA TYR D 162 84.95 -15.76 -23.29
C TYR D 162 84.25 -17.02 -23.81
N SER D 163 83.37 -16.87 -24.80
CA SER D 163 82.64 -18.02 -25.36
C SER D 163 83.47 -19.18 -25.91
N GLU D 164 84.53 -18.88 -26.65
CA GLU D 164 85.31 -19.95 -27.28
C GLU D 164 86.08 -20.72 -26.23
N GLU D 165 86.71 -19.99 -25.31
CA GLU D 165 87.44 -20.57 -24.19
C GLU D 165 86.52 -21.44 -23.32
N SER D 166 85.32 -20.92 -23.09
CA SER D 166 84.33 -21.60 -22.26
C SER D 166 83.98 -22.89 -22.96
N LYS D 167 83.83 -22.80 -24.27
CA LYS D 167 83.40 -23.90 -25.09
C LYS D 167 84.48 -24.96 -25.06
N LEU D 168 85.73 -24.50 -25.05
CA LEU D 168 86.90 -25.38 -24.95
C LEU D 168 86.96 -26.16 -23.65
N ASN D 169 86.76 -25.48 -22.52
CA ASN D 169 86.78 -26.20 -21.25
C ASN D 169 85.54 -27.06 -20.98
N ARG D 170 84.42 -26.69 -21.58
CA ARG D 170 83.16 -27.38 -21.34
C ARG D 170 83.15 -28.75 -22.02
N GLU D 171 83.84 -28.82 -23.15
CA GLU D 171 83.92 -30.06 -23.90
C GLU D 171 85.24 -30.76 -23.59
N PRO E 3 70.77 -13.42 -39.58
CA PRO E 3 69.71 -12.66 -40.24
C PRO E 3 68.39 -13.42 -40.24
N GLY E 4 68.17 -14.25 -39.23
CA GLY E 4 67.04 -15.16 -39.24
C GLY E 4 65.75 -14.50 -38.80
N ASP E 5 64.63 -15.19 -38.99
CA ASP E 5 63.34 -14.73 -38.51
C ASP E 5 63.34 -14.55 -36.99
N THR E 6 62.48 -13.67 -36.51
CA THR E 6 62.44 -13.35 -35.08
C THR E 6 61.01 -13.13 -34.61
N ILE E 7 60.73 -13.45 -33.35
CA ILE E 7 59.50 -13.05 -32.68
C ILE E 7 59.87 -12.49 -31.30
N CYS E 8 59.27 -11.36 -30.93
CA CYS E 8 59.54 -10.79 -29.61
C CYS E 8 58.29 -10.72 -28.73
N ILE E 9 58.49 -10.87 -27.42
CA ILE E 9 57.41 -10.69 -26.46
C ILE E 9 57.60 -9.30 -25.85
N GLY E 10 56.52 -8.56 -25.67
CA GLY E 10 56.60 -7.19 -25.22
C GLY E 10 55.30 -6.68 -24.61
N TYR E 11 55.29 -5.43 -24.18
CA TYR E 11 54.11 -4.87 -23.53
C TYR E 11 53.79 -3.48 -24.05
N HIS E 12 52.57 -3.04 -23.81
CA HIS E 12 52.05 -1.77 -24.33
C HIS E 12 52.70 -0.51 -23.72
N ALA E 13 52.95 0.48 -24.57
CA ALA E 13 53.21 1.86 -24.14
C ALA E 13 52.33 2.82 -24.95
N ASN E 14 52.07 4.01 -24.40
CA ASN E 14 51.32 5.05 -25.12
C ASN E 14 51.71 6.48 -24.68
N ASN E 15 50.92 7.48 -25.09
CA ASN E 15 51.28 8.85 -24.72
C ASN E 15 50.59 9.31 -23.43
N SER E 16 50.01 8.37 -22.69
CA SER E 16 49.30 8.72 -21.47
C SER E 16 50.27 9.39 -20.51
N THR E 17 49.76 10.38 -19.79
CA THR E 17 50.52 11.09 -18.77
C THR E 17 49.98 10.79 -17.38
N ASP E 18 48.95 9.94 -17.32
CA ASP E 18 48.35 9.58 -16.04
C ASP E 18 49.40 9.04 -15.08
N THR E 19 49.38 9.52 -13.84
CA THR E 19 50.26 9.00 -12.82
C THR E 19 49.50 8.40 -11.65
N VAL E 20 50.04 7.35 -11.05
CA VAL E 20 49.46 6.79 -9.84
C VAL E 20 50.56 6.72 -8.79
N ASP E 21 50.18 6.64 -7.53
CA ASP E 21 51.14 6.37 -6.47
C ASP E 21 51.03 4.91 -6.11
N THR E 22 52.15 4.32 -5.70
CA THR E 22 52.14 2.95 -5.21
C THR E 22 52.86 2.89 -3.88
N VAL E 23 52.86 1.72 -3.27
CA VAL E 23 53.52 1.55 -1.99
C VAL E 23 55.02 1.83 -2.11
N LEU E 24 55.66 1.25 -3.12
CA LEU E 24 57.10 1.35 -3.21
C LEU E 24 57.56 2.60 -3.93
N GLU E 25 56.68 3.23 -4.71
CA GLU E 25 57.12 4.29 -5.60
C GLU E 25 56.04 5.31 -5.91
N LYS E 26 56.43 6.58 -5.82
CA LYS E 26 55.56 7.69 -6.15
C LYS E 26 55.69 8.06 -7.63
N ASN E 27 54.65 8.70 -8.17
CA ASN E 27 54.66 9.30 -9.50
C ASN E 27 54.95 8.32 -10.64
N VAL E 28 54.38 7.13 -10.57
CA VAL E 28 54.55 6.18 -11.65
C VAL E 28 53.63 6.52 -12.81
N THR E 29 54.18 6.71 -14.00
CA THR E 29 53.36 6.96 -15.17
C THR E 29 52.75 5.65 -15.67
N VAL E 30 51.45 5.61 -15.90
CA VAL E 30 50.81 4.37 -16.30
C VAL E 30 50.02 4.60 -17.59
N THR E 31 49.76 3.52 -18.33
CA THR E 31 49.13 3.66 -19.64
C THR E 31 47.65 3.95 -19.52
N HIS E 32 47.02 3.39 -18.48
CA HIS E 32 45.60 3.59 -18.24
C HIS E 32 45.32 3.62 -16.74
N SER E 33 44.30 4.37 -16.35
CA SER E 33 43.93 4.47 -14.94
C SER E 33 42.51 5.04 -14.81
N VAL E 34 41.92 4.85 -13.64
CA VAL E 34 40.58 5.35 -13.34
C VAL E 34 40.59 6.12 -12.02
N ASN E 35 40.00 7.32 -12.03
CA ASN E 35 39.85 8.12 -10.82
C ASN E 35 38.69 7.68 -9.92
N LEU E 36 38.97 7.53 -8.63
CA LEU E 36 37.93 7.12 -7.68
C LEU E 36 37.47 8.28 -6.81
N LEU E 37 38.05 9.46 -7.03
CA LEU E 37 37.80 10.62 -6.17
C LEU E 37 37.12 11.76 -6.91
N GLU E 38 35.88 12.06 -6.56
CA GLU E 38 35.20 13.18 -7.21
C GLU E 38 35.58 14.52 -6.57
N ASP E 39 36.07 15.45 -7.37
CA ASP E 39 36.41 16.80 -6.90
C ASP E 39 35.66 17.92 -7.64
N SER E 40 34.69 17.53 -8.45
CA SER E 40 33.89 18.48 -9.22
C SER E 40 32.43 18.59 -8.81
N HIS E 41 31.94 19.83 -8.77
CA HIS E 41 30.54 20.06 -8.50
C HIS E 41 30.07 21.18 -9.42
N ASN E 42 28.76 21.39 -9.49
CA ASN E 42 28.19 22.30 -10.48
C ASN E 42 27.82 23.68 -9.98
N GLY E 43 28.09 23.95 -8.71
CA GLY E 43 27.97 25.30 -8.19
C GLY E 43 26.53 25.71 -7.97
N LYS E 44 25.61 24.76 -8.11
CA LYS E 44 24.19 25.07 -7.99
C LYS E 44 23.51 24.23 -6.91
N LEU E 45 22.39 24.74 -6.41
CA LEU E 45 21.50 23.97 -5.56
C LEU E 45 20.42 23.35 -6.43
N CYS E 46 20.32 22.03 -6.40
CA CYS E 46 19.45 21.30 -7.31
C CYS E 46 18.34 20.60 -6.55
N LYS E 47 17.41 20.00 -7.29
CA LYS E 47 16.37 19.19 -6.64
C LYS E 47 16.87 17.82 -6.18
N LEU E 48 16.17 17.31 -5.17
N LEU E 48 16.23 17.31 -5.15
CA LEU E 48 16.38 15.97 -4.64
CA LEU E 48 16.41 15.93 -4.71
C LEU E 48 15.06 15.23 -4.76
C LEU E 48 15.07 15.23 -4.78
N LYS E 49 15.09 14.03 -5.33
CA LYS E 49 13.89 13.23 -5.58
C LYS E 49 12.91 14.00 -6.48
N GLY E 50 13.47 14.83 -7.35
CA GLY E 50 12.71 15.64 -8.28
C GLY E 50 11.86 16.70 -7.61
N ILE E 51 12.16 16.97 -6.35
CA ILE E 51 11.45 17.99 -5.59
C ILE E 51 12.38 19.17 -5.28
N ALA E 52 11.91 20.38 -5.52
CA ALA E 52 12.76 21.56 -5.31
C ALA E 52 12.95 21.85 -3.83
N PRO E 53 14.08 22.45 -3.45
CA PRO E 53 14.31 22.91 -2.08
C PRO E 53 13.49 24.15 -1.76
N LEU E 54 13.31 24.41 -0.47
CA LEU E 54 12.65 25.61 -0.02
C LEU E 54 13.61 26.75 0.27
N GLN E 55 13.43 27.87 -0.43
CA GLN E 55 14.31 29.04 -0.27
C GLN E 55 13.69 30.07 0.67
N LEU E 56 14.24 30.19 1.87
CA LEU E 56 13.78 31.16 2.86
C LEU E 56 14.19 32.60 2.57
N GLY E 57 15.24 32.75 1.76
CA GLY E 57 15.73 34.05 1.32
C GLY E 57 16.20 34.92 2.49
N LYS E 58 15.61 36.09 2.68
CA LYS E 58 16.08 36.98 3.76
C LYS E 58 15.49 36.61 5.13
N CYS E 59 14.63 35.61 5.14
CA CYS E 59 14.01 35.09 6.36
C CYS E 59 14.73 33.81 6.78
N ASN E 60 14.62 33.45 8.06
CA ASN E 60 15.05 32.11 8.50
C ASN E 60 13.84 31.31 8.94
N ILE E 61 14.09 30.09 9.42
N ILE E 61 14.06 30.10 9.45
CA ILE E 61 13.02 29.17 9.82
CA ILE E 61 12.95 29.21 9.76
C ILE E 61 12.05 29.80 10.80
C ILE E 61 12.02 29.75 10.85
N ALA E 62 12.59 30.42 11.84
CA ALA E 62 11.75 31.06 12.85
C ALA E 62 10.88 32.15 12.23
N GLY E 63 11.51 32.99 11.42
CA GLY E 63 10.84 34.07 10.72
C GLY E 63 9.77 33.59 9.76
N TRP E 64 10.07 32.50 9.09
CA TRP E 64 9.12 31.84 8.22
C TRP E 64 7.89 31.33 8.97
N LEU E 65 8.12 30.49 9.97
CA LEU E 65 7.05 29.79 10.68
C LEU E 65 6.18 30.70 11.51
N LEU E 66 6.82 31.64 12.19
CA LEU E 66 6.09 32.64 12.94
C LEU E 66 5.41 33.63 12.00
N GLY E 67 5.96 33.74 10.78
CA GLY E 67 5.40 34.70 9.86
C GLY E 67 5.86 36.11 10.18
N ASN E 68 7.16 36.24 10.41
CA ASN E 68 7.83 37.55 10.43
C ASN E 68 7.36 38.35 9.24
N PRO E 69 6.95 39.60 9.47
CA PRO E 69 6.34 40.37 8.38
C PRO E 69 7.28 40.61 7.21
N GLU E 70 8.59 40.51 7.43
CA GLU E 70 9.51 40.56 6.31
C GLU E 70 9.49 39.28 5.46
N CYS E 71 8.82 38.25 5.96
CA CYS E 71 8.85 36.94 5.30
C CYS E 71 7.58 36.67 4.53
N ASP E 72 6.83 37.72 4.19
CA ASP E 72 5.53 37.54 3.56
C ASP E 72 5.65 36.81 2.23
N LEU E 73 6.81 36.93 1.60
CA LEU E 73 7.07 36.29 0.32
C LEU E 73 7.12 34.76 0.40
N LEU E 74 7.24 34.22 1.61
CA LEU E 74 7.29 32.78 1.87
C LEU E 74 5.94 32.14 2.13
N LEU E 75 4.90 32.98 2.24
CA LEU E 75 3.55 32.55 2.57
C LEU E 75 2.95 31.53 1.58
N THR E 76 3.42 31.58 0.34
CA THR E 76 2.96 30.66 -0.72
C THR E 76 3.72 29.33 -0.83
N ALA E 77 4.77 29.16 -0.05
CA ALA E 77 5.60 27.95 -0.09
C ALA E 77 4.86 26.69 0.36
N SER E 78 5.02 25.59 -0.38
CA SER E 78 4.24 24.40 -0.02
C SER E 78 4.94 23.04 -0.04
N SER E 79 5.94 22.81 -0.88
CA SER E 79 6.63 21.50 -0.80
C SER E 79 8.13 21.50 -1.12
N TRP E 80 8.92 20.64 -0.48
CA TRP E 80 10.36 20.71 -0.72
C TRP E 80 11.11 19.44 -0.34
N SER E 81 12.29 19.29 -0.93
CA SER E 81 13.22 18.19 -0.67
C SER E 81 14.23 18.44 0.46
N TYR E 82 14.56 19.72 0.67
CA TYR E 82 15.44 20.12 1.76
C TYR E 82 15.27 21.62 1.93
N ILE E 83 15.76 22.18 3.03
CA ILE E 83 15.54 23.58 3.33
C ILE E 83 16.85 24.35 3.26
N VAL E 84 16.80 25.49 2.57
CA VAL E 84 17.98 26.28 2.31
C VAL E 84 17.93 27.61 3.02
N GLU E 85 18.90 27.83 3.91
CA GLU E 85 19.08 29.15 4.48
C GLU E 85 20.29 29.75 3.76
N THR E 86 20.32 31.07 3.67
CA THR E 86 21.39 31.75 2.97
C THR E 86 22.05 32.70 3.93
N SER E 87 23.10 33.39 3.47
CA SER E 87 23.80 34.33 4.32
C SER E 87 23.00 35.59 4.61
N ASN E 88 21.93 35.80 3.85
N ASN E 88 21.91 35.83 3.88
CA ASN E 88 21.04 36.95 4.05
CA ASN E 88 21.12 37.00 4.22
C ASN E 88 19.80 36.66 4.89
C ASN E 88 19.84 36.69 4.98
N SER E 89 19.72 35.48 5.51
CA SER E 89 18.55 35.13 6.29
C SER E 89 18.64 35.68 7.71
N GLU E 90 18.30 36.96 7.91
CA GLU E 90 18.48 37.52 9.25
C GLU E 90 17.20 37.78 10.04
N ASN E 91 16.08 37.82 9.33
CA ASN E 91 14.75 37.96 9.93
C ASN E 91 14.09 36.71 10.51
N GLY E 92 13.99 36.69 11.84
CA GLY E 92 13.37 35.60 12.57
C GLY E 92 12.47 36.16 13.64
N THR E 93 12.88 36.04 14.90
CA THR E 93 12.08 36.57 16.00
C THR E 93 12.34 38.07 16.20
N CYS E 94 11.45 38.90 15.63
CA CYS E 94 11.59 40.35 15.70
C CYS E 94 11.33 40.88 17.11
N TYR E 95 10.50 40.17 17.86
CA TYR E 95 10.33 40.46 19.27
C TYR E 95 11.30 39.58 20.04
N PRO E 96 12.17 40.21 20.85
CA PRO E 96 13.27 39.47 21.48
C PRO E 96 12.83 38.42 22.48
N GLY E 97 13.59 37.32 22.51
CA GLY E 97 13.35 36.22 23.43
C GLY E 97 13.90 34.93 22.85
N ASP E 98 13.52 33.81 23.45
CA ASP E 98 14.08 32.49 23.13
C ASP E 98 13.06 31.61 22.40
N PHE E 99 13.50 30.96 21.33
CA PHE E 99 12.67 30.02 20.59
C PHE E 99 12.97 28.62 21.12
N ILE E 100 12.02 28.06 21.86
N ILE E 100 12.06 28.07 21.89
CA ILE E 100 12.25 26.82 22.60
CA ILE E 100 12.33 26.84 22.64
C ILE E 100 12.26 25.57 21.72
C ILE E 100 12.25 25.58 21.75
N ASP E 101 13.27 24.72 21.92
CA ASP E 101 13.46 23.50 21.14
C ASP E 101 13.48 23.82 19.66
N TYR E 102 14.10 24.95 19.34
CA TYR E 102 14.18 25.40 17.95
C TYR E 102 15.01 24.42 17.12
N GLU E 103 16.12 23.91 17.65
CA GLU E 103 16.94 23.00 16.84
C GLU E 103 16.23 21.69 16.56
N GLU E 104 15.50 21.21 17.56
CA GLU E 104 14.70 20.00 17.39
C GLU E 104 13.60 20.21 16.39
N LEU E 105 12.98 21.39 16.44
CA LEU E 105 11.89 21.70 15.52
C LEU E 105 12.45 21.75 14.11
N ARG E 106 13.61 22.37 13.95
CA ARG E 106 14.30 22.39 12.66
C ARG E 106 14.65 21.01 12.11
N GLU E 107 15.13 20.12 12.97
CA GLU E 107 15.42 18.77 12.52
C GLU E 107 14.14 18.06 12.08
N GLN E 108 13.09 18.24 12.87
CA GLN E 108 11.80 17.67 12.56
C GLN E 108 11.23 18.23 11.27
N LEU E 109 11.34 19.54 11.08
CA LEU E 109 10.72 20.17 9.93
C LEU E 109 11.33 19.81 8.59
N SER E 110 12.55 19.29 8.63
CA SER E 110 13.23 18.91 7.41
C SER E 110 12.60 17.64 6.85
N SER E 111 11.81 17.01 7.71
CA SER E 111 11.02 15.82 7.39
C SER E 111 9.64 16.13 6.89
N VAL E 112 9.48 17.35 6.41
CA VAL E 112 8.27 17.75 5.74
C VAL E 112 8.52 17.86 4.24
N SER E 113 7.65 17.23 3.47
CA SER E 113 7.84 17.19 2.04
C SER E 113 6.85 18.15 1.43
N SER E 114 5.87 18.51 2.28
CA SER E 114 4.81 19.44 1.93
C SER E 114 4.01 19.76 3.20
N PHE E 115 3.26 20.86 3.24
CA PHE E 115 2.31 21.02 4.32
C PHE E 115 1.15 21.84 3.79
N GLU E 116 0.07 21.93 4.56
CA GLU E 116 -1.02 22.84 4.24
C GLU E 116 -1.25 23.81 5.38
N LYS E 117 -0.98 25.09 5.13
CA LYS E 117 -1.19 26.09 6.19
C LYS E 117 -2.68 26.37 6.29
N PHE E 118 -3.17 26.57 7.51
CA PHE E 118 -4.57 26.88 7.69
C PHE E 118 -4.81 27.75 8.92
N GLU E 119 -5.97 28.42 8.95
CA GLU E 119 -6.24 29.35 10.02
C GLU E 119 -6.87 28.56 11.16
N ILE E 120 -6.07 28.22 12.16
CA ILE E 120 -6.53 27.37 13.24
C ILE E 120 -7.53 28.13 14.12
N PHE E 121 -7.18 29.37 14.42
CA PHE E 121 -8.01 30.25 15.22
C PHE E 121 -8.13 31.58 14.47
N PRO E 122 -9.19 31.74 13.67
CA PRO E 122 -9.39 32.98 12.90
C PRO E 122 -9.42 34.22 13.79
N LYS E 123 -8.66 35.24 13.41
CA LYS E 123 -8.47 36.45 14.22
C LYS E 123 -9.76 37.17 14.57
N THR E 124 -10.64 37.29 13.58
CA THR E 124 -11.80 38.17 13.70
C THR E 124 -12.93 37.53 14.51
N SER E 125 -12.90 36.22 14.67
CA SER E 125 -13.99 35.51 15.34
C SER E 125 -13.63 34.69 16.57
N SER E 126 -12.34 34.47 16.83
CA SER E 126 -11.96 33.51 17.85
C SER E 126 -12.00 34.08 19.26
N TRP E 127 -11.99 35.40 19.39
CA TRP E 127 -11.66 36.02 20.67
C TRP E 127 -12.62 37.17 21.01
N PRO E 128 -13.93 36.87 21.08
CA PRO E 128 -14.90 37.95 21.29
C PRO E 128 -14.71 38.67 22.62
N ASN E 129 -14.05 38.04 23.59
CA ASN E 129 -13.92 38.63 24.92
C ASN E 129 -12.55 39.22 25.20
N HIS E 130 -11.69 39.24 24.18
CA HIS E 130 -10.34 39.78 24.35
C HIS E 130 -10.01 40.79 23.24
N GLU E 131 -9.02 41.65 23.48
CA GLU E 131 -8.64 42.64 22.47
C GLU E 131 -7.69 42.05 21.42
N THR E 132 -8.04 42.17 20.14
CA THR E 132 -7.20 41.60 19.10
C THR E 132 -6.46 42.61 18.21
N THR E 133 -6.62 43.90 18.45
CA THR E 133 -6.12 44.91 17.51
C THR E 133 -5.00 45.83 18.00
N LYS E 134 -4.55 45.61 19.23
CA LYS E 134 -3.63 46.49 19.95
C LYS E 134 -2.31 45.74 20.10
N GLY E 135 -2.32 44.55 19.51
CA GLY E 135 -1.27 43.55 19.55
C GLY E 135 -0.17 43.74 18.53
N VAL E 136 0.24 44.98 18.29
CA VAL E 136 1.40 45.23 17.43
C VAL E 136 2.47 46.08 18.12
N THR E 137 3.69 45.98 17.58
CA THR E 137 4.90 46.60 18.14
C THR E 137 5.92 47.04 17.10
N ALA E 138 6.67 48.08 17.43
CA ALA E 138 7.78 48.55 16.60
C ALA E 138 9.00 47.62 16.45
N ALA E 139 9.13 46.59 17.28
CA ALA E 139 10.24 45.65 17.12
C ALA E 139 10.01 44.76 15.89
N CYS E 140 8.74 44.70 15.48
CA CYS E 140 8.22 43.92 14.36
C CYS E 140 7.61 44.90 13.36
N SER E 141 8.09 46.13 13.38
N SER E 141 8.36 45.94 13.09
CA SER E 141 7.72 47.13 12.36
CA SER E 141 7.92 47.00 12.21
C SER E 141 7.90 46.68 10.89
C SER E 141 7.93 46.60 10.77
N TYR E 142 6.96 47.12 10.04
CA TYR E 142 6.85 46.80 8.64
C TYR E 142 6.33 48.01 7.88
N ALA E 143 7.04 48.35 6.81
CA ALA E 143 6.67 49.43 5.90
C ALA E 143 6.48 50.75 6.64
N GLY E 144 7.33 51.00 7.62
CA GLY E 144 7.37 52.29 8.28
C GLY E 144 6.44 52.39 9.47
N ALA E 145 5.76 51.29 9.78
CA ALA E 145 4.78 51.26 10.86
C ALA E 145 4.89 50.00 11.71
N SER E 146 4.45 50.09 12.96
CA SER E 146 4.41 48.91 13.83
C SER E 146 3.48 47.82 13.29
N SER E 147 3.93 46.59 13.45
CA SER E 147 3.22 45.41 12.95
C SER E 147 3.47 44.23 13.87
N PHE E 148 3.22 43.02 13.37
CA PHE E 148 3.42 41.81 14.18
C PHE E 148 3.47 40.58 13.29
N TYR E 149 3.91 39.47 13.87
CA TYR E 149 3.90 38.16 13.21
C TYR E 149 2.55 37.91 12.53
N ARG E 150 2.59 37.34 11.33
CA ARG E 150 1.36 37.07 10.60
C ARG E 150 0.63 35.83 11.11
N ASN E 151 1.37 34.92 11.75
CA ASN E 151 0.81 33.62 12.11
C ASN E 151 0.39 33.52 13.57
N LEU E 152 0.62 34.60 14.33
CA LEU E 152 0.25 34.67 15.72
C LEU E 152 -0.58 35.93 15.98
N LEU E 153 -1.23 35.95 17.14
CA LEU E 153 -2.14 37.04 17.48
C LEU E 153 -1.91 37.46 18.91
N TRP E 154 -1.49 38.70 19.11
CA TRP E 154 -1.20 39.16 20.45
C TRP E 154 -2.47 39.61 21.13
N LEU E 155 -2.98 38.78 22.04
CA LEU E 155 -4.19 39.13 22.75
C LEU E 155 -3.78 39.96 23.94
N THR E 156 -4.56 40.99 24.23
CA THR E 156 -4.36 41.82 25.40
C THR E 156 -5.72 42.08 26.04
N LYS E 157 -5.73 42.81 27.14
CA LYS E 157 -6.96 42.92 27.90
C LYS E 157 -7.93 43.81 27.12
N LYS E 158 -9.22 43.56 27.28
CA LYS E 158 -10.23 44.37 26.61
C LYS E 158 -10.93 45.18 27.70
N GLY E 159 -10.89 46.50 27.56
CA GLY E 159 -11.39 47.35 28.60
C GLY E 159 -10.49 47.17 29.82
N SER E 160 -11.10 46.86 30.95
CA SER E 160 -10.35 46.72 32.19
C SER E 160 -10.35 45.26 32.64
N SER E 161 -10.51 44.34 31.68
CA SER E 161 -10.57 42.94 32.03
C SER E 161 -10.02 42.00 30.94
N TYR E 162 -9.34 40.97 31.41
CA TYR E 162 -8.85 39.87 30.58
C TYR E 162 -9.44 38.64 31.23
N PRO E 163 -10.58 38.16 30.71
CA PRO E 163 -11.12 36.97 31.39
C PRO E 163 -10.35 35.74 30.99
N LYS E 164 -10.42 34.70 31.82
CA LYS E 164 -9.73 33.45 31.52
C LYS E 164 -10.26 33.01 30.17
N LEU E 165 -9.37 32.82 29.21
CA LEU E 165 -9.73 32.18 27.96
C LEU E 165 -9.47 30.70 27.93
N SER E 166 -10.32 30.01 27.18
CA SER E 166 -10.23 28.59 26.93
C SER E 166 -10.62 28.39 25.46
N LYS E 167 -9.73 27.80 24.68
CA LYS E 167 -9.95 27.67 23.24
C LYS E 167 -9.34 26.35 22.79
N SER E 168 -10.10 25.56 22.04
CA SER E 168 -9.63 24.25 21.64
C SER E 168 -9.69 24.04 20.14
N TYR E 169 -8.80 23.17 19.65
CA TYR E 169 -8.79 22.76 18.26
C TYR E 169 -8.71 21.24 18.18
N VAL E 170 -9.62 20.64 17.43
CA VAL E 170 -9.59 19.21 17.13
C VAL E 170 -8.90 19.03 15.79
N ASN E 171 -7.90 18.16 15.74
CA ASN E 171 -7.20 17.94 14.47
C ASN E 171 -7.95 16.99 13.56
N ASN E 172 -8.63 17.55 12.58
N ASN E 172 -8.69 17.58 12.63
CA ASN E 172 -9.39 16.77 11.61
CA ASN E 172 -9.44 16.84 11.63
C ASN E 172 -8.63 16.63 10.31
C ASN E 172 -8.73 16.91 10.28
N LYS E 173 -7.43 17.20 10.29
CA LYS E 173 -6.67 17.35 9.06
C LYS E 173 -6.13 16.03 8.52
N GLY E 174 -6.24 14.96 9.29
CA GLY E 174 -5.78 13.67 8.82
C GLY E 174 -4.27 13.53 8.86
N LYS E 175 -3.59 14.48 9.50
CA LYS E 175 -2.14 14.40 9.63
C LYS E 175 -1.69 15.28 10.78
N GLU E 176 -0.40 15.24 11.11
CA GLU E 176 0.11 16.06 12.20
C GLU E 176 -0.10 17.52 11.90
N VAL E 177 -0.45 18.28 12.92
CA VAL E 177 -0.58 19.71 12.77
C VAL E 177 0.46 20.32 13.69
N LEU E 178 1.30 21.19 13.12
CA LEU E 178 2.29 21.89 13.91
C LEU E 178 1.61 23.15 14.42
N VAL E 179 1.57 23.29 15.74
CA VAL E 179 0.93 24.44 16.37
C VAL E 179 1.99 25.26 17.05
N LEU E 180 2.03 26.55 16.75
CA LEU E 180 2.93 27.46 17.43
C LEU E 180 2.16 28.49 18.23
N TRP E 181 2.74 28.89 19.36
CA TRP E 181 2.16 29.93 20.19
C TRP E 181 3.29 30.64 20.93
N GLY E 182 2.96 31.68 21.67
CA GLY E 182 3.96 32.36 22.47
C GLY E 182 3.51 32.79 23.85
N VAL E 183 4.48 33.17 24.67
CA VAL E 183 4.21 33.69 25.99
C VAL E 183 5.06 34.94 26.17
N HIS E 184 4.37 36.04 26.46
CA HIS E 184 5.00 37.33 26.67
C HIS E 184 5.49 37.56 28.09
N HIS E 185 6.69 38.12 28.20
CA HIS E 185 7.30 38.38 29.49
C HIS E 185 7.64 39.85 29.61
N PRO E 186 6.71 40.65 30.18
CA PRO E 186 6.97 42.07 30.35
C PRO E 186 8.15 42.26 31.30
N PRO E 187 8.79 43.44 31.26
CA PRO E 187 9.93 43.72 32.14
C PRO E 187 9.52 44.08 33.57
N THR E 188 8.27 44.50 33.79
CA THR E 188 7.85 44.89 35.13
C THR E 188 6.44 44.40 35.39
N GLY E 189 6.08 44.32 36.67
CA GLY E 189 4.75 43.91 37.09
C GLY E 189 3.72 44.95 36.72
N THR E 190 4.16 46.19 36.70
CA THR E 190 3.29 47.28 36.30
C THR E 190 2.88 47.10 34.84
N ASP E 191 3.83 46.79 33.95
CA ASP E 191 3.42 46.59 32.56
C ASP E 191 2.59 45.32 32.32
N GLN E 192 2.90 44.25 33.05
CA GLN E 192 2.08 43.04 33.06
C GLN E 192 0.62 43.26 33.39
N GLN E 193 0.46 43.94 34.51
CA GLN E 193 -0.83 44.32 35.01
C GLN E 193 -1.50 45.24 33.98
N SER E 194 -0.75 46.18 33.44
N SER E 194 -0.75 46.18 33.44
CA SER E 194 -1.29 47.12 32.47
CA SER E 194 -1.27 47.15 32.48
C SER E 194 -1.82 46.45 31.21
C SER E 194 -1.79 46.48 31.19
N LEU E 195 -1.13 45.41 30.75
CA LEU E 195 -1.53 44.72 29.51
C LEU E 195 -2.63 43.68 29.69
N TYR E 196 -2.57 42.92 30.78
CA TYR E 196 -3.33 41.67 30.89
C TYR E 196 -4.28 41.73 32.09
N GLN E 197 -4.18 42.83 32.83
CA GLN E 197 -4.98 43.12 34.02
C GLN E 197 -4.59 42.25 35.21
N ASN E 198 -4.36 40.97 34.96
CA ASN E 198 -4.10 40.02 36.03
C ASN E 198 -2.59 39.97 36.35
N ALA E 199 -2.19 40.35 37.55
CA ALA E 199 -0.78 40.32 37.92
C ALA E 199 -0.21 38.91 37.96
N ASP E 200 -1.10 37.97 38.30
CA ASP E 200 -0.84 36.56 38.59
C ASP E 200 -1.24 35.62 37.46
N ALA E 201 -0.99 36.00 36.21
CA ALA E 201 -1.51 35.29 35.05
C ALA E 201 -0.69 34.03 34.76
N TYR E 202 -1.32 33.09 34.05
CA TYR E 202 -0.61 31.95 33.48
C TYR E 202 -1.16 31.53 32.11
N VAL E 203 -0.41 30.67 31.44
CA VAL E 203 -0.85 30.02 30.21
C VAL E 203 -0.65 28.52 30.33
N SER E 204 -1.67 27.74 29.99
CA SER E 204 -1.57 26.28 29.97
C SER E 204 -1.94 25.77 28.58
N VAL E 205 -1.15 24.81 28.10
CA VAL E 205 -1.40 24.22 26.79
C VAL E 205 -1.36 22.71 26.93
N GLY E 206 -2.40 22.04 26.44
CA GLY E 206 -2.44 20.60 26.54
C GLY E 206 -3.12 19.85 25.40
N SER E 207 -2.58 18.68 25.08
CA SER E 207 -3.24 17.72 24.22
C SER E 207 -3.27 16.40 24.97
N SER E 208 -3.57 15.31 24.27
CA SER E 208 -3.55 14.03 24.96
C SER E 208 -2.12 13.70 25.37
N LYS E 209 -1.15 14.22 24.64
CA LYS E 209 0.23 13.84 24.93
C LYS E 209 1.06 15.04 25.40
N TYR E 210 0.61 16.24 25.07
CA TYR E 210 1.37 17.44 25.43
C TYR E 210 0.72 18.13 26.63
N ASN E 211 1.52 18.67 27.52
CA ASN E 211 1.00 19.35 28.69
C ASN E 211 2.08 20.25 29.23
N ARG E 212 1.85 21.56 29.23
CA ARG E 212 2.89 22.46 29.72
C ARG E 212 2.25 23.75 30.25
N ARG E 213 2.81 24.25 31.34
CA ARG E 213 2.37 25.52 31.91
C ARG E 213 3.47 26.54 31.80
N PHE E 214 3.09 27.75 31.45
CA PHE E 214 4.01 28.84 31.21
C PHE E 214 3.50 29.91 32.14
N THR E 215 4.41 30.51 32.90
N THR E 215 4.40 30.55 32.87
CA THR E 215 4.07 31.63 33.75
CA THR E 215 3.98 31.65 33.72
C THR E 215 4.92 32.81 33.30
C THR E 215 4.93 32.80 33.48
N PRO E 216 4.39 34.03 33.42
CA PRO E 216 5.26 35.16 33.04
C PRO E 216 6.41 35.19 34.02
N GLU E 217 7.61 35.41 33.50
CA GLU E 217 8.76 35.54 34.36
C GLU E 217 9.17 36.98 34.22
N ILE E 218 8.83 37.78 35.21
CA ILE E 218 9.02 39.22 35.14
C ILE E 218 10.30 39.69 35.80
N ALA E 219 11.17 40.26 34.96
CA ALA E 219 12.50 40.69 35.41
C ALA E 219 12.92 41.93 34.67
N ALA E 220 13.49 42.88 35.40
CA ALA E 220 14.13 44.03 34.80
C ALA E 220 15.31 43.54 33.98
N ARG E 221 15.45 44.06 32.76
CA ARG E 221 16.46 43.60 31.83
C ARG E 221 16.60 44.62 30.72
N PRO E 222 17.72 44.59 29.98
CA PRO E 222 17.85 45.69 29.03
C PRO E 222 16.94 45.56 27.82
N LYS E 223 16.77 46.68 27.11
CA LYS E 223 15.97 46.69 25.91
C LYS E 223 16.77 46.11 24.76
N VAL E 224 16.10 45.25 24.03
CA VAL E 224 16.59 44.71 22.77
C VAL E 224 15.57 45.01 21.68
N ARG E 225 16.01 45.58 20.56
CA ARG E 225 15.09 46.05 19.53
C ARG E 225 13.96 46.93 20.08
N ASP E 226 14.34 47.78 21.02
CA ASP E 226 13.47 48.76 21.69
C ASP E 226 12.62 48.16 22.80
N GLN E 227 12.71 46.85 23.01
CA GLN E 227 11.81 46.23 23.96
C GLN E 227 12.59 45.63 25.13
N ALA E 228 12.22 46.01 26.35
CA ALA E 228 12.77 45.39 27.55
C ALA E 228 12.00 44.12 27.86
N GLY E 229 10.83 43.99 27.25
CA GLY E 229 10.04 42.78 27.34
C GLY E 229 10.67 41.65 26.55
N ARG E 230 10.18 40.44 26.81
CA ARG E 230 10.60 39.28 26.04
C ARG E 230 9.40 38.44 25.66
N MET E 231 9.51 37.72 24.55
CA MET E 231 8.50 36.74 24.21
C MET E 231 9.22 35.43 23.95
N ASN E 232 8.76 34.35 24.59
CA ASN E 232 9.23 33.02 24.27
C ASN E 232 8.26 32.31 23.35
N TYR E 233 8.80 31.51 22.43
CA TYR E 233 7.97 30.85 21.45
C TYR E 233 8.00 29.34 21.63
N TYR E 234 6.84 28.73 21.45
CA TYR E 234 6.66 27.32 21.73
C TYR E 234 5.88 26.67 20.60
N TRP E 235 6.01 25.36 20.51
CA TRP E 235 5.31 24.56 19.51
C TRP E 235 5.02 23.14 19.96
N THR E 236 4.05 22.51 19.31
CA THR E 236 3.83 21.08 19.49
C THR E 236 3.24 20.45 18.23
N LEU E 237 3.41 19.14 18.12
CA LEU E 237 2.80 18.39 17.04
C LEU E 237 1.54 17.65 17.50
N LEU E 238 0.40 18.10 17.00
CA LEU E 238 -0.88 17.48 17.31
C LEU E 238 -1.23 16.37 16.31
N GLU E 239 -1.34 15.13 16.81
CA GLU E 239 -1.57 13.98 15.95
C GLU E 239 -2.99 14.05 15.39
N PRO E 240 -3.25 13.38 14.26
CA PRO E 240 -4.61 13.33 13.70
C PRO E 240 -5.62 12.87 14.72
N GLY E 241 -6.78 13.52 14.75
CA GLY E 241 -7.84 13.13 15.65
C GLY E 241 -7.70 13.67 17.06
N ASP E 242 -6.54 14.22 17.39
CA ASP E 242 -6.32 14.70 18.75
C ASP E 242 -6.71 16.17 18.90
N THR E 243 -6.80 16.62 20.15
CA THR E 243 -7.29 17.96 20.45
C THR E 243 -6.23 18.72 21.24
N ILE E 244 -6.09 20.00 20.95
CA ILE E 244 -5.21 20.88 21.71
C ILE E 244 -6.04 21.98 22.37
N THR E 245 -5.74 22.27 23.63
CA THR E 245 -6.53 23.22 24.41
C THR E 245 -5.60 24.25 25.02
N PHE E 246 -5.95 25.52 24.78
CA PHE E 246 -5.23 26.65 25.31
C PHE E 246 -6.06 27.33 26.38
N GLU E 247 -5.45 27.57 27.54
CA GLU E 247 -6.09 28.32 28.60
C GLU E 247 -5.15 29.41 29.09
N ALA E 248 -5.67 30.61 29.29
CA ALA E 248 -4.79 31.67 29.75
C ALA E 248 -5.52 32.78 30.49
N THR E 249 -4.80 33.39 31.43
CA THR E 249 -5.31 34.57 32.11
C THR E 249 -4.41 35.75 31.79
N GLY E 250 -3.52 35.58 30.82
CA GLY E 250 -2.77 36.69 30.26
C GLY E 250 -1.61 36.15 29.45
N ASN E 251 -0.89 37.03 28.77
CA ASN E 251 0.44 36.71 28.23
C ASN E 251 0.48 35.74 27.07
N LEU E 252 -0.68 35.26 26.63
CA LEU E 252 -0.71 34.33 25.51
C LEU E 252 -0.59 35.05 24.19
N ILE E 253 0.41 34.67 23.41
CA ILE E 253 0.45 35.04 22.02
C ILE E 253 -0.18 33.86 21.32
N ALA E 254 -1.44 34.05 20.93
CA ALA E 254 -2.24 32.94 20.46
C ALA E 254 -1.86 32.46 19.08
N PRO E 255 -2.02 31.15 18.82
CA PRO E 255 -1.98 30.64 17.46
C PRO E 255 -3.00 31.34 16.61
N TRP E 256 -2.64 31.65 15.37
CA TRP E 256 -3.57 32.18 14.40
C TRP E 256 -3.61 31.20 13.23
N TYR E 257 -2.44 30.97 12.64
CA TYR E 257 -2.30 29.93 11.62
C TYR E 257 -1.43 28.80 12.11
N ALA E 258 -1.75 27.59 11.67
CA ALA E 258 -0.95 26.41 12.02
C ALA E 258 -0.67 25.59 10.78
N PHE E 259 0.03 24.48 10.93
CA PHE E 259 0.49 23.77 9.76
C PHE E 259 0.24 22.26 9.77
N ALA E 260 -0.54 21.73 8.82
CA ALA E 260 -0.66 20.28 8.71
C ALA E 260 0.51 19.66 7.89
N LEU E 261 1.26 18.75 8.51
CA LEU E 261 2.53 18.24 7.95
C LEU E 261 2.55 16.86 7.28
N ASN E 262 3.32 16.74 6.20
CA ASN E 262 3.60 15.43 5.61
C ASN E 262 5.06 15.01 5.89
N ARG E 263 5.20 13.86 6.54
CA ARG E 263 6.49 13.30 6.96
C ARG E 263 7.38 12.51 5.99
N GLY E 264 8.70 12.72 6.09
CA GLY E 264 9.65 11.95 5.33
C GLY E 264 11.02 11.88 6.00
N SER E 265 11.69 10.74 5.89
CA SER E 265 12.95 10.51 6.58
C SER E 265 14.11 11.06 5.75
N GLY E 266 15.26 11.33 6.39
CA GLY E 266 16.43 11.64 5.60
C GLY E 266 16.61 12.97 4.88
N SER E 267 15.91 14.00 5.31
CA SER E 267 16.10 15.34 4.76
C SER E 267 16.96 16.20 5.70
N GLY E 268 17.15 17.46 5.33
CA GLY E 268 17.89 18.38 6.19
C GLY E 268 18.18 19.77 5.62
N ILE E 269 18.92 20.56 6.40
CA ILE E 269 19.24 21.95 6.05
C ILE E 269 20.68 22.28 5.75
N ILE E 270 20.91 22.94 4.62
CA ILE E 270 22.24 23.44 4.32
C ILE E 270 22.22 24.95 4.14
N THR E 271 23.39 25.56 4.34
CA THR E 271 23.61 26.98 4.14
C THR E 271 24.48 27.29 2.94
N SER E 272 23.91 27.96 1.95
CA SER E 272 24.62 28.26 0.73
C SER E 272 24.10 29.52 0.07
N ASP E 273 25.02 30.26 -0.53
CA ASP E 273 24.66 31.43 -1.30
C ASP E 273 24.67 31.11 -2.79
N ALA E 274 24.85 29.84 -3.13
CA ALA E 274 24.90 29.46 -4.53
C ALA E 274 23.47 29.54 -5.06
N PRO E 275 23.31 29.85 -6.36
CA PRO E 275 21.96 29.98 -6.89
C PRO E 275 21.24 28.66 -7.08
N VAL E 276 19.94 28.64 -6.81
CA VAL E 276 19.13 27.47 -7.09
C VAL E 276 18.74 27.51 -8.58
N HIS E 277 18.87 26.39 -9.28
CA HIS E 277 18.46 26.34 -10.69
C HIS E 277 17.61 25.10 -10.86
N ASP E 278 16.92 24.91 -11.99
CA ASP E 278 16.08 23.73 -11.95
C ASP E 278 16.83 22.63 -12.67
N CYS E 279 17.62 21.91 -11.88
CA CYS E 279 18.42 20.78 -12.30
C CYS E 279 17.99 19.65 -11.38
N ASN E 280 18.38 18.42 -11.67
CA ASN E 280 18.05 17.38 -10.71
C ASN E 280 19.35 16.70 -10.28
N THR E 281 19.45 16.30 -9.03
CA THR E 281 20.66 15.61 -8.59
C THR E 281 20.34 14.52 -7.60
N LYS E 282 21.29 13.63 -7.40
CA LYS E 282 21.15 12.60 -6.39
C LYS E 282 21.86 13.08 -5.13
N CYS E 283 22.75 14.06 -5.30
CA CYS E 283 23.65 14.50 -4.23
C CYS E 283 23.88 16.00 -4.21
N GLN E 284 23.56 16.64 -3.09
CA GLN E 284 23.73 18.07 -2.94
C GLN E 284 24.74 18.38 -1.84
N THR E 285 25.69 19.25 -2.14
CA THR E 285 26.53 19.87 -1.12
C THR E 285 26.36 21.38 -1.09
N PRO E 286 26.83 22.05 -0.02
CA PRO E 286 26.71 23.51 0.05
C PRO E 286 27.45 24.27 -1.06
N HIS E 287 28.42 23.65 -1.72
CA HIS E 287 29.13 24.35 -2.79
C HIS E 287 28.39 24.21 -4.11
N GLY E 288 27.56 23.17 -4.19
CA GLY E 288 26.94 22.82 -5.45
C GLY E 288 26.61 21.36 -5.41
N ALA E 289 25.87 20.88 -6.40
CA ALA E 289 25.43 19.50 -6.41
C ALA E 289 26.55 18.67 -7.02
N ILE E 290 26.62 17.40 -6.65
CA ILE E 290 27.58 16.48 -7.24
C ILE E 290 26.85 15.42 -8.05
N ASN E 291 27.36 15.14 -9.25
CA ASN E 291 26.82 14.04 -10.03
C ASN E 291 27.90 13.05 -10.39
N SER E 292 27.93 11.96 -9.63
CA SER E 292 29.05 11.04 -9.70
C SER E 292 28.69 9.69 -9.10
N SER E 293 29.24 8.64 -9.69
CA SER E 293 29.08 7.27 -9.22
C SER E 293 30.34 6.81 -8.49
N LEU E 294 31.27 7.75 -8.31
CA LEU E 294 32.51 7.48 -7.60
C LEU E 294 32.30 7.28 -6.09
N PRO E 295 33.13 6.40 -5.50
CA PRO E 295 33.04 6.08 -4.07
C PRO E 295 33.44 7.20 -3.11
N PHE E 296 34.34 8.08 -3.54
CA PHE E 296 34.85 9.10 -2.64
C PHE E 296 34.71 10.49 -3.22
N GLN E 297 34.62 11.50 -2.35
CA GLN E 297 34.66 12.89 -2.78
C GLN E 297 35.36 13.76 -1.75
N ASN E 298 35.97 14.84 -2.23
CA ASN E 298 36.67 15.80 -1.38
C ASN E 298 36.08 17.23 -1.40
N ILE E 299 34.82 17.35 -1.83
CA ILE E 299 34.16 18.66 -1.89
C ILE E 299 33.65 19.18 -0.55
N HIS E 300 32.95 18.36 0.22
CA HIS E 300 32.39 18.81 1.49
C HIS E 300 31.87 17.65 2.33
N PRO E 301 32.13 17.71 3.65
CA PRO E 301 31.62 16.68 4.55
C PRO E 301 30.11 16.73 4.74
N VAL E 302 29.51 17.89 4.51
CA VAL E 302 28.07 18.02 4.60
C VAL E 302 27.40 17.69 3.28
N THR E 303 26.48 16.74 3.29
CA THR E 303 25.79 16.35 2.06
C THR E 303 24.34 16.00 2.36
N ILE E 304 23.48 16.24 1.39
CA ILE E 304 22.07 15.87 1.50
C ILE E 304 21.71 15.02 0.29
N GLY E 305 21.06 13.89 0.52
CA GLY E 305 20.69 13.03 -0.59
C GLY E 305 21.61 11.83 -0.72
N GLU E 306 21.92 11.41 -1.94
CA GLU E 306 22.64 10.16 -2.11
C GLU E 306 23.99 10.48 -2.74
N CYS E 307 25.03 10.42 -1.90
CA CYS E 307 26.34 10.98 -2.21
C CYS E 307 27.52 10.02 -2.01
N PRO E 308 28.69 10.36 -2.58
CA PRO E 308 29.93 9.62 -2.30
C PRO E 308 30.38 9.87 -0.87
N LYS E 309 31.22 8.98 -0.34
CA LYS E 309 31.74 9.14 1.02
C LYS E 309 32.80 10.25 1.04
N TYR E 310 32.70 11.19 1.98
CA TYR E 310 33.68 12.27 2.07
C TYR E 310 35.01 11.83 2.68
N VAL E 311 36.11 12.18 2.01
CA VAL E 311 37.46 11.93 2.51
C VAL E 311 38.34 13.16 2.31
N ARG E 312 39.47 13.23 3.03
CA ARG E 312 40.39 14.36 2.89
C ARG E 312 41.36 14.26 1.72
N SER E 313 41.35 13.13 1.02
CA SER E 313 42.32 12.92 -0.05
C SER E 313 42.20 14.01 -1.11
N THR E 314 43.31 14.35 -1.74
CA THR E 314 43.24 15.25 -2.88
C THR E 314 43.32 14.47 -4.19
N LYS E 315 43.69 13.18 -4.11
CA LYS E 315 43.62 12.31 -5.28
C LYS E 315 43.56 10.80 -4.95
N LEU E 316 42.75 10.07 -5.70
CA LEU E 316 42.61 8.62 -5.52
C LEU E 316 42.45 8.06 -6.93
N ARG E 317 43.55 7.56 -7.46
CA ARG E 317 43.58 7.06 -8.83
C ARG E 317 44.09 5.63 -8.86
N MET E 318 43.25 4.70 -9.34
CA MET E 318 43.64 3.32 -9.45
C MET E 318 44.25 3.08 -10.81
N ALA E 319 45.40 2.41 -10.79
CA ALA E 319 45.99 1.89 -12.01
C ALA E 319 45.08 0.82 -12.58
N THR E 320 44.95 0.80 -13.90
CA THR E 320 44.26 -0.29 -14.61
C THR E 320 45.26 -0.94 -15.56
N GLY E 321 46.00 -0.10 -16.28
CA GLY E 321 47.03 -0.61 -17.16
C GLY E 321 48.37 -0.72 -16.46
N LEU E 322 49.44 -0.79 -17.25
CA LEU E 322 50.76 -1.09 -16.70
C LEU E 322 51.67 0.12 -16.68
N ARG E 323 52.87 -0.06 -16.13
CA ARG E 323 53.87 0.99 -16.13
C ARG E 323 54.14 1.42 -17.56
N ASN E 324 54.06 2.72 -17.79
CA ASN E 324 54.17 3.28 -19.13
C ASN E 324 55.62 3.62 -19.42
N ILE E 325 56.23 2.87 -20.32
CA ILE E 325 57.64 3.05 -20.64
C ILE E 325 57.85 3.22 -22.15
N PRO E 326 57.53 4.41 -22.67
CA PRO E 326 57.68 4.73 -24.10
C PRO E 326 59.14 4.89 -24.48
N SER E 327 59.93 5.43 -23.55
CA SER E 327 61.36 5.73 -23.73
C SER E 327 61.75 6.06 -25.17
N GLY F 1 60.04 -5.05 -11.18
CA GLY F 1 58.75 -5.58 -10.77
C GLY F 1 58.88 -6.94 -10.11
N LEU F 2 57.80 -7.43 -9.51
CA LEU F 2 57.85 -8.67 -8.74
C LEU F 2 58.25 -9.82 -9.64
N PHE F 3 57.85 -9.76 -10.90
CA PHE F 3 58.04 -10.88 -11.79
C PHE F 3 59.19 -10.65 -12.77
N GLY F 4 59.84 -9.48 -12.66
CA GLY F 4 61.12 -9.28 -13.30
C GLY F 4 61.10 -9.00 -14.78
N ALA F 5 59.90 -8.91 -15.37
CA ALA F 5 59.80 -8.75 -16.81
C ALA F 5 59.63 -7.30 -17.26
N ILE F 6 58.51 -6.69 -16.91
CA ILE F 6 58.26 -5.30 -17.27
C ILE F 6 59.26 -4.42 -16.55
N ALA F 7 59.94 -3.56 -17.31
CA ALA F 7 61.03 -2.72 -16.83
C ALA F 7 62.12 -3.64 -16.28
N GLY F 8 62.15 -4.85 -16.79
CA GLY F 8 63.01 -5.93 -16.33
C GLY F 8 63.81 -6.39 -17.53
N PHE F 9 63.79 -7.69 -17.79
CA PHE F 9 64.55 -8.25 -18.91
C PHE F 9 63.92 -7.83 -20.23
N ILE F 10 62.70 -7.31 -20.18
CA ILE F 10 62.12 -6.66 -21.33
C ILE F 10 62.05 -5.17 -21.03
N GLU F 11 63.01 -4.44 -21.59
CA GLU F 11 63.38 -3.11 -21.09
C GLU F 11 62.31 -2.03 -21.25
N GLY F 12 61.56 -2.08 -22.35
CA GLY F 12 60.59 -1.05 -22.68
C GLY F 12 59.32 -1.52 -23.36
N GLY F 13 58.38 -0.59 -23.51
CA GLY F 13 57.08 -0.88 -24.08
C GLY F 13 56.98 -0.56 -25.55
N TRP F 14 55.85 -0.90 -26.17
CA TRP F 14 55.68 -0.75 -27.61
C TRP F 14 54.52 0.17 -27.96
N THR F 15 54.83 1.38 -28.42
CA THR F 15 53.81 2.30 -28.91
C THR F 15 53.18 1.78 -30.21
N GLY F 16 53.86 0.83 -30.85
CA GLY F 16 53.35 0.21 -32.07
C GLY F 16 52.31 -0.88 -31.91
N MET F 17 52.12 -1.37 -30.68
CA MET F 17 51.06 -2.34 -30.44
C MET F 17 49.79 -1.71 -29.86
N ILE F 18 48.87 -1.34 -30.74
CA ILE F 18 47.76 -0.49 -30.32
C ILE F 18 46.53 -1.28 -29.88
N ASP F 19 46.52 -2.57 -30.19
CA ASP F 19 45.33 -3.39 -29.98
C ASP F 19 45.41 -4.34 -28.78
N GLY F 20 46.39 -4.12 -27.91
CA GLY F 20 46.48 -4.93 -26.69
C GLY F 20 47.52 -4.49 -25.68
N TRP F 21 47.40 -5.04 -24.46
CA TRP F 21 48.34 -4.75 -23.40
C TRP F 21 49.64 -5.54 -23.57
N TYR F 22 49.49 -6.77 -24.05
CA TYR F 22 50.63 -7.66 -24.24
C TYR F 22 50.54 -8.25 -25.65
N GLY F 23 51.67 -8.69 -26.18
CA GLY F 23 51.67 -9.25 -27.51
C GLY F 23 53.07 -9.45 -28.08
N TYR F 24 53.14 -9.46 -29.41
CA TYR F 24 54.27 -9.99 -30.14
C TYR F 24 54.69 -9.04 -31.23
N HIS F 25 56.00 -8.97 -31.48
CA HIS F 25 56.51 -8.33 -32.68
C HIS F 25 57.33 -9.34 -33.45
N HIS F 26 57.07 -9.46 -34.75
CA HIS F 26 57.79 -10.43 -35.55
C HIS F 26 58.47 -9.76 -36.73
N GLN F 27 59.53 -10.43 -37.19
CA GLN F 27 60.24 -10.06 -38.40
C GLN F 27 60.63 -11.29 -39.20
N ASN F 28 60.22 -11.32 -40.46
CA ASN F 28 60.62 -12.39 -41.35
C ASN F 28 60.74 -11.87 -42.78
N GLU F 29 61.02 -12.78 -43.70
CA GLU F 29 61.26 -12.42 -45.09
C GLU F 29 60.02 -11.74 -45.66
N GLN F 30 58.86 -12.16 -45.14
CA GLN F 30 57.57 -11.67 -45.59
C GLN F 30 57.22 -10.27 -45.07
N GLY F 31 57.86 -9.85 -43.99
CA GLY F 31 57.58 -8.56 -43.39
C GLY F 31 57.76 -8.49 -41.89
N SER F 32 57.18 -7.45 -41.30
CA SER F 32 57.42 -7.10 -39.91
C SER F 32 56.10 -6.64 -39.32
N GLY F 33 55.88 -6.86 -38.02
CA GLY F 33 54.67 -6.31 -37.41
C GLY F 33 54.35 -6.68 -35.97
N TYR F 34 53.42 -5.93 -35.39
CA TYR F 34 52.94 -6.17 -34.03
C TYR F 34 51.60 -6.90 -34.05
N ALA F 35 51.34 -7.70 -33.01
CA ALA F 35 50.03 -8.35 -32.84
C ALA F 35 49.74 -8.60 -31.36
N ALA F 36 48.58 -8.17 -30.88
CA ALA F 36 48.19 -8.41 -29.49
C ALA F 36 47.87 -9.88 -29.22
N ASP F 37 48.22 -10.36 -28.02
CA ASP F 37 47.75 -11.66 -27.57
C ASP F 37 46.35 -11.47 -26.99
N GLN F 38 45.33 -12.00 -27.66
CA GLN F 38 43.95 -11.74 -27.27
C GLN F 38 43.56 -12.40 -25.94
N LYS F 39 44.03 -13.62 -25.72
CA LYS F 39 43.63 -14.39 -24.54
C LYS F 39 44.12 -13.78 -23.22
N SER F 40 45.42 -13.53 -23.12
N SER F 40 45.41 -13.48 -23.15
CA SER F 40 46.00 -12.94 -21.93
CA SER F 40 45.98 -12.94 -21.92
C SER F 40 45.48 -11.53 -21.69
C SER F 40 45.50 -11.51 -21.68
N THR F 41 45.42 -10.74 -22.76
CA THR F 41 44.92 -9.38 -22.72
C THR F 41 43.47 -9.32 -22.21
N GLN F 42 42.63 -10.21 -22.74
CA GLN F 42 41.22 -10.18 -22.37
C GLN F 42 41.04 -10.67 -20.94
N ASN F 43 41.82 -11.67 -20.55
CA ASN F 43 41.77 -12.12 -19.16
C ASN F 43 42.19 -11.02 -18.18
N ALA F 44 43.22 -10.28 -18.56
CA ALA F 44 43.69 -9.19 -17.70
C ALA F 44 42.71 -8.03 -17.64
N ILE F 45 42.09 -7.73 -18.78
CA ILE F 45 41.13 -6.64 -18.83
C ILE F 45 39.94 -6.99 -17.96
N ASP F 46 39.51 -8.25 -18.08
CA ASP F 46 38.32 -8.69 -17.35
C ASP F 46 38.63 -8.68 -15.85
N GLY F 47 39.79 -9.22 -15.50
CA GLY F 47 40.22 -9.22 -14.11
C GLY F 47 40.31 -7.84 -13.48
N ILE F 48 40.97 -6.91 -14.18
CA ILE F 48 41.19 -5.58 -13.63
C ILE F 48 39.88 -4.78 -13.57
N THR F 49 39.00 -5.05 -14.53
CA THR F 49 37.72 -4.35 -14.57
C THR F 49 36.93 -4.85 -13.39
N ASN F 50 37.09 -6.14 -13.11
CA ASN F 50 36.36 -6.72 -12.01
C ASN F 50 36.92 -6.14 -10.72
N LYS F 51 38.23 -5.88 -10.68
CA LYS F 51 38.82 -5.31 -9.46
C LYS F 51 38.30 -3.91 -9.16
N VAL F 52 38.30 -3.05 -10.17
CA VAL F 52 37.86 -1.67 -9.98
C VAL F 52 36.38 -1.64 -9.63
N ASN F 53 35.59 -2.37 -10.41
CA ASN F 53 34.17 -2.45 -10.18
C ASN F 53 33.89 -3.01 -8.80
N SER F 54 34.72 -3.94 -8.34
CA SER F 54 34.46 -4.55 -7.05
C SER F 54 34.79 -3.56 -5.95
N VAL F 55 35.83 -2.73 -6.14
CA VAL F 55 36.11 -1.70 -5.16
C VAL F 55 34.96 -0.68 -5.07
N ILE F 56 34.47 -0.22 -6.22
CA ILE F 56 33.42 0.80 -6.23
C ILE F 56 32.05 0.29 -5.74
N GLU F 57 31.72 -0.94 -6.12
CA GLU F 57 30.43 -1.61 -5.88
C GLU F 57 30.16 -1.82 -4.38
N LYS F 58 31.22 -1.93 -3.59
CA LYS F 58 31.14 -2.20 -2.15
C LYS F 58 30.83 -0.94 -1.35
N MET F 59 30.69 0.17 -2.06
CA MET F 59 30.36 1.44 -1.42
C MET F 59 28.95 1.80 -1.70
N ASN F 60 28.07 1.25 -0.86
CA ASN F 60 26.68 1.62 -0.89
C ASN F 60 26.80 3.11 -0.72
N THR F 61 25.98 3.85 -1.43
CA THR F 61 26.11 5.28 -1.47
C THR F 61 25.81 5.88 -0.10
N GLN F 62 26.26 7.12 0.09
CA GLN F 62 26.00 7.79 1.34
C GLN F 62 24.67 8.40 1.04
N PHE F 63 23.73 7.96 1.85
CA PHE F 63 22.39 8.45 1.83
C PHE F 63 22.44 9.65 2.73
N THR F 64 21.30 10.28 2.96
CA THR F 64 21.37 11.49 3.76
C THR F 64 22.13 11.35 5.06
N ALA F 65 23.09 12.27 5.21
CA ALA F 65 23.93 12.36 6.38
C ALA F 65 24.03 13.86 6.56
N VAL F 66 23.39 14.39 7.58
CA VAL F 66 23.41 15.83 7.71
C VAL F 66 23.97 16.33 9.02
N GLY F 67 24.39 17.59 8.98
CA GLY F 67 25.04 18.18 10.12
C GLY F 67 23.90 18.33 11.11
N LYS F 68 24.24 18.15 12.37
CA LYS F 68 23.36 18.44 13.47
C LYS F 68 23.63 19.87 13.93
N GLU F 69 22.59 20.53 14.43
CA GLU F 69 22.79 21.88 14.90
C GLU F 69 22.68 21.90 16.41
N PHE F 70 23.38 22.85 17.04
CA PHE F 70 23.39 22.88 18.49
C PHE F 70 23.29 24.26 19.11
N ASN F 71 22.57 24.33 20.20
CA ASN F 71 22.45 25.54 21.00
C ASN F 71 23.64 25.77 21.95
N ASN F 72 23.63 26.89 22.67
N ASN F 72 23.61 26.88 22.69
CA ASN F 72 24.78 27.29 23.48
CA ASN F 72 24.75 27.34 23.49
C ASN F 72 25.05 26.37 24.66
C ASN F 72 24.96 26.53 24.78
N LEU F 73 24.02 25.65 25.09
CA LEU F 73 24.11 24.75 26.23
C LEU F 73 24.35 23.31 25.77
N GLU F 74 24.79 23.17 24.52
CA GLU F 74 25.08 21.86 23.95
C GLU F 74 26.51 21.60 23.48
N ARG F 75 27.52 22.27 24.05
CA ARG F 75 28.90 22.04 23.60
C ARG F 75 29.38 20.59 23.66
N ARG F 76 28.93 19.84 24.67
CA ARG F 76 29.41 18.47 24.78
C ARG F 76 28.89 17.58 23.66
N ILE F 77 27.61 17.71 23.34
N ILE F 77 27.62 17.69 23.32
CA ILE F 77 27.00 16.90 22.29
CA ILE F 77 27.09 16.85 22.25
C ILE F 77 27.50 17.32 20.90
C ILE F 77 27.53 17.31 20.86
N GLU F 78 27.70 18.62 20.71
CA GLU F 78 28.25 19.15 19.45
C GLU F 78 29.64 18.57 19.24
N ASN F 79 30.41 18.53 20.32
CA ASN F 79 31.76 18.02 20.23
C ASN F 79 31.75 16.50 20.02
N LEU F 80 30.76 15.81 20.59
CA LEU F 80 30.63 14.39 20.31
C LEU F 80 30.37 14.13 18.84
N ASN F 81 29.50 14.95 18.26
CA ASN F 81 29.17 14.84 16.85
C ASN F 81 30.38 15.10 15.96
N LYS F 82 31.14 16.12 16.35
CA LYS F 82 32.34 16.48 15.60
C LYS F 82 33.40 15.37 15.76
N LYS F 83 33.47 14.76 16.94
CA LYS F 83 34.41 13.66 17.16
C LYS F 83 34.08 12.46 16.27
N VAL F 84 32.79 12.16 16.16
CA VAL F 84 32.36 11.03 15.34
C VAL F 84 32.68 11.33 13.88
N ASP F 85 32.32 12.52 13.42
CA ASP F 85 32.49 12.86 12.00
C ASP F 85 33.97 12.88 11.61
N ASP F 86 34.79 13.52 12.46
CA ASP F 86 36.24 13.54 12.26
C ASP F 86 36.86 12.15 12.32
N GLY F 87 36.38 11.30 13.22
CA GLY F 87 36.91 9.96 13.40
C GLY F 87 36.66 9.10 12.18
N PHE F 88 35.42 9.20 11.68
CA PHE F 88 35.04 8.46 10.49
C PHE F 88 35.84 8.99 9.32
N LEU F 89 36.04 10.30 9.27
CA LEU F 89 36.84 10.87 8.20
C LEU F 89 38.31 10.41 8.22
N ASP F 90 38.87 10.25 9.41
CA ASP F 90 40.23 9.75 9.55
C ASP F 90 40.29 8.33 9.02
N ILE F 91 39.27 7.55 9.39
CA ILE F 91 39.26 6.15 8.96
C ILE F 91 39.11 5.96 7.45
N TRP F 92 38.15 6.67 6.87
CA TRP F 92 37.92 6.48 5.45
C TRP F 92 39.02 7.09 4.60
N THR F 93 39.57 8.22 5.02
CA THR F 93 40.69 8.76 4.27
C THR F 93 41.94 7.88 4.33
N TYR F 94 42.31 7.45 5.53
CA TYR F 94 43.44 6.54 5.65
C TYR F 94 43.24 5.26 4.82
N ASN F 95 42.07 4.63 4.94
CA ASN F 95 41.86 3.36 4.27
C ASN F 95 41.85 3.56 2.76
N ALA F 96 41.21 4.62 2.27
CA ALA F 96 41.14 4.80 0.82
C ALA F 96 42.53 5.09 0.24
N GLU F 97 43.30 5.97 0.88
CA GLU F 97 44.61 6.30 0.32
C GLU F 97 45.52 5.07 0.34
N LEU F 98 45.50 4.37 1.46
CA LEU F 98 46.43 3.27 1.64
C LEU F 98 46.03 2.12 0.70
N LEU F 99 44.71 1.91 0.58
CA LEU F 99 44.15 0.85 -0.26
C LEU F 99 44.52 1.09 -1.71
N VAL F 100 44.42 2.35 -2.15
CA VAL F 100 44.79 2.69 -3.52
C VAL F 100 46.28 2.46 -3.74
N LEU F 101 47.10 2.80 -2.74
CA LEU F 101 48.54 2.54 -2.86
C LEU F 101 48.82 1.03 -3.10
N LEU F 102 48.22 0.23 -2.24
CA LEU F 102 48.51 -1.20 -2.19
C LEU F 102 47.97 -1.86 -3.46
N GLU F 103 46.79 -1.43 -3.86
CA GLU F 103 46.16 -2.04 -5.02
C GLU F 103 46.87 -1.64 -6.30
N ASN F 104 47.41 -0.42 -6.33
CA ASN F 104 48.21 -0.01 -7.48
C ASN F 104 49.43 -0.91 -7.63
N GLU F 105 50.11 -1.13 -6.49
CA GLU F 105 51.26 -2.04 -6.54
C GLU F 105 50.84 -3.42 -7.07
N ARG F 106 49.75 -3.96 -6.53
CA ARG F 106 49.29 -5.29 -6.97
C ARG F 106 48.95 -5.33 -8.46
N THR F 107 48.39 -4.24 -8.98
CA THR F 107 47.97 -4.19 -10.38
C THR F 107 49.20 -4.21 -11.29
N LEU F 108 50.15 -3.32 -10.99
CA LEU F 108 51.41 -3.32 -11.75
C LEU F 108 52.08 -4.72 -11.71
N ASP F 109 52.04 -5.35 -10.55
CA ASP F 109 52.70 -6.65 -10.40
C ASP F 109 51.96 -7.70 -11.23
N PHE F 110 50.65 -7.54 -11.33
CA PHE F 110 49.79 -8.44 -12.09
C PHE F 110 50.15 -8.38 -13.57
N HIS F 111 50.32 -7.16 -14.08
CA HIS F 111 50.79 -6.99 -15.45
C HIS F 111 52.16 -7.63 -15.67
N ASP F 112 53.08 -7.41 -14.73
CA ASP F 112 54.44 -7.97 -14.85
C ASP F 112 54.35 -9.49 -14.95
N SER F 113 53.47 -10.07 -14.13
CA SER F 113 53.23 -11.50 -14.13
C SER F 113 52.71 -11.96 -15.49
N ASN F 114 51.77 -11.22 -16.06
CA ASN F 114 51.21 -11.64 -17.33
C ASN F 114 52.25 -11.63 -18.46
N VAL F 115 53.12 -10.62 -18.46
CA VAL F 115 54.21 -10.57 -19.44
C VAL F 115 55.21 -11.70 -19.26
N ARG F 116 55.59 -11.98 -18.01
CA ARG F 116 56.54 -13.07 -17.76
C ARG F 116 55.96 -14.39 -18.20
N ASN F 117 54.67 -14.58 -17.98
CA ASN F 117 54.07 -15.86 -18.30
C ASN F 117 53.92 -16.00 -19.79
N LEU F 118 53.63 -14.92 -20.50
CA LEU F 118 53.60 -15.01 -21.96
C LEU F 118 54.97 -15.36 -22.54
N TYR F 119 56.01 -14.70 -22.02
CA TYR F 119 57.37 -14.97 -22.51
C TYR F 119 57.79 -16.41 -22.25
N GLU F 120 57.53 -16.90 -21.04
CA GLU F 120 57.95 -18.25 -20.69
C GLU F 120 57.11 -19.26 -21.44
N LYS F 121 55.87 -18.88 -21.75
CA LYS F 121 55.01 -19.75 -22.55
C LYS F 121 55.61 -19.94 -23.94
N VAL F 122 55.95 -18.83 -24.60
CA VAL F 122 56.60 -18.93 -25.92
C VAL F 122 57.89 -19.74 -25.80
N LYS F 123 58.67 -19.47 -24.76
CA LYS F 123 59.96 -20.12 -24.58
C LYS F 123 59.77 -21.63 -24.53
N SER F 124 58.76 -22.05 -23.78
CA SER F 124 58.53 -23.46 -23.57
C SER F 124 57.88 -24.15 -24.77
N GLN F 125 57.10 -23.40 -25.55
CA GLN F 125 56.61 -23.90 -26.84
C GLN F 125 57.74 -24.15 -27.84
N LEU F 126 58.63 -23.18 -27.95
CA LEU F 126 59.65 -23.23 -29.00
C LEU F 126 60.80 -24.15 -28.66
N LYS F 127 61.14 -24.23 -27.37
CA LYS F 127 62.28 -25.03 -26.93
C LYS F 127 63.53 -24.71 -27.75
N ASN F 128 64.19 -25.74 -28.26
CA ASN F 128 65.43 -25.55 -28.99
C ASN F 128 65.32 -25.36 -30.51
N ASN F 129 64.12 -25.11 -31.00
CA ASN F 129 63.96 -24.69 -32.39
C ASN F 129 64.22 -23.20 -32.60
N ALA F 130 64.47 -22.48 -31.51
CA ALA F 130 64.85 -21.07 -31.57
C ALA F 130 65.85 -20.76 -30.47
N LYS F 131 66.62 -19.70 -30.63
CA LYS F 131 67.51 -19.25 -29.57
C LYS F 131 66.98 -17.98 -28.91
N GLU F 132 67.01 -17.98 -27.60
CA GLU F 132 66.62 -16.83 -26.80
C GLU F 132 67.71 -15.77 -26.92
N ILE F 133 67.33 -14.58 -27.35
CA ILE F 133 68.25 -13.43 -27.29
C ILE F 133 68.43 -12.99 -25.84
N GLY F 134 67.31 -12.71 -25.16
CA GLY F 134 67.35 -12.34 -23.76
C GLY F 134 66.54 -11.09 -23.44
N ASN F 135 66.14 -10.38 -24.49
CA ASN F 135 65.45 -9.10 -24.38
C ASN F 135 63.98 -9.29 -24.74
N GLY F 136 63.50 -10.52 -24.58
CA GLY F 136 62.13 -10.88 -24.87
C GLY F 136 61.94 -11.41 -26.29
N CYS F 137 63.03 -11.47 -27.03
CA CYS F 137 63.01 -11.85 -28.43
C CYS F 137 63.52 -13.28 -28.64
N PHE F 138 63.02 -13.95 -29.67
CA PHE F 138 63.52 -15.26 -30.06
C PHE F 138 63.93 -15.22 -31.53
N GLU F 139 65.09 -15.77 -31.83
CA GLU F 139 65.53 -15.89 -33.21
C GLU F 139 65.40 -17.35 -33.62
N PHE F 140 64.60 -17.61 -34.65
CA PHE F 140 64.37 -18.97 -35.10
C PHE F 140 65.61 -19.54 -35.80
N TYR F 141 65.88 -20.82 -35.56
CA TYR F 141 66.91 -21.55 -36.29
C TYR F 141 66.35 -22.19 -37.55
N HIS F 142 65.11 -21.88 -37.87
CA HIS F 142 64.48 -22.40 -39.07
C HIS F 142 63.65 -21.30 -39.71
N LYS F 143 63.28 -21.45 -40.97
CA LYS F 143 62.41 -20.46 -41.56
C LYS F 143 61.02 -20.60 -40.94
N CYS F 144 60.42 -19.46 -40.59
CA CYS F 144 59.15 -19.43 -39.88
C CYS F 144 58.26 -18.40 -40.56
N ASP F 145 57.38 -18.86 -41.44
CA ASP F 145 56.52 -17.93 -42.17
C ASP F 145 55.31 -17.46 -41.37
N ASP F 146 54.39 -16.78 -42.04
CA ASP F 146 53.32 -16.06 -41.38
C ASP F 146 52.40 -17.03 -40.66
N ALA F 147 52.13 -18.15 -41.31
CA ALA F 147 51.29 -19.19 -40.74
C ALA F 147 51.95 -19.77 -39.50
N CYS F 148 53.25 -20.06 -39.60
CA CYS F 148 54.03 -20.54 -38.46
C CYS F 148 53.98 -19.55 -37.29
N MET F 149 54.21 -18.27 -37.58
CA MET F 149 54.15 -17.24 -36.56
C MET F 149 52.79 -17.26 -35.87
N GLU F 150 51.74 -17.37 -36.68
CA GLU F 150 50.38 -17.36 -36.15
C GLU F 150 50.16 -18.60 -35.29
N SER F 151 50.82 -19.69 -35.67
CA SER F 151 50.78 -20.92 -34.89
C SER F 151 51.41 -20.71 -33.52
N VAL F 152 52.49 -19.95 -33.50
CA VAL F 152 53.09 -19.55 -32.24
C VAL F 152 52.13 -18.71 -31.42
N ARG F 153 51.48 -17.75 -32.07
CA ARG F 153 50.58 -16.83 -31.38
C ARG F 153 49.33 -17.49 -30.80
N ASN F 154 48.80 -18.51 -31.47
CA ASN F 154 47.58 -19.15 -30.97
C ASN F 154 47.88 -20.46 -30.24
N GLY F 155 49.16 -20.71 -30.00
CA GLY F 155 49.61 -21.80 -29.16
C GLY F 155 49.57 -23.15 -29.83
N THR F 156 49.66 -23.15 -31.15
CA THR F 156 49.65 -24.41 -31.91
C THR F 156 50.95 -24.69 -32.66
N TYR F 157 52.04 -24.02 -32.28
CA TYR F 157 53.32 -24.25 -32.96
C TYR F 157 53.70 -25.73 -32.91
N ASP F 158 54.18 -26.25 -34.04
CA ASP F 158 54.48 -27.67 -34.17
C ASP F 158 55.99 -27.90 -34.07
N TYR F 159 56.46 -28.18 -32.86
CA TYR F 159 57.89 -28.32 -32.60
C TYR F 159 58.57 -29.42 -33.43
N PRO F 160 57.94 -30.62 -33.53
CA PRO F 160 58.62 -31.66 -34.30
C PRO F 160 58.76 -31.32 -35.77
N LYS F 161 57.78 -30.61 -36.33
CA LYS F 161 57.82 -30.23 -37.74
C LYS F 161 59.07 -29.45 -38.11
N TYR F 162 59.49 -28.53 -37.24
CA TYR F 162 60.64 -27.69 -37.58
C TYR F 162 61.90 -28.14 -36.84
N SER F 163 61.76 -29.14 -35.97
CA SER F 163 62.91 -29.63 -35.21
C SER F 163 64.11 -30.10 -36.01
N GLU F 164 63.85 -30.83 -37.09
CA GLU F 164 64.93 -31.41 -37.86
C GLU F 164 65.69 -30.34 -38.63
N GLU F 165 64.93 -29.46 -39.28
CA GLU F 165 65.47 -28.32 -40.01
C GLU F 165 66.29 -27.45 -39.07
N SER F 166 65.73 -27.23 -37.88
CA SER F 166 66.36 -26.39 -36.87
C SER F 166 67.67 -27.02 -36.46
N LYS F 167 67.67 -28.33 -36.29
CA LYS F 167 68.85 -29.03 -35.80
C LYS F 167 69.92 -28.89 -36.87
N LEU F 168 69.49 -28.97 -38.13
CA LEU F 168 70.39 -28.80 -39.28
C LEU F 168 71.05 -27.42 -39.37
N ASN F 169 70.23 -26.38 -39.24
CA ASN F 169 70.72 -25.00 -39.29
C ASN F 169 71.48 -24.52 -38.04
N ARG F 170 71.21 -25.15 -36.91
CA ARG F 170 71.80 -24.75 -35.63
C ARG F 170 73.26 -25.15 -35.62
N GLU F 171 73.55 -26.24 -36.31
CA GLU F 171 74.91 -26.76 -36.40
C GLU F 171 75.57 -26.34 -37.72
N PRO G 3 -58.02 15.59 28.36
CA PRO G 3 -57.36 14.39 28.90
C PRO G 3 -57.89 13.11 28.27
N GLY G 4 -58.32 13.15 27.02
CA GLY G 4 -59.02 12.01 26.43
C GLY G 4 -58.18 10.87 25.88
N ASP G 5 -58.89 9.77 25.58
CA ASP G 5 -58.36 8.57 24.93
C ASP G 5 -57.75 8.77 23.55
N THR G 6 -56.83 7.87 23.18
CA THR G 6 -56.10 7.97 21.92
C THR G 6 -55.89 6.58 21.30
N ILE G 7 -55.84 6.54 19.98
CA ILE G 7 -55.39 5.35 19.25
C ILE G 7 -54.40 5.78 18.17
N CYS G 8 -53.30 5.02 18.05
CA CYS G 8 -52.32 5.34 17.02
C CYS G 8 -52.14 4.22 16.00
N ILE G 9 -51.85 4.60 14.77
CA ILE G 9 -51.53 3.64 13.71
C ILE G 9 -50.02 3.61 13.55
N GLY G 10 -49.46 2.43 13.40
CA GLY G 10 -48.02 2.27 13.36
C GLY G 10 -47.56 0.98 12.71
N TYR G 11 -46.26 0.79 12.65
CA TYR G 11 -45.69 -0.37 12.00
C TYR G 11 -44.54 -1.00 12.79
N HIS G 12 -44.23 -2.26 12.48
CA HIS G 12 -43.24 -3.03 13.21
C HIS G 12 -41.83 -2.50 13.03
N ALA G 13 -41.07 -2.49 14.11
CA ALA G 13 -39.61 -2.37 14.05
C ALA G 13 -39.00 -3.48 14.90
N ASN G 14 -37.75 -3.84 14.61
CA ASN G 14 -37.03 -4.81 15.45
C ASN G 14 -35.52 -4.62 15.48
N ASN G 15 -34.82 -5.63 15.99
CA ASN G 15 -33.36 -5.57 16.13
C ASN G 15 -32.56 -6.15 14.97
N SER G 16 -33.22 -6.41 13.85
CA SER G 16 -32.54 -7.00 12.71
C SER G 16 -31.42 -6.07 12.26
N THR G 17 -30.32 -6.65 11.81
CA THR G 17 -29.21 -5.86 11.29
C THR G 17 -29.07 -6.07 9.81
N ASP G 18 -29.95 -6.91 9.25
CA ASP G 18 -29.95 -7.20 7.83
C ASP G 18 -30.05 -5.91 7.02
N THR G 19 -29.21 -5.78 6.01
CA THR G 19 -29.29 -4.63 5.12
C THR G 19 -29.57 -5.12 3.71
N VAL G 20 -30.33 -4.33 2.97
CA VAL G 20 -30.55 -4.63 1.56
C VAL G 20 -30.17 -3.38 0.79
N ASP G 21 -29.91 -3.55 -0.49
CA ASP G 21 -29.71 -2.41 -1.35
C ASP G 21 -31.01 -2.19 -2.10
N THR G 22 -31.30 -0.93 -2.41
CA THR G 22 -32.45 -0.61 -3.24
C THR G 22 -31.98 0.32 -4.33
N VAL G 23 -32.88 0.66 -5.23
CA VAL G 23 -32.57 1.56 -6.33
C VAL G 23 -32.14 2.95 -5.85
N LEU G 24 -32.91 3.53 -4.94
CA LEU G 24 -32.68 4.90 -4.54
C LEU G 24 -31.67 5.05 -3.42
N GLU G 25 -31.41 3.95 -2.70
CA GLU G 25 -30.63 4.06 -1.47
C GLU G 25 -29.90 2.74 -1.20
N LYS G 26 -28.62 2.83 -0.87
CA LYS G 26 -27.84 1.64 -0.52
C LYS G 26 -27.89 1.32 0.98
N ASN G 27 -27.67 0.04 1.31
CA ASN G 27 -27.45 -0.40 2.69
C ASN G 27 -28.63 -0.07 3.59
N VAL G 28 -29.85 -0.23 3.09
CA VAL G 28 -31.03 0.02 3.88
C VAL G 28 -31.29 -1.14 4.84
N THR G 29 -31.40 -0.81 6.12
CA THR G 29 -31.72 -1.80 7.14
C THR G 29 -33.20 -2.16 7.13
N VAL G 30 -33.50 -3.45 7.12
CA VAL G 30 -34.88 -3.93 7.04
C VAL G 30 -35.19 -4.90 8.17
N THR G 31 -36.48 -5.04 8.48
CA THR G 31 -36.87 -5.84 9.62
C THR G 31 -36.74 -7.32 9.32
N HIS G 32 -36.97 -7.68 8.06
CA HIS G 32 -36.88 -9.07 7.64
C HIS G 32 -36.34 -9.13 6.21
N SER G 33 -35.63 -10.20 5.89
CA SER G 33 -35.08 -10.37 4.55
C SER G 33 -34.66 -11.81 4.29
N VAL G 34 -34.51 -12.16 3.02
CA VAL G 34 -34.08 -13.49 2.63
C VAL G 34 -32.92 -13.41 1.65
N ASN G 35 -31.88 -14.20 1.93
CA ASN G 35 -30.73 -14.33 1.04
C ASN G 35 -31.04 -15.26 -0.13
N LEU G 36 -30.73 -14.82 -1.35
CA LEU G 36 -31.00 -15.65 -2.52
C LEU G 36 -29.72 -16.26 -3.09
N LEU G 37 -28.58 -15.99 -2.46
CA LEU G 37 -27.28 -16.41 -2.99
C LEU G 37 -26.58 -17.41 -2.09
N GLU G 38 -26.44 -18.66 -2.52
CA GLU G 38 -25.74 -19.63 -1.71
C GLU G 38 -24.23 -19.49 -1.92
N ASP G 39 -23.49 -19.28 -0.83
CA ASP G 39 -22.04 -19.20 -0.88
C ASP G 39 -21.31 -20.25 -0.04
N SER G 40 -22.05 -21.22 0.48
CA SER G 40 -21.43 -22.27 1.30
C SER G 40 -21.42 -23.66 0.69
N HIS G 41 -20.29 -24.33 0.83
CA HIS G 41 -20.12 -25.72 0.42
C HIS G 41 -19.30 -26.46 1.47
N ASN G 42 -19.23 -27.78 1.36
CA ASN G 42 -18.62 -28.60 2.41
C ASN G 42 -17.19 -29.05 2.14
N GLY G 43 -16.63 -28.63 1.00
CA GLY G 43 -15.23 -28.83 0.71
C GLY G 43 -14.85 -30.25 0.33
N LYS G 44 -15.86 -31.10 0.14
CA LYS G 44 -15.65 -32.51 -0.18
C LYS G 44 -16.34 -32.86 -1.49
N LEU G 45 -15.89 -33.94 -2.12
CA LEU G 45 -16.59 -34.52 -3.26
C LEU G 45 -17.51 -35.64 -2.79
N CYS G 46 -18.80 -35.48 -3.10
CA CYS G 46 -19.83 -36.36 -2.58
C CYS G 46 -20.49 -37.17 -3.69
N LYS G 47 -21.36 -38.08 -3.30
CA LYS G 47 -22.16 -38.85 -4.26
C LYS G 47 -23.33 -38.11 -4.91
N LEU G 48 -23.69 -38.59 -6.10
N LEU G 48 -23.68 -38.56 -6.11
CA LEU G 48 -24.89 -38.15 -6.81
CA LEU G 48 -24.90 -38.13 -6.78
C LEU G 48 -25.74 -39.39 -7.07
C LEU G 48 -25.74 -39.38 -7.04
N LYS G 49 -27.03 -39.28 -6.74
CA LYS G 49 -27.95 -40.42 -6.83
C LYS G 49 -27.46 -41.59 -5.98
N GLY G 50 -26.78 -41.25 -4.88
CA GLY G 50 -26.23 -42.23 -3.96
C GLY G 50 -25.11 -43.07 -4.55
N ILE G 51 -24.54 -42.62 -5.66
CA ILE G 51 -23.43 -43.34 -6.30
C ILE G 51 -22.12 -42.56 -6.20
N ALA G 52 -21.05 -43.25 -5.82
CA ALA G 52 -19.75 -42.61 -5.63
C ALA G 52 -19.12 -42.28 -6.98
N PRO G 53 -18.31 -41.22 -7.02
CA PRO G 53 -17.50 -40.87 -8.20
C PRO G 53 -16.31 -41.82 -8.39
N LEU G 54 -15.76 -41.84 -9.60
CA LEU G 54 -14.55 -42.59 -9.85
C LEU G 54 -13.33 -41.70 -9.72
N GLN G 55 -12.43 -42.06 -8.82
CA GLN G 55 -11.24 -41.27 -8.56
C GLN G 55 -10.10 -41.86 -9.37
N LEU G 56 -9.69 -41.14 -10.41
CA LEU G 56 -8.60 -41.58 -11.26
C LEU G 56 -7.24 -41.41 -10.61
N GLY G 57 -7.16 -40.53 -9.61
CA GLY G 57 -5.95 -40.35 -8.83
C GLY G 57 -4.78 -39.88 -9.67
N LYS G 58 -3.71 -40.68 -9.68
CA LYS G 58 -2.49 -40.33 -10.41
C LYS G 58 -2.60 -40.69 -11.90
N CYS G 59 -3.73 -41.28 -12.27
CA CYS G 59 -4.00 -41.64 -13.66
C CYS G 59 -4.98 -40.64 -14.27
N ASN G 60 -4.98 -40.54 -15.59
CA ASN G 60 -6.04 -39.83 -16.31
C ASN G 60 -6.88 -40.79 -17.11
N ILE G 61 -7.86 -40.27 -17.85
N ILE G 61 -7.84 -40.28 -17.88
CA ILE G 61 -8.77 -41.08 -18.64
CA ILE G 61 -8.78 -41.16 -18.58
C ILE G 61 -8.03 -42.02 -19.58
C ILE G 61 -8.07 -42.02 -19.63
N ALA G 62 -7.06 -41.46 -20.30
CA ALA G 62 -6.26 -42.23 -21.26
C ALA G 62 -5.50 -43.39 -20.60
N GLY G 63 -4.83 -43.11 -19.50
CA GLY G 63 -4.09 -44.12 -18.76
C GLY G 63 -4.98 -45.24 -18.25
N TRP G 64 -6.16 -44.85 -17.81
CA TRP G 64 -7.20 -45.78 -17.37
C TRP G 64 -7.68 -46.68 -18.50
N LEU G 65 -8.15 -46.09 -19.59
CA LEU G 65 -8.80 -46.84 -20.68
C LEU G 65 -7.82 -47.73 -21.43
N LEU G 66 -6.61 -47.23 -21.68
CA LEU G 66 -5.60 -48.06 -22.31
C LEU G 66 -5.12 -49.08 -21.28
N GLY G 67 -5.29 -48.74 -20.00
CA GLY G 67 -4.84 -49.60 -18.92
C GLY G 67 -3.36 -49.51 -18.68
N ASN G 68 -2.85 -48.28 -18.64
CA ASN G 68 -1.51 -48.01 -18.14
C ASN G 68 -1.31 -48.76 -16.83
N PRO G 69 -0.18 -49.48 -16.71
CA PRO G 69 0.11 -50.37 -15.59
C PRO G 69 0.21 -49.67 -14.22
N GLU G 70 0.46 -48.37 -14.23
CA GLU G 70 0.44 -47.59 -13.00
C GLU G 70 -0.96 -47.37 -12.46
N CYS G 71 -1.97 -47.71 -13.26
CA CYS G 71 -3.36 -47.43 -12.92
C CYS G 71 -4.07 -48.67 -12.41
N ASP G 72 -3.30 -49.65 -11.93
CA ASP G 72 -3.86 -50.93 -11.54
C ASP G 72 -4.91 -50.82 -10.43
N LEU G 73 -4.82 -49.78 -9.61
CA LEU G 73 -5.76 -49.58 -8.52
C LEU G 73 -7.18 -49.28 -9.05
N LEU G 74 -7.26 -48.94 -10.33
CA LEU G 74 -8.53 -48.63 -10.99
C LEU G 74 -9.17 -49.87 -11.64
N LEU G 75 -8.46 -50.98 -11.62
CA LEU G 75 -8.93 -52.21 -12.28
C LEU G 75 -10.26 -52.75 -11.74
N THR G 76 -10.57 -52.46 -10.49
CA THR G 76 -11.84 -52.91 -9.92
C THR G 76 -13.03 -51.96 -10.13
N ALA G 77 -12.77 -50.78 -10.70
CA ALA G 77 -13.81 -49.77 -10.91
C ALA G 77 -14.86 -50.19 -11.95
N SER G 78 -16.13 -50.00 -11.64
CA SER G 78 -17.18 -50.46 -12.56
C SER G 78 -18.36 -49.50 -12.78
N SER G 79 -18.68 -48.68 -11.79
CA SER G 79 -19.77 -47.70 -11.92
C SER G 79 -19.53 -46.39 -11.14
N TRP G 80 -20.05 -45.27 -11.65
CA TRP G 80 -19.77 -43.97 -11.00
C TRP G 80 -20.82 -42.92 -11.37
N SER G 81 -20.92 -41.89 -10.54
CA SER G 81 -21.81 -40.76 -10.77
C SER G 81 -21.20 -39.61 -11.58
N TYR G 82 -19.87 -39.46 -11.47
CA TYR G 82 -19.11 -38.49 -12.24
C TYR G 82 -17.65 -38.90 -12.14
N ILE G 83 -16.80 -38.32 -12.97
CA ILE G 83 -15.41 -38.75 -13.02
C ILE G 83 -14.50 -37.64 -12.52
N VAL G 84 -13.57 -38.00 -11.64
CA VAL G 84 -12.70 -37.04 -11.00
C VAL G 84 -11.24 -37.21 -11.39
N GLU G 85 -10.67 -36.20 -12.03
CA GLU G 85 -9.23 -36.16 -12.25
C GLU G 85 -8.65 -35.17 -11.26
N THR G 86 -7.39 -35.37 -10.87
CA THR G 86 -6.77 -34.49 -9.89
C THR G 86 -5.52 -33.85 -10.48
N SER G 87 -4.87 -32.99 -9.69
CA SER G 87 -3.65 -32.32 -10.13
C SER G 87 -2.43 -33.24 -10.22
N ASN G 88 -2.55 -34.42 -9.62
N ASN G 88 -2.50 -34.44 -9.64
CA ASN G 88 -1.51 -35.44 -9.62
CA ASN G 88 -1.37 -35.35 -9.78
C ASN G 88 -1.68 -36.52 -10.70
C ASN G 88 -1.61 -36.47 -10.79
N SER G 89 -2.62 -36.31 -11.62
CA SER G 89 -2.90 -37.30 -12.66
C SER G 89 -1.95 -37.14 -13.83
N GLU G 90 -0.77 -37.73 -13.71
CA GLU G 90 0.27 -37.57 -14.71
C GLU G 90 0.46 -38.82 -15.57
N ASN G 91 -0.06 -39.93 -15.08
CA ASN G 91 -0.10 -41.20 -15.82
C ASN G 91 -1.20 -41.37 -16.88
N GLY G 92 -0.78 -41.35 -18.14
CA GLY G 92 -1.68 -41.53 -19.27
C GLY G 92 -1.05 -42.46 -20.29
N THR G 93 -0.65 -41.88 -21.41
CA THR G 93 0.01 -42.62 -22.50
C THR G 93 1.49 -42.77 -22.20
N CYS G 94 1.91 -43.91 -21.66
CA CYS G 94 3.31 -44.10 -21.30
C CYS G 94 4.20 -44.25 -22.52
N TYR G 95 3.66 -44.79 -23.60
CA TYR G 95 4.38 -44.78 -24.86
C TYR G 95 3.96 -43.53 -25.62
N PRO G 96 4.94 -42.68 -25.99
CA PRO G 96 4.61 -41.37 -26.54
C PRO G 96 3.88 -41.42 -27.88
N GLY G 97 2.97 -40.46 -28.07
CA GLY G 97 2.21 -40.35 -29.31
C GLY G 97 0.89 -39.65 -29.06
N ASP G 98 -0.03 -39.73 -30.03
CA ASP G 98 -1.26 -38.96 -29.96
C ASP G 98 -2.48 -39.83 -29.74
N PHE G 99 -3.33 -39.42 -28.80
CA PHE G 99 -4.59 -40.11 -28.57
C PHE G 99 -5.62 -39.32 -29.38
N ILE G 100 -6.08 -39.93 -30.47
N ILE G 100 -6.05 -39.89 -30.49
CA ILE G 100 -6.90 -39.23 -31.46
CA ILE G 100 -6.86 -39.16 -31.46
C ILE G 100 -8.34 -39.04 -30.99
C ILE G 100 -8.32 -39.03 -31.02
N ASP G 101 -8.86 -37.82 -31.15
CA ASP G 101 -10.22 -37.49 -30.71
C ASP G 101 -10.41 -37.81 -29.24
N TYR G 102 -9.36 -37.54 -28.45
CA TYR G 102 -9.37 -37.80 -27.02
C TYR G 102 -10.44 -36.94 -26.36
N GLU G 103 -10.57 -35.69 -26.79
CA GLU G 103 -11.57 -34.80 -26.19
C GLU G 103 -12.96 -35.29 -26.49
N GLU G 104 -13.15 -35.81 -27.70
CA GLU G 104 -14.42 -36.41 -28.06
C GLU G 104 -14.72 -37.63 -27.22
N LEU G 105 -13.70 -38.44 -26.95
CA LEU G 105 -13.91 -39.64 -26.14
C LEU G 105 -14.31 -39.27 -24.73
N ARG G 106 -13.62 -38.27 -24.18
CA ARG G 106 -13.97 -37.73 -22.88
C ARG G 106 -15.39 -37.19 -22.83
N GLU G 107 -15.77 -36.50 -23.88
CA GLU G 107 -17.12 -35.96 -24.00
C GLU G 107 -18.19 -37.05 -24.04
N GLN G 108 -17.91 -38.11 -24.79
CA GLN G 108 -18.82 -39.25 -24.87
C GLN G 108 -18.92 -39.90 -23.50
N LEU G 109 -17.78 -40.03 -22.85
CA LEU G 109 -17.67 -40.72 -21.57
C LEU G 109 -18.40 -39.97 -20.46
N SER G 110 -18.70 -38.70 -20.72
CA SER G 110 -19.37 -37.83 -19.77
C SER G 110 -20.84 -38.20 -19.62
N SER G 111 -21.33 -39.03 -20.55
CA SER G 111 -22.68 -39.56 -20.47
C SER G 111 -22.68 -41.07 -20.20
N VAL G 112 -21.56 -41.59 -19.70
CA VAL G 112 -21.49 -42.98 -19.27
C VAL G 112 -21.42 -43.11 -17.75
N SER G 113 -22.30 -43.95 -17.21
CA SER G 113 -22.46 -44.13 -15.77
C SER G 113 -21.88 -45.44 -15.25
N SER G 114 -21.58 -46.37 -16.16
CA SER G 114 -21.05 -47.68 -15.81
C SER G 114 -20.61 -48.44 -17.06
N PHE G 115 -19.78 -49.48 -16.89
CA PHE G 115 -19.53 -50.37 -18.00
C PHE G 115 -19.28 -51.81 -17.57
N GLU G 116 -19.25 -52.71 -18.53
CA GLU G 116 -18.82 -54.08 -18.28
C GLU G 116 -17.63 -54.39 -19.19
N LYS G 117 -16.46 -54.59 -18.57
CA LYS G 117 -15.26 -54.90 -19.34
C LYS G 117 -15.33 -56.36 -19.76
N PHE G 118 -14.84 -56.66 -20.96
CA PHE G 118 -14.81 -58.04 -21.41
C PHE G 118 -13.63 -58.26 -22.34
N GLU G 119 -13.25 -59.52 -22.51
CA GLU G 119 -12.06 -59.82 -23.29
C GLU G 119 -12.47 -59.94 -24.75
N ILE G 120 -12.22 -58.88 -25.52
CA ILE G 120 -12.69 -58.87 -26.91
C ILE G 120 -11.88 -59.87 -27.74
N PHE G 121 -10.57 -59.84 -27.53
CA PHE G 121 -9.64 -60.74 -28.20
C PHE G 121 -8.71 -61.33 -27.16
N PRO G 122 -9.07 -62.51 -26.61
CA PRO G 122 -8.20 -63.14 -25.60
C PRO G 122 -6.80 -63.36 -26.14
N LYS G 123 -5.80 -62.97 -25.36
CA LYS G 123 -4.40 -62.96 -25.79
C LYS G 123 -3.88 -64.32 -26.26
N THR G 124 -4.24 -65.37 -25.53
CA THR G 124 -3.63 -66.68 -25.73
C THR G 124 -4.20 -67.43 -26.92
N SER G 125 -5.38 -67.02 -27.38
CA SER G 125 -6.05 -67.73 -28.47
C SER G 125 -6.36 -66.91 -29.73
N SER G 126 -6.23 -65.60 -29.68
CA SER G 126 -6.74 -64.79 -30.78
C SER G 126 -5.77 -64.71 -31.96
N TRP G 127 -4.50 -65.00 -31.71
CA TRP G 127 -3.42 -64.62 -32.63
C TRP G 127 -2.43 -65.76 -32.86
N PRO G 128 -2.93 -66.92 -33.34
CA PRO G 128 -2.06 -68.08 -33.48
C PRO G 128 -0.91 -67.86 -34.45
N ASN G 129 -1.03 -66.90 -35.36
CA ASN G 129 0.00 -66.72 -36.37
C ASN G 129 0.93 -65.54 -36.12
N HIS G 130 0.75 -64.88 -34.97
CA HIS G 130 1.59 -63.74 -34.64
C HIS G 130 2.16 -63.88 -33.23
N GLU G 131 3.23 -63.15 -32.94
CA GLU G 131 3.86 -63.22 -31.63
C GLU G 131 3.17 -62.32 -30.61
N THR G 132 2.76 -62.89 -29.47
CA THR G 132 2.05 -62.11 -28.47
C THR G 132 2.83 -61.82 -27.18
N THR G 133 4.07 -62.27 -27.09
CA THR G 133 4.79 -62.22 -25.81
C THR G 133 6.00 -61.29 -25.77
N LYS G 134 6.25 -60.61 -26.89
CA LYS G 134 7.45 -59.82 -27.12
C LYS G 134 7.07 -58.34 -27.19
N GLY G 135 5.77 -58.11 -26.99
CA GLY G 135 5.09 -56.84 -27.07
C GLY G 135 5.11 -55.96 -25.84
N VAL G 136 6.24 -55.94 -25.12
CA VAL G 136 6.39 -55.01 -24.00
C VAL G 136 7.64 -54.14 -24.10
N THR G 137 7.59 -53.03 -23.36
CA THR G 137 8.58 -51.96 -23.38
C THR G 137 8.76 -51.31 -22.01
N ALA G 138 9.98 -50.83 -21.78
CA ALA G 138 10.33 -50.06 -20.59
C ALA G 138 9.66 -48.69 -20.42
N ALA G 139 9.04 -48.15 -21.47
CA ALA G 139 8.36 -46.86 -21.32
C ALA G 139 7.08 -47.05 -20.50
N CYS G 140 6.60 -48.28 -20.43
CA CYS G 140 5.38 -48.67 -19.72
C CYS G 140 5.74 -49.67 -18.62
N SER G 141 6.99 -49.62 -18.17
N SER G 141 6.79 -49.34 -17.91
CA SER G 141 7.43 -50.40 -17.00
CA SER G 141 7.32 -50.18 -16.85
C SER G 141 6.60 -50.24 -15.70
C SER G 141 6.49 -50.18 -15.61
N TYR G 142 6.44 -51.34 -14.98
CA TYR G 142 5.67 -51.48 -13.75
C TYR G 142 6.31 -52.45 -12.77
N ALA G 143 6.46 -51.99 -11.52
CA ALA G 143 6.96 -52.80 -10.41
C ALA G 143 8.33 -53.38 -10.72
N GLY G 144 9.17 -52.59 -11.38
CA GLY G 144 10.56 -52.95 -11.57
C GLY G 144 10.84 -53.72 -12.84
N ALA G 145 9.80 -53.92 -13.65
CA ALA G 145 9.95 -54.71 -14.89
C ALA G 145 9.22 -54.05 -16.06
N SER G 146 9.69 -54.32 -17.27
CA SER G 146 9.02 -53.85 -18.48
C SER G 146 7.62 -54.43 -18.62
N SER G 147 6.70 -53.60 -19.08
CA SER G 147 5.30 -54.00 -19.21
C SER G 147 4.63 -53.29 -20.38
N PHE G 148 3.30 -53.26 -20.38
CA PHE G 148 2.54 -52.62 -21.44
C PHE G 148 1.12 -52.41 -20.94
N TYR G 149 0.36 -51.60 -21.67
CA TYR G 149 -1.07 -51.40 -21.43
C TYR G 149 -1.78 -52.74 -21.23
N ARG G 150 -2.71 -52.78 -20.27
CA ARG G 150 -3.44 -54.01 -19.97
C ARG G 150 -4.53 -54.30 -20.99
N ASN G 151 -5.01 -53.26 -21.67
CA ASN G 151 -6.17 -53.39 -22.53
C ASN G 151 -5.81 -53.49 -24.02
N LEU G 152 -4.52 -53.43 -24.31
CA LEU G 152 -4.06 -53.58 -25.68
C LEU G 152 -2.99 -54.65 -25.69
N LEU G 153 -2.68 -55.12 -26.88
CA LEU G 153 -1.76 -56.22 -27.09
C LEU G 153 -0.85 -55.88 -28.25
N TRP G 154 0.45 -55.78 -27.98
CA TRP G 154 1.38 -55.42 -29.03
C TRP G 154 1.77 -56.65 -29.81
N LEU G 155 1.21 -56.75 -31.01
CA LEU G 155 1.49 -57.89 -31.86
C LEU G 155 2.77 -57.56 -32.60
N THR G 156 3.61 -58.57 -32.75
CA THR G 156 4.83 -58.47 -33.52
C THR G 156 4.97 -59.72 -34.37
N LYS G 157 6.04 -59.80 -35.15
CA LYS G 157 6.16 -60.85 -36.14
C LYS G 157 6.43 -62.17 -35.43
N LYS G 158 5.98 -63.26 -36.03
CA LYS G 158 6.19 -64.59 -35.47
C LYS G 158 7.22 -65.29 -36.35
N GLY G 159 8.32 -65.69 -35.72
CA GLY G 159 9.43 -66.23 -36.49
C GLY G 159 9.96 -65.07 -37.33
N SER G 160 10.04 -65.30 -38.63
CA SER G 160 10.61 -64.32 -39.55
C SER G 160 9.50 -63.80 -40.45
N SER G 161 8.26 -63.84 -39.98
CA SER G 161 7.13 -63.42 -40.80
C SER G 161 5.98 -62.83 -40.02
N TYR G 162 5.36 -61.81 -40.61
CA TYR G 162 4.15 -61.20 -40.11
C TYR G 162 3.19 -61.29 -41.28
N PRO G 163 2.35 -62.33 -41.29
CA PRO G 163 1.39 -62.53 -42.38
C PRO G 163 0.22 -61.59 -42.22
N LYS G 164 -0.51 -61.30 -43.29
CA LYS G 164 -1.66 -60.42 -43.19
C LYS G 164 -2.58 -61.01 -42.13
N LEU G 165 -2.89 -60.22 -41.11
CA LEU G 165 -3.93 -60.60 -40.17
C LEU G 165 -5.28 -59.99 -40.52
N SER G 166 -6.32 -60.74 -40.18
CA SER G 166 -7.69 -60.32 -40.33
C SER G 166 -8.45 -60.82 -39.11
N LYS G 167 -9.07 -59.93 -38.35
CA LYS G 167 -9.71 -60.37 -37.13
C LYS G 167 -10.95 -59.52 -36.95
N SER G 168 -12.07 -60.19 -36.69
CA SER G 168 -13.34 -59.50 -36.59
C SER G 168 -14.03 -59.80 -35.27
N TYR G 169 -14.86 -58.86 -34.84
CA TYR G 169 -15.68 -59.06 -33.67
C TYR G 169 -17.11 -58.66 -34.00
N VAL G 170 -18.03 -59.58 -33.73
CA VAL G 170 -19.46 -59.30 -33.85
C VAL G 170 -19.94 -58.87 -32.47
N ASN G 171 -20.62 -57.74 -32.41
CA ASN G 171 -21.10 -57.23 -31.15
C ASN G 171 -22.41 -57.88 -30.74
N ASN G 172 -22.30 -58.81 -29.79
N ASN G 172 -22.28 -58.87 -29.86
CA ASN G 172 -23.47 -59.54 -29.29
CA ASN G 172 -23.42 -59.58 -29.31
C ASN G 172 -23.94 -58.98 -27.96
C ASN G 172 -23.73 -59.13 -27.88
N LYS G 173 -23.25 -57.94 -27.50
CA LYS G 173 -23.42 -57.46 -26.13
C LYS G 173 -24.73 -56.73 -25.85
N GLY G 174 -25.50 -56.41 -26.88
CA GLY G 174 -26.78 -55.74 -26.64
C GLY G 174 -26.69 -54.27 -26.29
N LYS G 175 -25.51 -53.67 -26.45
CA LYS G 175 -25.32 -52.24 -26.19
C LYS G 175 -24.07 -51.74 -26.90
N GLU G 176 -23.82 -50.44 -26.84
CA GLU G 176 -22.65 -49.88 -27.50
C GLU G 176 -21.40 -50.49 -26.88
N VAL G 177 -20.42 -50.80 -27.73
CA VAL G 177 -19.14 -51.31 -27.28
C VAL G 177 -18.02 -50.33 -27.64
N LEU G 178 -17.22 -49.93 -26.65
CA LEU G 178 -16.09 -49.07 -26.91
C LEU G 178 -14.86 -49.91 -27.28
N VAL G 179 -14.33 -49.69 -28.48
CA VAL G 179 -13.16 -50.42 -28.93
C VAL G 179 -11.98 -49.47 -29.07
N LEU G 180 -10.87 -49.82 -28.42
CA LEU G 180 -9.64 -49.05 -28.55
C LEU G 180 -8.52 -49.83 -29.20
N TRP G 181 -7.67 -49.16 -29.97
CA TRP G 181 -6.51 -49.83 -30.57
C TRP G 181 -5.40 -48.80 -30.76
N GLY G 182 -4.25 -49.26 -31.23
CA GLY G 182 -3.16 -48.36 -31.53
C GLY G 182 -2.40 -48.70 -32.80
N VAL G 183 -1.57 -47.77 -33.24
CA VAL G 183 -0.71 -47.95 -34.40
C VAL G 183 0.70 -47.46 -34.09
N HIS G 184 1.67 -48.35 -34.24
CA HIS G 184 3.06 -47.99 -33.97
C HIS G 184 3.76 -47.36 -35.15
N HIS G 185 4.52 -46.32 -34.85
CA HIS G 185 5.24 -45.57 -35.86
C HIS G 185 6.70 -45.61 -35.43
N PRO G 186 7.45 -46.60 -35.93
CA PRO G 186 8.88 -46.76 -35.60
C PRO G 186 9.70 -45.57 -36.06
N PRO G 187 10.90 -45.39 -35.47
CA PRO G 187 11.78 -44.29 -35.85
C PRO G 187 12.57 -44.49 -37.13
N THR G 188 12.71 -45.74 -37.57
CA THR G 188 13.49 -46.02 -38.75
C THR G 188 12.81 -47.12 -39.55
N GLY G 189 13.16 -47.21 -40.82
CA GLY G 189 12.65 -48.24 -41.69
C GLY G 189 13.22 -49.56 -41.20
N THR G 190 14.42 -49.47 -40.64
CA THR G 190 15.10 -50.63 -40.08
C THR G 190 14.32 -51.22 -38.89
N ASP G 191 13.85 -50.39 -37.95
CA ASP G 191 13.07 -50.95 -36.84
C ASP G 191 11.70 -51.49 -37.28
N GLN G 192 11.09 -50.80 -38.25
CA GLN G 192 9.88 -51.29 -38.91
C GLN G 192 10.02 -52.68 -39.46
N GLN G 193 11.06 -52.85 -40.24
CA GLN G 193 11.42 -54.11 -40.84
C GLN G 193 11.72 -55.17 -39.78
N SER G 194 12.50 -54.80 -38.77
N SER G 194 12.49 -54.79 -38.77
CA SER G 194 12.87 -55.72 -37.70
CA SER G 194 12.89 -55.69 -37.69
C SER G 194 11.66 -56.23 -36.93
C SER G 194 11.70 -56.20 -36.88
N LEU G 195 10.68 -55.35 -36.70
CA LEU G 195 9.51 -55.72 -35.93
C LEU G 195 8.43 -56.46 -36.72
N TYR G 196 8.19 -56.01 -37.95
CA TYR G 196 6.97 -56.36 -38.69
C TYR G 196 7.23 -57.07 -40.04
N GLN G 197 8.50 -57.16 -40.42
CA GLN G 197 8.96 -57.79 -41.66
C GLN G 197 8.59 -56.94 -42.88
N ASN G 198 7.39 -56.39 -42.90
CA ASN G 198 6.92 -55.66 -44.07
C ASN G 198 7.28 -54.17 -44.06
N ALA G 199 8.08 -53.73 -45.03
CA ALA G 199 8.48 -52.33 -45.12
C ALA G 199 7.24 -51.47 -45.45
N ASP G 200 6.33 -52.13 -46.17
CA ASP G 200 5.14 -51.57 -46.79
C ASP G 200 3.84 -51.89 -46.04
N ALA G 201 3.88 -51.91 -44.71
CA ALA G 201 2.76 -52.40 -43.91
C ALA G 201 1.63 -51.38 -43.80
N TYR G 202 0.42 -51.86 -43.53
CA TYR G 202 -0.70 -50.99 -43.16
C TYR G 202 -1.63 -51.61 -42.10
N VAL G 203 -2.52 -50.78 -41.56
CA VAL G 203 -3.61 -51.23 -40.68
C VAL G 203 -4.93 -50.65 -41.18
N SER G 204 -5.95 -51.49 -41.29
CA SER G 204 -7.29 -51.04 -41.66
C SER G 204 -8.29 -51.44 -40.59
N VAL G 205 -9.18 -50.52 -40.26
CA VAL G 205 -10.20 -50.78 -39.25
C VAL G 205 -11.54 -50.32 -39.80
N GLY G 206 -12.54 -51.20 -39.76
CA GLY G 206 -13.85 -50.83 -40.25
C GLY G 206 -15.04 -51.45 -39.54
N SER G 207 -16.12 -50.67 -39.44
CA SER G 207 -17.42 -51.19 -39.05
C SER G 207 -18.39 -50.73 -40.11
N SER G 208 -19.70 -50.83 -39.85
CA SER G 208 -20.64 -50.33 -40.85
C SER G 208 -20.53 -48.81 -40.97
N LYS G 209 -20.11 -48.13 -39.92
CA LYS G 209 -20.10 -46.67 -39.97
C LYS G 209 -18.69 -46.11 -39.85
N TYR G 210 -17.76 -46.90 -39.31
CA TYR G 210 -16.39 -46.40 -39.11
C TYR G 210 -15.52 -47.02 -40.20
N ASN G 211 -14.55 -46.27 -40.72
CA ASN G 211 -13.70 -46.79 -41.76
C ASN G 211 -12.40 -45.99 -41.86
N ARG G 212 -11.26 -46.61 -41.61
CA ARG G 212 -10.01 -45.86 -41.64
C ARG G 212 -8.78 -46.71 -41.96
N ARG G 213 -7.87 -46.13 -42.75
CA ARG G 213 -6.61 -46.77 -43.09
C ARG G 213 -5.45 -46.00 -42.48
N PHE G 214 -4.51 -46.75 -41.93
CA PHE G 214 -3.35 -46.26 -41.21
C PHE G 214 -2.11 -46.84 -41.85
N THR G 215 -1.13 -45.98 -42.07
N THR G 215 -1.10 -46.02 -42.04
CA THR G 215 0.17 -46.41 -42.58
CA THR G 215 0.15 -46.53 -42.59
C THR G 215 1.20 -46.06 -41.52
C THR G 215 1.27 -46.00 -41.71
N PRO G 216 2.28 -46.85 -41.42
CA PRO G 216 3.30 -46.44 -40.46
C PRO G 216 3.85 -45.15 -41.00
N GLU G 217 4.06 -44.20 -40.12
CA GLU G 217 4.63 -42.97 -40.56
C GLU G 217 6.00 -42.94 -39.92
N ILE G 218 7.03 -43.27 -40.70
CA ILE G 218 8.35 -43.43 -40.13
C ILE G 218 9.28 -42.23 -40.24
N ALA G 219 9.65 -41.68 -39.08
CA ALA G 219 10.48 -40.49 -39.04
C ALA G 219 11.41 -40.53 -37.82
N ALA G 220 12.67 -40.17 -38.03
CA ALA G 220 13.58 -39.95 -36.91
C ALA G 220 13.07 -38.77 -36.09
N ARG G 221 13.06 -38.92 -34.77
CA ARG G 221 12.50 -37.92 -33.86
C ARG G 221 13.10 -38.16 -32.48
N PRO G 222 13.05 -37.15 -31.58
CA PRO G 222 13.79 -37.45 -30.35
C PRO G 222 13.08 -38.43 -29.43
N LYS G 223 13.84 -38.99 -28.50
CA LYS G 223 13.30 -39.94 -27.54
C LYS G 223 12.54 -39.31 -26.38
N VAL G 224 11.39 -39.89 -26.12
CA VAL G 224 10.59 -39.61 -24.94
C VAL G 224 10.34 -40.91 -24.19
N ARG G 225 10.59 -40.93 -22.89
CA ARG G 225 10.53 -42.16 -22.09
C ARG G 225 11.29 -43.34 -22.72
N ASP G 226 12.47 -43.01 -23.27
CA ASP G 226 13.42 -43.95 -23.89
C ASP G 226 13.12 -44.38 -25.33
N GLN G 227 12.00 -43.95 -25.88
CA GLN G 227 11.59 -44.44 -27.18
C GLN G 227 11.55 -43.32 -28.20
N ALA G 228 12.25 -43.52 -29.32
CA ALA G 228 12.18 -42.61 -30.45
C ALA G 228 10.96 -42.95 -31.29
N GLY G 229 10.42 -44.14 -31.07
CA GLY G 229 9.17 -44.52 -31.69
C GLY G 229 8.01 -43.77 -31.07
N ARG G 230 6.87 -43.83 -31.75
CA ARG G 230 5.62 -43.28 -31.25
C ARG G 230 4.51 -44.28 -31.48
N MET G 231 3.48 -44.21 -30.66
CA MET G 231 2.29 -44.99 -30.89
C MET G 231 1.15 -44.01 -30.88
N ASN G 232 0.31 -44.08 -31.90
CA ASN G 232 -0.91 -43.31 -31.91
C ASN G 232 -2.07 -44.19 -31.47
N TYR G 233 -3.00 -43.60 -30.73
CA TYR G 233 -4.11 -44.36 -30.19
C TYR G 233 -5.41 -43.91 -30.80
N TYR G 234 -6.27 -44.88 -31.08
CA TYR G 234 -7.49 -44.59 -31.80
C TYR G 234 -8.61 -45.32 -31.09
N TRP G 235 -9.84 -44.88 -31.32
CA TRP G 235 -10.98 -45.54 -30.73
C TRP G 235 -12.21 -45.39 -31.62
N THR G 236 -13.16 -46.28 -31.41
CA THR G 236 -14.47 -46.14 -32.00
C THR G 236 -15.56 -46.77 -31.17
N LEU G 237 -16.78 -46.33 -31.39
CA LEU G 237 -17.94 -46.94 -30.75
C LEU G 237 -18.63 -47.86 -31.75
N LEU G 238 -18.57 -49.15 -31.45
CA LEU G 238 -19.22 -50.16 -32.26
C LEU G 238 -20.64 -50.31 -31.77
N GLU G 239 -21.57 -49.98 -32.64
CA GLU G 239 -22.99 -49.96 -32.29
C GLU G 239 -23.49 -51.39 -32.11
N PRO G 240 -24.59 -51.57 -31.36
CA PRO G 240 -25.17 -52.90 -31.17
C PRO G 240 -25.48 -53.60 -32.49
N GLY G 241 -25.16 -54.90 -32.55
CA GLY G 241 -25.45 -55.70 -33.73
C GLY G 241 -24.43 -55.59 -34.84
N ASP G 242 -23.52 -54.62 -34.75
CA ASP G 242 -22.53 -54.40 -35.79
C ASP G 242 -21.23 -55.17 -35.57
N THR G 243 -20.42 -55.22 -36.61
CA THR G 243 -19.20 -56.01 -36.62
C THR G 243 -18.03 -55.07 -36.90
N ILE G 244 -16.90 -55.30 -36.25
CA ILE G 244 -15.69 -54.54 -36.53
C ILE G 244 -14.60 -55.48 -37.07
N THR G 245 -13.89 -55.03 -38.10
CA THR G 245 -12.92 -55.85 -38.78
C THR G 245 -11.59 -55.12 -38.86
N PHE G 246 -10.55 -55.83 -38.42
CA PHE G 246 -9.17 -55.38 -38.42
C PHE G 246 -8.35 -56.14 -39.46
N GLU G 247 -7.62 -55.41 -40.30
CA GLU G 247 -6.71 -56.06 -41.24
C GLU G 247 -5.34 -55.41 -41.14
N ALA G 248 -4.27 -56.18 -41.12
CA ALA G 248 -2.98 -55.52 -41.00
C ALA G 248 -1.82 -56.35 -41.53
N THR G 249 -0.81 -55.66 -42.05
CA THR G 249 0.42 -56.31 -42.43
C THR G 249 1.55 -55.77 -41.55
N GLY G 250 1.19 -55.04 -40.51
CA GLY G 250 2.14 -54.68 -39.46
C GLY G 250 1.62 -53.55 -38.59
N ASN G 251 2.36 -53.24 -37.53
CA ASN G 251 2.18 -51.98 -36.80
C ASN G 251 0.91 -51.86 -35.95
N LEU G 252 0.08 -52.91 -35.94
CA LEU G 252 -1.16 -52.89 -35.17
C LEU G 252 -0.93 -53.21 -33.69
N ILE G 253 -1.36 -52.29 -32.84
CA ILE G 253 -1.50 -52.60 -31.42
C ILE G 253 -2.96 -53.01 -31.21
N ALA G 254 -3.17 -54.31 -31.08
CA ALA G 254 -4.50 -54.90 -31.12
C ALA G 254 -5.31 -54.66 -29.85
N PRO G 255 -6.64 -54.57 -29.99
CA PRO G 255 -7.54 -54.65 -28.83
C PRO G 255 -7.34 -55.94 -28.06
N TRP G 256 -7.39 -55.86 -26.74
CA TRP G 256 -7.39 -57.04 -25.88
C TRP G 256 -8.67 -57.07 -25.06
N TYR G 257 -8.89 -56.01 -24.30
CA TYR G 257 -10.14 -55.82 -23.58
C TYR G 257 -10.88 -54.62 -24.15
N ALA G 258 -12.20 -54.70 -24.15
CA ALA G 258 -13.02 -53.60 -24.62
C ALA G 258 -14.14 -53.33 -23.61
N PHE G 259 -14.99 -52.36 -23.91
CA PHE G 259 -15.94 -51.93 -22.91
C PHE G 259 -17.38 -51.81 -23.40
N ALA G 260 -18.28 -52.61 -22.81
CA ALA G 260 -19.70 -52.44 -23.09
C ALA G 260 -20.22 -51.31 -22.19
N LEU G 261 -20.78 -50.26 -22.79
CA LEU G 261 -21.08 -49.04 -22.03
C LEU G 261 -22.54 -48.92 -21.64
N ASN G 262 -22.79 -48.44 -20.43
CA ASN G 262 -24.14 -48.04 -20.04
C ASN G 262 -24.25 -46.53 -19.97
N ARG G 263 -25.17 -46.00 -20.76
CA ARG G 263 -25.38 -44.55 -20.88
C ARG G 263 -26.23 -43.98 -19.76
N GLY G 264 -25.87 -42.78 -19.31
CA GLY G 264 -26.67 -42.08 -18.33
C GLY G 264 -26.45 -40.59 -18.45
N SER G 265 -27.52 -39.84 -18.22
CA SER G 265 -27.52 -38.39 -18.42
C SER G 265 -26.97 -37.66 -17.20
N GLY G 266 -26.50 -36.43 -17.42
CA GLY G 266 -26.15 -35.54 -16.34
C GLY G 266 -24.87 -35.82 -15.57
N SER G 267 -23.97 -36.59 -16.17
CA SER G 267 -22.66 -36.81 -15.57
C SER G 267 -21.63 -35.91 -16.24
N GLY G 268 -20.38 -36.02 -15.82
CA GLY G 268 -19.30 -35.27 -16.44
C GLY G 268 -17.98 -35.41 -15.70
N ILE G 269 -16.98 -34.68 -16.19
CA ILE G 269 -15.64 -34.75 -15.62
C ILE G 269 -15.29 -33.41 -14.97
N ILE G 270 -14.85 -33.48 -13.72
CA ILE G 270 -14.34 -32.31 -13.04
C ILE G 270 -12.91 -32.51 -12.56
N THR G 271 -12.21 -31.41 -12.35
CA THR G 271 -10.88 -31.43 -11.80
C THR G 271 -10.94 -30.86 -10.39
N SER G 272 -10.64 -31.69 -9.40
CA SER G 272 -10.72 -31.27 -8.01
C SER G 272 -9.75 -32.07 -7.16
N ASP G 273 -9.17 -31.41 -6.18
CA ASP G 273 -8.30 -32.10 -5.23
C ASP G 273 -9.01 -32.37 -3.92
N ALA G 274 -10.31 -32.09 -3.86
CA ALA G 274 -11.03 -32.30 -2.61
C ALA G 274 -11.21 -33.80 -2.40
N PRO G 275 -11.25 -34.24 -1.13
CA PRO G 275 -11.39 -35.67 -0.85
C PRO G 275 -12.79 -36.21 -1.07
N VAL G 276 -12.92 -37.43 -1.58
CA VAL G 276 -14.23 -38.03 -1.67
C VAL G 276 -14.53 -38.60 -0.28
N HIS G 277 -15.73 -38.36 0.24
CA HIS G 277 -16.12 -38.90 1.53
C HIS G 277 -17.48 -39.51 1.37
N ASP G 278 -18.02 -40.26 2.32
CA ASP G 278 -19.28 -40.85 1.92
C ASP G 278 -20.40 -40.00 2.50
N CYS G 279 -20.76 -39.01 1.70
CA CYS G 279 -21.83 -38.05 1.98
C CYS G 279 -22.77 -38.11 0.78
N ASN G 280 -23.95 -37.52 0.86
CA ASN G 280 -24.77 -37.50 -0.34
C ASN G 280 -25.13 -36.06 -0.70
N THR G 281 -25.20 -35.75 -2.00
CA THR G 281 -25.59 -34.40 -2.41
C THR G 281 -26.44 -34.41 -3.68
N LYS G 282 -27.11 -33.30 -3.96
CA LYS G 282 -27.84 -33.15 -5.20
C LYS G 282 -26.97 -32.39 -6.21
N CYS G 283 -25.97 -31.69 -5.69
CA CYS G 283 -25.16 -30.76 -6.46
C CYS G 283 -23.68 -30.78 -6.08
N GLN G 284 -22.82 -31.09 -7.05
CA GLN G 284 -21.39 -31.15 -6.80
C GLN G 284 -20.67 -30.09 -7.64
N THR G 285 -19.78 -29.33 -7.00
CA THR G 285 -18.83 -28.48 -7.71
C THR G 285 -17.41 -28.94 -7.38
N PRO G 286 -16.42 -28.46 -8.15
CA PRO G 286 -15.04 -28.86 -7.83
C PRO G 286 -14.54 -28.41 -6.47
N HIS G 287 -15.18 -27.40 -5.87
CA HIS G 287 -14.75 -26.94 -4.55
C HIS G 287 -15.41 -27.73 -3.44
N GLY G 288 -16.53 -28.37 -3.75
CA GLY G 288 -17.33 -29.02 -2.74
C GLY G 288 -18.80 -29.13 -3.13
N ALA G 289 -19.56 -29.90 -2.35
CA ALA G 289 -20.96 -30.13 -2.69
C ALA G 289 -21.82 -29.01 -2.13
N ILE G 290 -22.95 -28.73 -2.78
CA ILE G 290 -23.89 -27.75 -2.27
C ILE G 290 -25.22 -28.40 -1.88
N ASN G 291 -25.76 -28.02 -0.72
CA ASN G 291 -27.09 -28.47 -0.34
C ASN G 291 -27.93 -27.23 -0.04
N SER G 292 -28.75 -26.83 -1.01
CA SER G 292 -29.40 -25.52 -0.94
C SER G 292 -30.59 -25.43 -1.88
N SER G 293 -31.62 -24.71 -1.45
CA SER G 293 -32.79 -24.46 -2.29
C SER G 293 -32.76 -23.06 -2.89
N LEU G 294 -31.67 -22.34 -2.68
CA LEU G 294 -31.49 -21.01 -3.26
C LEU G 294 -31.30 -21.02 -4.77
N PRO G 295 -31.82 -19.98 -5.46
CA PRO G 295 -31.74 -19.84 -6.92
C PRO G 295 -30.35 -19.53 -7.48
N PHE G 296 -29.50 -18.89 -6.68
CA PHE G 296 -28.19 -18.45 -7.18
C PHE G 296 -27.02 -18.93 -6.31
N GLN G 297 -25.85 -19.07 -6.93
CA GLN G 297 -24.62 -19.34 -6.20
C GLN G 297 -23.40 -18.67 -6.83
N ASN G 298 -22.41 -18.37 -5.99
CA ASN G 298 -21.17 -17.74 -6.43
C ASN G 298 -19.94 -18.63 -6.17
N ILE G 299 -20.16 -19.93 -5.99
CA ILE G 299 -19.06 -20.86 -5.73
C ILE G 299 -18.25 -21.27 -6.95
N HIS G 300 -18.91 -21.67 -8.03
CA HIS G 300 -18.20 -22.13 -9.22
C HIS G 300 -19.12 -22.28 -10.42
N PRO G 301 -18.65 -21.85 -11.60
CA PRO G 301 -19.42 -22.00 -12.84
C PRO G 301 -19.55 -23.46 -13.30
N VAL G 302 -18.64 -24.31 -12.88
CA VAL G 302 -18.70 -25.73 -13.23
C VAL G 302 -19.53 -26.46 -12.19
N THR G 303 -20.58 -27.16 -12.62
CA THR G 303 -21.44 -27.88 -11.68
C THR G 303 -21.94 -29.19 -12.29
N ILE G 304 -22.18 -30.17 -11.43
CA ILE G 304 -22.75 -31.44 -11.85
C ILE G 304 -23.97 -31.71 -10.98
N GLY G 305 -25.09 -32.06 -11.60
CA GLY G 305 -26.30 -32.33 -10.83
C GLY G 305 -27.28 -31.17 -10.91
N GLU G 306 -27.96 -30.90 -9.81
CA GLU G 306 -29.03 -29.92 -9.83
C GLU G 306 -28.65 -28.78 -8.91
N CYS G 307 -28.25 -27.66 -9.54
CA CYS G 307 -27.57 -26.60 -8.84
C CYS G 307 -28.22 -25.23 -9.07
N PRO G 308 -27.87 -24.25 -8.21
CA PRO G 308 -28.30 -22.87 -8.45
C PRO G 308 -27.58 -22.28 -9.67
N LYS G 309 -28.14 -21.23 -10.25
CA LYS G 309 -27.51 -20.58 -11.40
C LYS G 309 -26.32 -19.80 -10.88
N TYR G 310 -25.17 -19.96 -11.52
CA TYR G 310 -23.97 -19.24 -11.12
C TYR G 310 -24.02 -17.77 -11.55
N VAL G 311 -23.70 -16.90 -10.61
CA VAL G 311 -23.59 -15.46 -10.87
C VAL G 311 -22.35 -14.92 -10.18
N ARG G 312 -21.90 -13.74 -10.62
CA ARG G 312 -20.72 -13.12 -10.02
C ARG G 312 -21.03 -12.33 -8.76
N SER G 313 -22.30 -12.19 -8.41
CA SER G 313 -22.69 -11.37 -7.28
C SER G 313 -22.03 -11.87 -6.00
N THR G 314 -21.72 -10.98 -5.08
CA THR G 314 -21.25 -11.38 -3.76
C THR G 314 -22.36 -11.33 -2.71
N LYS G 315 -23.49 -10.70 -3.06
CA LYS G 315 -24.68 -10.76 -2.20
C LYS G 315 -25.97 -10.46 -2.96
N LEU G 316 -27.02 -11.21 -2.63
CA LEU G 316 -28.34 -11.05 -3.24
C LEU G 316 -29.36 -11.28 -2.14
N ARG G 317 -29.85 -10.18 -1.59
CA ARG G 317 -30.78 -10.21 -0.47
C ARG G 317 -32.05 -9.45 -0.81
N MET G 318 -33.19 -10.15 -0.78
CA MET G 318 -34.47 -9.53 -1.04
C MET G 318 -35.06 -9.07 0.28
N ALA G 319 -35.54 -7.83 0.30
CA ALA G 319 -36.34 -7.35 1.42
C ALA G 319 -37.64 -8.15 1.45
N THR G 320 -38.07 -8.50 2.66
CA THR G 320 -39.39 -9.09 2.85
C THR G 320 -40.18 -8.20 3.79
N GLY G 321 -39.53 -7.75 4.85
CA GLY G 321 -40.15 -6.82 5.77
C GLY G 321 -39.85 -5.38 5.39
N LEU G 322 -40.01 -4.47 6.35
CA LEU G 322 -39.95 -3.04 6.05
C LEU G 322 -38.69 -2.38 6.61
N ARG G 323 -38.54 -1.09 6.31
CA ARG G 323 -37.45 -0.28 6.83
C ARG G 323 -37.44 -0.29 8.35
N ASN G 324 -36.28 -0.58 8.93
CA ASN G 324 -36.16 -0.75 10.37
C ASN G 324 -35.80 0.53 11.11
N ILE G 325 -36.79 1.04 11.83
CA ILE G 325 -36.75 2.30 12.59
C ILE G 325 -37.20 1.93 14.01
N PRO G 326 -36.31 1.30 14.80
CA PRO G 326 -36.69 0.87 16.15
C PRO G 326 -36.91 1.96 17.21
N SER G 327 -36.16 3.05 17.18
CA SER G 327 -36.25 4.13 18.17
C SER G 327 -36.72 3.70 19.57
N GLY H 1 -40.28 7.24 1.56
CA GLY H 1 -40.97 6.31 0.68
C GLY H 1 -42.07 6.97 -0.12
N LEU H 2 -42.61 6.24 -1.09
CA LEU H 2 -43.58 6.78 -2.03
C LEU H 2 -44.88 7.29 -1.41
N PHE H 3 -45.32 6.66 -0.32
CA PHE H 3 -46.64 6.95 0.23
C PHE H 3 -46.62 7.83 1.48
N GLY H 4 -45.43 8.22 1.91
CA GLY H 4 -45.32 9.30 2.87
C GLY H 4 -45.60 8.90 4.30
N ALA H 5 -45.85 7.61 4.53
CA ALA H 5 -46.22 7.16 5.87
C ALA H 5 -45.02 6.62 6.65
N ILE H 6 -44.46 5.51 6.18
CA ILE H 6 -43.29 4.94 6.84
C ILE H 6 -42.11 5.90 6.68
N ALA H 7 -41.47 6.26 7.78
CA ALA H 7 -40.41 7.29 7.80
C ALA H 7 -40.98 8.60 7.29
N GLY H 8 -42.29 8.74 7.44
CA GLY H 8 -43.06 9.85 6.90
C GLY H 8 -43.80 10.56 8.02
N PHE H 9 -45.10 10.72 7.86
CA PHE H 9 -45.89 11.41 8.87
C PHE H 9 -45.99 10.55 10.13
N ILE H 10 -45.64 9.27 9.98
CA ILE H 10 -45.45 8.40 11.13
C ILE H 10 -43.95 8.14 11.18
N GLU H 11 -43.27 8.85 12.09
CA GLU H 11 -41.83 9.05 11.98
C GLU H 11 -41.01 7.78 12.18
N GLY H 12 -41.47 6.91 13.05
CA GLY H 12 -40.74 5.70 13.41
C GLY H 12 -41.57 4.48 13.69
N GLY H 13 -40.90 3.35 13.85
CA GLY H 13 -41.57 2.07 14.06
C GLY H 13 -41.69 1.73 15.54
N TRP H 14 -42.38 0.63 15.84
CA TRP H 14 -42.68 0.26 17.22
C TRP H 14 -42.08 -1.09 17.50
N THR H 15 -41.01 -1.11 18.28
CA THR H 15 -40.39 -2.35 18.72
C THR H 15 -41.28 -3.12 19.70
N GLY H 16 -42.28 -2.44 20.25
CA GLY H 16 -43.20 -3.09 21.15
C GLY H 16 -44.31 -3.91 20.49
N MET H 17 -44.50 -3.75 19.19
CA MET H 17 -45.46 -4.61 18.50
C MET H 17 -44.76 -5.78 17.79
N ILE H 18 -44.63 -6.91 18.48
CA ILE H 18 -43.76 -7.98 18.01
C ILE H 18 -44.47 -9.03 17.16
N ASP H 19 -45.80 -8.99 17.17
CA ASP H 19 -46.60 -10.04 16.55
C ASP H 19 -47.24 -9.68 15.21
N GLY H 20 -46.80 -8.58 14.59
CA GLY H 20 -47.29 -8.23 13.27
C GLY H 20 -46.55 -7.05 12.64
N TRP H 21 -46.75 -6.87 11.33
CA TRP H 21 -46.11 -5.78 10.63
C TRP H 21 -46.82 -4.44 10.85
N TYR H 22 -48.15 -4.48 10.95
CA TYR H 22 -48.92 -3.26 11.14
C TYR H 22 -49.91 -3.48 12.26
N GLY H 23 -50.34 -2.39 12.89
CA GLY H 23 -51.28 -2.47 13.98
C GLY H 23 -51.45 -1.17 14.73
N TYR H 24 -51.85 -1.30 15.98
CA TYR H 24 -52.43 -0.20 16.73
C TYR H 24 -51.81 -0.11 18.10
N HIS H 25 -51.66 1.12 18.56
CA HIS H 25 -51.36 1.37 19.96
C HIS H 25 -52.49 2.23 20.50
N HIS H 26 -53.02 1.83 21.64
CA HIS H 26 -54.12 2.57 22.24
C HIS H 26 -53.77 2.97 23.65
N GLN H 27 -54.41 4.04 24.11
CA GLN H 27 -54.30 4.46 25.48
C GLN H 27 -55.67 4.93 25.98
N ASN H 28 -56.13 4.35 27.09
CA ASN H 28 -57.39 4.77 27.71
C ASN H 28 -57.36 4.59 29.21
N GLU H 29 -58.50 4.88 29.87
CA GLU H 29 -58.57 4.85 31.32
C GLU H 29 -58.21 3.46 31.86
N GLN H 30 -58.56 2.42 31.12
CA GLN H 30 -58.31 1.05 31.57
C GLN H 30 -56.85 0.65 31.41
N GLY H 31 -56.13 1.35 30.54
CA GLY H 31 -54.75 1.03 30.27
C GLY H 31 -54.27 1.35 28.86
N SER H 32 -53.15 0.75 28.49
CA SER H 32 -52.44 1.10 27.26
C SER H 32 -51.90 -0.17 26.63
N GLY H 33 -51.79 -0.21 25.31
CA GLY H 33 -51.17 -1.36 24.68
C GLY H 33 -51.15 -1.47 23.16
N TYR H 34 -50.33 -2.39 22.67
CA TYR H 34 -50.22 -2.66 21.24
C TYR H 34 -51.00 -3.90 20.82
N ALA H 35 -51.46 -3.89 19.56
CA ALA H 35 -52.11 -5.05 18.97
C ALA H 35 -51.90 -5.04 17.46
N ALA H 36 -51.40 -6.14 16.89
CA ALA H 36 -51.23 -6.22 15.44
C ALA H 36 -52.57 -6.29 14.73
N ASP H 37 -52.67 -5.67 13.56
CA ASP H 37 -53.82 -5.88 12.69
C ASP H 37 -53.59 -7.15 11.89
N GLN H 38 -54.36 -8.19 12.18
CA GLN H 38 -54.13 -9.50 11.58
C GLN H 38 -54.41 -9.59 10.08
N LYS H 39 -55.48 -8.95 9.61
CA LYS H 39 -55.89 -9.07 8.21
C LYS H 39 -54.87 -8.47 7.25
N SER H 40 -54.50 -7.21 7.49
N SER H 40 -54.46 -7.24 7.51
CA SER H 40 -53.54 -6.52 6.65
CA SER H 40 -53.53 -6.54 6.63
C SER H 40 -52.17 -7.20 6.69
C SER H 40 -52.15 -7.18 6.69
N THR H 41 -51.75 -7.58 7.90
CA THR H 41 -50.48 -8.26 8.11
C THR H 41 -50.45 -9.55 7.29
N GLN H 42 -51.55 -10.31 7.35
CA GLN H 42 -51.59 -11.61 6.68
C GLN H 42 -51.64 -11.43 5.16
N ASN H 43 -52.36 -10.40 4.70
CA ASN H 43 -52.38 -10.09 3.27
C ASN H 43 -50.98 -9.73 2.77
N ALA H 44 -50.25 -8.98 3.58
CA ALA H 44 -48.89 -8.58 3.23
C ALA H 44 -47.97 -9.80 3.23
N ILE H 45 -48.19 -10.70 4.17
CA ILE H 45 -47.38 -11.91 4.29
C ILE H 45 -47.60 -12.76 3.04
N ASP H 46 -48.85 -12.86 2.63
CA ASP H 46 -49.22 -13.69 1.49
C ASP H 46 -48.60 -13.10 0.23
N GLY H 47 -48.73 -11.78 0.08
CA GLY H 47 -48.14 -11.08 -1.04
C GLY H 47 -46.63 -11.28 -1.14
N ILE H 48 -45.93 -11.09 -0.03
CA ILE H 48 -44.46 -11.16 -0.06
C ILE H 48 -44.00 -12.60 -0.26
N THR H 49 -44.77 -13.54 0.25
CA THR H 49 -44.40 -14.94 0.13
C THR H 49 -44.59 -15.33 -1.33
N ASN H 50 -45.64 -14.80 -1.94
CA ASN H 50 -45.92 -15.12 -3.32
C ASN H 50 -44.85 -14.49 -4.20
N LYS H 51 -44.38 -13.30 -3.80
CA LYS H 51 -43.37 -12.61 -4.57
C LYS H 51 -42.05 -13.37 -4.56
N VAL H 52 -41.63 -13.80 -3.37
CA VAL H 52 -40.37 -14.52 -3.25
C VAL H 52 -40.45 -15.85 -3.98
N ASN H 53 -41.54 -16.57 -3.75
CA ASN H 53 -41.73 -17.85 -4.39
C ASN H 53 -41.78 -17.70 -5.92
N SER H 54 -42.35 -16.60 -6.40
CA SER H 54 -42.46 -16.40 -7.84
C SER H 54 -41.12 -16.05 -8.45
N VAL H 55 -40.31 -15.30 -7.71
CA VAL H 55 -38.96 -14.99 -8.15
C VAL H 55 -38.14 -16.27 -8.26
N ILE H 56 -38.25 -17.12 -7.24
CA ILE H 56 -37.45 -18.35 -7.20
C ILE H 56 -37.92 -19.32 -8.30
N GLU H 57 -39.23 -19.38 -8.52
CA GLU H 57 -39.88 -20.32 -9.45
C GLU H 57 -39.40 -20.09 -10.89
N LYS H 58 -39.04 -18.85 -11.21
CA LYS H 58 -38.63 -18.44 -12.55
C LYS H 58 -37.17 -18.82 -12.79
N MET H 59 -36.55 -19.41 -11.79
CA MET H 59 -35.17 -19.82 -11.90
C MET H 59 -35.18 -21.31 -12.01
N ASN H 60 -35.37 -21.75 -13.25
CA ASN H 60 -35.28 -23.14 -13.64
C ASN H 60 -33.93 -23.62 -13.18
N THR H 61 -33.87 -24.84 -12.66
CA THR H 61 -32.64 -25.31 -12.06
C THR H 61 -31.56 -25.46 -13.11
N GLN H 62 -30.32 -25.47 -12.63
CA GLN H 62 -29.18 -25.67 -13.50
C GLN H 62 -29.00 -27.16 -13.53
N PHE H 63 -29.11 -27.74 -14.71
CA PHE H 63 -28.84 -29.16 -14.83
C PHE H 63 -27.35 -29.30 -15.08
N THR H 64 -26.89 -30.53 -15.26
CA THR H 64 -25.47 -30.77 -15.44
C THR H 64 -24.82 -29.86 -16.49
N ALA H 65 -23.75 -29.19 -16.08
CA ALA H 65 -23.01 -28.30 -16.96
C ALA H 65 -21.54 -28.52 -16.64
N VAL H 66 -20.82 -29.15 -17.56
CA VAL H 66 -19.42 -29.45 -17.34
C VAL H 66 -18.60 -28.82 -18.43
N GLY H 67 -17.32 -28.62 -18.18
CA GLY H 67 -16.50 -27.91 -19.14
C GLY H 67 -16.32 -28.81 -20.34
N LYS H 68 -16.28 -28.18 -21.51
CA LYS H 68 -15.90 -28.85 -22.73
C LYS H 68 -14.40 -28.66 -22.88
N GLU H 69 -13.72 -29.63 -23.47
CA GLU H 69 -12.29 -29.48 -23.66
C GLU H 69 -11.90 -29.29 -25.12
N PHE H 70 -10.80 -28.60 -25.34
CA PHE H 70 -10.35 -28.31 -26.70
C PHE H 70 -8.85 -28.46 -26.82
N ASN H 71 -8.38 -28.97 -27.95
CA ASN H 71 -6.95 -29.07 -28.22
C ASN H 71 -6.32 -27.76 -28.70
N ASN H 72 -5.00 -27.77 -28.91
N ASN H 72 -5.00 -27.78 -28.94
CA ASN H 72 -4.30 -26.53 -29.20
CA ASN H 72 -4.24 -26.56 -29.21
C ASN H 72 -4.67 -25.91 -30.55
C ASN H 72 -4.49 -25.98 -30.60
N LEU H 73 -5.19 -26.74 -31.44
CA LEU H 73 -5.57 -26.29 -32.77
C LEU H 73 -7.07 -26.02 -32.82
N GLU H 74 -7.67 -25.89 -31.63
CA GLU H 74 -9.08 -25.57 -31.48
C GLU H 74 -9.34 -24.26 -30.73
N ARG H 75 -8.40 -23.33 -30.79
CA ARG H 75 -8.56 -22.05 -30.09
C ARG H 75 -9.80 -21.24 -30.47
N ARG H 76 -10.22 -21.28 -31.72
CA ARG H 76 -11.37 -20.46 -32.11
C ARG H 76 -12.67 -20.95 -31.47
N ILE H 77 -12.89 -22.26 -31.51
N ILE H 77 -12.87 -22.26 -31.48
CA ILE H 77 -14.10 -22.84 -30.91
CA ILE H 77 -14.09 -22.81 -30.91
C ILE H 77 -14.05 -22.76 -29.39
C ILE H 77 -14.06 -22.80 -29.37
N GLU H 78 -12.85 -22.94 -28.82
CA GLU H 78 -12.66 -22.82 -27.38
C GLU H 78 -13.06 -21.42 -26.92
N ASN H 79 -12.64 -20.42 -27.71
CA ASN H 79 -12.94 -19.04 -27.40
C ASN H 79 -14.40 -18.74 -27.62
N LEU H 80 -15.02 -19.40 -28.60
CA LEU H 80 -16.47 -19.28 -28.77
C LEU H 80 -17.20 -19.80 -27.54
N ASN H 81 -16.73 -20.93 -27.02
CA ASN H 81 -17.33 -21.52 -25.82
C ASN H 81 -17.21 -20.60 -24.60
N LYS H 82 -16.03 -20.01 -24.47
CA LYS H 82 -15.79 -19.10 -23.35
C LYS H 82 -16.64 -17.85 -23.52
N LYS H 83 -16.79 -17.41 -24.76
CA LYS H 83 -17.62 -16.24 -25.06
C LYS H 83 -19.07 -16.50 -24.69
N VAL H 84 -19.55 -17.70 -24.98
CA VAL H 84 -20.93 -18.08 -24.68
C VAL H 84 -21.14 -18.10 -23.16
N ASP H 85 -20.22 -18.76 -22.45
CA ASP H 85 -20.36 -18.93 -21.01
C ASP H 85 -20.29 -17.58 -20.28
N ASP H 86 -19.32 -16.76 -20.66
CA ASP H 86 -19.20 -15.40 -20.13
C ASP H 86 -20.40 -14.52 -20.44
N GLY H 87 -20.96 -14.64 -21.64
CA GLY H 87 -22.08 -13.81 -22.04
C GLY H 87 -23.31 -14.15 -21.21
N PHE H 88 -23.55 -15.46 -21.05
CA PHE H 88 -24.67 -15.90 -20.24
C PHE H 88 -24.48 -15.52 -18.78
N LEU H 89 -23.25 -15.64 -18.28
CA LEU H 89 -23.00 -15.23 -16.91
C LEU H 89 -23.23 -13.73 -16.69
N ASP H 90 -22.87 -12.91 -17.69
CA ASP H 90 -23.10 -11.47 -17.59
C ASP H 90 -24.58 -11.18 -17.56
N ILE H 91 -25.33 -11.87 -18.42
CA ILE H 91 -26.76 -11.61 -18.47
C ILE H 91 -27.47 -12.04 -17.19
N TRP H 92 -27.17 -13.23 -16.69
CA TRP H 92 -27.88 -13.67 -15.49
C TRP H 92 -27.46 -12.93 -14.23
N THR H 93 -26.18 -12.58 -14.13
CA THR H 93 -25.77 -11.78 -12.98
C THR H 93 -26.38 -10.38 -12.98
N TYR H 94 -26.31 -9.70 -14.12
CA TYR H 94 -26.96 -8.40 -14.23
C TYR H 94 -28.45 -8.45 -13.93
N ASN H 95 -29.14 -9.44 -14.49
CA ASN H 95 -30.59 -9.49 -14.35
C ASN H 95 -30.92 -9.78 -12.90
N ALA H 96 -30.15 -10.65 -12.26
CA ALA H 96 -30.47 -10.99 -10.87
C ALA H 96 -30.26 -9.77 -9.98
N GLU H 97 -29.15 -9.06 -10.16
CA GLU H 97 -28.87 -7.91 -9.29
C GLU H 97 -29.89 -6.79 -9.49
N LEU H 98 -30.22 -6.48 -10.74
CA LEU H 98 -31.07 -5.33 -11.00
C LEU H 98 -32.49 -5.68 -10.53
N LEU H 99 -32.89 -6.93 -10.77
CA LEU H 99 -34.23 -7.38 -10.39
C LEU H 99 -34.38 -7.28 -8.89
N VAL H 100 -33.34 -7.68 -8.16
CA VAL H 100 -33.40 -7.59 -6.71
C VAL H 100 -33.49 -6.13 -6.24
N LEU H 101 -32.75 -5.25 -6.90
CA LEU H 101 -32.85 -3.83 -6.53
C LEU H 101 -34.28 -3.28 -6.70
N LEU H 102 -34.84 -3.52 -7.88
CA LEU H 102 -36.12 -2.92 -8.24
C LEU H 102 -37.24 -3.51 -7.39
N GLU H 103 -37.17 -4.82 -7.18
CA GLU H 103 -38.22 -5.48 -6.43
C GLU H 103 -38.14 -5.13 -4.94
N ASN H 104 -36.92 -4.91 -4.44
CA ASN H 104 -36.79 -4.46 -3.06
C ASN H 104 -37.47 -3.10 -2.90
N GLU H 105 -37.21 -2.22 -3.86
CA GLU H 105 -37.87 -0.91 -3.84
C GLU H 105 -39.41 -1.09 -3.82
N ARG H 106 -39.91 -1.94 -4.71
CA ARG H 106 -41.36 -2.15 -4.80
C ARG H 106 -41.91 -2.68 -3.48
N THR H 107 -41.14 -3.53 -2.79
CA THR H 107 -41.59 -4.14 -1.55
C THR H 107 -41.72 -3.09 -0.46
N LEU H 108 -40.65 -2.30 -0.30
CA LEU H 108 -40.71 -1.20 0.66
C LEU H 108 -41.90 -0.28 0.38
N ASP H 109 -42.15 -0.01 -0.89
CA ASP H 109 -43.25 0.90 -1.24
C ASP H 109 -44.59 0.25 -0.92
N PHE H 110 -44.64 -1.07 -1.06
CA PHE H 110 -45.84 -1.84 -0.77
C PHE H 110 -46.18 -1.73 0.72
N HIS H 111 -45.16 -1.88 1.57
CA HIS H 111 -45.37 -1.68 3.00
C HIS H 111 -45.85 -0.26 3.33
N ASP H 112 -45.22 0.73 2.71
CA ASP H 112 -45.58 2.13 2.96
C ASP H 112 -47.05 2.34 2.61
N SER H 113 -47.45 1.74 1.49
CA SER H 113 -48.83 1.80 1.03
C SER H 113 -49.77 1.16 2.05
N ASN H 114 -49.37 0.01 2.59
CA ASN H 114 -50.24 -0.67 3.54
C ASN H 114 -50.44 0.15 4.81
N VAL H 115 -49.39 0.83 5.25
CA VAL H 115 -49.51 1.73 6.40
C VAL H 115 -50.42 2.94 6.12
N ARG H 116 -50.25 3.56 4.95
CA ARG H 116 -51.08 4.72 4.59
C ARG H 116 -52.56 4.36 4.51
N ASN H 117 -52.81 3.17 3.95
CA ASN H 117 -54.18 2.74 3.73
C ASN H 117 -54.81 2.33 5.05
N LEU H 118 -54.01 1.75 5.94
CA LEU H 118 -54.52 1.43 7.26
C LEU H 118 -54.90 2.69 8.03
N TYR H 119 -54.04 3.71 7.92
CA TYR H 119 -54.32 4.97 8.60
C TYR H 119 -55.59 5.63 8.08
N GLU H 120 -55.76 5.67 6.76
CA GLU H 120 -56.94 6.34 6.21
C GLU H 120 -58.19 5.49 6.47
N LYS H 121 -58.01 4.17 6.57
CA LYS H 121 -59.10 3.25 6.90
C LYS H 121 -59.62 3.57 8.31
N VAL H 122 -58.71 3.66 9.27
CA VAL H 122 -59.09 4.02 10.64
C VAL H 122 -59.76 5.39 10.62
N LYS H 123 -59.19 6.31 9.84
CA LYS H 123 -59.69 7.68 9.78
C LYS H 123 -61.15 7.69 9.33
N SER H 124 -61.45 6.87 8.32
CA SER H 124 -62.78 6.87 7.75
C SER H 124 -63.76 6.13 8.66
N GLN H 125 -63.25 5.19 9.45
CA GLN H 125 -64.07 4.61 10.51
C GLN H 125 -64.47 5.64 11.57
N LEU H 126 -63.50 6.43 12.03
CA LEU H 126 -63.71 7.32 13.17
C LEU H 126 -64.47 8.59 12.80
N LYS H 127 -64.24 9.09 11.59
CA LYS H 127 -64.84 10.35 11.14
C LYS H 127 -64.64 11.46 12.17
N ASN H 128 -65.71 12.16 12.54
CA ASN H 128 -65.58 13.29 13.46
C ASN H 128 -65.74 12.98 14.95
N ASN H 129 -65.72 11.68 15.30
CA ASN H 129 -65.65 11.29 16.70
C ASN H 129 -64.23 11.35 17.27
N ALA H 130 -63.26 11.65 16.42
CA ALA H 130 -61.89 11.84 16.88
C ALA H 130 -61.19 12.93 16.07
N LYS H 131 -60.15 13.51 16.64
CA LYS H 131 -59.33 14.47 15.93
C LYS H 131 -57.99 13.85 15.56
N GLU H 132 -57.56 14.08 14.31
CA GLU H 132 -56.27 13.62 13.86
C GLU H 132 -55.21 14.50 14.51
N ILE H 133 -54.27 13.88 15.22
CA ILE H 133 -53.10 14.59 15.71
C ILE H 133 -52.13 14.91 14.55
N GLY H 134 -51.75 13.88 13.79
CA GLY H 134 -50.90 14.07 12.62
C GLY H 134 -49.72 13.13 12.56
N ASN H 135 -49.48 12.45 13.69
CA ASN H 135 -48.33 11.58 13.89
C ASN H 135 -48.81 10.13 13.85
N GLY H 136 -49.93 9.91 13.18
CA GLY H 136 -50.51 8.58 13.06
C GLY H 136 -51.53 8.29 14.15
N CYS H 137 -51.74 9.27 15.02
CA CYS H 137 -52.60 9.11 16.19
C CYS H 137 -53.96 9.80 16.04
N PHE H 138 -54.97 9.25 16.70
CA PHE H 138 -56.27 9.89 16.76
C PHE H 138 -56.65 10.04 18.23
N GLU H 139 -57.12 11.22 18.60
CA GLU H 139 -57.60 11.44 19.96
C GLU H 139 -59.13 11.49 19.93
N PHE H 140 -59.76 10.60 20.69
CA PHE H 140 -61.21 10.53 20.73
C PHE H 140 -61.86 11.71 21.47
N TYR H 141 -62.99 12.16 20.95
CA TYR H 141 -63.82 13.17 21.62
C TYR H 141 -64.84 12.50 22.54
N HIS H 142 -64.72 11.20 22.71
CA HIS H 142 -65.60 10.49 23.62
C HIS H 142 -64.76 9.46 24.36
N LYS H 143 -65.27 8.96 25.49
CA LYS H 143 -64.55 7.90 26.17
C LYS H 143 -64.61 6.64 25.34
N CYS H 144 -63.47 5.97 25.23
CA CYS H 144 -63.36 4.81 24.37
C CYS H 144 -62.64 3.72 25.14
N ASP H 145 -63.42 2.81 25.71
CA ASP H 145 -62.89 1.73 26.51
C ASP H 145 -62.38 0.57 25.65
N ASP H 146 -62.07 -0.55 26.30
CA ASP H 146 -61.34 -1.64 25.68
C ASP H 146 -62.15 -2.27 24.56
N ALA H 147 -63.44 -2.43 24.81
CA ALA H 147 -64.35 -2.99 23.81
C ALA H 147 -64.42 -2.09 22.59
N CYS H 148 -64.56 -0.79 22.84
CA CYS H 148 -64.57 0.20 21.77
C CYS H 148 -63.28 0.14 20.94
N MET H 149 -62.15 0.11 21.64
CA MET H 149 -60.85 -0.01 20.97
C MET H 149 -60.81 -1.24 20.08
N GLU H 150 -61.28 -2.37 20.60
CA GLU H 150 -61.22 -3.61 19.84
C GLU H 150 -62.13 -3.51 18.62
N SER H 151 -63.22 -2.77 18.79
CA SER H 151 -64.15 -2.51 17.69
C SER H 151 -63.46 -1.70 16.59
N VAL H 152 -62.63 -0.74 17.02
CA VAL H 152 -61.81 0.00 16.06
C VAL H 152 -60.84 -0.93 15.35
N ARG H 153 -60.19 -1.82 16.11
CA ARG H 153 -59.17 -2.70 15.53
C ARG H 153 -59.72 -3.72 14.53
N ASN H 154 -60.94 -4.21 14.77
CA ASN H 154 -61.50 -5.20 13.87
C ASN H 154 -62.50 -4.62 12.86
N GLY H 155 -62.57 -3.31 12.83
CA GLY H 155 -63.32 -2.59 11.81
C GLY H 155 -64.82 -2.58 12.04
N THR H 156 -65.23 -2.73 13.29
CA THR H 156 -66.63 -2.70 13.66
C THR H 156 -67.00 -1.53 14.57
N TYR H 157 -66.16 -0.50 14.63
CA TYR H 157 -66.43 0.67 15.47
C TYR H 157 -67.79 1.28 15.12
N ASP H 158 -68.55 1.64 16.15
CA ASP H 158 -69.91 2.15 15.96
C ASP H 158 -70.00 3.66 16.10
N TYR H 159 -69.87 4.37 14.98
CA TYR H 159 -69.85 5.82 14.96
C TYR H 159 -71.11 6.52 15.54
N PRO H 160 -72.32 6.04 15.16
CA PRO H 160 -73.53 6.71 15.67
C PRO H 160 -73.67 6.60 17.18
N LYS H 161 -73.25 5.46 17.72
CA LYS H 161 -73.33 5.24 19.17
C LYS H 161 -72.60 6.31 19.97
N TYR H 162 -71.44 6.72 19.49
CA TYR H 162 -70.61 7.66 20.21
C TYR H 162 -70.68 9.09 19.65
N SER H 163 -71.45 9.24 18.57
CA SER H 163 -71.60 10.55 17.93
C SER H 163 -72.11 11.69 18.80
N GLU H 164 -73.11 11.42 19.64
CA GLU H 164 -73.71 12.49 20.43
C GLU H 164 -72.75 12.99 21.51
N GLU H 165 -72.14 12.03 22.23
CA GLU H 165 -71.15 12.33 23.24
C GLU H 165 -69.98 13.09 22.62
N SER H 166 -69.57 12.62 21.45
CA SER H 166 -68.44 13.22 20.75
C SER H 166 -68.78 14.65 20.39
N LYS H 167 -70.00 14.88 19.93
CA LYS H 167 -70.40 16.20 19.46
C LYS H 167 -70.42 17.12 20.67
N LEU H 168 -70.86 16.57 21.80
CA LEU H 168 -70.91 17.28 23.07
C LEU H 168 -69.53 17.72 23.56
N ASN H 169 -68.57 16.82 23.52
CA ASN H 169 -67.20 17.15 23.94
C ASN H 169 -66.48 18.04 22.93
N ARG H 170 -66.91 17.97 21.68
CA ARG H 170 -66.27 18.69 20.59
C ARG H 170 -66.63 20.17 20.76
N GLU H 171 -67.82 20.43 21.32
CA GLU H 171 -68.27 21.79 21.57
C GLU H 171 -68.01 22.16 23.03
N PRO I 3 -59.21 38.81 2.01
CA PRO I 3 -58.12 39.45 1.26
C PRO I 3 -56.75 38.98 1.76
N GLY I 4 -56.66 37.75 2.25
CA GLY I 4 -55.46 37.30 2.93
C GLY I 4 -54.27 36.79 2.14
N ASP I 5 -53.18 36.63 2.88
CA ASP I 5 -51.91 36.04 2.44
C ASP I 5 -52.04 34.60 1.95
N THR I 6 -51.11 34.20 1.09
CA THR I 6 -51.15 32.88 0.46
C THR I 6 -49.76 32.26 0.35
N ILE I 7 -49.72 30.94 0.42
CA ILE I 7 -48.53 30.14 0.09
C ILE I 7 -48.91 28.98 -0.84
N CYS I 8 -48.11 28.78 -1.87
CA CYS I 8 -48.35 27.69 -2.80
C CYS I 8 -47.21 26.67 -2.84
N ILE I 9 -47.56 25.40 -3.07
CA ILE I 9 -46.58 24.33 -3.25
C ILE I 9 -46.44 24.05 -4.74
N GLY I 10 -45.21 23.84 -5.21
CA GLY I 10 -44.97 23.69 -6.63
C GLY I 10 -43.68 22.99 -6.98
N TYR I 11 -43.43 22.84 -8.28
CA TYR I 11 -42.26 22.13 -8.78
C TYR I 11 -41.57 22.84 -9.94
N HIS I 12 -40.33 22.47 -10.20
CA HIS I 12 -39.53 23.13 -11.22
C HIS I 12 -40.07 22.89 -12.62
N ALA I 13 -40.04 23.93 -13.44
CA ALA I 13 -40.17 23.79 -14.88
C ALA I 13 -39.05 24.60 -15.51
N ASN I 14 -38.67 24.26 -16.74
CA ASN I 14 -37.69 25.03 -17.47
C ASN I 14 -37.89 24.95 -18.99
N ASN I 15 -36.89 25.41 -19.74
CA ASN I 15 -36.97 25.43 -21.19
C ASN I 15 -36.37 24.20 -21.87
N SER I 16 -36.11 23.14 -21.10
CA SER I 16 -35.49 21.94 -21.66
C SER I 16 -36.38 21.35 -22.75
N THR I 17 -35.73 20.82 -23.78
CA THR I 17 -36.43 20.15 -24.88
C THR I 17 -36.16 18.66 -24.89
N ASP I 18 -35.37 18.18 -23.93
CA ASP I 18 -35.06 16.75 -23.83
C ASP I 18 -36.34 15.94 -23.75
N THR I 19 -36.43 14.87 -24.53
CA THR I 19 -37.59 13.99 -24.42
C THR I 19 -37.15 12.58 -24.02
N VAL I 20 -37.99 11.91 -23.25
CA VAL I 20 -37.75 10.52 -22.90
C VAL I 20 -39.01 9.76 -23.26
N ASP I 21 -38.90 8.46 -23.44
CA ASP I 21 -40.07 7.62 -23.58
C ASP I 21 -40.37 6.93 -22.26
N THR I 22 -41.64 6.67 -22.01
CA THR I 22 -42.03 5.90 -20.83
C THR I 22 -42.98 4.80 -21.29
N VAL I 23 -43.37 3.94 -20.36
CA VAL I 23 -44.28 2.85 -20.65
C VAL I 23 -45.65 3.32 -21.14
N LEU I 24 -46.23 4.28 -20.43
CA LEU I 24 -47.59 4.72 -20.69
C LEU I 24 -47.64 5.80 -21.76
N GLU I 25 -46.51 6.45 -22.02
CA GLU I 25 -46.50 7.65 -22.86
C GLU I 25 -45.17 7.85 -23.57
N LYS I 26 -45.25 8.17 -24.87
CA LYS I 26 -44.07 8.47 -25.67
C LYS I 26 -43.75 9.96 -25.71
N ASN I 27 -42.48 10.28 -25.93
CA ASN I 27 -42.05 11.66 -26.22
C ASN I 27 -42.38 12.65 -25.11
N VAL I 28 -42.20 12.23 -23.85
CA VAL I 28 -42.44 13.15 -22.74
C VAL I 28 -41.27 14.10 -22.57
N THR I 29 -41.54 15.40 -22.60
CA THR I 29 -40.50 16.39 -22.37
C THR I 29 -40.19 16.51 -20.88
N VAL I 30 -38.91 16.45 -20.54
CA VAL I 30 -38.49 16.47 -19.14
C VAL I 30 -37.45 17.55 -18.89
N THR I 31 -37.35 17.96 -17.63
CA THR I 31 -36.50 19.08 -17.26
C THR I 31 -35.04 18.64 -17.27
N HIS I 32 -34.81 17.38 -16.93
CA HIS I 32 -33.46 16.81 -16.89
C HIS I 32 -33.48 15.34 -17.29
N SER I 33 -32.39 14.88 -17.90
CA SER I 33 -32.26 13.49 -18.33
C SER I 33 -30.78 13.17 -18.60
N VAL I 34 -30.44 11.89 -18.64
CA VAL I 34 -29.07 11.47 -18.93
C VAL I 34 -29.06 10.43 -20.04
N ASN I 35 -28.20 10.64 -21.04
CA ASN I 35 -28.00 9.68 -22.11
C ASN I 35 -27.10 8.50 -21.73
N LEU I 36 -27.55 7.28 -22.01
CA LEU I 36 -26.76 6.08 -21.69
C LEU I 36 -26.13 5.45 -22.94
N LEU I 37 -26.37 6.05 -24.11
CA LEU I 37 -25.95 5.43 -25.38
C LEU I 37 -24.92 6.25 -26.14
N GLU I 38 -23.70 5.72 -26.26
CA GLU I 38 -22.66 6.43 -27.02
C GLU I 38 -22.77 6.15 -28.53
N ASP I 39 -22.87 7.22 -29.32
CA ASP I 39 -22.92 7.11 -30.77
C ASP I 39 -21.79 7.89 -31.50
N SER I 40 -20.83 8.40 -30.73
CA SER I 40 -19.71 9.14 -31.31
C SER I 40 -18.35 8.44 -31.19
N HIS I 41 -17.58 8.49 -32.27
CA HIS I 41 -16.21 7.99 -32.26
C HIS I 41 -15.33 8.93 -33.05
N ASN I 42 -14.01 8.74 -32.94
CA ASN I 42 -13.09 9.72 -33.51
C ASN I 42 -12.47 9.35 -34.86
N GLY I 43 -12.85 8.21 -35.42
CA GLY I 43 -12.47 7.90 -36.79
C GLY I 43 -11.01 7.50 -36.93
N LYS I 44 -10.33 7.29 -35.82
CA LYS I 44 -8.89 6.98 -35.84
C LYS I 44 -8.59 5.66 -35.12
N LEU I 45 -7.45 5.07 -35.47
CA LEU I 45 -6.91 3.94 -34.73
C LEU I 45 -5.90 4.42 -33.70
N CYS I 46 -6.16 4.10 -32.43
CA CYS I 46 -5.35 4.64 -31.35
C CYS I 46 -4.59 3.54 -30.65
N LYS I 47 -3.72 3.92 -29.71
CA LYS I 47 -3.02 2.95 -28.88
C LYS I 47 -3.89 2.35 -27.78
N LEU I 48 -3.52 1.14 -27.36
N LEU I 48 -3.56 1.13 -27.37
CA LEU I 48 -4.12 0.49 -26.20
CA LEU I 48 -4.12 0.52 -26.19
C LEU I 48 -2.99 0.14 -25.24
C LEU I 48 -2.99 0.17 -25.25
N LYS I 49 -3.16 0.51 -23.97
CA LYS I 49 -2.13 0.32 -22.95
C LYS I 49 -0.85 1.06 -23.36
N GLY I 50 -1.04 2.17 -24.06
CA GLY I 50 0.04 3.01 -24.56
C GLY I 50 0.90 2.33 -25.61
N ILE I 51 0.38 1.25 -26.18
CA ILE I 51 1.10 0.54 -27.23
C ILE I 51 0.37 0.68 -28.57
N ALA I 52 1.11 1.00 -29.63
CA ALA I 52 0.53 1.22 -30.95
C ALA I 52 0.11 -0.11 -31.59
N PRO I 53 -0.93 -0.07 -32.44
CA PRO I 53 -1.29 -1.26 -33.22
C PRO I 53 -0.31 -1.52 -34.35
N LEU I 54 -0.30 -2.74 -34.87
CA LEU I 54 0.51 -3.09 -36.02
C LEU I 54 -0.28 -2.97 -37.32
N GLN I 55 0.19 -2.14 -38.24
CA GLN I 55 -0.49 -1.92 -39.51
C GLN I 55 0.13 -2.81 -40.59
N LEU I 56 -0.61 -3.82 -41.01
CA LEU I 56 -0.12 -4.72 -42.04
C LEU I 56 -0.17 -4.09 -43.43
N GLY I 57 -1.02 -3.07 -43.59
CA GLY I 57 -1.10 -2.32 -44.82
C GLY I 57 -1.51 -3.18 -46.00
N LYS I 58 -0.65 -3.22 -47.02
CA LYS I 58 -0.95 -3.96 -48.24
C LYS I 58 -0.63 -5.45 -48.07
N CYS I 59 -0.10 -5.81 -46.89
CA CYS I 59 0.21 -7.20 -46.56
C CYS I 59 -0.87 -7.77 -45.65
N ASN I 60 -0.99 -9.09 -45.62
CA ASN I 60 -1.80 -9.75 -44.61
C ASN I 60 -0.91 -10.58 -43.69
N ILE I 61 -1.54 -11.27 -42.74
N ILE I 61 -1.52 -11.31 -42.76
CA ILE I 61 -0.84 -12.07 -41.73
CA ILE I 61 -0.76 -12.01 -41.73
C ILE I 61 0.15 -13.04 -42.36
C ILE I 61 0.14 -13.10 -42.32
N ALA I 62 -0.32 -13.79 -43.35
CA ALA I 62 0.50 -14.78 -44.03
C ALA I 62 1.74 -14.15 -44.69
N GLY I 63 1.49 -13.06 -45.42
CA GLY I 63 2.55 -12.31 -46.08
C GLY I 63 3.58 -11.75 -45.13
N TRP I 64 3.10 -11.26 -43.99
CA TRP I 64 3.97 -10.77 -42.93
C TRP I 64 4.86 -11.88 -42.37
N LEU I 65 4.25 -12.95 -41.88
CA LEU I 65 4.98 -14.01 -41.17
C LEU I 65 5.91 -14.78 -42.09
N LEU I 66 5.45 -15.09 -43.30
CA LEU I 66 6.30 -15.74 -44.27
C LEU I 66 7.34 -14.75 -44.80
N GLY I 67 7.03 -13.47 -44.71
CA GLY I 67 7.95 -12.47 -45.22
C GLY I 67 7.91 -12.32 -46.74
N ASN I 68 6.70 -12.23 -47.28
CA ASN I 68 6.51 -11.79 -48.66
C ASN I 68 7.36 -10.55 -48.90
N PRO I 69 8.13 -10.53 -50.00
CA PRO I 69 9.09 -9.44 -50.19
C PRO I 69 8.45 -8.06 -50.34
N GLU I 70 7.16 -8.00 -50.70
CA GLU I 70 6.45 -6.72 -50.71
C GLU I 70 6.13 -6.20 -49.31
N CYS I 71 6.34 -7.06 -48.31
CA CYS I 71 5.96 -6.75 -46.93
C CYS I 71 7.17 -6.35 -46.12
N ASP I 72 8.22 -5.91 -46.82
CA ASP I 72 9.50 -5.63 -46.16
C ASP I 72 9.43 -4.55 -45.08
N LEU I 73 8.46 -3.64 -45.19
CA LEU I 73 8.34 -2.58 -44.21
C LEU I 73 7.91 -3.09 -42.82
N LEU I 74 7.41 -4.33 -42.77
CA LEU I 74 6.99 -4.94 -41.51
C LEU I 74 8.07 -5.76 -40.81
N LEU I 75 9.21 -5.94 -41.48
CA LEU I 75 10.30 -6.75 -40.96
C LEU I 75 10.85 -6.22 -39.64
N THR I 76 10.72 -4.92 -39.43
CA THR I 76 11.17 -4.28 -38.19
C THR I 76 10.14 -4.26 -37.06
N ALA I 77 8.93 -4.71 -37.34
CA ALA I 77 7.84 -4.71 -36.35
C ALA I 77 8.14 -5.66 -35.19
N SER I 78 7.92 -5.22 -33.96
CA SER I 78 8.28 -6.08 -32.83
C SER I 78 7.26 -6.12 -31.69
N SER I 79 6.48 -5.06 -31.49
CA SER I 79 5.45 -5.09 -30.44
C SER I 79 4.20 -4.28 -30.82
N TRP I 80 3.03 -4.72 -30.35
CA TRP I 80 1.79 -4.07 -30.74
C TRP I 80 0.69 -4.38 -29.73
N SER I 81 -0.35 -3.55 -29.71
CA SER I 81 -1.49 -3.79 -28.84
C SER I 81 -2.55 -4.66 -29.52
N TYR I 82 -2.61 -4.56 -30.85
CA TYR I 82 -3.51 -5.39 -31.65
C TYR I 82 -3.05 -5.29 -33.11
N ILE I 83 -3.61 -6.13 -33.97
CA ILE I 83 -3.15 -6.19 -35.35
C ILE I 83 -4.25 -5.69 -36.29
N VAL I 84 -3.88 -4.82 -37.22
CA VAL I 84 -4.85 -4.20 -38.12
C VAL I 84 -4.62 -4.61 -39.56
N GLU I 85 -5.61 -5.26 -40.14
CA GLU I 85 -5.63 -5.50 -41.58
C GLU I 85 -6.59 -4.52 -42.22
N THR I 86 -6.33 -4.18 -43.47
CA THR I 86 -7.18 -3.21 -44.15
C THR I 86 -7.77 -3.87 -45.39
N SER I 87 -8.61 -3.14 -46.11
CA SER I 87 -9.21 -3.64 -47.34
C SER I 87 -8.25 -3.78 -48.52
N ASN I 88 -7.07 -3.16 -48.37
N ASN I 88 -7.06 -3.19 -48.42
CA ASN I 88 -6.00 -3.17 -49.36
CA ASN I 88 -6.11 -3.36 -49.52
C ASN I 88 -4.91 -4.23 -49.15
C ASN I 88 -4.97 -4.33 -49.24
N SER I 89 -5.11 -5.15 -48.20
CA SER I 89 -4.09 -6.14 -47.89
C SER I 89 -4.11 -7.40 -48.76
N GLU I 90 -3.49 -7.35 -49.94
CA GLU I 90 -3.56 -8.49 -50.84
C GLU I 90 -2.26 -9.30 -51.00
N ASN I 91 -1.14 -8.72 -50.59
CA ASN I 91 0.14 -9.45 -50.57
C ASN I 91 0.33 -10.38 -49.38
N GLY I 92 0.27 -11.68 -49.69
CA GLY I 92 0.43 -12.75 -48.74
C GLY I 92 1.32 -13.82 -49.33
N THR I 93 0.70 -14.95 -49.69
CA THR I 93 1.42 -16.07 -50.28
C THR I 93 1.60 -15.84 -51.77
N CYS I 94 2.78 -15.35 -52.16
CA CYS I 94 3.07 -15.04 -53.55
C CYS I 94 3.19 -16.29 -54.38
N TYR I 95 3.65 -17.38 -53.75
CA TYR I 95 3.61 -18.67 -54.40
C TYR I 95 2.33 -19.38 -54.02
N PRO I 96 1.54 -19.77 -55.03
CA PRO I 96 0.19 -20.27 -54.80
C PRO I 96 0.14 -21.58 -54.02
N GLY I 97 -0.89 -21.72 -53.18
CA GLY I 97 -1.10 -22.92 -52.40
C GLY I 97 -1.90 -22.62 -51.14
N ASP I 98 -1.93 -23.57 -50.21
CA ASP I 98 -2.78 -23.46 -49.04
C ASP I 98 -1.97 -23.25 -47.76
N PHE I 99 -2.40 -22.29 -46.95
CA PHE I 99 -1.80 -22.05 -45.65
C PHE I 99 -2.63 -22.79 -44.63
N ILE I 100 -2.07 -23.87 -44.07
N ILE I 100 -2.11 -23.90 -44.11
CA ILE I 100 -2.84 -24.80 -43.23
CA ILE I 100 -2.92 -24.80 -43.29
C ILE I 100 -3.09 -24.21 -41.84
C ILE I 100 -3.11 -24.25 -41.87
N ASP I 101 -4.34 -24.31 -41.39
CA ASP I 101 -4.75 -23.76 -40.09
C ASP I 101 -4.39 -22.28 -39.96
N TYR I 102 -4.56 -21.55 -41.04
CA TYR I 102 -4.26 -20.12 -41.07
C TYR I 102 -5.17 -19.37 -40.11
N GLU I 103 -6.45 -19.74 -40.06
CA GLU I 103 -7.36 -19.03 -39.18
C GLU I 103 -7.03 -19.26 -37.71
N GLU I 104 -6.63 -20.49 -37.40
CA GLU I 104 -6.18 -20.83 -36.07
C GLU I 104 -4.91 -20.09 -35.70
N LEU I 105 -4.01 -19.97 -36.68
CA LEU I 105 -2.76 -19.28 -36.44
C LEU I 105 -3.04 -17.81 -36.15
N ARG I 106 -3.96 -17.23 -36.92
CA ARG I 106 -4.42 -15.86 -36.67
C ARG I 106 -5.02 -15.68 -35.28
N GLU I 107 -5.82 -16.65 -34.86
CA GLU I 107 -6.40 -16.64 -33.53
C GLU I 107 -5.34 -16.71 -32.45
N GLN I 108 -4.31 -17.54 -32.68
CA GLN I 108 -3.21 -17.64 -31.74
C GLN I 108 -2.54 -16.27 -31.67
N LEU I 109 -2.36 -15.65 -32.82
CA LEU I 109 -1.63 -14.39 -32.87
C LEU I 109 -2.45 -13.31 -32.17
N SER I 110 -3.73 -13.58 -31.98
CA SER I 110 -4.63 -12.64 -31.33
C SER I 110 -4.37 -12.58 -29.83
N SER I 111 -3.60 -13.54 -29.34
CA SER I 111 -3.14 -13.52 -27.95
C SER I 111 -1.64 -13.28 -27.85
N VAL I 112 -1.05 -12.78 -28.93
CA VAL I 112 0.35 -12.36 -28.90
C VAL I 112 0.53 -10.85 -28.94
N SER I 113 1.33 -10.34 -28.01
CA SER I 113 1.51 -8.91 -27.87
C SER I 113 2.88 -8.47 -28.39
N SER I 114 3.77 -9.45 -28.60
CA SER I 114 5.13 -9.19 -29.08
C SER I 114 5.86 -10.49 -29.43
N PHE I 115 6.94 -10.40 -30.23
CA PHE I 115 7.81 -11.56 -30.39
C PHE I 115 9.27 -11.16 -30.62
N GLU I 116 10.17 -12.12 -30.61
CA GLU I 116 11.55 -11.89 -31.04
C GLU I 116 11.92 -12.79 -32.22
N LYS I 117 12.16 -12.21 -33.39
CA LYS I 117 12.52 -13.01 -34.55
C LYS I 117 13.99 -13.41 -34.43
N PHE I 118 14.33 -14.62 -34.85
CA PHE I 118 15.73 -15.07 -34.83
C PHE I 118 16.00 -16.06 -35.94
N GLU I 119 17.25 -16.25 -36.30
CA GLU I 119 17.57 -17.11 -37.43
C GLU I 119 17.71 -18.55 -36.98
N ILE I 120 16.66 -19.35 -37.18
CA ILE I 120 16.67 -20.71 -36.69
C ILE I 120 17.65 -21.59 -37.48
N PHE I 121 17.60 -21.45 -38.80
CA PHE I 121 18.47 -22.18 -39.72
C PHE I 121 19.09 -21.19 -40.69
N PRO I 122 20.28 -20.66 -40.36
CA PRO I 122 20.96 -19.69 -41.24
C PRO I 122 21.22 -20.19 -42.65
N LYS I 123 20.89 -19.37 -43.65
CA LYS I 123 20.95 -19.80 -45.04
C LYS I 123 22.35 -20.26 -45.43
N THR I 124 23.34 -19.49 -44.98
CA THR I 124 24.71 -19.66 -45.45
C THR I 124 25.46 -20.83 -44.80
N SER I 125 24.99 -21.30 -43.64
CA SER I 125 25.71 -22.35 -42.93
C SER I 125 24.94 -23.64 -42.65
N SER I 126 23.63 -23.64 -42.87
CA SER I 126 22.82 -24.77 -42.42
C SER I 126 22.82 -25.93 -43.42
N TRP I 127 23.19 -25.67 -44.67
CA TRP I 127 22.87 -26.58 -45.75
C TRP I 127 24.04 -26.82 -46.70
N PRO I 128 25.18 -27.30 -46.17
CA PRO I 128 26.38 -27.43 -47.01
C PRO I 128 26.20 -28.42 -48.17
N ASN I 129 25.23 -29.31 -48.07
CA ASN I 129 25.05 -30.35 -49.08
C ASN I 129 23.88 -30.08 -50.03
N HIS I 130 23.24 -28.93 -49.91
CA HIS I 130 22.12 -28.61 -50.78
C HIS I 130 22.28 -27.23 -51.41
N GLU I 131 21.58 -26.97 -52.51
CA GLU I 131 21.71 -25.67 -53.18
C GLU I 131 20.81 -24.63 -52.52
N THR I 132 21.38 -23.50 -52.10
CA THR I 132 20.59 -22.48 -51.42
C THR I 132 20.34 -21.17 -52.20
N THR I 133 20.85 -21.05 -53.43
CA THR I 133 20.81 -19.73 -54.07
C THR I 133 19.94 -19.62 -55.32
N LYS I 134 19.29 -20.72 -55.70
CA LYS I 134 18.58 -20.83 -56.97
C LYS I 134 17.09 -20.93 -56.69
N GLY I 135 16.77 -20.87 -55.40
CA GLY I 135 15.43 -21.02 -54.85
C GLY I 135 14.64 -19.73 -54.86
N VAL I 136 14.53 -19.14 -56.04
CA VAL I 136 13.68 -17.97 -56.26
C VAL I 136 12.71 -18.22 -57.41
N THR I 137 11.63 -17.44 -57.44
CA THR I 137 10.54 -17.64 -58.39
C THR I 137 9.86 -16.34 -58.82
N ALA I 138 9.35 -16.33 -60.05
CA ALA I 138 8.56 -15.20 -60.55
C ALA I 138 7.21 -15.00 -59.86
N ALA I 139 6.72 -15.99 -59.12
CA ALA I 139 5.46 -15.81 -58.40
C ALA I 139 5.66 -14.86 -57.22
N CYS I 140 6.92 -14.76 -56.81
CA CYS I 140 7.37 -13.95 -55.68
C CYS I 140 8.34 -12.90 -56.17
N SER I 141 8.24 -12.54 -57.45
N SER I 141 7.96 -12.26 -57.26
CA SER I 141 9.00 -11.40 -57.99
CA SER I 141 8.80 -11.26 -57.89
C SER I 141 8.85 -10.07 -57.19
C SER I 141 8.80 -9.99 -57.10
N TYR I 142 9.96 -9.33 -57.09
CA TYR I 142 10.08 -8.09 -56.36
C TYR I 142 11.03 -7.15 -57.09
N ALA I 143 10.56 -5.91 -57.27
CA ALA I 143 11.36 -4.85 -57.87
C ALA I 143 11.88 -5.26 -59.25
N GLY I 144 11.03 -5.98 -59.99
CA GLY I 144 11.30 -6.29 -61.38
C GLY I 144 12.05 -7.60 -61.60
N ALA I 145 12.32 -8.31 -60.51
CA ALA I 145 13.08 -9.56 -60.57
C ALA I 145 12.46 -10.62 -59.67
N SER I 146 12.70 -11.88 -60.01
CA SER I 146 12.25 -12.99 -59.17
C SER I 146 12.91 -13.01 -57.80
N SER I 147 12.12 -13.35 -56.79
CA SER I 147 12.56 -13.36 -55.41
C SER I 147 11.84 -14.46 -54.65
N PHE I 148 11.82 -14.38 -53.32
CA PHE I 148 11.16 -15.39 -52.52
C PHE I 148 10.92 -14.83 -51.12
N TYR I 149 10.10 -15.54 -50.33
CA TYR I 149 9.86 -15.22 -48.92
C TYR I 149 11.18 -14.98 -48.19
N ARG I 150 11.19 -13.99 -47.31
CA ARG I 150 12.39 -13.65 -46.55
C ARG I 150 12.61 -14.63 -45.41
N ASN I 151 11.54 -15.27 -44.95
CA ASN I 151 11.61 -16.08 -43.74
C ASN I 151 11.71 -17.58 -44.02
N LEU I 152 11.70 -17.94 -45.30
CA LEU I 152 11.85 -19.33 -45.72
C LEU I 152 12.95 -19.43 -46.75
N LEU I 153 13.40 -20.66 -47.00
CA LEU I 153 14.51 -20.91 -47.89
C LEU I 153 14.19 -22.11 -48.77
N TRP I 154 14.12 -21.89 -50.08
CA TRP I 154 13.77 -22.97 -50.98
C TRP I 154 15.04 -23.74 -51.31
N LEU I 155 15.18 -24.91 -50.70
CA LEU I 155 16.36 -25.73 -50.96
C LEU I 155 16.10 -26.58 -52.19
N THR I 156 17.12 -26.72 -53.01
CA THR I 156 17.07 -27.60 -54.18
C THR I 156 18.37 -28.36 -54.29
N LYS I 157 18.47 -29.22 -55.29
CA LYS I 157 19.61 -30.12 -55.37
C LYS I 157 20.82 -29.28 -55.77
N LYS I 158 22.00 -29.69 -55.33
CA LYS I 158 23.22 -28.97 -55.69
C LYS I 158 23.97 -29.86 -56.65
N GLY I 159 24.24 -29.32 -57.84
CA GLY I 159 24.81 -30.13 -58.90
C GLY I 159 23.73 -31.13 -59.27
N SER I 160 24.05 -32.42 -59.26
CA SER I 160 23.08 -33.42 -59.68
C SER I 160 22.60 -34.32 -58.53
N SER I 161 22.64 -33.83 -57.29
CA SER I 161 22.24 -34.68 -56.18
C SER I 161 21.60 -33.93 -54.99
N TYR I 162 20.60 -34.57 -54.41
CA TYR I 162 19.97 -34.12 -53.18
C TYR I 162 20.01 -35.24 -52.16
N PRO I 163 21.01 -35.24 -51.27
CA PRO I 163 21.07 -36.31 -50.27
C PRO I 163 20.04 -36.06 -49.17
N LYS I 164 19.63 -37.10 -48.44
CA LYS I 164 18.68 -36.92 -47.35
C LYS I 164 19.23 -35.91 -46.37
N LEU I 165 18.47 -34.85 -46.11
CA LEU I 165 18.81 -33.95 -45.01
C LEU I 165 18.08 -34.27 -43.71
N SER I 166 18.77 -33.98 -42.62
CA SER I 166 18.23 -34.11 -41.27
C SER I 166 18.77 -32.93 -40.47
N LYS I 167 17.89 -32.11 -39.92
CA LYS I 167 18.33 -30.91 -39.23
C LYS I 167 17.39 -30.66 -38.06
N SER I 168 17.95 -30.42 -36.88
CA SER I 168 17.15 -30.25 -35.69
C SER I 168 17.49 -28.93 -34.99
N TYR I 169 16.53 -28.40 -34.25
CA TYR I 169 16.75 -27.21 -33.44
C TYR I 169 16.21 -27.43 -32.03
N VAL I 170 17.05 -27.18 -31.04
CA VAL I 170 16.64 -27.21 -29.63
C VAL I 170 16.30 -25.78 -29.22
N ASN I 171 15.12 -25.60 -28.65
CA ASN I 171 14.68 -24.27 -28.23
C ASN I 171 15.22 -23.83 -26.86
N ASN I 172 16.23 -22.96 -26.91
N ASN I 172 16.27 -23.02 -26.95
CA ASN I 172 16.84 -22.43 -25.69
CA ASN I 172 16.93 -22.44 -25.78
C ASN I 172 16.34 -21.05 -25.36
C ASN I 172 16.53 -20.98 -25.59
N LYS I 173 15.41 -20.57 -26.19
CA LYS I 173 14.97 -19.17 -26.15
C LYS I 173 14.18 -18.87 -24.88
N GLY I 174 13.83 -19.89 -24.12
CA GLY I 174 13.09 -19.66 -22.89
C GLY I 174 11.61 -19.37 -23.08
N LYS I 175 11.11 -19.56 -24.28
CA LYS I 175 9.69 -19.34 -24.56
C LYS I 175 9.26 -20.07 -25.82
N GLU I 176 7.96 -20.04 -26.11
CA GLU I 176 7.42 -20.71 -27.29
C GLU I 176 8.03 -20.10 -28.54
N VAL I 177 8.34 -20.95 -29.51
CA VAL I 177 8.84 -20.50 -30.79
C VAL I 177 7.87 -20.87 -31.90
N LEU I 178 7.47 -19.88 -32.70
CA LEU I 178 6.60 -20.14 -33.83
C LEU I 178 7.51 -20.49 -35.00
N VAL I 179 7.33 -21.69 -35.54
CA VAL I 179 8.13 -22.16 -36.66
C VAL I 179 7.24 -22.33 -37.89
N LEU I 180 7.65 -21.71 -39.00
CA LEU I 180 6.95 -21.90 -40.26
C LEU I 180 7.84 -22.59 -41.27
N TRP I 181 7.23 -23.40 -42.13
CA TRP I 181 7.97 -24.06 -43.20
C TRP I 181 7.02 -24.30 -44.36
N GLY I 182 7.53 -24.82 -45.47
CA GLY I 182 6.66 -25.14 -46.58
C GLY I 182 6.98 -26.44 -47.30
N VAL I 183 6.06 -26.88 -48.13
CA VAL I 183 6.25 -28.08 -48.95
C VAL I 183 5.82 -27.78 -50.38
N HIS I 184 6.74 -27.97 -51.31
CA HIS I 184 6.48 -27.73 -52.72
C HIS I 184 5.88 -28.92 -53.42
N HIS I 185 4.88 -28.64 -54.25
CA HIS I 185 4.18 -29.68 -54.98
C HIS I 185 4.25 -29.38 -56.48
N PRO I 186 5.26 -29.93 -57.16
CA PRO I 186 5.37 -29.69 -58.61
C PRO I 186 4.18 -30.26 -59.35
N PRO I 187 3.93 -29.76 -60.57
CA PRO I 187 2.82 -30.23 -61.41
C PRO I 187 3.10 -31.55 -62.13
N THR I 188 4.38 -31.92 -62.25
CA THR I 188 4.73 -33.14 -62.98
C THR I 188 5.87 -33.84 -62.26
N GLY I 189 6.01 -35.13 -62.55
CA GLY I 189 7.08 -35.93 -62.01
C GLY I 189 8.41 -35.50 -62.58
N THR I 190 8.38 -35.01 -63.80
CA THR I 190 9.58 -34.51 -64.44
C THR I 190 10.16 -33.30 -63.70
N ASP I 191 9.32 -32.32 -63.34
CA ASP I 191 9.85 -31.18 -62.60
C ASP I 191 10.29 -31.53 -61.17
N GLN I 192 9.55 -32.43 -60.53
CA GLN I 192 9.92 -33.01 -59.24
C GLN I 192 11.30 -33.62 -59.20
N GLN I 193 11.49 -34.49 -60.18
CA GLN I 193 12.74 -35.17 -60.40
C GLN I 193 13.84 -34.16 -60.70
N SER I 194 13.53 -33.18 -61.55
N SER I 194 13.53 -33.18 -61.55
CA SER I 194 14.50 -32.17 -61.94
CA SER I 194 14.48 -32.16 -61.96
C SER I 194 14.98 -31.34 -60.75
C SER I 194 14.96 -31.29 -60.79
N LEU I 195 14.07 -31.03 -59.84
CA LEU I 195 14.43 -30.19 -58.68
C LEU I 195 15.08 -30.93 -57.52
N TYR I 196 14.59 -32.13 -57.22
CA TYR I 196 14.87 -32.77 -55.92
C TYR I 196 15.55 -34.14 -56.05
N GLN I 197 15.70 -34.59 -57.29
CA GLN I 197 16.32 -35.86 -57.66
C GLN I 197 15.48 -37.08 -57.30
N ASN I 198 14.88 -37.07 -56.11
CA ASN I 198 14.15 -38.24 -55.66
C ASN I 198 12.69 -38.24 -56.12
N ALA I 199 12.32 -39.21 -56.94
CA ALA I 199 10.95 -39.35 -57.45
C ALA I 199 10.00 -39.66 -56.29
N ASP I 200 10.60 -40.35 -55.31
CA ASP I 200 9.99 -40.98 -54.16
C ASP I 200 10.20 -40.20 -52.84
N ALA I 201 10.50 -38.90 -52.93
CA ALA I 201 10.94 -38.15 -51.75
C ALA I 201 9.76 -37.80 -50.84
N TYR I 202 10.09 -37.54 -49.57
CA TYR I 202 9.18 -36.96 -48.57
C TYR I 202 9.83 -35.99 -47.57
N VAL I 203 8.99 -35.28 -46.80
CA VAL I 203 9.44 -34.47 -45.67
C VAL I 203 8.66 -34.83 -44.40
N SER I 204 9.39 -35.03 -43.30
CA SER I 204 8.81 -35.29 -41.98
C SER I 204 9.27 -34.29 -40.91
N VAL I 205 8.34 -33.84 -40.07
CA VAL I 205 8.66 -32.89 -39.01
C VAL I 205 8.07 -33.37 -37.69
N GLY I 206 8.91 -33.43 -36.66
CA GLY I 206 8.45 -33.88 -35.34
C GLY I 206 9.12 -33.23 -34.14
N SER I 207 8.35 -33.05 -33.07
CA SER I 207 8.93 -32.69 -31.78
C SER I 207 8.43 -33.67 -30.74
N SER I 208 8.62 -33.36 -29.45
CA SER I 208 8.10 -34.27 -28.43
C SER I 208 6.58 -34.30 -28.44
N LYS I 209 5.95 -33.22 -28.88
CA LYS I 209 4.50 -33.15 -28.81
C LYS I 209 3.93 -33.07 -30.23
N TYR I 210 4.75 -32.62 -31.18
CA TYR I 210 4.31 -32.44 -32.55
C TYR I 210 4.82 -33.57 -33.42
N ASN I 211 4.02 -34.01 -34.38
CA ASN I 211 4.44 -35.08 -35.26
C ASN I 211 3.61 -35.09 -36.53
N ARG I 212 4.25 -34.87 -37.67
CA ARG I 212 3.50 -34.81 -38.92
C ARG I 212 4.39 -35.21 -40.10
N ARG I 213 3.83 -35.95 -41.04
CA ARG I 213 4.53 -36.33 -42.27
C ARG I 213 3.87 -35.74 -43.51
N PHE I 214 4.69 -35.25 -44.41
CA PHE I 214 4.23 -34.58 -45.62
C PHE I 214 4.87 -35.30 -46.78
N THR I 215 4.06 -35.64 -47.77
N THR I 215 4.09 -35.60 -47.81
CA THR I 215 4.56 -36.24 -49.01
CA THR I 215 4.65 -36.23 -49.00
C THR I 215 4.20 -35.34 -50.18
C THR I 215 4.16 -35.49 -50.23
N PRO I 216 5.06 -35.28 -51.21
CA PRO I 216 4.70 -34.46 -52.37
C PRO I 216 3.48 -35.05 -53.04
N GLU I 217 2.55 -34.19 -53.44
CA GLU I 217 1.38 -34.61 -54.17
C GLU I 217 1.48 -34.05 -55.58
N ILE I 218 1.85 -34.88 -56.54
CA ILE I 218 2.11 -34.36 -57.88
C ILE I 218 0.90 -34.48 -58.80
N ALA I 219 0.38 -33.33 -59.21
CA ALA I 219 -0.82 -33.29 -60.03
C ALA I 219 -0.77 -32.13 -61.01
N ALA I 220 -1.16 -32.40 -62.25
CA ALA I 220 -1.36 -31.36 -63.25
C ALA I 220 -2.51 -30.46 -62.80
N ARG I 221 -2.31 -29.15 -62.91
CA ARG I 221 -3.27 -28.16 -62.44
C ARG I 221 -2.90 -26.83 -63.06
N PRO I 222 -3.84 -25.87 -63.08
CA PRO I 222 -3.50 -24.65 -63.82
C PRO I 222 -2.51 -23.73 -63.12
N LYS I 223 -1.93 -22.82 -63.89
CA LYS I 223 -0.99 -21.85 -63.33
C LYS I 223 -1.73 -20.74 -62.63
N VAL I 224 -1.24 -20.41 -61.45
CA VAL I 224 -1.67 -19.24 -60.68
C VAL I 224 -0.41 -18.44 -60.41
N ARG I 225 -0.44 -17.14 -60.70
CA ARG I 225 0.74 -16.30 -60.63
C ARG I 225 1.95 -16.90 -61.36
N ASP I 226 1.65 -17.49 -62.52
CA ASP I 226 2.60 -18.12 -63.44
C ASP I 226 3.05 -19.52 -63.06
N GLN I 227 2.60 -20.03 -61.92
CA GLN I 227 3.13 -21.30 -61.46
C GLN I 227 2.02 -22.34 -61.41
N ALA I 228 2.24 -23.47 -62.08
CA ALA I 228 1.34 -24.61 -61.99
C ALA I 228 1.66 -25.43 -60.76
N GLY I 229 2.83 -25.19 -60.20
CA GLY I 229 3.21 -25.80 -58.94
C GLY I 229 2.43 -25.18 -57.80
N ARG I 230 2.49 -25.85 -56.66
CA ARG I 230 1.89 -25.31 -55.44
C ARG I 230 2.85 -25.48 -54.29
N MET I 231 2.71 -24.59 -53.31
CA MET I 231 3.43 -24.74 -52.07
C MET I 231 2.39 -24.65 -50.96
N ASN I 232 2.42 -25.61 -50.05
CA ASN I 232 1.62 -25.53 -48.84
C ASN I 232 2.48 -25.03 -47.70
N TYR I 233 1.88 -24.22 -46.83
CA TYR I 233 2.64 -23.61 -45.75
C TYR I 233 2.13 -24.19 -44.45
N TYR I 234 3.06 -24.45 -43.55
CA TYR I 234 2.74 -25.14 -42.32
C TYR I 234 3.42 -24.43 -41.18
N TRP I 235 2.93 -24.67 -39.96
CA TRP I 235 3.53 -24.09 -38.79
C TRP I 235 3.35 -24.95 -37.57
N THR I 236 4.20 -24.72 -36.57
CA THR I 236 4.02 -25.31 -35.26
C THR I 236 4.61 -24.44 -34.16
N LEU I 237 4.12 -24.65 -32.94
CA LEU I 237 4.69 -23.98 -31.78
C LEU I 237 5.58 -24.94 -31.02
N LEU I 238 6.88 -24.66 -31.04
CA LEU I 238 7.85 -25.45 -30.31
C LEU I 238 7.96 -24.90 -28.90
N GLU I 239 7.58 -25.70 -27.93
CA GLU I 239 7.54 -25.26 -26.55
C GLU I 239 8.95 -25.07 -26.00
N PRO I 240 9.08 -24.25 -24.95
CA PRO I 240 10.40 -24.07 -24.31
C PRO I 240 11.01 -25.40 -23.91
N GLY I 241 12.31 -25.56 -24.15
CA GLY I 241 12.97 -26.79 -23.75
C GLY I 241 12.80 -27.95 -24.72
N ASP I 242 11.90 -27.78 -25.69
CA ASP I 242 11.63 -28.86 -26.63
C ASP I 242 12.49 -28.77 -27.88
N THR I 243 12.49 -29.85 -28.65
CA THR I 243 13.36 -29.98 -29.82
C THR I 243 12.47 -30.23 -31.04
N ILE I 244 12.83 -29.64 -32.17
CA ILE I 244 12.14 -29.90 -33.42
C ILE I 244 13.08 -30.54 -34.44
N THR I 245 12.59 -31.55 -35.16
CA THR I 245 13.44 -32.29 -36.06
C THR I 245 12.79 -32.33 -37.44
N PHE I 246 13.59 -31.93 -38.42
CA PHE I 246 13.23 -31.91 -39.83
C PHE I 246 13.98 -32.96 -40.61
N GLU I 247 13.26 -33.77 -41.37
CA GLU I 247 13.90 -34.73 -42.26
C GLU I 247 13.32 -34.62 -43.66
N ALA I 248 14.16 -34.63 -44.69
CA ALA I 248 13.60 -34.52 -46.02
C ALA I 248 14.51 -35.10 -47.09
N THR I 249 13.90 -35.65 -48.12
CA THR I 249 14.66 -36.07 -49.30
C THR I 249 14.24 -35.26 -50.52
N GLY I 250 13.46 -34.19 -50.30
CA GLY I 250 13.20 -33.22 -51.34
C GLY I 250 12.02 -32.35 -50.96
N ASN I 251 11.74 -31.32 -51.76
CA ASN I 251 10.46 -30.60 -51.70
C ASN I 251 10.26 -29.73 -50.46
N LEU I 252 11.26 -29.70 -49.60
CA LEU I 252 11.18 -28.91 -48.38
C LEU I 252 11.51 -27.44 -48.62
N ILE I 253 10.57 -26.57 -48.24
CA ILE I 253 10.86 -25.15 -48.12
C ILE I 253 11.20 -24.93 -46.66
N ALA I 254 12.50 -24.78 -46.39
CA ALA I 254 13.01 -24.79 -45.03
C ALA I 254 12.72 -23.51 -44.24
N PRO I 255 12.56 -23.65 -42.93
CA PRO I 255 12.59 -22.47 -42.04
C PRO I 255 13.91 -21.74 -42.19
N TRP I 256 13.86 -20.42 -42.17
CA TRP I 256 15.08 -19.61 -42.14
C TRP I 256 15.04 -18.79 -40.86
N TYR I 257 13.99 -17.99 -40.72
CA TYR I 257 13.73 -17.28 -39.48
C TYR I 257 12.45 -17.79 -38.83
N ALA I 258 12.45 -17.80 -37.51
CA ALA I 258 11.27 -18.21 -36.75
C ALA I 258 11.00 -17.19 -35.66
N PHE I 259 9.97 -17.43 -34.87
CA PHE I 259 9.58 -16.38 -33.95
C PHE I 259 9.37 -16.84 -32.51
N ALA I 260 10.15 -16.32 -31.56
CA ALA I 260 9.87 -16.60 -30.16
C ALA I 260 8.78 -15.63 -29.69
N LEU I 261 7.66 -16.16 -29.22
CA LEU I 261 6.46 -15.34 -28.97
C LEU I 261 6.21 -14.96 -27.51
N ASN I 262 5.76 -13.73 -27.30
CA ASN I 262 5.26 -13.35 -25.97
C ASN I 262 3.74 -13.21 -26.01
N ARG I 263 3.09 -14.00 -25.15
CA ARG I 263 1.63 -14.09 -25.06
C ARG I 263 0.98 -12.97 -24.24
N GLY I 264 -0.17 -12.48 -24.69
CA GLY I 264 -0.92 -11.51 -23.92
C GLY I 264 -2.42 -11.55 -24.20
N SER I 265 -3.19 -11.30 -23.16
CA SER I 265 -4.65 -11.42 -23.22
C SER I 265 -5.32 -10.17 -23.77
N GLY I 266 -6.53 -10.35 -24.28
CA GLY I 266 -7.38 -9.22 -24.64
C GLY I 266 -6.97 -8.49 -25.90
N SER I 267 -6.18 -9.15 -26.74
CA SER I 267 -5.82 -8.60 -28.03
C SER I 267 -6.70 -9.25 -29.10
N GLY I 268 -6.48 -8.87 -30.35
CA GLY I 268 -7.19 -9.46 -31.47
C GLY I 268 -6.91 -8.76 -32.78
N ILE I 269 -7.59 -9.21 -33.84
CA ILE I 269 -7.40 -8.65 -35.17
C ILE I 269 -8.67 -7.94 -35.62
N ILE I 270 -8.51 -6.69 -36.06
CA ILE I 270 -9.62 -5.96 -36.66
C ILE I 270 -9.33 -5.50 -38.08
N THR I 271 -10.40 -5.28 -38.82
CA THR I 271 -10.35 -4.73 -40.17
C THR I 271 -10.87 -3.31 -40.15
N SER I 272 -10.00 -2.36 -40.48
CA SER I 272 -10.35 -0.95 -40.44
C SER I 272 -9.55 -0.16 -41.44
N ASP I 273 -10.18 0.84 -42.03
CA ASP I 273 -9.50 1.76 -42.94
C ASP I 273 -9.16 3.09 -42.28
N ALA I 274 -9.38 3.19 -40.97
CA ALA I 274 -9.10 4.44 -40.27
C ALA I 274 -7.60 4.68 -40.10
N PRO I 275 -7.18 5.95 -40.07
CA PRO I 275 -5.76 6.29 -39.94
C PRO I 275 -5.26 6.09 -38.52
N VAL I 276 -4.02 5.61 -38.36
CA VAL I 276 -3.42 5.54 -37.03
C VAL I 276 -2.86 6.91 -36.65
N HIS I 277 -3.13 7.35 -35.42
CA HIS I 277 -2.62 8.62 -34.92
C HIS I 277 -2.02 8.39 -33.54
N ASP I 278 -1.29 9.33 -32.96
CA ASP I 278 -0.71 8.90 -31.70
C ASP I 278 -1.61 9.44 -30.60
N CYS I 279 -2.62 8.66 -30.28
CA CYS I 279 -3.60 8.92 -29.25
C CYS I 279 -3.61 7.74 -28.29
N ASN I 280 -4.25 7.87 -27.13
CA ASN I 280 -4.35 6.67 -26.29
C ASN I 280 -5.83 6.44 -26.03
N THR I 281 -6.26 5.19 -25.96
CA THR I 281 -7.68 4.91 -25.68
C THR I 281 -7.86 3.67 -24.81
N LYS I 282 -9.04 3.53 -24.22
CA LYS I 282 -9.38 2.34 -23.48
C LYS I 282 -10.16 1.38 -24.38
N CYS I 283 -10.71 1.92 -25.46
CA CYS I 283 -11.64 1.18 -26.32
C CYS I 283 -11.48 1.47 -27.81
N GLN I 284 -11.19 0.43 -28.60
CA GLN I 284 -11.00 0.58 -30.05
C GLN I 284 -12.07 -0.20 -30.80
N THR I 285 -12.71 0.46 -31.78
CA THR I 285 -13.53 -0.25 -32.76
C THR I 285 -12.98 -0.04 -34.17
N PRO I 286 -13.44 -0.85 -35.14
CA PRO I 286 -12.97 -0.68 -36.52
C PRO I 286 -13.33 0.68 -37.16
N HIS I 287 -14.31 1.38 -36.62
CA HIS I 287 -14.65 2.68 -37.19
C HIS I 287 -13.79 3.76 -36.57
N GLY I 288 -13.26 3.46 -35.39
CA GLY I 288 -12.56 4.46 -34.60
C GLY I 288 -12.60 4.10 -33.13
N ALA I 289 -11.84 4.82 -32.31
CA ALA I 289 -11.75 4.49 -30.89
C ALA I 289 -12.91 5.17 -30.17
N ILE I 290 -13.34 4.60 -29.06
CA ILE I 290 -14.37 5.23 -28.24
C ILE I 290 -13.82 5.68 -26.90
N ASN I 291 -14.18 6.89 -26.49
CA ASN I 291 -13.84 7.38 -25.17
C ASN I 291 -15.11 7.81 -24.46
N SER I 292 -15.62 6.95 -23.59
CA SER I 292 -16.95 7.15 -23.02
C SER I 292 -17.15 6.31 -21.76
N SER I 293 -17.90 6.88 -20.82
CA SER I 293 -18.25 6.20 -19.57
C SER I 293 -19.67 5.66 -19.63
N LEU I 294 -20.31 5.77 -20.79
CA LEU I 294 -21.66 5.25 -20.96
C LEU I 294 -21.70 3.73 -20.99
N PRO I 295 -22.79 3.14 -20.46
CA PRO I 295 -22.95 1.68 -20.41
C PRO I 295 -23.16 1.00 -21.77
N PHE I 296 -23.74 1.72 -22.72
CA PHE I 296 -24.09 1.12 -24.01
C PHE I 296 -23.54 1.91 -25.21
N GLN I 297 -23.32 1.23 -26.34
CA GLN I 297 -22.96 1.93 -27.57
C GLN I 297 -23.53 1.27 -28.82
N ASN I 298 -23.76 2.09 -29.86
CA ASN I 298 -24.29 1.63 -31.14
C ASN I 298 -23.30 1.86 -32.28
N ILE I 299 -22.02 2.04 -31.96
CA ILE I 299 -21.01 2.28 -32.99
C ILE I 299 -20.57 1.03 -33.73
N HIS I 300 -20.27 -0.05 -33.00
CA HIS I 300 -19.79 -1.27 -33.64
C HIS I 300 -19.77 -2.42 -32.66
N PRO I 301 -20.20 -3.61 -33.13
CA PRO I 301 -20.16 -4.83 -32.32
C PRO I 301 -18.75 -5.35 -32.06
N VAL I 302 -17.80 -5.00 -32.93
CA VAL I 302 -16.42 -5.43 -32.73
C VAL I 302 -15.66 -4.41 -31.88
N THR I 303 -15.08 -4.86 -30.78
CA THR I 303 -14.33 -3.95 -29.91
C THR I 303 -13.11 -4.62 -29.29
N ILE I 304 -12.08 -3.83 -29.04
CA ILE I 304 -10.88 -4.30 -28.37
C ILE I 304 -10.63 -3.40 -27.17
N GLY I 305 -10.38 -3.96 -26.00
CA GLY I 305 -10.14 -3.12 -24.85
C GLY I 305 -11.37 -3.05 -23.96
N GLU I 306 -11.63 -1.90 -23.38
CA GLU I 306 -12.69 -1.79 -22.38
C GLU I 306 -13.77 -0.86 -22.91
N CYS I 307 -14.87 -1.46 -23.33
CA CYS I 307 -15.87 -0.76 -24.12
C CYS I 307 -17.28 -0.92 -23.56
N PRO I 308 -18.22 -0.06 -24.00
CA PRO I 308 -19.63 -0.23 -23.66
C PRO I 308 -20.21 -1.45 -24.37
N LYS I 309 -21.31 -1.97 -23.85
CA LYS I 309 -21.97 -3.12 -24.46
C LYS I 309 -22.66 -2.63 -25.74
N TYR I 310 -22.46 -3.34 -26.85
CA TYR I 310 -23.10 -2.96 -28.10
C TYR I 310 -24.58 -3.31 -28.13
N VAL I 311 -25.42 -2.35 -28.51
CA VAL I 311 -26.85 -2.57 -28.70
C VAL I 311 -27.35 -1.89 -29.98
N ARG I 312 -28.52 -2.32 -30.46
CA ARG I 312 -29.12 -1.75 -31.67
C ARG I 312 -29.92 -0.47 -31.46
N SER I 313 -30.12 -0.06 -30.20
CA SER I 313 -30.95 1.10 -29.92
C SER I 313 -30.38 2.31 -30.64
N THR I 314 -31.23 3.24 -31.06
CA THR I 314 -30.71 4.49 -31.60
C THR I 314 -30.77 5.61 -30.56
N LYS I 315 -31.49 5.38 -29.47
CA LYS I 315 -31.45 6.29 -28.34
C LYS I 315 -31.88 5.63 -27.01
N LEU I 316 -31.18 5.98 -25.93
CA LEU I 316 -31.48 5.46 -24.60
C LEU I 316 -31.25 6.59 -23.61
N ARG I 317 -32.33 7.25 -23.23
CA ARG I 317 -32.26 8.40 -22.35
C ARG I 317 -33.14 8.20 -21.11
N MET I 318 -32.51 8.22 -19.94
CA MET I 318 -33.23 8.08 -18.68
C MET I 318 -33.61 9.46 -18.16
N ALA I 319 -34.87 9.58 -17.75
CA ALA I 319 -35.29 10.78 -17.03
C ALA I 319 -34.56 10.82 -15.69
N THR I 320 -34.15 12.01 -15.31
CA THR I 320 -33.60 12.25 -13.97
C THR I 320 -34.46 13.29 -13.27
N GLY I 321 -34.79 14.35 -14.01
CA GLY I 321 -35.67 15.37 -13.48
C GLY I 321 -37.11 15.02 -13.84
N LEU I 322 -38.00 16.00 -13.80
CA LEU I 322 -39.42 15.72 -13.93
C LEU I 322 -39.99 16.23 -15.26
N ARG I 323 -41.28 15.94 -15.46
CA ARG I 323 -42.03 16.39 -16.62
C ARG I 323 -41.99 17.91 -16.74
N ASN I 324 -41.64 18.40 -17.93
CA ASN I 324 -41.44 19.82 -18.15
C ASN I 324 -42.71 20.53 -18.62
N ILE I 325 -43.25 21.36 -17.73
CA ILE I 325 -44.50 22.08 -17.93
C ILE I 325 -44.30 23.58 -17.67
N PRO I 326 -43.66 24.29 -18.62
CA PRO I 326 -43.38 25.74 -18.49
C PRO I 326 -44.60 26.65 -18.59
N SER I 327 -45.58 26.28 -19.43
CA SER I 327 -46.80 27.06 -19.70
C SER I 327 -46.63 28.58 -19.53
N GLY J 1 -50.10 11.78 -13.46
CA GLY J 1 -49.21 10.89 -12.73
C GLY J 1 -49.94 10.04 -11.72
N LEU J 2 -49.23 9.06 -11.18
CA LEU J 2 -49.82 8.07 -10.28
C LEU J 2 -50.41 8.73 -9.04
N PHE J 3 -49.77 9.80 -8.60
CA PHE J 3 -50.12 10.40 -7.32
C PHE J 3 -50.94 11.67 -7.50
N GLY J 4 -51.23 12.03 -8.74
CA GLY J 4 -52.26 13.01 -9.01
C GLY J 4 -51.88 14.47 -8.83
N ALA J 5 -50.62 14.74 -8.50
CA ALA J 5 -50.21 16.11 -8.21
C ALA J 5 -49.59 16.79 -9.44
N ILE J 6 -48.43 16.29 -9.88
CA ILE J 6 -47.78 16.85 -11.07
C ILE J 6 -48.65 16.57 -12.28
N ALA J 7 -48.96 17.62 -13.05
CA ALA J 7 -49.91 17.55 -14.16
C ALA J 7 -51.27 17.10 -13.65
N GLY J 8 -51.51 17.37 -12.38
CA GLY J 8 -52.69 16.92 -11.66
C GLY J 8 -53.38 18.14 -11.10
N PHE J 9 -53.67 18.12 -9.80
CA PHE J 9 -54.35 19.23 -9.15
C PHE J 9 -53.42 20.45 -9.05
N ILE J 10 -52.13 20.23 -9.27
CA ILE J 10 -51.21 21.35 -9.45
C ILE J 10 -50.79 21.38 -10.90
N GLU J 11 -51.39 22.28 -11.68
CA GLU J 11 -51.40 22.14 -13.13
C GLU J 11 -50.06 22.28 -13.84
N GLY J 12 -49.21 23.17 -13.34
CA GLY J 12 -47.96 23.46 -14.00
C GLY J 12 -46.77 23.77 -13.12
N GLY J 13 -45.62 23.87 -13.77
CA GLY J 13 -44.34 24.09 -13.12
C GLY J 13 -44.01 25.57 -13.12
N TRP J 14 -42.91 25.92 -12.47
CA TRP J 14 -42.55 27.32 -12.30
C TRP J 14 -41.21 27.55 -12.95
N THR J 15 -41.21 28.22 -14.09
CA THR J 15 -39.95 28.59 -14.73
C THR J 15 -39.24 29.63 -13.90
N GLY J 16 -39.97 30.26 -12.99
CA GLY J 16 -39.39 31.24 -12.09
C GLY J 16 -38.69 30.65 -10.88
N MET J 17 -38.88 29.35 -10.62
CA MET J 17 -38.13 28.71 -9.54
C MET J 17 -36.93 27.93 -10.06
N ILE J 18 -35.79 28.60 -10.09
CA ILE J 18 -34.62 28.10 -10.80
C ILE J 18 -33.70 27.28 -9.90
N ASP J 19 -33.93 27.36 -8.59
CA ASP J 19 -33.01 26.78 -7.61
C ASP J 19 -33.43 25.47 -6.93
N GLY J 20 -34.44 24.79 -7.46
CA GLY J 20 -34.81 23.48 -6.91
C GLY J 20 -35.87 22.72 -7.70
N TRP J 21 -36.02 21.44 -7.41
CA TRP J 21 -37.04 20.64 -8.09
C TRP J 21 -38.42 20.91 -7.50
N TYR J 22 -38.46 21.10 -6.19
CA TYR J 22 -39.71 21.33 -5.46
C TYR J 22 -39.56 22.52 -4.53
N GLY J 23 -40.68 23.14 -4.19
CA GLY J 23 -40.66 24.29 -3.30
C GLY J 23 -41.97 25.04 -3.21
N TYR J 24 -41.86 26.32 -2.86
CA TYR J 24 -42.96 27.10 -2.35
C TYR J 24 -42.99 28.45 -3.04
N HIS J 25 -44.19 28.96 -3.27
CA HIS J 25 -44.35 30.36 -3.65
C HIS J 25 -45.24 31.04 -2.62
N HIS J 26 -44.78 32.21 -2.14
CA HIS J 26 -45.55 32.92 -1.14
C HIS J 26 -45.85 34.34 -1.55
N GLN J 27 -46.92 34.86 -0.97
CA GLN J 27 -47.31 36.24 -1.11
C GLN J 27 -47.82 36.74 0.24
N ASN J 28 -47.23 37.84 0.71
CA ASN J 28 -47.67 38.48 1.95
C ASN J 28 -47.46 39.98 1.87
N GLU J 29 -47.76 40.67 2.97
CA GLU J 29 -47.70 42.13 2.97
C GLU J 29 -46.30 42.62 2.62
N GLN J 30 -45.29 41.87 3.01
CA GLN J 30 -43.90 42.24 2.78
C GLN J 30 -43.41 42.04 1.35
N GLY J 31 -44.08 41.17 0.59
CA GLY J 31 -43.64 40.87 -0.77
C GLY J 31 -43.96 39.46 -1.20
N SER J 32 -43.30 39.00 -2.27
CA SER J 32 -43.65 37.75 -2.94
C SER J 32 -42.39 37.00 -3.36
N GLY J 33 -42.44 35.67 -3.40
CA GLY J 33 -41.29 34.95 -3.90
C GLY J 33 -41.30 33.43 -3.85
N TYR J 34 -40.34 32.83 -4.56
CA TYR J 34 -40.15 31.38 -4.60
C TYR J 34 -39.01 30.93 -3.69
N ALA J 35 -39.11 29.71 -3.18
CA ALA J 35 -38.03 29.11 -2.40
C ALA J 35 -38.08 27.59 -2.53
N ALA J 36 -36.97 26.96 -2.92
CA ALA J 36 -36.91 25.50 -3.01
C ALA J 36 -36.96 24.85 -1.64
N ASP J 37 -37.62 23.70 -1.54
CA ASP J 37 -37.53 22.88 -0.33
C ASP J 37 -36.27 22.03 -0.42
N GLN J 38 -35.29 22.33 0.42
CA GLN J 38 -33.99 21.68 0.34
C GLN J 38 -33.98 20.21 0.73
N LYS J 39 -34.74 19.83 1.76
CA LYS J 39 -34.70 18.47 2.25
C LYS J 39 -35.25 17.49 1.21
N SER J 40 -36.44 17.77 0.70
N SER J 40 -36.42 17.79 0.67
CA SER J 40 -37.08 16.93 -0.29
CA SER J 40 -37.07 16.91 -0.30
C SER J 40 -36.28 16.89 -1.60
C SER J 40 -36.29 16.90 -1.62
N THR J 41 -35.81 18.06 -2.02
CA THR J 41 -35.00 18.18 -3.23
C THR J 41 -33.74 17.33 -3.11
N GLN J 42 -33.08 17.39 -1.96
CA GLN J 42 -31.83 16.66 -1.79
C GLN J 42 -32.08 15.15 -1.69
N ASN J 43 -33.17 14.76 -1.03
CA ASN J 43 -33.52 13.35 -0.99
C ASN J 43 -33.80 12.79 -2.37
N ALA J 44 -34.51 13.58 -3.19
CA ALA J 44 -34.83 13.16 -4.54
C ALA J 44 -33.58 13.11 -5.43
N ILE J 45 -32.69 14.08 -5.25
CA ILE J 45 -31.47 14.14 -6.04
C ILE J 45 -30.60 12.94 -5.71
N ASP J 46 -30.51 12.63 -4.42
CA ASP J 46 -29.67 11.55 -3.96
C ASP J 46 -30.23 10.24 -4.49
N GLY J 47 -31.55 10.09 -4.37
CA GLY J 47 -32.20 8.91 -4.90
C GLY J 47 -32.00 8.70 -6.39
N ILE J 48 -32.21 9.73 -7.20
CA ILE J 48 -32.13 9.59 -8.66
C ILE J 48 -30.68 9.41 -9.13
N THR J 49 -29.74 10.03 -8.42
CA THR J 49 -28.34 9.94 -8.79
C THR J 49 -27.93 8.51 -8.47
N ASN J 50 -28.47 8.00 -7.37
CA ASN J 50 -28.14 6.65 -6.95
C ASN J 50 -28.74 5.68 -7.95
N LYS J 51 -29.91 6.01 -8.50
CA LYS J 51 -30.55 5.13 -9.47
C LYS J 51 -29.76 5.02 -10.76
N VAL J 52 -29.35 6.17 -11.29
CA VAL J 52 -28.62 6.18 -12.55
C VAL J 52 -27.27 5.49 -12.35
N ASN J 53 -26.59 5.88 -11.28
CA ASN J 53 -25.30 5.28 -10.98
C ASN J 53 -25.42 3.77 -10.78
N SER J 54 -26.53 3.32 -10.20
CA SER J 54 -26.68 1.90 -9.94
C SER J 54 -26.95 1.15 -11.24
N VAL J 55 -27.70 1.78 -12.14
CA VAL J 55 -27.92 1.18 -13.45
C VAL J 55 -26.62 1.04 -14.23
N ILE J 56 -25.81 2.09 -14.23
CA ILE J 56 -24.57 2.08 -15.00
C ILE J 56 -23.55 1.11 -14.36
N GLU J 57 -23.53 1.09 -13.03
CA GLU J 57 -22.56 0.31 -12.24
C GLU J 57 -22.70 -1.20 -12.50
N LYS J 58 -23.91 -1.64 -12.83
CA LYS J 58 -24.23 -3.06 -13.07
C LYS J 58 -23.81 -3.53 -14.46
N MET J 59 -23.26 -2.63 -15.26
CA MET J 59 -22.82 -2.97 -16.62
C MET J 59 -21.33 -3.02 -16.66
N ASN J 60 -20.81 -4.19 -16.29
CA ASN J 60 -19.39 -4.45 -16.44
C ASN J 60 -19.13 -4.18 -17.91
N THR J 61 -18.01 -3.55 -18.19
CA THR J 61 -17.68 -3.10 -19.52
C THR J 61 -17.49 -4.29 -20.44
N GLN J 62 -17.57 -4.03 -21.74
CA GLN J 62 -17.35 -5.10 -22.70
C GLN J 62 -15.85 -5.01 -22.86
N PHE J 63 -15.24 -6.13 -22.51
CA PHE J 63 -13.81 -6.29 -22.66
C PHE J 63 -13.57 -6.81 -24.06
N THR J 64 -12.31 -7.11 -24.37
CA THR J 64 -12.00 -7.54 -25.72
C THR J 64 -12.90 -8.64 -26.25
N ALA J 65 -13.47 -8.35 -27.42
CA ALA J 65 -14.35 -9.23 -28.16
C ALA J 65 -13.94 -9.03 -29.61
N VAL J 66 -13.31 -10.03 -30.20
CA VAL J 66 -12.85 -9.88 -31.56
C VAL J 66 -13.46 -10.93 -32.44
N GLY J 67 -13.49 -10.67 -33.74
CA GLY J 67 -14.17 -11.59 -34.61
C GLY J 67 -13.32 -12.84 -34.65
N LYS J 68 -14.01 -13.96 -34.74
CA LYS J 68 -13.39 -15.24 -35.00
C LYS J 68 -13.43 -15.38 -36.50
N GLU J 69 -12.43 -16.04 -37.08
CA GLU J 69 -12.42 -16.24 -38.51
C GLU J 69 -12.64 -17.71 -38.85
N PHE J 70 -13.21 -17.95 -40.04
CA PHE J 70 -13.53 -19.32 -40.44
C PHE J 70 -13.22 -19.62 -41.90
N ASN J 71 -12.76 -20.84 -42.14
CA ASN J 71 -12.52 -21.29 -43.50
C ASN J 71 -13.83 -21.74 -44.17
N ASN J 72 -13.76 -22.12 -45.44
N ASN J 72 -13.73 -22.15 -45.44
CA ASN J 72 -14.98 -22.40 -46.19
CA ASN J 72 -14.92 -22.42 -46.25
C ASN J 72 -15.74 -23.63 -45.69
C ASN J 72 -15.65 -23.72 -45.88
N LEU J 73 -15.02 -24.51 -45.01
CA LEU J 73 -15.62 -25.75 -44.50
C LEU J 73 -16.04 -25.63 -43.04
N GLU J 74 -16.16 -24.41 -42.55
CA GLU J 74 -16.59 -24.18 -41.17
C GLU J 74 -17.87 -23.36 -41.08
N ARG J 75 -18.72 -23.42 -42.11
CA ARG J 75 -19.96 -22.66 -42.10
C ARG J 75 -20.89 -22.94 -40.92
N ARG J 76 -20.93 -24.17 -40.44
CA ARG J 76 -21.85 -24.48 -39.34
C ARG J 76 -21.40 -23.78 -38.06
N ILE J 77 -20.10 -23.82 -37.78
N ILE J 77 -20.10 -23.80 -37.78
CA ILE J 77 -19.53 -23.19 -36.60
CA ILE J 77 -19.61 -23.15 -36.57
C ILE J 77 -19.60 -21.66 -36.70
C ILE J 77 -19.61 -21.64 -36.69
N GLU J 78 -19.39 -21.15 -37.91
CA GLU J 78 -19.48 -19.72 -38.19
C GLU J 78 -20.90 -19.22 -37.91
N ASN J 79 -21.87 -20.01 -38.34
CA ASN J 79 -23.26 -19.66 -38.15
C ASN J 79 -23.64 -19.78 -36.68
N LEU J 80 -23.03 -20.74 -35.98
CA LEU J 80 -23.21 -20.85 -34.54
C LEU J 80 -22.71 -19.58 -33.86
N ASN J 81 -21.56 -19.10 -34.32
CA ASN J 81 -20.94 -17.89 -33.78
C ASN J 81 -21.83 -16.67 -34.01
N LYS J 82 -22.38 -16.56 -35.21
CA LYS J 82 -23.26 -15.43 -35.54
C LYS J 82 -24.54 -15.52 -34.72
N LYS J 83 -25.04 -16.74 -34.52
CA LYS J 83 -26.24 -16.95 -33.71
C LYS J 83 -26.00 -16.49 -32.29
N VAL J 84 -24.81 -16.80 -31.76
CA VAL J 84 -24.48 -16.40 -30.40
C VAL J 84 -24.40 -14.88 -30.29
N ASP J 85 -23.68 -14.27 -31.24
CA ASP J 85 -23.46 -12.83 -31.18
C ASP J 85 -24.77 -12.03 -31.35
N ASP J 86 -25.56 -12.45 -32.33
CA ASP J 86 -26.90 -11.90 -32.59
C ASP J 86 -27.86 -12.10 -31.42
N GLY J 87 -27.80 -13.26 -30.79
CA GLY J 87 -28.69 -13.58 -29.69
C GLY J 87 -28.39 -12.68 -28.52
N PHE J 88 -27.11 -12.52 -28.24
CA PHE J 88 -26.70 -11.64 -27.15
C PHE J 88 -27.07 -10.19 -27.47
N LEU J 89 -26.89 -9.78 -28.72
CA LEU J 89 -27.27 -8.44 -29.11
C LEU J 89 -28.78 -8.17 -28.98
N ASP J 90 -29.60 -9.17 -29.32
CA ASP J 90 -31.05 -9.06 -29.19
C ASP J 90 -31.43 -8.91 -27.74
N ILE J 91 -30.78 -9.72 -26.90
CA ILE J 91 -31.10 -9.67 -25.47
C ILE J 91 -30.70 -8.35 -24.82
N TRP J 92 -29.50 -7.87 -25.11
CA TRP J 92 -29.07 -6.64 -24.47
C TRP J 92 -29.79 -5.41 -25.00
N THR J 93 -30.12 -5.40 -26.30
CA THR J 93 -30.90 -4.28 -26.81
C THR J 93 -32.30 -4.24 -26.19
N TYR J 94 -32.95 -5.40 -26.16
CA TYR J 94 -34.25 -5.49 -25.49
C TYR J 94 -34.21 -5.05 -24.03
N ASN J 95 -33.21 -5.52 -23.30
CA ASN J 95 -33.17 -5.25 -21.88
C ASN J 95 -32.93 -3.77 -21.67
N ALA J 96 -32.04 -3.17 -22.46
CA ALA J 96 -31.74 -1.76 -22.25
C ALA J 96 -32.97 -0.90 -22.56
N GLU J 97 -33.65 -1.19 -23.68
CA GLU J 97 -34.80 -0.35 -24.04
C GLU J 97 -35.95 -0.48 -23.03
N LEU J 98 -36.23 -1.71 -22.62
CA LEU J 98 -37.40 -1.93 -21.76
C LEU J 98 -37.08 -1.35 -20.37
N LEU J 99 -35.83 -1.55 -19.94
CA LEU J 99 -35.42 -1.06 -18.62
C LEU J 99 -35.54 0.46 -18.58
N VAL J 100 -35.11 1.12 -19.65
CA VAL J 100 -35.22 2.57 -19.68
C VAL J 100 -36.69 3.01 -19.68
N LEU J 101 -37.56 2.30 -20.41
CA LEU J 101 -38.99 2.66 -20.36
C LEU J 101 -39.56 2.59 -18.94
N LEU J 102 -39.32 1.45 -18.29
CA LEU J 102 -39.95 1.16 -17.01
C LEU J 102 -39.41 2.09 -15.95
N GLU J 103 -38.11 2.31 -16.00
CA GLU J 103 -37.47 3.13 -14.99
C GLU J 103 -37.85 4.60 -15.19
N ASN J 104 -38.05 5.01 -16.43
CA ASN J 104 -38.52 6.37 -16.67
C ASN J 104 -39.89 6.58 -16.02
N GLU J 105 -40.78 5.61 -16.24
CA GLU J 105 -42.08 5.70 -15.57
C GLU J 105 -41.93 5.81 -14.06
N ARG J 106 -41.11 4.92 -13.48
CA ARG J 106 -40.93 4.93 -12.03
C ARG J 106 -40.39 6.26 -11.51
N THR J 107 -39.49 6.87 -12.27
CA THR J 107 -38.87 8.11 -11.85
C THR J 107 -39.91 9.24 -11.86
N LEU J 108 -40.64 9.37 -12.97
CA LEU J 108 -41.71 10.36 -13.02
C LEU J 108 -42.73 10.19 -11.86
N ASP J 109 -43.06 8.94 -11.57
CA ASP J 109 -44.04 8.68 -10.53
C ASP J 109 -43.44 9.07 -9.18
N PHE J 110 -42.14 8.90 -9.05
CA PHE J 110 -41.40 9.24 -7.84
C PHE J 110 -41.46 10.74 -7.57
N HIS J 111 -41.23 11.54 -8.61
CA HIS J 111 -41.37 12.99 -8.47
C HIS J 111 -42.79 13.38 -8.06
N ASP J 112 -43.77 12.76 -8.72
CA ASP J 112 -45.18 13.09 -8.42
C ASP J 112 -45.47 12.80 -6.93
N SER J 113 -44.94 11.67 -6.46
CA SER J 113 -45.08 11.29 -5.06
C SER J 113 -44.44 12.31 -4.13
N ASN J 114 -43.24 12.77 -4.46
CA ASN J 114 -42.57 13.71 -3.56
C ASN J 114 -43.33 15.04 -3.46
N VAL J 115 -43.90 15.50 -4.59
CA VAL J 115 -44.71 16.72 -4.53
C VAL J 115 -45.99 16.52 -3.72
N ARG J 116 -46.68 15.40 -3.92
CA ARG J 116 -47.92 15.18 -3.17
C ARG J 116 -47.65 15.09 -1.67
N ASN J 117 -46.55 14.45 -1.31
CA ASN J 117 -46.27 14.24 0.10
C ASN J 117 -45.82 15.54 0.75
N LEU J 118 -45.08 16.37 0.01
CA LEU J 118 -44.70 17.68 0.55
C LEU J 118 -45.96 18.54 0.77
N TYR J 119 -46.87 18.49 -0.18
CA TYR J 119 -48.12 19.25 -0.09
C TYR J 119 -48.96 18.81 1.12
N GLU J 120 -49.09 17.50 1.31
CA GLU J 120 -49.91 17.01 2.42
C GLU J 120 -49.21 17.28 3.75
N LYS J 121 -47.88 17.33 3.71
CA LYS J 121 -47.07 17.67 4.88
C LYS J 121 -47.41 19.10 5.31
N VAL J 122 -47.38 20.04 4.36
CA VAL J 122 -47.75 21.43 4.65
C VAL J 122 -49.19 21.47 5.19
N LYS J 123 -50.07 20.69 4.57
CA LYS J 123 -51.49 20.70 4.96
C LYS J 123 -51.60 20.32 6.42
N SER J 124 -50.83 19.32 6.83
CA SER J 124 -50.95 18.82 8.19
C SER J 124 -50.28 19.77 9.16
N GLN J 125 -49.27 20.52 8.73
CA GLN J 125 -48.78 21.61 9.60
C GLN J 125 -49.80 22.70 9.84
N LEU J 126 -50.45 23.17 8.78
CA LEU J 126 -51.32 24.34 8.89
C LEU J 126 -52.68 24.06 9.50
N LYS J 127 -53.22 22.88 9.22
CA LYS J 127 -54.57 22.53 9.67
C LYS J 127 -55.60 23.62 9.34
N ASN J 128 -56.39 24.02 10.33
CA ASN J 128 -57.44 25.00 10.06
C ASN J 128 -57.05 26.47 10.24
N ASN J 129 -55.76 26.72 10.36
CA ASN J 129 -55.26 28.10 10.31
C ASN J 129 -55.14 28.63 8.90
N ALA J 130 -55.39 27.76 7.93
CA ALA J 130 -55.42 28.14 6.52
C ALA J 130 -56.47 27.33 5.79
N LYS J 131 -56.95 27.87 4.67
CA LYS J 131 -57.86 27.14 3.81
C LYS J 131 -57.15 26.68 2.55
N GLU J 132 -57.39 25.43 2.18
CA GLU J 132 -56.85 24.87 0.96
C GLU J 132 -57.64 25.49 -0.19
N ILE J 133 -56.95 26.12 -1.13
CA ILE J 133 -57.60 26.54 -2.36
C ILE J 133 -57.90 25.30 -3.22
N GLY J 134 -56.86 24.51 -3.50
CA GLY J 134 -57.04 23.26 -4.24
C GLY J 134 -56.07 23.08 -5.39
N ASN J 135 -55.38 24.16 -5.72
CA ASN J 135 -54.48 24.23 -6.87
C ASN J 135 -53.04 24.25 -6.36
N GLY J 136 -52.86 23.69 -5.17
CA GLY J 136 -51.56 23.64 -4.51
C GLY J 136 -51.30 24.81 -3.59
N CYS J 137 -52.28 25.72 -3.49
CA CYS J 137 -52.13 26.96 -2.73
C CYS J 137 -52.88 26.91 -1.41
N PHE J 138 -52.40 27.64 -0.41
CA PHE J 138 -53.11 27.78 0.85
C PHE J 138 -53.28 29.26 1.13
N GLU J 139 -54.49 29.64 1.51
CA GLU J 139 -54.75 31.02 1.91
C GLU J 139 -54.89 31.05 3.43
N PHE J 140 -54.05 31.82 4.09
CA PHE J 140 -54.08 31.91 5.55
C PHE J 140 -55.30 32.66 6.09
N TYR J 141 -55.83 32.18 7.20
CA TYR J 141 -56.88 32.88 7.93
C TYR J 141 -56.30 33.85 8.95
N HIS J 142 -54.98 34.00 8.92
CA HIS J 142 -54.30 34.94 9.81
C HIS J 142 -53.22 35.63 9.01
N LYS J 143 -52.72 36.77 9.50
CA LYS J 143 -51.61 37.41 8.81
C LYS J 143 -50.36 36.56 9.00
N CYS J 144 -49.61 36.37 7.92
CA CYS J 144 -48.44 35.50 7.94
C CYS J 144 -47.26 36.18 7.26
N ASP J 145 -46.39 36.79 8.05
CA ASP J 145 -45.25 37.50 7.48
C ASP J 145 -44.10 36.57 7.11
N ASP J 146 -42.96 37.16 6.79
CA ASP J 146 -41.84 36.44 6.17
C ASP J 146 -41.26 35.39 7.11
N ALA J 147 -41.16 35.76 8.38
CA ALA J 147 -40.64 34.84 9.40
C ALA J 147 -41.60 33.66 9.52
N CYS J 148 -42.89 33.97 9.58
CA CYS J 148 -43.94 32.94 9.62
C CYS J 148 -43.86 32.02 8.40
N MET J 149 -43.75 32.62 7.21
CA MET J 149 -43.62 31.84 5.98
C MET J 149 -42.43 30.90 6.08
N GLU J 150 -41.30 31.42 6.57
CA GLU J 150 -40.09 30.61 6.63
C GLU J 150 -40.29 29.49 7.65
N SER J 151 -41.08 29.75 8.69
CA SER J 151 -41.42 28.72 9.66
C SER J 151 -42.22 27.61 9.01
N VAL J 152 -43.13 28.00 8.12
CA VAL J 152 -43.88 27.03 7.33
C VAL J 152 -42.94 26.22 6.43
N ARG J 153 -42.00 26.91 5.78
CA ARG J 153 -41.08 26.29 4.83
C ARG J 153 -40.12 25.31 5.48
N ASN J 154 -39.72 25.59 6.71
CA ASN J 154 -38.78 24.73 7.41
C ASN J 154 -39.41 23.75 8.40
N GLY J 155 -40.72 23.70 8.39
CA GLY J 155 -41.48 22.70 9.12
C GLY J 155 -41.59 22.94 10.61
N THR J 156 -41.48 24.20 11.01
CA THR J 156 -41.60 24.57 12.42
C THR J 156 -42.79 25.47 12.71
N TYR J 157 -43.76 25.54 11.79
CA TYR J 157 -44.93 26.38 12.00
C TYR J 157 -45.62 26.02 13.31
N ASP J 158 -46.01 27.06 14.05
CA ASP J 158 -46.59 26.90 15.38
C ASP J 158 -48.10 27.11 15.29
N TYR J 159 -48.84 26.02 15.11
CA TYR J 159 -50.29 26.11 14.92
C TYR J 159 -51.04 26.82 16.07
N PRO J 160 -50.73 26.51 17.34
CA PRO J 160 -51.48 27.15 18.42
C PRO J 160 -51.27 28.67 18.45
N LYS J 161 -50.08 29.14 18.11
CA LYS J 161 -49.79 30.57 18.12
C LYS J 161 -50.74 31.40 17.25
N TYR J 162 -51.07 30.89 16.07
CA TYR J 162 -51.92 31.65 15.14
C TYR J 162 -53.34 31.11 15.11
N SER J 163 -53.58 30.04 15.86
CA SER J 163 -54.90 29.41 15.93
C SER J 163 -56.04 30.33 16.35
N GLU J 164 -55.77 31.14 17.36
CA GLU J 164 -56.81 32.00 17.92
C GLU J 164 -57.19 33.13 16.96
N GLU J 165 -56.18 33.79 16.40
CA GLU J 165 -56.39 34.84 15.41
C GLU J 165 -57.14 34.26 14.22
N SER J 166 -56.72 33.05 13.82
CA SER J 166 -57.30 32.38 12.68
C SER J 166 -58.76 32.06 12.95
N LYS J 167 -59.06 31.62 14.16
CA LYS J 167 -60.42 31.21 14.50
C LYS J 167 -61.27 32.47 14.46
N LEU J 168 -60.67 33.58 14.91
CA LEU J 168 -61.34 34.88 14.88
C LEU J 168 -61.69 35.34 13.46
N ASN J 169 -60.73 35.25 12.54
CA ASN J 169 -60.99 35.66 11.16
C ASN J 169 -61.85 34.68 10.36
N ARG J 170 -61.84 33.42 10.77
CA ARG J 170 -62.54 32.36 10.06
C ARG J 170 -64.04 32.48 10.28
N GLU J 171 -64.42 32.98 11.46
CA GLU J 171 -65.83 33.16 11.80
C GLU J 171 -66.22 34.61 11.58
N PRO K 3 -81.88 10.53 3.81
CA PRO K 3 -82.41 10.20 2.49
C PRO K 3 -81.98 11.22 1.43
N GLY K 4 -80.80 11.82 1.62
CA GLY K 4 -80.40 12.94 0.78
C GLY K 4 -79.82 12.45 -0.53
N ASP K 5 -79.63 13.35 -1.48
CA ASP K 5 -78.98 13.01 -2.74
C ASP K 5 -77.57 12.47 -2.56
N THR K 6 -77.12 11.65 -3.51
CA THR K 6 -75.81 11.00 -3.43
C THR K 6 -75.15 10.94 -4.81
N ILE K 7 -73.82 10.97 -4.83
CA ILE K 7 -73.05 10.65 -6.03
C ILE K 7 -71.93 9.69 -5.62
N CYS K 8 -71.73 8.64 -6.41
CA CYS K 8 -70.65 7.70 -6.11
C CYS K 8 -69.60 7.61 -7.20
N ILE K 9 -68.36 7.36 -6.80
CA ILE K 9 -67.27 7.11 -7.74
C ILE K 9 -67.07 5.61 -7.76
N GLY K 10 -66.86 5.03 -8.95
CA GLY K 10 -66.77 3.59 -9.06
C GLY K 10 -66.06 3.12 -10.32
N TYR K 11 -65.96 1.80 -10.47
CA TYR K 11 -65.24 1.24 -11.60
C TYR K 11 -65.97 0.07 -12.25
N HIS K 12 -65.58 -0.24 -13.48
CA HIS K 12 -66.25 -1.25 -14.29
C HIS K 12 -66.08 -2.67 -13.77
N ALA K 13 -67.17 -3.43 -13.84
CA ALA K 13 -67.10 -4.88 -13.75
C ALA K 13 -67.88 -5.50 -14.91
N ASN K 14 -67.53 -6.73 -15.25
CA ASN K 14 -68.26 -7.50 -16.27
C ASN K 14 -68.20 -9.01 -16.02
N ASN K 15 -68.58 -9.80 -17.02
CA ASN K 15 -68.61 -11.25 -16.84
C ASN K 15 -67.34 -11.98 -17.30
N SER K 16 -66.27 -11.24 -17.55
CA SER K 16 -65.04 -11.88 -18.03
C SER K 16 -64.56 -12.88 -16.99
N THR K 17 -64.01 -14.00 -17.47
CA THR K 17 -63.44 -15.02 -16.59
C THR K 17 -61.93 -15.10 -16.75
N ASP K 18 -61.39 -14.25 -17.62
CA ASP K 18 -59.94 -14.20 -17.86
C ASP K 18 -59.17 -13.99 -16.57
N THR K 19 -58.10 -14.77 -16.39
CA THR K 19 -57.22 -14.60 -15.24
C THR K 19 -55.80 -14.26 -15.67
N VAL K 20 -55.14 -13.45 -14.86
CA VAL K 20 -53.73 -13.13 -15.06
C VAL K 20 -53.00 -13.43 -13.77
N ASP K 21 -51.69 -13.62 -13.86
CA ASP K 21 -50.88 -13.74 -12.66
C ASP K 21 -50.20 -12.42 -12.38
N THR K 22 -49.98 -12.13 -11.10
CA THR K 22 -49.23 -10.95 -10.71
C THR K 22 -48.16 -11.38 -9.71
N VAL K 23 -47.34 -10.42 -9.31
CA VAL K 23 -46.30 -10.70 -8.34
C VAL K 23 -46.87 -11.15 -6.99
N LEU K 24 -47.86 -10.41 -6.48
CA LEU K 24 -48.37 -10.67 -5.13
C LEU K 24 -49.47 -11.74 -5.11
N GLU K 25 -50.07 -11.99 -6.27
CA GLU K 25 -51.27 -12.81 -6.31
C GLU K 25 -51.40 -13.54 -7.65
N LYS K 26 -51.69 -14.83 -7.58
CA LYS K 26 -51.92 -15.65 -8.76
C LYS K 26 -53.40 -15.72 -9.14
N ASN K 27 -53.67 -15.96 -10.43
CA ASN K 27 -55.02 -16.27 -10.91
C ASN K 27 -56.00 -15.14 -10.62
N VAL K 28 -55.56 -13.91 -10.80
CA VAL K 28 -56.42 -12.76 -10.61
C VAL K 28 -57.34 -12.56 -11.80
N THR K 29 -58.64 -12.52 -11.54
CA THR K 29 -59.62 -12.25 -12.58
C THR K 29 -59.69 -10.78 -12.97
N VAL K 30 -59.63 -10.52 -14.27
CA VAL K 30 -59.59 -9.16 -14.77
C VAL K 30 -60.69 -8.93 -15.80
N THR K 31 -61.07 -7.68 -16.00
CA THR K 31 -62.20 -7.35 -16.85
C THR K 31 -61.79 -7.49 -18.30
N HIS K 32 -60.53 -7.18 -18.58
CA HIS K 32 -59.99 -7.26 -19.93
C HIS K 32 -58.54 -7.69 -19.87
N SER K 33 -58.08 -8.39 -20.90
CA SER K 33 -56.70 -8.85 -20.95
C SER K 33 -56.32 -9.26 -22.38
N VAL K 34 -55.02 -9.35 -22.64
CA VAL K 34 -54.53 -9.75 -23.96
C VAL K 34 -53.50 -10.87 -23.82
N ASN K 35 -53.69 -11.92 -24.61
CA ASN K 35 -52.73 -13.02 -24.68
C ASN K 35 -51.54 -12.65 -25.56
N LEU K 36 -50.33 -12.88 -25.07
CA LEU K 36 -49.13 -12.55 -25.85
C LEU K 36 -48.46 -13.81 -26.39
N LEU K 37 -49.04 -14.97 -26.10
CA LEU K 37 -48.42 -16.25 -26.44
C LEU K 37 -49.27 -17.02 -27.46
N GLU K 38 -48.74 -17.18 -28.68
CA GLU K 38 -49.48 -17.95 -29.68
C GLU K 38 -49.22 -19.43 -29.47
N ASP K 39 -50.30 -20.20 -29.31
CA ASP K 39 -50.22 -21.66 -29.17
C ASP K 39 -50.97 -22.46 -30.23
N SER K 40 -51.45 -21.77 -31.26
CA SER K 40 -52.19 -22.41 -32.34
C SER K 40 -51.45 -22.39 -33.68
N HIS K 41 -51.50 -23.53 -34.37
CA HIS K 41 -50.94 -23.64 -35.71
C HIS K 41 -51.88 -24.47 -36.59
N ASN K 42 -51.63 -24.49 -37.90
CA ASN K 42 -52.58 -25.10 -38.83
C ASN K 42 -52.22 -26.50 -39.32
N GLY K 43 -51.12 -27.07 -38.82
CA GLY K 43 -50.85 -28.46 -39.09
C GLY K 43 -50.35 -28.68 -40.51
N LYS K 44 -50.05 -27.60 -41.22
CA LYS K 44 -49.64 -27.72 -42.62
C LYS K 44 -48.27 -27.10 -42.87
N LEU K 45 -47.62 -27.56 -43.94
CA LEU K 45 -46.42 -26.93 -44.47
C LEU K 45 -46.86 -25.99 -45.59
N CYS K 46 -46.53 -24.72 -45.47
CA CYS K 46 -47.06 -23.73 -46.41
C CYS K 46 -45.95 -23.11 -47.24
N LYS K 47 -46.32 -22.27 -48.21
CA LYS K 47 -45.34 -21.52 -48.96
C LYS K 47 -44.81 -20.37 -48.12
N LEU K 48 -43.60 -19.95 -48.44
N LEU K 48 -43.57 -19.96 -48.39
CA LEU K 48 -42.98 -18.77 -47.84
CA LEU K 48 -43.04 -18.74 -47.82
C LEU K 48 -42.63 -17.79 -48.95
C LEU K 48 -42.66 -17.81 -48.94
N LYS K 49 -43.06 -16.54 -48.79
CA LYS K 49 -42.84 -15.51 -49.80
C LYS K 49 -43.46 -15.98 -51.13
N GLY K 50 -44.56 -16.74 -51.00
CA GLY K 50 -45.30 -17.28 -52.13
C GLY K 50 -44.54 -18.34 -52.92
N ILE K 51 -43.47 -18.87 -52.35
CA ILE K 51 -42.70 -19.93 -53.00
C ILE K 51 -42.88 -21.23 -52.24
N ALA K 52 -43.15 -22.31 -52.95
CA ALA K 52 -43.40 -23.61 -52.31
C ALA K 52 -42.12 -24.24 -51.79
N PRO K 53 -42.22 -25.03 -50.71
CA PRO K 53 -41.11 -25.84 -50.20
C PRO K 53 -40.80 -27.07 -51.06
N LEU K 54 -39.60 -27.62 -50.92
CA LEU K 54 -39.24 -28.86 -51.58
C LEU K 54 -39.46 -30.08 -50.69
N GLN K 55 -40.29 -31.02 -51.13
CA GLN K 55 -40.57 -32.21 -50.33
C GLN K 55 -39.67 -33.34 -50.79
N LEU K 56 -38.70 -33.71 -49.98
CA LEU K 56 -37.81 -34.80 -50.35
C LEU K 56 -38.50 -36.16 -50.20
N GLY K 57 -39.54 -36.19 -49.38
CA GLY K 57 -40.36 -37.38 -49.21
C GLY K 57 -39.56 -38.55 -48.67
N LYS K 58 -39.53 -39.65 -49.43
CA LYS K 58 -38.85 -40.87 -49.01
C LYS K 58 -37.35 -40.78 -49.28
N CYS K 59 -36.93 -39.67 -49.88
CA CYS K 59 -35.53 -39.40 -50.17
C CYS K 59 -34.95 -38.43 -49.14
N ASN K 60 -33.63 -38.45 -49.00
CA ASN K 60 -32.94 -37.40 -48.25
C ASN K 60 -32.09 -36.56 -49.19
N ILE K 61 -31.37 -35.60 -48.62
N ILE K 61 -31.34 -35.61 -48.65
CA ILE K 61 -30.56 -34.65 -49.40
CA ILE K 61 -30.61 -34.67 -49.49
C ILE K 61 -29.60 -35.36 -50.35
C ILE K 61 -29.54 -35.32 -50.36
N ALA K 62 -28.87 -36.35 -49.83
CA ALA K 62 -27.91 -37.09 -50.65
C ALA K 62 -28.58 -37.78 -51.83
N GLY K 63 -29.68 -38.47 -51.55
CA GLY K 63 -30.46 -39.16 -52.57
C GLY K 63 -31.00 -38.25 -53.64
N TRP K 64 -31.45 -37.08 -53.23
CA TRP K 64 -31.90 -36.07 -54.17
C TRP K 64 -30.77 -35.61 -55.11
N LEU K 65 -29.70 -35.13 -54.51
CA LEU K 65 -28.61 -34.50 -55.25
C LEU K 65 -27.85 -35.49 -56.12
N LEU K 66 -27.60 -36.67 -55.59
CA LEU K 66 -26.97 -37.72 -56.38
C LEU K 66 -27.94 -38.28 -57.42
N GLY K 67 -29.25 -38.14 -57.16
CA GLY K 67 -30.24 -38.70 -58.06
C GLY K 67 -30.40 -40.20 -57.91
N ASN K 68 -30.50 -40.63 -56.65
CA ASN K 68 -30.97 -41.96 -56.30
C ASN K 68 -32.21 -42.27 -57.13
N PRO K 69 -32.25 -43.45 -57.75
CA PRO K 69 -33.33 -43.75 -58.68
C PRO K 69 -34.73 -43.78 -58.04
N GLU K 70 -34.81 -43.94 -56.72
CA GLU K 70 -36.09 -43.83 -56.04
C GLU K 70 -36.58 -42.37 -55.95
N CYS K 71 -35.69 -41.45 -56.28
CA CYS K 71 -35.94 -40.01 -56.13
C CYS K 71 -36.27 -39.32 -57.44
N ASP K 72 -36.73 -40.06 -58.45
CA ASP K 72 -36.91 -39.46 -59.77
C ASP K 72 -37.90 -38.29 -59.83
N LEU K 73 -38.87 -38.24 -58.92
CA LEU K 73 -39.85 -37.15 -58.92
C LEU K 73 -39.24 -35.80 -58.56
N LEU K 74 -38.02 -35.81 -58.03
CA LEU K 74 -37.34 -34.58 -57.65
C LEU K 74 -36.47 -34.01 -58.77
N LEU K 75 -36.34 -34.78 -59.85
CA LEU K 75 -35.49 -34.38 -60.97
C LEU K 75 -35.97 -33.06 -61.56
N THR K 76 -37.27 -32.81 -61.41
CA THR K 76 -37.88 -31.57 -61.88
C THR K 76 -37.85 -30.42 -60.88
N ALA K 77 -37.40 -30.68 -59.65
CA ALA K 77 -37.37 -29.65 -58.62
C ALA K 77 -36.37 -28.56 -58.98
N SER K 78 -36.74 -27.30 -58.84
CA SER K 78 -35.81 -26.25 -59.26
C SER K 78 -35.71 -25.05 -58.33
N SER K 79 -36.77 -24.74 -57.59
CA SER K 79 -36.75 -23.63 -56.62
C SER K 79 -37.63 -23.91 -55.40
N TRP K 80 -37.26 -23.40 -54.23
CA TRP K 80 -38.03 -23.73 -53.03
C TRP K 80 -37.80 -22.71 -51.93
N SER K 81 -38.74 -22.64 -50.99
CA SER K 81 -38.60 -21.74 -49.84
C SER K 81 -37.89 -22.39 -48.66
N TYR K 82 -38.04 -23.71 -48.56
CA TYR K 82 -37.35 -24.50 -47.54
C TYR K 82 -37.40 -25.97 -47.96
N ILE K 83 -36.59 -26.79 -47.29
CA ILE K 83 -36.46 -28.19 -47.68
C ILE K 83 -37.02 -29.07 -46.57
N VAL K 84 -37.85 -30.04 -46.96
CA VAL K 84 -38.53 -30.88 -45.99
C VAL K 84 -38.07 -32.32 -46.07
N GLU K 85 -37.50 -32.79 -44.97
CA GLU K 85 -37.23 -34.21 -44.82
C GLU K 85 -38.29 -34.78 -43.89
N THR K 86 -38.62 -36.06 -44.06
CA THR K 86 -39.64 -36.66 -43.22
C THR K 86 -39.06 -37.85 -42.48
N SER K 87 -39.87 -38.48 -41.63
CA SER K 87 -39.40 -39.65 -40.91
C SER K 87 -39.23 -40.89 -41.81
N ASN K 88 -39.82 -40.82 -42.99
N ASN K 88 -39.79 -40.85 -43.01
CA ASN K 88 -39.73 -41.87 -44.00
CA ASN K 88 -39.60 -41.96 -43.93
C ASN K 88 -38.66 -41.62 -45.08
C ASN K 88 -38.59 -41.68 -45.04
N SER K 89 -37.80 -40.63 -44.86
CA SER K 89 -36.76 -40.29 -45.83
C SER K 89 -35.53 -41.17 -45.71
N GLU K 90 -35.57 -42.35 -46.33
CA GLU K 90 -34.50 -43.31 -46.20
C GLU K 90 -33.58 -43.49 -47.42
N ASN K 91 -34.03 -43.03 -48.59
CA ASN K 91 -33.21 -43.05 -49.81
C ASN K 91 -32.14 -41.98 -49.98
N GLY K 92 -30.89 -42.42 -49.89
CA GLY K 92 -29.72 -41.59 -50.06
C GLY K 92 -28.68 -42.30 -50.90
N THR K 93 -27.60 -42.73 -50.25
CA THR K 93 -26.52 -43.46 -50.92
C THR K 93 -26.83 -44.95 -51.05
N CYS K 94 -27.31 -45.37 -52.21
CA CYS K 94 -27.69 -46.77 -52.41
C CYS K 94 -26.47 -47.69 -52.47
N TYR K 95 -25.35 -47.16 -52.95
CA TYR K 95 -24.07 -47.86 -52.87
C TYR K 95 -23.35 -47.44 -51.61
N PRO K 96 -22.99 -48.42 -50.77
CA PRO K 96 -22.47 -48.09 -49.44
C PRO K 96 -21.15 -47.34 -49.49
N GLY K 97 -20.97 -46.40 -48.56
CA GLY K 97 -19.75 -45.63 -48.45
C GLY K 97 -20.01 -44.31 -47.76
N ASP K 98 -19.05 -43.39 -47.86
CA ASP K 98 -19.11 -42.14 -47.12
C ASP K 98 -19.35 -40.92 -48.02
N PHE K 99 -20.28 -40.07 -47.60
CA PHE K 99 -20.55 -38.81 -48.29
C PHE K 99 -19.73 -37.77 -47.53
N ILE K 100 -18.67 -37.27 -48.16
N ILE K 100 -18.63 -37.32 -48.12
CA ILE K 100 -17.67 -36.43 -47.48
CA ILE K 100 -17.67 -36.49 -47.39
C ILE K 100 -18.18 -35.00 -47.27
C ILE K 100 -18.14 -35.03 -47.26
N ASP K 101 -18.02 -34.51 -46.03
CA ASP K 101 -18.48 -33.16 -45.66
C ASP K 101 -19.95 -32.91 -45.99
N TYR K 102 -20.76 -33.95 -45.75
CA TYR K 102 -22.19 -33.94 -46.01
C TYR K 102 -22.92 -32.90 -45.15
N GLU K 103 -22.57 -32.77 -43.87
CA GLU K 103 -23.28 -31.82 -43.02
C GLU K 103 -23.02 -30.39 -43.46
N GLU K 104 -21.78 -30.13 -43.88
CA GLU K 104 -21.41 -28.84 -44.41
C GLU K 104 -22.16 -28.58 -45.70
N LEU K 105 -22.31 -29.62 -46.51
CA LEU K 105 -23.00 -29.46 -47.78
C LEU K 105 -24.48 -29.11 -47.50
N ARG K 106 -25.07 -29.78 -46.53
CA ARG K 106 -26.44 -29.48 -46.08
C ARG K 106 -26.59 -28.04 -45.59
N GLU K 107 -25.60 -27.59 -44.84
CA GLU K 107 -25.59 -26.21 -44.35
C GLU K 107 -25.54 -25.22 -45.49
N GLN K 108 -24.73 -25.52 -46.51
CA GLN K 108 -24.65 -24.66 -47.67
C GLN K 108 -26.01 -24.60 -48.33
N LEU K 109 -26.69 -25.74 -48.43
CA LEU K 109 -27.95 -25.81 -49.16
C LEU K 109 -29.04 -25.01 -48.46
N SER K 110 -28.82 -24.71 -47.18
CA SER K 110 -29.81 -23.95 -46.40
C SER K 110 -29.83 -22.50 -46.84
N SER K 111 -28.82 -22.09 -47.60
CA SER K 111 -28.78 -20.76 -48.19
C SER K 111 -28.93 -20.76 -49.72
N VAL K 112 -29.43 -21.85 -50.27
CA VAL K 112 -29.77 -21.90 -51.68
C VAL K 112 -31.28 -21.91 -51.85
N SER K 113 -31.80 -21.01 -52.69
CA SER K 113 -33.24 -20.87 -52.86
C SER K 113 -33.71 -21.46 -54.20
N SER K 114 -32.76 -21.71 -55.09
CA SER K 114 -33.03 -22.25 -56.42
C SER K 114 -31.75 -22.72 -57.12
N PHE K 115 -31.88 -23.57 -58.14
CA PHE K 115 -30.73 -23.84 -58.98
C PHE K 115 -31.15 -24.15 -60.41
N GLU K 116 -30.19 -24.19 -61.31
CA GLU K 116 -30.42 -24.67 -62.66
C GLU K 116 -29.51 -25.87 -62.88
N LYS K 117 -30.09 -27.05 -63.02
CA LYS K 117 -29.29 -28.25 -63.24
C LYS K 117 -28.83 -28.29 -64.68
N PHE K 118 -27.61 -28.76 -64.91
CA PHE K 118 -27.11 -28.89 -66.27
C PHE K 118 -26.12 -30.05 -66.39
N GLU K 119 -25.90 -30.52 -67.61
CA GLU K 119 -25.08 -31.69 -67.85
C GLU K 119 -23.61 -31.29 -67.98
N ILE K 120 -22.84 -31.48 -66.91
CA ILE K 120 -21.46 -31.02 -66.89
C ILE K 120 -20.59 -31.85 -67.84
N PHE K 121 -20.78 -33.17 -67.78
CA PHE K 121 -20.07 -34.09 -68.64
C PHE K 121 -21.10 -35.04 -69.25
N PRO K 122 -21.62 -34.69 -70.44
CA PRO K 122 -22.62 -35.54 -71.10
C PRO K 122 -22.13 -36.97 -71.31
N LYS K 123 -22.96 -37.94 -70.93
CA LYS K 123 -22.58 -39.35 -70.93
C LYS K 123 -22.13 -39.84 -72.32
N THR K 124 -22.87 -39.44 -73.35
CA THR K 124 -22.69 -40.02 -74.66
C THR K 124 -21.50 -39.48 -75.45
N SER K 125 -21.00 -38.30 -75.09
CA SER K 125 -19.91 -37.69 -75.85
C SER K 125 -18.61 -37.38 -75.10
N SER K 126 -18.63 -37.46 -73.77
CA SER K 126 -17.52 -36.97 -72.98
C SER K 126 -16.37 -37.98 -72.85
N TRP K 127 -16.64 -39.25 -73.10
CA TRP K 127 -15.75 -40.32 -72.66
C TRP K 127 -15.49 -41.37 -73.73
N PRO K 128 -14.97 -40.96 -74.90
CA PRO K 128 -14.78 -41.88 -76.03
C PRO K 128 -13.83 -43.03 -75.74
N ASN K 129 -12.97 -42.89 -74.74
CA ASN K 129 -11.97 -43.93 -74.49
C ASN K 129 -12.30 -44.81 -73.30
N HIS K 130 -13.47 -44.62 -72.70
CA HIS K 130 -13.86 -45.43 -71.55
C HIS K 130 -15.26 -46.01 -71.76
N GLU K 131 -15.61 -47.07 -71.03
CA GLU K 131 -16.93 -47.67 -71.20
C GLU K 131 -17.97 -46.93 -70.37
N THR K 132 -19.04 -46.47 -71.01
CA THR K 132 -20.06 -45.72 -70.29
C THR K 132 -21.41 -46.41 -70.07
N THR K 133 -21.56 -47.65 -70.54
CA THR K 133 -22.91 -48.25 -70.54
C THR K 133 -23.12 -49.48 -69.64
N LYS K 134 -22.08 -49.88 -68.91
CA LYS K 134 -22.09 -51.14 -68.17
C LYS K 134 -22.07 -50.88 -66.65
N GLY K 135 -22.09 -49.61 -66.30
CA GLY K 135 -21.98 -49.11 -64.93
C GLY K 135 -23.25 -49.02 -64.11
N VAL K 136 -23.98 -50.13 -63.99
CA VAL K 136 -25.14 -50.18 -63.08
C VAL K 136 -25.04 -51.36 -62.11
N THR K 137 -25.80 -51.25 -61.01
CA THR K 137 -25.76 -52.20 -59.90
C THR K 137 -27.10 -52.39 -59.20
N ALA K 138 -27.32 -53.59 -58.67
CA ALA K 138 -28.48 -53.92 -57.85
C ALA K 138 -28.60 -53.21 -56.50
N ALA K 139 -27.52 -52.61 -56.01
CA ALA K 139 -27.62 -51.88 -54.75
C ALA K 139 -28.41 -50.58 -54.96
N CYS K 140 -28.47 -50.18 -56.22
CA CYS K 140 -29.10 -48.98 -56.76
C CYS K 140 -30.19 -49.42 -57.73
N SER K 141 -30.72 -50.62 -57.51
N SER K 141 -30.98 -50.37 -57.27
CA SER K 141 -31.89 -51.11 -58.25
CA SER K 141 -32.03 -50.96 -58.08
C SER K 141 -33.14 -50.20 -58.30
C SER K 141 -33.23 -50.08 -58.28
N TYR K 142 -33.80 -50.23 -59.47
CA TYR K 142 -34.98 -49.46 -59.86
C TYR K 142 -35.91 -50.27 -60.75
N ALA K 143 -37.18 -50.28 -60.36
CA ALA K 143 -38.27 -50.91 -61.09
C ALA K 143 -37.98 -52.38 -61.35
N GLY K 144 -37.36 -53.04 -60.38
CA GLY K 144 -37.18 -54.48 -60.44
C GLY K 144 -35.87 -54.82 -61.14
N ALA K 145 -35.13 -53.78 -61.50
CA ALA K 145 -33.87 -53.92 -62.24
C ALA K 145 -32.76 -53.02 -61.72
N SER K 146 -31.52 -53.43 -61.94
CA SER K 146 -30.37 -52.60 -61.60
C SER K 146 -30.31 -51.28 -62.35
N SER K 147 -29.90 -50.24 -61.63
CA SER K 147 -29.84 -48.87 -62.15
C SER K 147 -28.68 -48.16 -61.45
N PHE K 148 -28.69 -46.82 -61.49
CA PHE K 148 -27.63 -46.06 -60.84
C PHE K 148 -28.07 -44.60 -60.69
N TYR K 149 -27.33 -43.85 -59.89
CA TYR K 149 -27.54 -42.41 -59.73
C TYR K 149 -27.67 -41.73 -61.09
N ARG K 150 -28.59 -40.77 -61.18
CA ARG K 150 -28.83 -40.07 -62.43
C ARG K 150 -27.77 -39.00 -62.72
N ASN K 151 -27.12 -38.51 -61.66
CA ASN K 151 -26.23 -37.37 -61.78
C ASN K 151 -24.76 -37.75 -61.83
N LEU K 152 -24.48 -39.05 -61.75
CA LEU K 152 -23.13 -39.54 -61.84
C LEU K 152 -23.06 -40.61 -62.91
N LEU K 153 -21.83 -40.92 -63.31
CA LEU K 153 -21.58 -41.87 -64.39
C LEU K 153 -20.44 -42.79 -63.99
N TRP K 154 -20.73 -44.08 -63.88
CA TRP K 154 -19.70 -45.01 -63.46
C TRP K 154 -18.89 -45.40 -64.66
N LEU K 155 -17.68 -44.85 -64.75
CA LEU K 155 -16.84 -45.17 -65.88
C LEU K 155 -16.10 -46.44 -65.51
N THR K 156 -15.96 -47.32 -66.49
CA THR K 156 -15.19 -48.54 -66.37
C THR K 156 -14.39 -48.73 -67.62
N LYS K 157 -13.60 -49.79 -67.67
CA LYS K 157 -12.65 -49.96 -68.75
C LYS K 157 -13.48 -50.34 -69.98
N LYS K 158 -13.01 -49.96 -71.16
CA LYS K 158 -13.69 -50.30 -72.40
C LYS K 158 -12.83 -51.32 -73.09
N GLY K 159 -13.42 -52.49 -73.38
CA GLY K 159 -12.61 -53.59 -73.86
C GLY K 159 -11.71 -53.96 -72.72
N SER K 160 -10.40 -53.98 -72.94
CA SER K 160 -9.47 -54.40 -71.91
C SER K 160 -8.60 -53.24 -71.43
N SER K 161 -9.09 -52.02 -71.54
CA SER K 161 -8.28 -50.87 -71.14
C SER K 161 -9.04 -49.66 -70.60
N TYR K 162 -8.44 -49.04 -69.59
CA TYR K 162 -8.88 -47.79 -69.02
C TYR K 162 -7.66 -46.90 -69.12
N PRO K 163 -7.57 -46.09 -70.18
CA PRO K 163 -6.42 -45.21 -70.37
C PRO K 163 -6.52 -44.01 -69.46
N LYS K 164 -5.40 -43.34 -69.16
CA LYS K 164 -5.46 -42.15 -68.32
C LYS K 164 -6.41 -41.17 -68.99
N LEU K 165 -7.45 -40.77 -68.27
CA LEU K 165 -8.31 -39.67 -68.67
C LEU K 165 -7.92 -38.33 -68.07
N SER K 166 -8.18 -37.28 -68.83
CA SER K 166 -7.98 -35.92 -68.37
C SER K 166 -9.17 -35.15 -68.93
N LYS K 167 -9.96 -34.54 -68.05
CA LYS K 167 -11.17 -33.87 -68.49
C LYS K 167 -11.39 -32.65 -67.61
N SER K 168 -11.66 -31.50 -68.23
CA SER K 168 -11.81 -30.28 -67.48
C SER K 168 -13.13 -29.59 -67.78
N TYR K 169 -13.62 -28.82 -66.81
CA TYR K 169 -14.81 -27.99 -67.00
C TYR K 169 -14.50 -26.60 -66.48
N VAL K 170 -14.73 -25.60 -67.32
CA VAL K 170 -14.61 -24.20 -66.91
C VAL K 170 -15.97 -23.62 -66.49
N ASN K 171 -16.03 -23.04 -65.30
CA ASN K 171 -17.29 -22.46 -64.84
C ASN K 171 -17.50 -21.07 -65.40
N ASN K 172 -18.34 -20.96 -66.43
N ASN K 172 -18.28 -21.01 -66.47
CA ASN K 172 -18.65 -19.68 -67.04
CA ASN K 172 -18.65 -19.75 -67.13
C ASN K 172 -20.00 -19.15 -66.58
C ASN K 172 -20.10 -19.36 -66.79
N LYS K 173 -20.64 -19.91 -65.70
CA LYS K 173 -22.03 -19.69 -65.34
C LYS K 173 -22.34 -18.43 -64.54
N GLY K 174 -21.32 -17.71 -64.06
CA GLY K 174 -21.61 -16.50 -63.31
C GLY K 174 -22.09 -16.70 -61.89
N LYS K 175 -21.98 -17.93 -61.39
CA LYS K 175 -22.37 -18.21 -60.01
C LYS K 175 -21.70 -19.49 -59.56
N GLU K 176 -21.85 -19.82 -58.28
CA GLU K 176 -21.25 -21.02 -57.74
C GLU K 176 -21.82 -22.24 -58.45
N VAL K 177 -20.96 -23.22 -58.75
CA VAL K 177 -21.43 -24.47 -59.32
C VAL K 177 -21.11 -25.59 -58.34
N LEU K 178 -22.11 -26.38 -57.97
CA LEU K 178 -21.85 -27.51 -57.10
C LEU K 178 -21.48 -28.69 -57.98
N VAL K 179 -20.28 -29.23 -57.76
CA VAL K 179 -19.82 -30.36 -58.55
C VAL K 179 -19.68 -31.54 -57.60
N LEU K 180 -20.31 -32.66 -57.95
CA LEU K 180 -20.16 -33.90 -57.19
C LEU K 180 -19.49 -34.98 -58.02
N TRP K 181 -18.71 -35.83 -57.35
CA TRP K 181 -18.10 -36.95 -58.04
C TRP K 181 -17.91 -38.08 -57.05
N GLY K 182 -17.44 -39.24 -57.51
CA GLY K 182 -17.15 -40.32 -56.60
C GLY K 182 -15.91 -41.12 -56.90
N VAL K 183 -15.50 -41.93 -55.93
CA VAL K 183 -14.37 -42.83 -56.10
C VAL K 183 -14.78 -44.21 -55.58
N HIS K 184 -14.71 -45.20 -56.46
CA HIS K 184 -15.06 -46.58 -56.13
C HIS K 184 -13.91 -47.37 -55.53
N HIS K 185 -14.21 -48.14 -54.49
CA HIS K 185 -13.21 -48.94 -53.80
C HIS K 185 -13.60 -50.42 -53.75
N PRO K 186 -13.15 -51.21 -54.74
CA PRO K 186 -13.46 -52.64 -54.76
C PRO K 186 -12.84 -53.35 -53.56
N PRO K 187 -13.36 -54.54 -53.21
CA PRO K 187 -12.88 -55.36 -52.09
C PRO K 187 -11.61 -56.18 -52.36
N THR K 188 -11.25 -56.40 -53.62
CA THR K 188 -10.08 -57.22 -53.90
C THR K 188 -9.34 -56.60 -55.08
N GLY K 189 -8.06 -56.94 -55.22
CA GLY K 189 -7.24 -56.47 -56.32
C GLY K 189 -7.69 -57.06 -57.63
N THR K 190 -8.22 -58.27 -57.56
CA THR K 190 -8.74 -58.93 -58.73
C THR K 190 -9.93 -58.15 -59.28
N ASP K 191 -10.87 -57.71 -58.44
CA ASP K 191 -11.99 -56.93 -58.96
C ASP K 191 -11.61 -55.52 -59.44
N GLN K 192 -10.67 -54.89 -58.74
CA GLN K 192 -10.07 -53.63 -59.19
C GLN K 192 -9.51 -53.65 -60.59
N GLN K 193 -8.66 -54.64 -60.75
CA GLN K 193 -8.00 -54.94 -62.00
C GLN K 193 -9.05 -55.29 -63.06
N SER K 194 -10.04 -56.09 -62.67
N SER K 194 -10.04 -56.10 -62.68
CA SER K 194 -11.10 -56.52 -63.58
CA SER K 194 -11.09 -56.54 -63.59
C SER K 194 -11.90 -55.33 -64.12
C SER K 194 -11.94 -55.36 -64.10
N LEU K 195 -12.16 -54.35 -63.25
CA LEU K 195 -12.97 -53.19 -63.65
C LEU K 195 -12.21 -52.09 -64.39
N TYR K 196 -10.99 -51.80 -63.94
CA TYR K 196 -10.31 -50.56 -64.31
C TYR K 196 -8.98 -50.86 -65.02
N GLN K 197 -8.65 -52.15 -65.05
CA GLN K 197 -7.45 -52.71 -65.67
C GLN K 197 -6.19 -52.38 -64.86
N ASN K 198 -6.08 -51.14 -64.38
CA ASN K 198 -4.87 -50.70 -63.71
C ASN K 198 -4.91 -51.01 -62.21
N ALA K 199 -4.00 -51.85 -61.72
CA ALA K 199 -3.98 -52.20 -60.30
C ALA K 199 -3.61 -50.99 -59.45
N ASP K 200 -2.82 -50.12 -60.05
CA ASP K 200 -2.16 -48.96 -59.44
C ASP K 200 -2.81 -47.60 -59.80
N ALA K 201 -4.13 -47.57 -59.88
CA ALA K 201 -4.87 -46.41 -60.40
C ALA K 201 -4.95 -45.31 -59.35
N TYR K 202 -5.16 -44.07 -59.78
CA TYR K 202 -5.51 -42.96 -58.89
C TYR K 202 -6.51 -42.00 -59.50
N VAL K 203 -7.05 -41.11 -58.68
CA VAL K 203 -7.89 -40.01 -59.15
C VAL K 203 -7.41 -38.67 -58.59
N SER K 204 -7.29 -37.66 -59.45
CA SER K 204 -6.93 -36.33 -59.01
C SER K 204 -7.98 -35.32 -59.43
N VAL K 205 -8.33 -34.43 -58.51
CA VAL K 205 -9.31 -33.39 -58.77
C VAL K 205 -8.77 -32.06 -58.29
N GLY K 206 -8.81 -31.06 -59.16
CA GLY K 206 -8.31 -29.75 -58.78
C GLY K 206 -9.01 -28.55 -59.39
N SER K 207 -9.11 -27.49 -58.58
CA SER K 207 -9.50 -26.18 -59.07
C SER K 207 -8.46 -25.16 -58.61
N SER K 208 -8.78 -23.87 -58.71
CA SER K 208 -7.84 -22.87 -58.22
C SER K 208 -7.71 -22.97 -56.71
N LYS K 209 -8.75 -23.48 -56.04
CA LYS K 209 -8.71 -23.50 -54.58
C LYS K 209 -8.70 -24.93 -54.07
N TYR K 210 -9.16 -25.87 -54.89
CA TYR K 210 -9.24 -27.26 -54.47
C TYR K 210 -8.11 -28.06 -55.12
N ASN K 211 -7.55 -29.03 -54.40
CA ASN K 211 -6.48 -29.83 -54.97
C ASN K 211 -6.34 -31.11 -54.17
N ARG K 212 -6.60 -32.26 -54.80
CA ARG K 212 -6.53 -33.52 -54.07
C ARG K 212 -6.23 -34.75 -54.93
N ARG K 213 -5.44 -35.65 -54.35
CA ARG K 213 -5.10 -36.94 -54.96
C ARG K 213 -5.73 -38.03 -54.10
N PHE K 214 -6.32 -39.01 -54.78
CA PHE K 214 -7.06 -40.12 -54.21
C PHE K 214 -6.47 -41.42 -54.71
N THR K 215 -6.24 -42.34 -53.77
N THR K 215 -6.28 -42.37 -53.81
CA THR K 215 -5.78 -43.68 -54.12
CA THR K 215 -5.79 -43.67 -54.25
C THR K 215 -6.84 -44.68 -53.66
C THR K 215 -6.68 -44.74 -53.63
N PRO K 216 -7.01 -45.77 -54.43
CA PRO K 216 -7.97 -46.83 -54.10
C PRO K 216 -7.62 -47.56 -52.83
N GLU K 217 -8.64 -47.85 -52.04
CA GLU K 217 -8.49 -48.62 -50.83
C GLU K 217 -9.12 -49.98 -50.99
N ILE K 218 -8.30 -50.99 -51.25
CA ILE K 218 -8.86 -52.29 -51.53
C ILE K 218 -8.87 -53.11 -50.26
N ALA K 219 -10.06 -53.45 -49.78
CA ALA K 219 -10.12 -54.16 -48.51
C ALA K 219 -11.29 -55.13 -48.45
N ALA K 220 -11.03 -56.33 -47.94
CA ALA K 220 -12.13 -57.22 -47.62
C ALA K 220 -12.94 -56.56 -46.50
N ARG K 221 -14.27 -56.55 -46.63
CA ARG K 221 -15.13 -55.87 -45.66
C ARG K 221 -16.53 -56.38 -45.95
N PRO K 222 -17.46 -56.22 -44.99
CA PRO K 222 -18.72 -56.90 -45.32
C PRO K 222 -19.59 -56.22 -46.36
N LYS K 223 -20.52 -56.99 -46.92
CA LYS K 223 -21.45 -56.48 -47.89
C LYS K 223 -22.55 -55.73 -47.19
N VAL K 224 -22.84 -54.55 -47.72
CA VAL K 224 -23.98 -53.77 -47.33
C VAL K 224 -24.78 -53.50 -48.59
N ARG K 225 -26.09 -53.76 -48.57
CA ARG K 225 -26.89 -53.68 -49.78
C ARG K 225 -26.27 -54.47 -50.95
N ASP K 226 -25.73 -55.65 -50.62
CA ASP K 226 -25.10 -56.59 -51.55
C ASP K 226 -23.67 -56.30 -51.99
N GLN K 227 -23.10 -55.19 -51.55
CA GLN K 227 -21.80 -54.82 -52.08
C GLN K 227 -20.74 -54.82 -50.99
N ALA K 228 -19.66 -55.56 -51.22
CA ALA K 228 -18.52 -55.51 -50.33
C ALA K 228 -17.63 -54.33 -50.68
N GLY K 229 -17.85 -53.80 -51.88
CA GLY K 229 -17.20 -52.57 -52.30
C GLY K 229 -17.78 -51.37 -51.57
N ARG K 230 -17.08 -50.24 -51.65
CA ARG K 230 -17.57 -48.99 -51.12
C ARG K 230 -17.31 -47.91 -52.15
N MET K 231 -18.14 -46.88 -52.12
CA MET K 231 -17.91 -45.71 -52.94
C MET K 231 -17.96 -44.50 -52.04
N ASN K 232 -16.93 -43.65 -52.15
CA ASN K 232 -16.96 -42.36 -51.48
C ASN K 232 -17.38 -41.25 -52.42
N TYR K 233 -18.14 -40.30 -51.87
CA TYR K 233 -18.70 -39.22 -52.66
C TYR K 233 -18.08 -37.90 -52.20
N TYR K 234 -17.80 -37.03 -53.16
CA TYR K 234 -17.10 -35.80 -52.87
C TYR K 234 -17.80 -34.68 -53.60
N TRP K 235 -17.58 -33.45 -53.14
CA TRP K 235 -18.16 -32.29 -53.79
C TRP K 235 -17.30 -31.05 -53.60
N THR K 236 -17.49 -30.07 -54.47
CA THR K 236 -16.89 -28.77 -54.25
C THR K 236 -17.74 -27.68 -54.90
N LEU K 237 -17.59 -26.45 -54.42
CA LEU K 237 -18.26 -25.33 -55.07
C LEU K 237 -17.26 -24.56 -55.90
N LEU K 238 -17.41 -24.63 -57.21
CA LEU K 238 -16.56 -23.91 -58.14
C LEU K 238 -17.06 -22.51 -58.45
N GLU K 239 -16.29 -21.50 -58.07
CA GLU K 239 -16.71 -20.11 -58.24
C GLU K 239 -16.64 -19.79 -59.74
N PRO K 240 -17.38 -18.77 -60.19
CA PRO K 240 -17.38 -18.31 -61.58
C PRO K 240 -15.98 -18.03 -62.13
N GLY K 241 -15.76 -18.44 -63.37
CA GLY K 241 -14.50 -18.22 -64.06
C GLY K 241 -13.42 -19.22 -63.74
N ASP K 242 -13.63 -20.06 -62.73
CA ASP K 242 -12.59 -21.02 -62.35
C ASP K 242 -12.77 -22.35 -63.09
N THR K 243 -11.75 -23.18 -63.04
CA THR K 243 -11.73 -24.44 -63.80
C THR K 243 -11.55 -25.62 -62.86
N ILE K 244 -12.23 -26.71 -63.14
CA ILE K 244 -12.03 -27.94 -62.38
C ILE K 244 -11.50 -29.02 -63.32
N THR K 245 -10.52 -29.77 -62.85
CA THR K 245 -9.84 -30.75 -63.68
C THR K 245 -9.81 -32.11 -63.00
N PHE K 246 -10.26 -33.11 -63.75
CA PHE K 246 -10.28 -34.49 -63.33
C PHE K 246 -9.24 -35.28 -64.10
N GLU K 247 -8.40 -36.02 -63.40
CA GLU K 247 -7.45 -36.90 -64.06
C GLU K 247 -7.57 -38.26 -63.41
N ALA K 248 -7.61 -39.33 -64.19
CA ALA K 248 -7.74 -40.62 -63.54
C ALA K 248 -7.24 -41.81 -64.36
N THR K 249 -6.73 -42.81 -63.66
CA THR K 249 -6.38 -44.07 -64.30
C THR K 249 -7.26 -45.18 -63.73
N GLY K 250 -8.31 -44.79 -62.99
CA GLY K 250 -9.33 -45.74 -62.61
C GLY K 250 -10.22 -45.20 -61.49
N ASN K 251 -11.27 -45.93 -61.15
CA ASN K 251 -12.02 -45.72 -59.89
C ASN K 251 -12.88 -44.48 -59.82
N LEU K 252 -12.90 -43.69 -60.88
CA LEU K 252 -13.69 -42.46 -60.89
C LEU K 252 -15.16 -42.67 -61.20
N ILE K 253 -16.02 -42.21 -60.29
CA ILE K 253 -17.42 -42.06 -60.60
C ILE K 253 -17.59 -40.61 -61.02
N ALA K 254 -17.70 -40.41 -62.33
CA ALA K 254 -17.62 -39.08 -62.91
C ALA K 254 -18.88 -38.24 -62.68
N PRO K 255 -18.70 -36.92 -62.56
CA PRO K 255 -19.83 -36.00 -62.65
C PRO K 255 -20.53 -36.21 -63.97
N TRP K 256 -21.85 -36.16 -63.97
CA TRP K 256 -22.63 -36.19 -65.20
C TRP K 256 -23.45 -34.90 -65.26
N TYR K 257 -24.26 -34.69 -64.23
CA TYR K 257 -24.96 -33.43 -64.08
C TYR K 257 -24.41 -32.71 -62.86
N ALA K 258 -24.37 -31.38 -62.93
CA ALA K 258 -23.92 -30.57 -61.81
C ALA K 258 -24.90 -29.43 -61.58
N PHE K 259 -24.63 -28.58 -60.60
CA PHE K 259 -25.65 -27.61 -60.26
C PHE K 259 -25.16 -26.17 -60.11
N ALA K 260 -25.67 -25.27 -60.94
CA ALA K 260 -25.40 -23.85 -60.77
C ALA K 260 -26.39 -23.31 -59.73
N LEU K 261 -25.87 -22.75 -58.63
CA LEU K 261 -26.72 -22.42 -57.48
C LEU K 261 -27.10 -20.94 -57.39
N ASN K 262 -28.35 -20.67 -57.01
CA ASN K 262 -28.74 -19.31 -56.66
C ASN K 262 -28.93 -19.18 -55.16
N ARG K 263 -28.17 -18.28 -54.56
CA ARG K 263 -28.18 -18.07 -53.12
C ARG K 263 -29.35 -17.19 -52.66
N GLY K 264 -29.92 -17.55 -51.51
CA GLY K 264 -30.97 -16.73 -50.91
C GLY K 264 -31.04 -16.91 -49.41
N SER K 265 -31.35 -15.81 -48.72
CA SER K 265 -31.34 -15.78 -47.26
C SER K 265 -32.63 -16.31 -46.66
N GLY K 266 -32.55 -16.73 -45.40
CA GLY K 266 -33.73 -17.07 -44.62
C GLY K 266 -34.42 -18.37 -45.01
N SER K 267 -33.70 -19.23 -45.70
CA SER K 267 -34.21 -20.56 -46.03
C SER K 267 -33.62 -21.56 -45.05
N GLY K 268 -33.97 -22.83 -45.21
CA GLY K 268 -33.40 -23.88 -44.38
C GLY K 268 -34.05 -25.24 -44.55
N ILE K 269 -33.59 -26.20 -43.77
CA ILE K 269 -34.12 -27.55 -43.85
C ILE K 269 -34.84 -27.89 -42.56
N ILE K 270 -36.08 -28.37 -42.67
CA ILE K 270 -36.83 -28.87 -41.52
C ILE K 270 -37.28 -30.31 -41.66
N THR K 271 -37.52 -30.94 -40.52
CA THR K 271 -38.06 -32.30 -40.48
C THR K 271 -39.50 -32.29 -39.98
N SER K 272 -40.43 -32.71 -40.84
CA SER K 272 -41.84 -32.70 -40.49
C SER K 272 -42.61 -33.76 -41.25
N ASP K 273 -43.58 -34.35 -40.56
CA ASP K 273 -44.48 -35.30 -41.19
C ASP K 273 -45.84 -34.68 -41.52
N ALA K 274 -45.98 -33.38 -41.31
CA ALA K 274 -47.26 -32.74 -41.59
C ALA K 274 -47.46 -32.64 -43.10
N PRO K 275 -48.72 -32.69 -43.55
CA PRO K 275 -48.94 -32.63 -45.01
C PRO K 275 -48.74 -31.23 -45.58
N VAL K 276 -48.17 -31.14 -46.77
CA VAL K 276 -48.07 -29.87 -47.47
C VAL K 276 -49.38 -29.56 -48.19
N HIS K 277 -49.87 -28.33 -48.07
CA HIS K 277 -51.08 -27.92 -48.78
C HIS K 277 -50.76 -26.61 -49.44
N ASP K 278 -51.59 -26.08 -50.34
CA ASP K 278 -51.06 -24.89 -50.94
C ASP K 278 -51.72 -23.72 -50.22
N CYS K 279 -51.05 -23.29 -49.15
CA CYS K 279 -51.48 -22.16 -48.34
C CYS K 279 -50.31 -21.21 -48.36
N ASN K 280 -50.48 -19.97 -47.90
CA ASN K 280 -49.31 -19.12 -47.83
C ASN K 280 -49.15 -18.64 -46.39
N THR K 281 -47.90 -18.51 -45.95
CA THR K 281 -47.65 -18.02 -44.59
C THR K 281 -46.42 -17.13 -44.51
N LYS K 282 -46.30 -16.40 -43.40
CA LYS K 282 -45.12 -15.60 -43.13
C LYS K 282 -44.18 -16.42 -42.23
N CYS K 283 -44.74 -17.43 -41.57
CA CYS K 283 -44.05 -18.20 -40.54
C CYS K 283 -44.36 -19.71 -40.55
N GLN K 284 -43.33 -20.53 -40.72
CA GLN K 284 -43.49 -21.99 -40.76
C GLN K 284 -42.74 -22.70 -39.63
N THR K 285 -43.42 -23.61 -38.93
CA THR K 285 -42.74 -24.56 -38.05
C THR K 285 -42.97 -25.99 -38.50
N PRO K 286 -42.18 -26.95 -37.98
CA PRO K 286 -42.36 -28.35 -38.33
C PRO K 286 -43.71 -28.94 -37.93
N HIS K 287 -44.41 -28.32 -36.99
CA HIS K 287 -45.71 -28.84 -36.58
C HIS K 287 -46.81 -28.30 -37.47
N GLY K 288 -46.54 -27.19 -38.13
CA GLY K 288 -47.57 -26.49 -38.88
C GLY K 288 -47.20 -25.03 -38.99
N ALA K 289 -47.94 -24.30 -39.81
CA ALA K 289 -47.63 -22.90 -40.06
C ALA K 289 -48.27 -22.06 -38.97
N ILE K 290 -47.69 -20.90 -38.69
CA ILE K 290 -48.28 -19.96 -37.74
C ILE K 290 -48.75 -18.68 -38.41
N ASN K 291 -49.94 -18.24 -38.05
CA ASN K 291 -50.43 -16.94 -38.50
C ASN K 291 -50.79 -16.11 -37.30
N SER K 292 -49.89 -15.20 -36.92
CA SER K 292 -50.04 -14.52 -35.63
C SER K 292 -49.18 -13.26 -35.55
N SER K 293 -49.73 -12.26 -34.87
CA SER K 293 -49.02 -11.01 -34.62
C SER K 293 -48.48 -10.97 -33.18
N LEU K 294 -48.63 -12.08 -32.46
CA LEU K 294 -48.11 -12.18 -31.10
C LEU K 294 -46.59 -12.26 -31.02
N PRO K 295 -46.01 -11.68 -29.95
CA PRO K 295 -44.56 -11.64 -29.72
C PRO K 295 -43.93 -12.98 -29.39
N PHE K 296 -44.70 -13.88 -28.78
CA PHE K 296 -44.16 -15.15 -28.31
C PHE K 296 -44.94 -16.35 -28.83
N GLN K 297 -44.27 -17.50 -28.92
CA GLN K 297 -44.96 -18.74 -29.25
C GLN K 297 -44.33 -19.95 -28.55
N ASN K 298 -45.16 -20.96 -28.30
CA ASN K 298 -44.74 -22.19 -27.65
C ASN K 298 -44.92 -23.43 -28.54
N ILE K 299 -45.02 -23.22 -29.85
CA ILE K 299 -45.19 -24.33 -30.79
C ILE K 299 -43.93 -25.10 -31.13
N HIS K 300 -42.83 -24.40 -31.44
CA HIS K 300 -41.60 -25.08 -31.81
C HIS K 300 -40.44 -24.11 -31.86
N PRO K 301 -39.28 -24.55 -31.35
CA PRO K 301 -38.06 -23.73 -31.40
C PRO K 301 -37.52 -23.57 -32.82
N VAL K 302 -37.86 -24.52 -33.68
CA VAL K 302 -37.44 -24.46 -35.07
C VAL K 302 -38.47 -23.69 -35.89
N THR K 303 -38.02 -22.66 -36.59
CA THR K 303 -38.93 -21.87 -37.40
C THR K 303 -38.22 -21.40 -38.67
N ILE K 304 -38.98 -21.23 -39.74
CA ILE K 304 -38.44 -20.70 -40.98
C ILE K 304 -39.29 -19.51 -41.40
N GLY K 305 -38.64 -18.40 -41.73
CA GLY K 305 -39.36 -17.21 -42.15
C GLY K 305 -39.40 -16.23 -41.00
N GLU K 306 -40.49 -15.50 -40.84
CA GLU K 306 -40.51 -14.44 -39.85
C GLU K 306 -41.56 -14.77 -38.80
N CYS K 307 -41.09 -15.20 -37.64
CA CYS K 307 -41.91 -15.85 -36.62
C CYS K 307 -41.76 -15.20 -35.26
N PRO K 308 -42.69 -15.49 -34.33
CA PRO K 308 -42.58 -15.07 -32.92
C PRO K 308 -41.45 -15.82 -32.21
N LYS K 309 -40.96 -15.24 -31.11
CA LYS K 309 -39.90 -15.86 -30.32
C LYS K 309 -40.42 -17.08 -29.54
N TYR K 310 -39.70 -18.19 -29.65
CA TYR K 310 -40.09 -19.40 -28.93
C TYR K 310 -39.73 -19.30 -27.45
N VAL K 311 -40.68 -19.63 -26.59
CA VAL K 311 -40.46 -19.70 -25.15
C VAL K 311 -41.10 -20.95 -24.58
N ARG K 312 -40.67 -21.34 -23.38
CA ARG K 312 -41.23 -22.52 -22.75
C ARG K 312 -42.54 -22.25 -22.03
N SER K 313 -42.94 -20.99 -21.96
CA SER K 313 -44.13 -20.62 -21.20
C SER K 313 -45.36 -21.36 -21.73
N THR K 314 -46.28 -21.67 -20.83
CA THR K 314 -47.56 -22.21 -21.23
C THR K 314 -48.59 -21.08 -21.23
N LYS K 315 -48.21 -19.95 -20.66
CA LYS K 315 -49.01 -18.74 -20.74
C LYS K 315 -48.30 -17.39 -20.52
N LEU K 316 -48.70 -16.40 -21.31
CA LEU K 316 -48.17 -15.05 -21.20
C LEU K 316 -49.37 -14.17 -21.49
N ARG K 317 -50.00 -13.69 -20.43
CA ARG K 317 -51.20 -12.89 -20.55
C ARG K 317 -51.05 -11.57 -19.81
N MET K 318 -51.14 -10.45 -20.52
CA MET K 318 -51.05 -9.16 -19.86
C MET K 318 -52.45 -8.69 -19.49
N ALA K 319 -52.59 -8.25 -18.24
CA ALA K 319 -53.80 -7.55 -17.83
C ALA K 319 -53.83 -6.25 -18.64
N THR K 320 -55.01 -5.86 -19.10
CA THR K 320 -55.18 -4.55 -19.72
C THR K 320 -56.21 -3.74 -18.95
N GLY K 321 -57.32 -4.37 -18.60
CA GLY K 321 -58.34 -3.72 -17.80
C GLY K 321 -58.05 -4.01 -16.34
N LEU K 322 -59.06 -3.85 -15.48
CA LEU K 322 -58.79 -3.92 -14.05
C LEU K 322 -59.34 -5.19 -13.41
N ARG K 323 -59.08 -5.35 -12.13
CA ARG K 323 -59.58 -6.48 -11.35
C ARG K 323 -61.11 -6.54 -11.40
N ASN K 324 -61.65 -7.70 -11.75
CA ASN K 324 -63.09 -7.84 -11.95
C ASN K 324 -63.83 -8.31 -10.70
N ILE K 325 -64.61 -7.39 -10.11
CA ILE K 325 -65.35 -7.67 -8.88
C ILE K 325 -66.81 -7.28 -9.12
N PRO K 326 -67.56 -8.12 -9.87
CA PRO K 326 -68.97 -7.84 -10.18
C PRO K 326 -69.97 -7.97 -9.04
N SER K 327 -69.76 -8.93 -8.12
CA SER K 327 -70.66 -9.18 -7.00
C SER K 327 -72.14 -8.84 -7.25
N GLY L 1 -55.73 -2.75 -2.57
CA GLY L 1 -54.77 -2.33 -3.57
C GLY L 1 -53.85 -1.27 -3.04
N LEU L 2 -52.80 -0.95 -3.79
CA LEU L 2 -51.77 -0.02 -3.33
C LEU L 2 -52.36 1.36 -3.04
N PHE L 3 -53.37 1.74 -3.80
CA PHE L 3 -53.89 3.09 -3.72
C PHE L 3 -55.19 3.04 -2.93
N GLY L 4 -55.56 1.84 -2.51
CA GLY L 4 -56.57 1.68 -1.48
C GLY L 4 -58.02 1.80 -1.92
N ALA L 5 -58.25 1.99 -3.21
CA ALA L 5 -59.61 2.23 -3.67
C ALA L 5 -60.28 0.95 -4.19
N ILE L 6 -59.76 0.41 -5.28
CA ILE L 6 -60.32 -0.81 -5.84
C ILE L 6 -60.07 -1.97 -4.87
N ALA L 7 -61.13 -2.68 -4.51
CA ALA L 7 -61.11 -3.75 -3.50
C ALA L 7 -60.64 -3.16 -2.18
N GLY L 8 -60.84 -1.86 -2.03
CA GLY L 8 -60.34 -1.07 -0.92
C GLY L 8 -61.54 -0.43 -0.29
N PHE L 9 -61.50 0.89 -0.12
CA PHE L 9 -62.63 1.58 0.48
C PHE L 9 -63.81 1.59 -0.48
N ILE L 10 -63.57 1.28 -1.74
CA ILE L 10 -64.66 1.02 -2.67
C ILE L 10 -64.65 -0.48 -2.99
N GLU L 11 -65.54 -1.21 -2.34
CA GLU L 11 -65.38 -2.66 -2.22
C GLU L 11 -65.50 -3.42 -3.55
N GLY L 12 -66.38 -2.95 -4.41
CA GLY L 12 -66.67 -3.64 -5.66
C GLY L 12 -66.97 -2.79 -6.89
N GLY L 13 -67.08 -3.47 -8.03
CA GLY L 13 -67.28 -2.85 -9.32
C GLY L 13 -68.74 -2.80 -9.74
N TRP L 14 -69.00 -2.15 -10.88
CA TRP L 14 -70.36 -1.91 -11.34
C TRP L 14 -70.56 -2.53 -12.71
N THR L 15 -71.31 -3.64 -12.75
CA THR L 15 -71.68 -4.27 -14.02
C THR L 15 -72.64 -3.40 -14.82
N GLY L 16 -73.25 -2.42 -14.17
CA GLY L 16 -74.15 -1.50 -14.85
C GLY L 16 -73.52 -0.35 -15.62
N MET L 17 -72.23 -0.12 -15.41
CA MET L 17 -71.53 0.89 -16.20
C MET L 17 -70.76 0.28 -17.35
N ILE L 18 -71.39 0.19 -18.50
CA ILE L 18 -70.86 -0.63 -19.59
C ILE L 18 -69.96 0.14 -20.56
N ASP L 19 -69.99 1.46 -20.48
CA ASP L 19 -69.32 2.31 -21.48
C ASP L 19 -68.02 2.96 -21.02
N GLY L 20 -67.46 2.50 -19.90
CA GLY L 20 -66.17 3.00 -19.45
C GLY L 20 -65.58 2.25 -18.28
N TRP L 21 -64.30 2.48 -18.02
CA TRP L 21 -63.60 1.85 -16.90
C TRP L 21 -63.92 2.53 -15.58
N TYR L 22 -64.07 3.84 -15.61
CA TYR L 22 -64.35 4.60 -14.40
C TYR L 22 -65.52 5.55 -14.65
N GLY L 23 -66.19 5.93 -13.58
CA GLY L 23 -67.32 6.82 -13.68
C GLY L 23 -68.12 6.92 -12.40
N TYR L 24 -69.40 7.28 -12.55
CA TYR L 24 -70.21 7.80 -11.48
C TYR L 24 -71.56 7.12 -11.45
N HIS L 25 -72.08 6.95 -10.25
CA HIS L 25 -73.47 6.58 -10.04
C HIS L 25 -74.07 7.67 -9.19
N HIS L 26 -75.23 8.16 -9.62
CA HIS L 26 -75.88 9.24 -8.89
C HIS L 26 -77.29 8.84 -8.49
N GLN L 27 -77.76 9.50 -7.43
CA GLN L 27 -79.12 9.39 -6.96
C GLN L 27 -79.61 10.77 -6.55
N ASN L 28 -80.74 11.18 -7.11
CA ASN L 28 -81.34 12.45 -6.71
C ASN L 28 -82.85 12.40 -6.81
N GLU L 29 -83.50 13.52 -6.54
CA GLU L 29 -84.96 13.55 -6.50
C GLU L 29 -85.51 13.11 -7.85
N GLN L 30 -84.80 13.44 -8.92
CA GLN L 30 -85.23 13.12 -10.28
C GLN L 30 -85.00 11.66 -10.67
N GLY L 31 -84.10 10.99 -9.96
CA GLY L 31 -83.79 9.61 -10.31
C GLY L 31 -82.35 9.18 -10.03
N SER L 32 -81.96 8.06 -10.65
CA SER L 32 -80.72 7.37 -10.35
C SER L 32 -80.09 6.87 -11.65
N GLY L 33 -78.76 6.79 -11.71
CA GLY L 33 -78.11 6.21 -12.88
C GLY L 33 -76.58 6.25 -12.96
N TYR L 34 -76.02 5.48 -13.89
CA TYR L 34 -74.57 5.45 -14.13
C TYR L 34 -74.15 6.29 -15.33
N ALA L 35 -72.92 6.83 -15.27
CA ALA L 35 -72.31 7.55 -16.39
C ALA L 35 -70.79 7.41 -16.32
N ALA L 36 -70.16 6.99 -17.40
CA ALA L 36 -68.70 6.89 -17.45
C ALA L 36 -68.00 8.25 -17.45
N ASP L 37 -66.85 8.32 -16.79
CA ASP L 37 -65.96 9.48 -16.90
C ASP L 37 -65.14 9.29 -18.17
N GLN L 38 -65.38 10.13 -19.18
CA GLN L 38 -64.75 9.93 -20.48
C GLN L 38 -63.25 10.19 -20.51
N LYS L 39 -62.82 11.23 -19.80
CA LYS L 39 -61.42 11.66 -19.83
C LYS L 39 -60.45 10.66 -19.21
N SER L 40 -60.74 10.25 -17.98
N SER L 40 -60.76 10.21 -18.01
CA SER L 40 -59.89 9.30 -17.27
CA SER L 40 -59.88 9.29 -17.30
C SER L 40 -59.87 7.94 -17.97
C SER L 40 -59.86 7.92 -17.96
N THR L 41 -61.04 7.48 -18.39
CA THR L 41 -61.17 6.21 -19.11
C THR L 41 -60.35 6.22 -20.40
N GLN L 42 -60.45 7.31 -21.16
CA GLN L 42 -59.76 7.35 -22.44
C GLN L 42 -58.26 7.48 -22.23
N ASN L 43 -57.86 8.25 -21.23
CA ASN L 43 -56.45 8.35 -20.87
C ASN L 43 -55.85 7.02 -20.46
N ALA L 44 -56.62 6.25 -19.68
CA ALA L 44 -56.16 4.96 -19.22
C ALA L 44 -56.07 3.99 -20.40
N ILE L 45 -57.02 4.09 -21.32
CA ILE L 45 -57.03 3.21 -22.48
C ILE L 45 -55.79 3.51 -23.31
N ASP L 46 -55.49 4.79 -23.47
CA ASP L 46 -54.36 5.19 -24.30
C ASP L 46 -53.05 4.73 -23.66
N GLY L 47 -52.93 4.96 -22.34
CA GLY L 47 -51.77 4.51 -21.59
C GLY L 47 -51.53 3.02 -21.69
N ILE L 48 -52.58 2.22 -21.47
CA ILE L 48 -52.44 0.77 -21.44
C ILE L 48 -52.17 0.25 -22.84
N THR L 49 -52.71 0.94 -23.84
CA THR L 49 -52.50 0.50 -25.21
C THR L 49 -51.05 0.76 -25.54
N ASN L 50 -50.52 1.87 -25.05
CA ASN L 50 -49.14 2.17 -25.34
C ASN L 50 -48.27 1.17 -24.61
N LYS L 51 -48.70 0.73 -23.41
CA LYS L 51 -47.91 -0.24 -22.66
C LYS L 51 -47.81 -1.58 -23.38
N VAL L 52 -48.96 -2.07 -23.84
CA VAL L 52 -49.00 -3.36 -24.51
C VAL L 52 -48.22 -3.28 -25.82
N ASN L 53 -48.49 -2.22 -26.58
CA ASN L 53 -47.79 -2.03 -27.84
C ASN L 53 -46.29 -1.91 -27.61
N SER L 54 -45.88 -1.29 -26.51
CA SER L 54 -44.47 -1.09 -26.24
C SER L 54 -43.81 -2.41 -25.83
N VAL L 55 -44.55 -3.25 -25.10
CA VAL L 55 -44.04 -4.57 -24.76
C VAL L 55 -43.82 -5.38 -26.03
N ILE L 56 -44.81 -5.36 -26.93
CA ILE L 56 -44.73 -6.16 -28.15
C ILE L 56 -43.64 -5.61 -29.10
N GLU L 57 -43.53 -4.28 -29.14
CA GLU L 57 -42.64 -3.52 -30.02
C GLU L 57 -41.15 -3.81 -29.79
N LYS L 58 -40.82 -4.17 -28.56
CA LYS L 58 -39.44 -4.44 -28.15
C LYS L 58 -39.00 -5.83 -28.56
N MET L 59 -39.89 -6.57 -29.18
CA MET L 59 -39.59 -7.92 -29.64
C MET L 59 -39.46 -7.92 -31.14
N ASN L 60 -38.25 -7.58 -31.59
CA ASN L 60 -37.89 -7.67 -32.99
C ASN L 60 -38.17 -9.12 -33.34
N THR L 61 -38.73 -9.37 -34.52
CA THR L 61 -39.16 -10.72 -34.86
C THR L 61 -38.02 -11.73 -34.99
N GLN L 62 -38.39 -13.00 -34.87
CA GLN L 62 -37.48 -14.11 -35.02
C GLN L 62 -37.49 -14.46 -36.48
N PHE L 63 -36.33 -14.35 -37.11
CA PHE L 63 -36.21 -14.76 -38.50
C PHE L 63 -35.89 -16.24 -38.54
N THR L 64 -35.67 -16.77 -39.73
CA THR L 64 -35.41 -18.21 -39.89
C THR L 64 -34.32 -18.72 -38.94
N ALA L 65 -34.65 -19.77 -38.20
CA ALA L 65 -33.71 -20.37 -37.27
C ALA L 65 -33.90 -21.88 -37.36
N VAL L 66 -32.91 -22.55 -37.94
CA VAL L 66 -33.00 -24.00 -38.13
C VAL L 66 -31.83 -24.73 -37.47
N GLY L 67 -32.03 -26.01 -37.21
CA GLY L 67 -31.04 -26.79 -36.47
C GLY L 67 -29.81 -27.02 -37.33
N LYS L 68 -28.66 -27.04 -36.67
CA LYS L 68 -27.41 -27.45 -37.27
C LYS L 68 -27.25 -28.95 -37.05
N GLU L 69 -26.61 -29.63 -37.99
CA GLU L 69 -26.39 -31.06 -37.82
C GLU L 69 -24.91 -31.38 -37.61
N PHE L 70 -24.67 -32.47 -36.91
CA PHE L 70 -23.31 -32.87 -36.54
C PHE L 70 -23.06 -34.36 -36.68
N ASN L 71 -21.85 -34.70 -37.10
CA ASN L 71 -21.41 -36.08 -37.20
C ASN L 71 -20.99 -36.67 -35.84
N ASN L 72 -20.63 -37.94 -35.81
N ASN L 72 -20.60 -37.94 -35.83
CA ASN L 72 -20.39 -38.60 -34.53
CA ASN L 72 -20.37 -38.67 -34.58
C ASN L 72 -19.18 -38.07 -33.79
C ASN L 72 -19.08 -38.26 -33.86
N LEU L 73 -18.26 -37.46 -34.53
CA LEU L 73 -17.04 -36.91 -33.94
C LEU L 73 -17.18 -35.41 -33.67
N GLU L 74 -18.40 -34.92 -33.66
CA GLU L 74 -18.67 -33.51 -33.38
C GLU L 74 -19.55 -33.27 -32.17
N ARG L 75 -19.57 -34.20 -31.23
CA ARG L 75 -20.38 -34.07 -30.03
C ARG L 75 -20.11 -32.82 -29.19
N ARG L 76 -18.86 -32.37 -29.13
CA ARG L 76 -18.55 -31.21 -28.29
C ARG L 76 -19.19 -29.93 -28.84
N ILE L 77 -19.07 -29.71 -30.14
N ILE L 77 -19.11 -29.71 -30.15
CA ILE L 77 -19.65 -28.53 -30.78
CA ILE L 77 -19.67 -28.51 -30.74
C ILE L 77 -21.17 -28.61 -30.79
C ILE L 77 -21.19 -28.60 -30.80
N GLU L 78 -21.70 -29.82 -30.97
CA GLU L 78 -23.13 -30.07 -30.92
C GLU L 78 -23.66 -29.67 -29.55
N ASN L 79 -22.89 -30.02 -28.52
CA ASN L 79 -23.26 -29.71 -27.15
C ASN L 79 -23.12 -28.22 -26.88
N LEU L 80 -22.16 -27.57 -27.52
CA LEU L 80 -22.04 -26.12 -27.43
C LEU L 80 -23.28 -25.44 -28.01
N ASN L 81 -23.74 -25.97 -29.14
CA ASN L 81 -24.93 -25.46 -29.82
C ASN L 81 -26.15 -25.64 -28.91
N LYS L 82 -26.20 -26.79 -28.25
CA LYS L 82 -27.30 -27.06 -27.35
C LYS L 82 -27.27 -26.14 -26.13
N LYS L 83 -26.06 -25.85 -25.64
CA LYS L 83 -25.89 -24.94 -24.52
C LYS L 83 -26.38 -23.54 -24.88
N VAL L 84 -26.06 -23.11 -26.10
CA VAL L 84 -26.47 -21.79 -26.55
C VAL L 84 -27.99 -21.72 -26.68
N ASP L 85 -28.57 -22.71 -27.34
CA ASP L 85 -30.00 -22.67 -27.60
C ASP L 85 -30.80 -22.76 -26.30
N ASP L 86 -30.39 -23.68 -25.42
CA ASP L 86 -31.01 -23.80 -24.10
C ASP L 86 -30.84 -22.55 -23.23
N GLY L 87 -29.67 -21.92 -23.29
CA GLY L 87 -29.39 -20.76 -22.48
C GLY L 87 -30.24 -19.56 -22.89
N PHE L 88 -30.31 -19.36 -24.21
CA PHE L 88 -31.13 -18.29 -24.75
C PHE L 88 -32.61 -18.54 -24.48
N LEU L 89 -33.02 -19.79 -24.61
CA LEU L 89 -34.41 -20.13 -24.31
C LEU L 89 -34.73 -19.89 -22.82
N ASP L 90 -33.77 -20.17 -21.94
CA ASP L 90 -33.95 -19.93 -20.51
C ASP L 90 -34.12 -18.45 -20.25
N ILE L 91 -33.29 -17.64 -20.92
CA ILE L 91 -33.35 -16.20 -20.72
C ILE L 91 -34.63 -15.58 -21.22
N TRP L 92 -35.06 -15.96 -22.42
CA TRP L 92 -36.27 -15.36 -22.95
C TRP L 92 -37.52 -15.84 -22.24
N THR L 93 -37.54 -17.11 -21.82
CA THR L 93 -38.67 -17.59 -21.04
C THR L 93 -38.76 -16.86 -19.70
N TYR L 94 -37.63 -16.76 -19.01
CA TYR L 94 -37.58 -16.00 -17.76
C TYR L 94 -38.05 -14.56 -17.89
N ASN L 95 -37.54 -13.87 -18.92
CA ASN L 95 -37.85 -12.47 -19.07
C ASN L 95 -39.32 -12.31 -19.39
N ALA L 96 -39.85 -13.17 -20.25
CA ALA L 96 -41.25 -12.99 -20.62
C ALA L 96 -42.18 -13.25 -19.43
N GLU L 97 -41.94 -14.34 -18.70
CA GLU L 97 -42.83 -14.65 -17.59
C GLU L 97 -42.76 -13.59 -16.49
N LEU L 98 -41.53 -13.19 -16.16
CA LEU L 98 -41.35 -12.29 -15.02
C LEU L 98 -41.89 -10.90 -15.41
N LEU L 99 -41.63 -10.49 -16.66
CA LEU L 99 -42.05 -9.19 -17.15
C LEU L 99 -43.56 -9.12 -17.12
N VAL L 100 -44.21 -10.19 -17.52
CA VAL L 100 -45.67 -10.21 -17.47
C VAL L 100 -46.17 -10.13 -16.03
N LEU L 101 -45.50 -10.80 -15.10
CA LEU L 101 -45.92 -10.69 -13.69
C LEU L 101 -45.87 -9.25 -13.16
N LEU L 102 -44.72 -8.63 -13.41
CA LEU L 102 -44.44 -7.33 -12.82
C LEU L 102 -45.35 -6.29 -13.48
N GLU L 103 -45.52 -6.42 -14.79
CA GLU L 103 -46.32 -5.45 -15.52
C GLU L 103 -47.81 -5.61 -15.21
N ASN L 104 -48.26 -6.83 -14.96
CA ASN L 104 -49.65 -7.02 -14.55
C ASN L 104 -49.90 -6.31 -13.23
N GLU L 105 -48.98 -6.50 -12.29
CA GLU L 105 -49.12 -5.79 -11.01
C GLU L 105 -49.19 -4.27 -11.27
N ARG L 106 -48.25 -3.76 -12.08
CA ARG L 106 -48.20 -2.32 -12.37
C ARG L 106 -49.49 -1.80 -12.99
N THR L 107 -50.10 -2.60 -13.86
CA THR L 107 -51.30 -2.20 -14.56
C THR L 107 -52.46 -2.10 -13.57
N LEU L 108 -52.64 -3.15 -12.77
CA LEU L 108 -53.67 -3.10 -11.73
C LEU L 108 -53.48 -1.87 -10.81
N ASP L 109 -52.23 -1.57 -10.48
CA ASP L 109 -51.98 -0.45 -9.58
C ASP L 109 -52.31 0.87 -10.27
N PHE L 110 -52.08 0.91 -11.59
CA PHE L 110 -52.37 2.09 -12.39
C PHE L 110 -53.87 2.36 -12.38
N HIS L 111 -54.67 1.30 -12.58
CA HIS L 111 -56.13 1.47 -12.46
C HIS L 111 -56.58 1.93 -11.07
N ASP L 112 -56.02 1.32 -10.03
CA ASP L 112 -56.39 1.68 -8.65
C ASP L 112 -56.10 3.17 -8.42
N SER L 113 -54.95 3.60 -8.92
CA SER L 113 -54.52 4.99 -8.84
C SER L 113 -55.51 5.90 -9.56
N ASN L 114 -55.95 5.50 -10.75
CA ASN L 114 -56.86 6.35 -11.51
C ASN L 114 -58.21 6.51 -10.79
N VAL L 115 -58.67 5.43 -10.17
CA VAL L 115 -59.90 5.51 -9.38
C VAL L 115 -59.75 6.42 -8.17
N ARG L 116 -58.64 6.28 -7.45
CA ARG L 116 -58.44 7.12 -6.27
C ARG L 116 -58.36 8.59 -6.65
N ASN L 117 -57.72 8.87 -7.79
CA ASN L 117 -57.51 10.24 -8.19
C ASN L 117 -58.80 10.86 -8.69
N LEU L 118 -59.63 10.06 -9.36
CA LEU L 118 -60.94 10.56 -9.78
C LEU L 118 -61.81 10.89 -8.56
N TYR L 119 -61.75 10.00 -7.56
CA TYR L 119 -62.51 10.19 -6.33
C TYR L 119 -62.11 11.46 -5.57
N GLU L 120 -60.81 11.65 -5.42
CA GLU L 120 -60.32 12.79 -4.66
C GLU L 120 -60.53 14.08 -5.47
N LYS L 121 -60.53 13.96 -6.80
CA LYS L 121 -60.80 15.09 -7.69
C LYS L 121 -62.24 15.60 -7.45
N VAL L 122 -63.20 14.67 -7.50
CA VAL L 122 -64.59 15.02 -7.23
C VAL L 122 -64.69 15.61 -5.83
N LYS L 123 -63.97 14.98 -4.90
CA LYS L 123 -64.00 15.36 -3.49
C LYS L 123 -63.57 16.81 -3.33
N SER L 124 -62.53 17.21 -4.06
CA SER L 124 -62.00 18.54 -3.89
C SER L 124 -62.92 19.53 -4.58
N GLN L 125 -63.64 19.09 -5.62
CA GLN L 125 -64.69 19.99 -6.12
C GLN L 125 -65.80 20.23 -5.10
N LEU L 126 -66.28 19.17 -4.44
CA LEU L 126 -67.47 19.30 -3.58
C LEU L 126 -67.20 19.91 -2.21
N LYS L 127 -66.01 19.63 -1.67
CA LYS L 127 -65.63 20.07 -0.32
C LYS L 127 -66.69 19.75 0.73
N ASN L 128 -67.05 20.75 1.53
CA ASN L 128 -68.00 20.51 2.62
C ASN L 128 -69.46 20.74 2.25
N ASN L 129 -69.75 20.87 0.97
CA ASN L 129 -71.15 20.87 0.53
C ASN L 129 -71.69 19.46 0.44
N ALA L 130 -70.82 18.49 0.67
CA ALA L 130 -71.22 17.09 0.74
C ALA L 130 -70.38 16.39 1.80
N LYS L 131 -70.90 15.28 2.32
CA LYS L 131 -70.18 14.42 3.24
C LYS L 131 -69.73 13.11 2.58
N GLU L 132 -68.50 12.71 2.84
CA GLU L 132 -67.97 11.44 2.35
C GLU L 132 -68.62 10.33 3.14
N ILE L 133 -69.27 9.40 2.45
CA ILE L 133 -69.72 8.18 3.09
C ILE L 133 -68.56 7.26 3.44
N GLY L 134 -67.74 6.93 2.44
CA GLY L 134 -66.55 6.13 2.67
C GLY L 134 -66.42 4.96 1.70
N ASN L 135 -67.50 4.70 0.97
CA ASN L 135 -67.61 3.57 0.07
C ASN L 135 -67.54 4.09 -1.37
N GLY L 136 -66.92 5.25 -1.54
CA GLY L 136 -66.79 5.87 -2.84
C GLY L 136 -67.91 6.85 -3.14
N CYS L 137 -68.81 7.01 -2.18
CA CYS L 137 -70.03 7.81 -2.33
C CYS L 137 -69.93 9.16 -1.60
N PHE L 138 -70.63 10.16 -2.12
CA PHE L 138 -70.76 11.45 -1.45
C PHE L 138 -72.23 11.78 -1.30
N GLU L 139 -72.64 12.22 -0.12
CA GLU L 139 -74.01 12.66 0.09
C GLU L 139 -74.05 14.18 0.17
N PHE L 140 -74.82 14.79 -0.72
CA PHE L 140 -74.92 16.25 -0.76
C PHE L 140 -75.72 16.77 0.44
N TYR L 141 -75.30 17.91 0.97
CA TYR L 141 -76.05 18.63 2.00
C TYR L 141 -77.04 19.61 1.35
N HIS L 142 -77.16 19.55 0.04
CA HIS L 142 -78.09 20.38 -0.70
C HIS L 142 -78.75 19.56 -1.80
N LYS L 143 -79.87 20.03 -2.33
CA LYS L 143 -80.49 19.35 -3.46
C LYS L 143 -79.64 19.50 -4.71
N CYS L 144 -79.46 18.40 -5.44
CA CYS L 144 -78.57 18.39 -6.61
C CYS L 144 -79.24 17.69 -7.79
N ASP L 145 -79.82 18.49 -8.69
CA ASP L 145 -80.51 17.94 -9.84
C ASP L 145 -79.56 17.55 -10.97
N ASP L 146 -80.12 17.24 -12.13
CA ASP L 146 -79.38 16.61 -13.21
C ASP L 146 -78.28 17.52 -13.72
N ALA L 147 -78.59 18.81 -13.83
CA ALA L 147 -77.61 19.78 -14.29
C ALA L 147 -76.45 19.90 -13.31
N CYS L 148 -76.77 19.96 -12.02
CA CYS L 148 -75.78 20.00 -10.96
C CYS L 148 -74.86 18.76 -11.00
N MET L 149 -75.49 17.59 -11.13
CA MET L 149 -74.75 16.34 -11.24
C MET L 149 -73.79 16.41 -12.44
N GLU L 150 -74.33 16.93 -13.55
CA GLU L 150 -73.53 17.00 -14.78
C GLU L 150 -72.36 17.96 -14.56
N SER L 151 -72.58 18.99 -13.75
CA SER L 151 -71.52 19.92 -13.35
C SER L 151 -70.43 19.24 -12.54
N VAL L 152 -70.85 18.33 -11.66
CA VAL L 152 -69.86 17.54 -10.95
C VAL L 152 -69.06 16.65 -11.91
N ARG L 153 -69.74 15.97 -12.84
CA ARG L 153 -69.04 15.06 -13.75
C ARG L 153 -68.07 15.72 -14.77
N ASN L 154 -68.42 16.91 -15.23
CA ASN L 154 -67.58 17.61 -16.17
C ASN L 154 -66.70 18.67 -15.56
N GLY L 155 -66.68 18.71 -14.24
CA GLY L 155 -65.77 19.49 -13.43
C GLY L 155 -66.08 20.94 -13.29
N THR L 156 -67.35 21.31 -13.39
CA THR L 156 -67.74 22.71 -13.25
C THR L 156 -68.65 22.99 -12.03
N TYR L 157 -68.68 22.10 -11.06
CA TYR L 157 -69.50 22.29 -9.87
C TYR L 157 -69.13 23.61 -9.17
N ASP L 158 -70.18 24.33 -8.76
CA ASP L 158 -70.06 25.65 -8.17
C ASP L 158 -70.26 25.63 -6.65
N TYR L 159 -69.16 25.52 -5.91
CA TYR L 159 -69.24 25.42 -4.45
C TYR L 159 -69.94 26.59 -3.75
N PRO L 160 -69.62 27.84 -4.13
CA PRO L 160 -70.26 28.97 -3.44
C PRO L 160 -71.77 29.02 -3.64
N LYS L 161 -72.24 28.64 -4.82
CA LYS L 161 -73.66 28.66 -5.12
C LYS L 161 -74.49 27.85 -4.12
N TYR L 162 -73.97 26.68 -3.74
CA TYR L 162 -74.70 25.77 -2.86
C TYR L 162 -74.18 25.82 -1.42
N SER L 163 -73.15 26.61 -1.20
CA SER L 163 -72.53 26.73 0.13
C SER L 163 -73.44 27.14 1.29
N GLU L 164 -74.31 28.12 1.09
CA GLU L 164 -75.12 28.61 2.20
C GLU L 164 -76.17 27.58 2.63
N GLU L 165 -76.84 27.04 1.63
CA GLU L 165 -77.83 25.99 1.80
C GLU L 165 -77.20 24.79 2.49
N SER L 166 -75.99 24.49 2.02
CA SER L 166 -75.24 23.38 2.55
C SER L 166 -74.95 23.65 4.00
N LYS L 167 -74.59 24.89 4.32
CA LYS L 167 -74.19 25.20 5.69
C LYS L 167 -75.40 25.05 6.61
N LEU L 168 -76.59 25.46 6.14
CA LEU L 168 -77.78 25.27 6.97
C LEU L 168 -78.10 23.83 7.25
N ASN L 169 -78.06 23.03 6.19
CA ASN L 169 -78.38 21.63 6.38
C ASN L 169 -77.31 20.81 7.10
N ARG L 170 -76.06 21.25 7.04
CA ARG L 170 -74.98 20.49 7.62
C ARG L 170 -75.02 20.59 9.14
N GLU L 171 -75.47 21.74 9.63
CA GLU L 171 -75.57 21.98 11.06
C GLU L 171 -77.00 21.78 11.57
N VAL M 2 -20.01 32.45 30.39
CA VAL M 2 -20.31 31.05 30.64
C VAL M 2 -21.83 31.08 30.71
N GLN M 3 -22.49 30.14 30.03
CA GLN M 3 -23.94 30.15 30.00
C GLN M 3 -24.59 28.84 29.61
N LEU M 4 -25.69 28.55 30.29
CA LEU M 4 -26.60 27.50 29.88
C LEU M 4 -27.95 28.16 29.63
N VAL M 5 -28.60 27.79 28.53
CA VAL M 5 -29.90 28.35 28.23
C VAL M 5 -30.85 27.23 27.82
N GLN M 6 -31.89 27.02 28.62
CA GLN M 6 -32.88 26.01 28.32
C GLN M 6 -33.97 26.55 27.42
N SER M 7 -34.52 25.65 26.60
CA SER M 7 -35.62 25.96 25.71
C SER M 7 -36.47 24.71 25.52
N GLY M 8 -37.65 24.89 24.94
CA GLY M 8 -38.51 23.77 24.61
C GLY M 8 -39.68 23.65 25.57
N GLY M 9 -39.72 24.54 26.56
CA GLY M 9 -40.75 24.46 27.58
C GLY M 9 -42.06 24.91 27.00
N GLY M 10 -43.16 24.61 27.68
CA GLY M 10 -44.46 25.04 27.21
C GLY M 10 -45.57 24.24 27.87
N VAL M 11 -46.77 24.40 27.33
CA VAL M 11 -47.93 23.69 27.84
C VAL M 11 -48.12 22.40 27.01
N VAL M 12 -48.49 21.30 27.68
CA VAL M 12 -48.68 20.00 27.03
C VAL M 12 -49.72 19.24 27.84
N GLN M 13 -50.40 18.30 27.20
CA GLN M 13 -51.46 17.58 27.88
C GLN M 13 -50.89 16.33 28.56
N PRO M 14 -51.47 15.91 29.69
CA PRO M 14 -51.04 14.70 30.38
C PRO M 14 -51.05 13.47 29.50
N ARG M 15 -50.16 12.50 29.77
CA ARG M 15 -50.07 11.25 29.01
C ARG M 15 -49.35 11.44 27.65
N ARG M 16 -49.17 12.71 27.26
CA ARG M 16 -48.50 13.14 26.03
C ARG M 16 -46.96 13.18 26.21
N SER M 17 -46.18 13.51 25.18
CA SER M 17 -44.72 13.60 25.32
C SER M 17 -44.20 14.99 24.93
N LEU M 18 -43.03 15.39 25.46
CA LEU M 18 -42.35 16.63 25.08
C LEU M 18 -40.82 16.52 25.20
N ARG M 19 -40.09 17.26 24.36
N ARG M 19 -40.07 17.17 24.30
CA ARG M 19 -38.63 17.23 24.38
CA ARG M 19 -38.61 17.17 24.42
C ARG M 19 -38.02 18.59 24.70
C ARG M 19 -38.09 18.58 24.75
N LEU M 20 -37.24 18.67 25.76
CA LEU M 20 -36.56 19.91 26.14
C LEU M 20 -35.10 19.92 25.68
N SER M 21 -34.56 21.11 25.40
CA SER M 21 -33.17 21.24 25.00
C SER M 21 -32.42 22.30 25.80
N CYS M 22 -31.10 22.15 25.92
CA CYS M 22 -30.30 23.12 26.67
C CYS M 22 -28.98 23.44 25.95
N ALA M 23 -28.82 24.70 25.54
CA ALA M 23 -27.64 25.12 24.78
C ALA M 23 -26.58 25.69 25.72
N ALA M 24 -25.36 25.19 25.61
CA ALA M 24 -24.23 25.59 26.45
C ALA M 24 -23.19 26.41 25.70
N SER M 25 -22.63 27.41 26.37
CA SER M 25 -21.52 28.20 25.82
C SER M 25 -20.53 28.63 26.92
N GLY M 26 -19.28 28.86 26.56
CA GLY M 26 -18.34 29.45 27.49
C GLY M 26 -17.53 28.53 28.39
N PHE M 27 -17.72 27.23 28.26
CA PHE M 27 -16.92 26.27 29.00
C PHE M 27 -16.80 25.01 28.15
N THR M 28 -15.91 24.10 28.50
CA THR M 28 -15.77 22.93 27.65
C THR M 28 -16.85 21.93 27.99
N PHE M 29 -17.97 22.05 27.28
CA PHE M 29 -19.16 21.24 27.48
C PHE M 29 -18.81 19.75 27.48
N SER M 30 -18.01 19.36 26.49
CA SER M 30 -17.68 17.96 26.29
C SER M 30 -16.81 17.37 27.40
N SER M 31 -16.33 18.21 28.30
CA SER M 31 -15.51 17.73 29.40
C SER M 31 -16.29 17.49 30.68
N TYR M 32 -17.58 17.82 30.68
CA TYR M 32 -18.39 17.78 31.90
C TYR M 32 -19.65 16.95 31.78
N ALA M 33 -19.94 16.25 32.87
CA ALA M 33 -21.24 15.65 33.07
C ALA M 33 -22.27 16.77 33.17
N MET M 34 -23.53 16.46 32.93
CA MET M 34 -24.59 17.45 32.97
C MET M 34 -25.80 16.94 33.74
N HIS M 35 -26.47 17.82 34.48
CA HIS M 35 -27.63 17.41 35.24
C HIS M 35 -28.90 18.08 34.75
N TRP M 36 -30.01 17.38 34.91
CA TRP M 36 -31.30 18.00 34.88
C TRP M 36 -31.82 18.00 36.32
N VAL M 37 -32.38 19.13 36.73
CA VAL M 37 -32.99 19.31 38.04
C VAL M 37 -34.28 20.07 37.82
N ARG M 38 -35.34 19.71 38.53
CA ARG M 38 -36.61 20.39 38.38
C ARG M 38 -37.15 20.95 39.68
N GLN M 39 -38.09 21.88 39.55
CA GLN M 39 -38.69 22.55 40.69
C GLN M 39 -40.15 22.85 40.42
N ALA M 40 -41.04 22.27 41.23
CA ALA M 40 -42.47 22.54 41.09
C ALA M 40 -42.70 23.93 41.67
N PRO M 41 -43.65 24.69 41.09
CA PRO M 41 -43.92 26.04 41.59
C PRO M 41 -44.12 26.09 43.10
N GLY M 42 -43.35 26.94 43.78
CA GLY M 42 -43.49 27.08 45.22
C GLY M 42 -42.92 25.92 46.00
N LYS M 43 -42.25 25.00 45.31
CA LYS M 43 -41.74 23.81 45.96
C LYS M 43 -40.22 23.75 45.90
N GLY M 44 -39.67 22.64 46.39
CA GLY M 44 -38.23 22.49 46.47
C GLY M 44 -37.61 21.94 45.20
N LEU M 45 -36.28 21.85 45.23
CA LEU M 45 -35.54 21.28 44.12
C LEU M 45 -35.66 19.76 44.16
N GLU M 46 -35.80 19.18 42.96
CA GLU M 46 -35.86 17.74 42.77
C GLU M 46 -34.90 17.41 41.66
N TRP M 47 -33.92 16.56 41.97
CA TRP M 47 -32.95 16.14 40.99
C TRP M 47 -33.66 15.23 40.00
N VAL M 48 -33.29 15.35 38.73
CA VAL M 48 -33.93 14.59 37.66
C VAL M 48 -32.98 13.55 37.10
N ALA M 49 -31.80 13.99 36.68
CA ALA M 49 -30.86 13.06 36.05
C ALA M 49 -29.47 13.63 35.85
N VAL M 50 -28.50 12.75 35.62
CA VAL M 50 -27.16 13.16 35.20
C VAL M 50 -26.71 12.31 34.03
N ILE M 51 -25.97 12.91 33.10
CA ILE M 51 -25.36 12.19 31.99
C ILE M 51 -23.88 12.53 31.89
N SER M 52 -23.03 11.52 31.68
CA SER M 52 -21.59 11.75 31.62
C SER M 52 -21.17 12.51 30.36
N TYR M 53 -19.94 13.03 30.40
CA TYR M 53 -19.34 13.83 29.33
C TYR M 53 -19.53 13.22 27.93
N ASP M 54 -19.26 11.92 27.88
CA ASP M 54 -19.30 11.12 26.66
C ASP M 54 -20.60 10.36 26.42
N GLY M 55 -21.62 10.61 27.24
CA GLY M 55 -22.88 9.94 27.01
C GLY M 55 -22.92 8.49 27.48
N ARG M 56 -21.83 8.01 28.08
CA ARG M 56 -21.74 6.59 28.41
C ARG M 56 -22.46 6.25 29.70
N ASN M 57 -22.69 7.27 30.53
CA ASN M 57 -23.38 7.05 31.79
C ASN M 57 -24.55 7.98 32.07
N LYS M 58 -25.65 7.40 32.52
CA LYS M 58 -26.87 8.18 32.71
C LYS M 58 -27.48 7.64 33.98
N TYR M 59 -27.96 8.54 34.83
CA TYR M 59 -28.69 8.13 36.01
C TYR M 59 -29.94 8.96 36.14
N TYR M 60 -31.03 8.36 36.61
CA TYR M 60 -32.31 9.06 36.62
C TYR M 60 -32.90 8.98 38.03
N ALA M 61 -33.71 9.97 38.38
CA ALA M 61 -34.55 9.88 39.57
C ALA M 61 -35.61 8.82 39.33
N ASP M 62 -36.01 8.12 40.39
CA ASP M 62 -37.03 7.08 40.26
C ASP M 62 -38.34 7.64 39.72
N SER M 63 -38.63 8.89 40.06
CA SER M 63 -39.89 9.51 39.67
C SER M 63 -40.02 9.64 38.15
N VAL M 64 -38.90 9.59 37.43
CA VAL M 64 -38.95 9.68 35.98
C VAL M 64 -38.43 8.46 35.23
N LYS M 65 -37.93 7.47 35.95
CA LYS M 65 -37.35 6.29 35.31
C LYS M 65 -38.38 5.68 34.37
N GLY M 66 -37.97 5.32 33.16
CA GLY M 66 -38.88 4.67 32.25
C GLY M 66 -39.73 5.66 31.47
N ARG M 67 -39.70 6.93 31.89
CA ARG M 67 -40.43 7.97 31.18
C ARG M 67 -39.48 8.99 30.54
N PHE M 68 -38.43 9.37 31.25
CA PHE M 68 -37.51 10.36 30.69
C PHE M 68 -36.21 9.71 30.26
N THR M 69 -35.59 10.32 29.26
CA THR M 69 -34.31 9.88 28.73
C THR M 69 -33.43 11.10 28.54
N VAL M 70 -32.24 11.08 29.11
CA VAL M 70 -31.33 12.20 28.92
C VAL M 70 -30.33 11.82 27.83
N SER M 71 -29.95 12.81 27.03
CA SER M 71 -28.97 12.63 25.98
C SER M 71 -28.27 13.94 25.69
N ARG M 72 -27.19 13.88 24.91
CA ARG M 72 -26.46 15.08 24.55
C ARG M 72 -25.83 14.96 23.17
N ASP M 73 -25.58 16.11 22.54
CA ASP M 73 -24.86 16.16 21.29
C ASP M 73 -23.68 17.10 21.49
N ASN M 74 -22.49 16.53 21.66
CA ASN M 74 -21.33 17.34 21.98
C ASN M 74 -20.89 18.26 20.84
N SER M 75 -21.18 17.88 19.60
CA SER M 75 -20.81 18.71 18.47
C SER M 75 -21.61 20.01 18.43
N LYS M 76 -22.78 20.01 19.08
CA LYS M 76 -23.61 21.20 19.13
C LYS M 76 -23.59 21.83 20.52
N ASN M 77 -22.82 21.22 21.42
CA ASN M 77 -22.75 21.68 22.81
C ASN M 77 -24.15 21.80 23.40
N THR M 78 -24.98 20.80 23.12
CA THR M 78 -26.36 20.79 23.58
C THR M 78 -26.72 19.54 24.40
N LEU M 79 -27.47 19.76 25.47
CA LEU M 79 -28.02 18.66 26.27
C LEU M 79 -29.53 18.56 26.02
N TYR M 80 -30.04 17.34 26.02
CA TYR M 80 -31.47 17.10 25.79
C TYR M 80 -32.10 16.30 26.91
N LEU M 81 -33.40 16.52 27.10
CA LEU M 81 -34.22 15.68 27.94
C LEU M 81 -35.49 15.28 27.21
N GLN M 82 -35.61 13.99 26.88
CA GLN M 82 -36.83 13.49 26.25
C GLN M 82 -37.81 13.06 27.32
N MET M 83 -38.96 13.73 27.36
CA MET M 83 -39.96 13.46 28.38
C MET M 83 -41.16 12.77 27.77
N ASN M 84 -41.38 11.52 28.16
CA ASN M 84 -42.52 10.77 27.66
C ASN M 84 -43.48 10.47 28.79
N SER M 85 -44.71 10.09 28.43
CA SER M 85 -45.72 9.68 29.40
C SER M 85 -45.87 10.75 30.48
N LEU M 86 -46.01 12.01 30.07
CA LEU M 86 -46.02 13.14 31.00
C LEU M 86 -47.19 13.11 31.96
N ARG M 87 -46.96 13.58 33.18
CA ARG M 87 -47.99 13.66 34.19
C ARG M 87 -48.14 15.11 34.63
N ALA M 88 -49.28 15.43 35.22
CA ALA M 88 -49.54 16.78 35.69
C ALA M 88 -48.46 17.18 36.69
N GLU M 89 -48.05 16.24 37.54
CA GLU M 89 -47.04 16.54 38.57
C GLU M 89 -45.66 16.76 37.98
N ASP M 90 -45.50 16.55 36.67
CA ASP M 90 -44.23 16.88 36.05
C ASP M 90 -44.14 18.38 35.74
N THR M 91 -45.24 19.11 35.95
CA THR M 91 -45.24 20.55 35.73
C THR M 91 -44.23 21.17 36.68
N SER M 92 -43.31 21.96 36.11
CA SER M 92 -42.15 22.41 36.85
C SER M 92 -41.30 23.31 35.98
N VAL M 93 -40.43 24.08 36.62
CA VAL M 93 -39.34 24.66 35.88
C VAL M 93 -38.22 23.63 35.82
N TYR M 94 -37.71 23.37 34.62
CA TYR M 94 -36.64 22.41 34.44
C TYR M 94 -35.33 23.15 34.19
N TYR M 95 -34.33 22.86 35.00
CA TYR M 95 -33.03 23.50 34.88
C TYR M 95 -32.02 22.49 34.38
N CYS M 96 -31.03 22.97 33.63
CA CYS M 96 -29.87 22.15 33.35
C CYS M 96 -28.72 22.77 34.11
N ALA M 97 -27.74 21.95 34.48
CA ALA M 97 -26.64 22.43 35.31
C ALA M 97 -25.38 21.64 35.04
N ARG M 98 -24.25 22.34 35.03
CA ARG M 98 -22.97 21.68 34.82
C ARG M 98 -22.63 20.97 36.11
N GLU M 99 -22.13 19.75 35.97
CA GLU M 99 -21.67 18.96 37.09
C GLU M 99 -20.59 19.73 37.87
N LEU M 100 -20.57 19.49 39.18
CA LEU M 100 -19.65 20.11 40.13
C LEU M 100 -18.21 19.94 39.68
N LEU M 101 -17.81 18.70 39.38
CA LEU M 101 -16.42 18.39 39.09
C LEU M 101 -16.33 17.92 37.66
N MET M 102 -15.29 18.31 36.94
CA MET M 102 -15.09 17.78 35.60
C MET M 102 -14.80 16.28 35.67
N ASP M 103 -13.80 15.87 36.45
CA ASP M 103 -13.43 14.46 36.54
C ASP M 103 -14.27 13.78 37.59
N TYR M 104 -14.58 12.51 37.36
CA TYR M 104 -15.42 11.72 38.23
C TYR M 104 -14.57 11.07 39.30
N TYR M 105 -15.03 11.14 40.53
CA TYR M 105 -14.32 10.43 41.59
C TYR M 105 -15.37 9.59 42.31
N ASP M 106 -15.06 8.31 42.54
CA ASP M 106 -16.09 7.41 43.03
C ASP M 106 -16.38 7.52 44.54
N HIS M 107 -15.61 8.36 45.22
CA HIS M 107 -15.88 8.67 46.62
C HIS M 107 -16.59 10.02 46.78
N ILE M 108 -16.81 10.69 45.65
CA ILE M 108 -17.42 12.02 45.61
C ILE M 108 -18.77 11.97 44.90
N GLY M 109 -18.80 11.25 43.79
CA GLY M 109 -19.97 11.09 42.96
C GLY M 109 -20.37 12.31 42.13
N TYR M 110 -21.66 12.41 41.83
CA TYR M 110 -22.19 13.54 41.09
C TYR M 110 -23.05 14.51 41.90
N SER M 111 -23.01 15.77 41.48
CA SER M 111 -23.82 16.81 42.10
C SER M 111 -23.76 18.04 41.20
N PRO M 112 -24.82 18.85 41.22
CA PRO M 112 -24.89 20.10 40.46
C PRO M 112 -23.85 21.12 40.87
N GLY M 113 -23.22 21.77 39.90
CA GLY M 113 -22.16 22.72 40.20
C GLY M 113 -22.67 24.15 40.21
N PRO M 114 -21.78 25.10 39.86
CA PRO M 114 -22.06 26.54 39.96
C PRO M 114 -22.88 27.08 38.79
N THR M 115 -22.98 26.32 37.70
CA THR M 115 -23.62 26.87 36.51
C THR M 115 -24.97 26.25 36.23
N TRP M 116 -25.99 27.11 36.29
CA TRP M 116 -27.37 26.71 36.06
C TRP M 116 -27.91 27.66 35.01
N GLY M 117 -28.85 27.16 34.20
CA GLY M 117 -29.54 28.04 33.28
C GLY M 117 -30.63 28.78 34.01
N GLN M 118 -31.40 29.58 33.28
CA GLN M 118 -32.41 30.44 33.89
C GLN M 118 -33.66 29.60 34.12
N GLY M 119 -33.68 28.43 33.48
CA GLY M 119 -34.81 27.54 33.65
C GLY M 119 -35.82 27.69 32.54
N THR M 120 -36.52 26.60 32.25
CA THR M 120 -37.62 26.65 31.29
C THR M 120 -38.84 25.95 31.88
N LEU M 121 -39.98 26.61 31.72
CA LEU M 121 -41.22 26.16 32.35
C LEU M 121 -41.93 25.11 31.50
N VAL M 122 -42.31 24.02 32.14
CA VAL M 122 -43.09 22.98 31.49
C VAL M 122 -44.39 22.86 32.26
N THR M 123 -45.50 23.04 31.55
CA THR M 123 -46.80 22.96 32.19
C THR M 123 -47.61 21.80 31.63
N VAL M 124 -47.98 20.88 32.50
CA VAL M 124 -48.76 19.74 32.05
C VAL M 124 -50.18 19.80 32.57
N SER M 125 -51.12 20.09 31.67
CA SER M 125 -52.51 20.25 32.03
C SER M 125 -53.34 19.77 30.86
N SER M 126 -54.58 19.37 31.12
CA SER M 126 -55.48 19.06 30.02
C SER M 126 -56.30 20.28 29.66
N ALA M 127 -56.17 21.32 30.46
CA ALA M 127 -56.96 22.53 30.28
C ALA M 127 -56.63 23.18 28.95
N SER M 128 -57.62 23.83 28.35
CA SER M 128 -57.39 24.57 27.12
C SER M 128 -57.74 26.02 27.31
N THR M 129 -57.21 26.87 26.42
CA THR M 129 -57.39 28.32 26.49
C THR M 129 -58.83 28.74 26.74
N LYS M 130 -59.01 29.61 27.74
CA LYS M 130 -60.31 30.12 28.13
C LYS M 130 -60.18 31.51 28.73
N GLY M 131 -61.00 32.45 28.24
CA GLY M 131 -60.95 33.81 28.78
C GLY M 131 -61.69 33.90 30.10
N PRO M 132 -61.38 34.92 30.90
CA PRO M 132 -61.95 35.02 32.26
C PRO M 132 -63.35 35.59 32.29
N SER M 133 -64.12 35.21 33.31
CA SER M 133 -65.31 35.95 33.72
C SER M 133 -64.91 37.02 34.73
N VAL M 134 -65.53 38.19 34.65
CA VAL M 134 -65.18 39.26 35.59
C VAL M 134 -66.40 39.70 36.38
N PHE M 135 -66.27 39.65 37.70
CA PHE M 135 -67.35 40.06 38.57
C PHE M 135 -66.88 41.19 39.47
N PRO M 136 -67.77 42.14 39.77
CA PRO M 136 -67.38 43.23 40.63
C PRO M 136 -67.40 42.81 42.09
N LEU M 137 -66.44 43.30 42.87
CA LEU M 137 -66.49 43.11 44.31
C LEU M 137 -66.87 44.48 44.82
N ALA M 138 -68.15 44.64 45.12
CA ALA M 138 -68.68 45.97 45.37
C ALA M 138 -68.23 46.54 46.71
N PRO M 139 -68.00 47.85 46.73
CA PRO M 139 -67.78 48.52 48.01
C PRO M 139 -69.11 48.53 48.74
N SER M 140 -69.08 48.32 50.05
CA SER M 140 -70.29 48.37 50.84
C SER M 140 -69.95 48.86 52.24
N SER M 141 -70.93 48.81 53.13
CA SER M 141 -70.67 49.18 54.52
C SER M 141 -69.75 48.13 55.12
N LYS M 142 -69.85 46.89 54.63
CA LYS M 142 -69.06 45.79 55.17
C LYS M 142 -67.60 45.83 54.68
N SER M 143 -67.35 46.53 53.59
CA SER M 143 -65.99 46.73 53.06
C SER M 143 -65.41 48.11 53.36
N THR M 144 -65.94 48.81 54.36
CA THR M 144 -65.50 50.17 54.66
C THR M 144 -64.86 50.30 56.05
N SER M 145 -63.69 50.92 56.11
CA SER M 145 -63.05 51.23 57.39
C SER M 145 -63.04 52.75 57.58
N GLY M 146 -62.53 53.21 58.73
CA GLY M 146 -62.48 54.63 59.00
C GLY M 146 -61.75 55.49 57.98
N GLY M 147 -62.53 56.12 57.11
CA GLY M 147 -62.01 57.08 56.15
C GLY M 147 -61.84 56.47 54.76
N THR M 148 -61.59 55.18 54.74
CA THR M 148 -61.29 54.46 53.51
C THR M 148 -62.29 53.35 53.21
N ALA M 149 -62.41 53.00 51.93
CA ALA M 149 -63.32 51.93 51.52
C ALA M 149 -62.60 51.02 50.53
N ALA M 150 -62.94 49.74 50.54
CA ALA M 150 -62.30 48.82 49.59
C ALA M 150 -63.32 48.35 48.56
N LEU M 151 -62.87 48.29 47.31
CA LEU M 151 -63.64 47.71 46.21
C LEU M 151 -62.69 46.99 45.26
N GLY M 152 -63.22 46.15 44.38
CA GLY M 152 -62.36 45.38 43.50
C GLY M 152 -63.05 44.60 42.40
N CYS M 153 -62.29 43.72 41.75
N CYS M 153 -62.29 43.77 41.70
CA CYS M 153 -62.81 42.84 40.71
CA CYS M 153 -62.88 42.84 40.74
C CYS M 153 -62.30 41.42 40.89
C CYS M 153 -62.31 41.43 40.86
N LEU M 154 -63.19 40.45 40.71
CA LEU M 154 -62.82 39.04 40.79
C LEU M 154 -62.71 38.52 39.36
N VAL M 155 -61.53 38.04 38.99
CA VAL M 155 -61.25 37.57 37.64
C VAL M 155 -61.15 36.04 37.63
N LYS M 156 -62.19 35.39 37.12
CA LYS M 156 -62.40 33.96 37.34
C LYS M 156 -62.20 33.08 36.12
N ASP M 157 -61.59 31.92 36.35
CA ASP M 157 -61.59 30.82 35.39
C ASP M 157 -60.95 31.09 34.03
N TYR M 158 -59.69 31.53 34.02
CA TYR M 158 -58.99 31.74 32.78
C TYR M 158 -57.79 30.81 32.68
N PHE M 159 -57.25 30.67 31.47
CA PHE M 159 -56.07 29.86 31.22
C PHE M 159 -55.59 30.16 29.80
N PRO M 160 -54.27 30.25 29.60
CA PRO M 160 -53.24 30.20 30.65
C PRO M 160 -52.99 31.57 31.27
N GLU M 161 -52.05 31.61 32.20
CA GLU M 161 -51.46 32.85 32.69
C GLU M 161 -50.75 33.64 31.58
N PRO M 162 -50.65 34.97 31.72
CA PRO M 162 -51.12 35.82 32.83
C PRO M 162 -52.33 36.66 32.43
N VAL M 163 -52.91 37.39 33.39
CA VAL M 163 -53.86 38.48 33.09
C VAL M 163 -53.27 39.77 33.66
N THR M 164 -53.61 40.90 33.05
CA THR M 164 -53.29 42.22 33.60
C THR M 164 -54.55 42.95 34.02
N VAL M 165 -54.45 43.74 35.09
CA VAL M 165 -55.55 44.57 35.54
C VAL M 165 -55.16 46.03 35.75
N SER M 166 -55.89 46.92 35.09
CA SER M 166 -55.81 48.36 35.36
C SER M 166 -57.17 48.88 35.82
N TRP M 167 -57.17 50.12 36.34
CA TRP M 167 -58.39 50.78 36.80
C TRP M 167 -58.60 52.13 36.13
N ASN M 168 -59.84 52.37 35.71
CA ASN M 168 -60.22 53.60 35.01
C ASN M 168 -59.29 53.91 33.84
N SER M 169 -59.01 52.86 33.06
CA SER M 169 -58.22 52.93 31.85
C SER M 169 -56.82 53.48 32.14
N GLY M 170 -56.31 53.17 33.33
CA GLY M 170 -54.98 53.55 33.74
C GLY M 170 -54.94 54.86 34.51
N ALA M 171 -56.08 55.53 34.61
CA ALA M 171 -56.15 56.82 35.30
C ALA M 171 -56.07 56.61 36.82
N LEU M 172 -56.57 55.47 37.28
CA LEU M 172 -56.56 55.14 38.70
C LEU M 172 -55.43 54.15 38.97
N THR M 173 -54.41 54.61 39.68
CA THR M 173 -53.23 53.80 39.97
C THR M 173 -52.97 53.70 41.47
N SER M 174 -53.20 54.81 42.18
CA SER M 174 -53.02 54.84 43.62
C SER M 174 -54.07 54.01 44.36
N GLY M 175 -53.58 53.12 45.23
CA GLY M 175 -54.42 52.28 46.06
C GLY M 175 -54.80 50.97 45.39
N VAL M 176 -54.36 50.80 44.15
CA VAL M 176 -54.66 49.58 43.39
C VAL M 176 -53.69 48.45 43.71
N HIS M 177 -54.22 47.25 43.94
CA HIS M 177 -53.37 46.10 44.20
C HIS M 177 -53.93 44.87 43.51
N THR M 178 -53.24 44.40 42.47
CA THR M 178 -53.66 43.20 41.77
C THR M 178 -52.90 41.96 42.29
N PHE M 179 -53.66 40.99 42.81
CA PHE M 179 -53.14 39.80 43.48
C PHE M 179 -52.70 38.70 42.52
N PRO M 180 -51.65 37.95 42.89
CA PRO M 180 -51.26 36.77 42.11
C PRO M 180 -52.40 35.77 42.00
N ALA M 181 -52.45 35.04 40.90
CA ALA M 181 -53.54 34.11 40.62
C ALA M 181 -53.47 32.82 41.45
N VAL M 182 -54.62 32.24 41.73
N VAL M 182 -54.63 32.27 41.77
CA VAL M 182 -54.67 30.90 42.31
CA VAL M 182 -54.74 30.91 42.28
C VAL M 182 -55.03 29.89 41.23
C VAL M 182 -54.93 29.93 41.14
N LEU M 183 -54.40 28.72 41.29
CA LEU M 183 -54.69 27.67 40.32
C LEU M 183 -55.63 26.65 40.94
N GLN M 184 -56.88 26.66 40.49
CA GLN M 184 -57.90 25.80 41.06
C GLN M 184 -57.71 24.38 40.57
N SER M 185 -58.35 23.44 41.25
CA SER M 185 -58.25 22.02 40.89
C SER M 185 -58.80 21.77 39.50
N SER M 186 -59.57 22.73 38.99
CA SER M 186 -60.17 22.61 37.66
C SER M 186 -59.11 22.81 36.58
N GLY M 187 -57.96 23.36 36.95
CA GLY M 187 -56.95 23.71 35.96
C GLY M 187 -56.97 25.14 35.45
N LEU M 188 -57.89 25.94 35.95
CA LEU M 188 -57.99 27.33 35.53
C LEU M 188 -57.49 28.28 36.62
N TYR M 189 -57.04 29.46 36.21
CA TYR M 189 -56.55 30.44 37.18
C TYR M 189 -57.63 31.46 37.48
N SER M 190 -57.59 32.00 38.69
CA SER M 190 -58.38 33.18 39.07
C SER M 190 -57.53 34.11 39.92
N LEU M 191 -57.79 35.41 39.79
CA LEU M 191 -57.16 36.38 40.68
C LEU M 191 -58.11 37.53 40.98
N SER M 192 -57.74 38.37 41.95
CA SER M 192 -58.51 39.54 42.30
C SER M 192 -57.64 40.80 42.33
N SER M 193 -58.20 41.91 41.89
CA SER M 193 -57.54 43.20 42.05
C SER M 193 -58.42 44.14 42.86
N VAL M 194 -57.85 44.76 43.89
CA VAL M 194 -58.61 45.59 44.81
C VAL M 194 -58.06 47.01 44.91
N VAL M 195 -58.98 47.98 44.98
CA VAL M 195 -58.63 49.38 45.17
C VAL M 195 -59.13 49.94 46.50
N THR M 196 -58.24 50.56 47.26
CA THR M 196 -58.65 51.26 48.47
C THR M 196 -58.75 52.74 48.13
N VAL M 197 -59.90 53.34 48.42
CA VAL M 197 -60.14 54.75 48.12
C VAL M 197 -60.79 55.34 49.35
N PRO M 198 -60.71 56.68 49.51
CA PRO M 198 -61.54 57.23 50.59
C PRO M 198 -63.02 57.04 50.30
N SER M 199 -63.77 56.61 51.31
CA SER M 199 -65.19 56.32 51.17
C SER M 199 -65.97 57.50 50.59
N SER M 200 -65.42 58.69 50.79
CA SER M 200 -65.99 59.94 50.32
C SER M 200 -66.21 59.87 48.83
N SER M 201 -65.21 59.32 48.15
CA SER M 201 -65.13 59.30 46.70
C SER M 201 -66.26 58.48 46.11
N LEU M 202 -66.59 57.37 46.78
CA LEU M 202 -67.51 56.35 46.27
C LEU M 202 -68.68 56.93 45.50
N GLY M 203 -69.22 58.04 46.01
CA GLY M 203 -70.41 58.64 45.44
C GLY M 203 -70.19 59.19 44.04
N THR M 204 -69.47 60.31 43.95
CA THR M 204 -69.28 60.99 42.67
C THR M 204 -68.38 60.20 41.70
N GLN M 205 -67.20 59.83 42.18
CA GLN M 205 -66.22 59.05 41.40
C GLN M 205 -66.82 57.76 40.88
N THR M 206 -66.52 57.47 39.61
CA THR M 206 -66.86 56.17 39.06
C THR M 206 -65.61 55.29 38.98
N TYR M 207 -65.82 53.97 39.02
CA TYR M 207 -64.73 53.01 39.06
C TYR M 207 -64.87 51.88 38.05
N ILE M 208 -63.95 51.83 37.09
CA ILE M 208 -64.01 50.78 36.08
C ILE M 208 -62.74 49.93 36.15
N CYS M 209 -62.94 48.63 36.32
N CYS M 209 -62.95 48.61 36.21
CA CYS M 209 -61.81 47.70 36.30
CA CYS M 209 -61.86 47.64 36.32
C CYS M 209 -61.60 47.23 34.88
C CYS M 209 -61.54 47.03 34.95
N ASN M 210 -60.36 47.34 34.41
CA ASN M 210 -60.02 46.88 33.08
C ASN M 210 -59.18 45.61 33.15
N VAL M 211 -59.77 44.51 32.72
CA VAL M 211 -59.11 43.21 32.81
C VAL M 211 -58.69 42.81 31.42
N ASN M 212 -57.41 42.47 31.27
CA ASN M 212 -56.91 42.01 29.98
C ASN M 212 -56.32 40.60 30.06
N HIS M 213 -56.84 39.70 29.24
CA HIS M 213 -56.28 38.36 29.10
C HIS M 213 -55.82 38.30 27.66
N LYS M 214 -54.56 38.65 27.44
CA LYS M 214 -54.03 38.76 26.08
C LYS M 214 -54.08 37.45 25.25
N PRO M 215 -53.87 36.27 25.87
CA PRO M 215 -53.89 35.02 25.08
C PRO M 215 -55.20 34.73 24.35
N SER M 216 -56.33 35.16 24.90
CA SER M 216 -57.61 34.95 24.26
C SER M 216 -58.08 36.23 23.59
N ASN M 217 -57.24 37.26 23.68
CA ASN M 217 -57.52 38.57 23.13
C ASN M 217 -58.85 39.13 23.64
N THR M 218 -59.04 39.03 24.94
CA THR M 218 -60.24 39.57 25.57
C THR M 218 -59.84 40.71 26.49
N LYS M 219 -60.55 41.82 26.35
CA LYS M 219 -60.44 42.90 27.31
C LYS M 219 -61.85 43.17 27.81
N VAL M 220 -61.97 43.38 29.12
CA VAL M 220 -63.25 43.66 29.73
C VAL M 220 -63.13 44.86 30.64
N ASP M 221 -64.04 45.81 30.49
CA ASP M 221 -64.19 46.87 31.46
C ASP M 221 -65.48 46.60 32.23
N LYS M 222 -65.40 46.70 33.56
CA LYS M 222 -66.56 46.51 34.41
C LYS M 222 -66.62 47.58 35.50
N ARG M 223 -67.72 48.31 35.57
CA ARG M 223 -67.90 49.24 36.69
C ARG M 223 -68.33 48.54 37.96
N VAL M 224 -67.68 48.92 39.06
CA VAL M 224 -67.95 48.35 40.36
C VAL M 224 -68.58 49.46 41.19
N GLU M 225 -69.82 49.24 41.65
CA GLU M 225 -70.53 50.28 42.38
C GLU M 225 -71.01 49.70 43.70
N PRO M 226 -71.27 50.56 44.70
CA PRO M 226 -71.96 50.07 45.89
C PRO M 226 -73.34 49.50 45.58
N LYS M 227 -73.80 48.53 46.37
CA LYS M 227 -75.09 47.90 46.11
C LYS M 227 -76.15 48.89 46.56
N SER M 228 -77.35 48.83 45.98
CA SER M 228 -78.42 49.72 46.39
C SER M 228 -79.78 49.05 46.30
N PRO N 2 -34.42 8.59 51.15
CA PRO N 2 -34.57 9.07 49.78
C PRO N 2 -34.45 10.60 49.73
N VAL N 3 -34.81 11.30 50.80
CA VAL N 3 -34.70 12.77 50.86
C VAL N 3 -34.08 13.25 52.18
N LEU N 4 -33.06 14.12 52.10
CA LEU N 4 -32.45 14.72 53.30
C LEU N 4 -33.36 15.70 54.06
N THR N 5 -33.19 15.74 55.39
CA THR N 5 -34.04 16.55 56.28
C THR N 5 -33.60 18.00 56.61
N GLN N 6 -34.36 19.00 56.20
CA GLN N 6 -34.01 20.39 56.57
C GLN N 6 -35.20 21.00 57.31
N PRO N 7 -34.93 21.98 58.19
CA PRO N 7 -36.01 22.77 58.80
C PRO N 7 -36.72 23.59 57.74
N PRO N 8 -38.06 23.72 57.83
CA PRO N 8 -38.82 24.48 56.84
C PRO N 8 -38.43 25.95 56.75
N SER N 9 -38.07 26.54 57.89
CA SER N 9 -37.75 27.96 57.94
C SER N 9 -36.74 28.33 59.01
N ALA N 10 -36.17 29.52 58.87
CA ALA N 10 -35.22 30.07 59.82
C ALA N 10 -35.28 31.57 59.65
N SER N 11 -34.90 32.33 60.67
CA SER N 11 -34.87 33.77 60.55
C SER N 11 -33.81 34.42 61.44
N GLY N 12 -33.40 35.63 61.09
CA GLY N 12 -32.50 36.40 61.93
C GLY N 12 -32.52 37.88 61.63
N SER N 13 -32.09 38.67 62.63
CA SER N 13 -31.86 40.09 62.44
C SER N 13 -30.47 40.27 61.85
N PRO N 14 -30.23 41.35 61.10
CA PRO N 14 -28.92 41.65 60.52
C PRO N 14 -27.80 41.65 61.56
N GLY N 15 -26.64 41.10 61.20
CA GLY N 15 -25.53 40.98 62.13
C GLY N 15 -25.51 39.68 62.93
N GLN N 16 -26.66 39.02 63.02
CA GLN N 16 -26.77 37.78 63.77
C GLN N 16 -26.18 36.59 63.01
N ARG N 17 -25.94 35.49 63.72
CA ARG N 17 -25.48 34.26 63.10
C ARG N 17 -26.64 33.26 63.05
N VAL N 18 -26.76 32.54 61.94
N VAL N 18 -26.77 32.56 61.93
CA VAL N 18 -27.80 31.52 61.81
CA VAL N 18 -27.77 31.51 61.82
C VAL N 18 -27.23 30.22 61.22
C VAL N 18 -27.12 30.21 61.34
N THR N 19 -27.70 29.08 61.73
CA THR N 19 -27.26 27.79 61.24
C THR N 19 -28.44 26.99 60.69
N ILE N 20 -28.19 26.16 59.68
CA ILE N 20 -29.28 25.37 59.11
C ILE N 20 -28.82 23.92 59.00
N SER N 21 -29.54 23.02 59.67
CA SER N 21 -29.13 21.62 59.72
C SER N 21 -29.69 20.81 58.55
N CYS N 22 -29.03 19.69 58.25
CA CYS N 22 -29.41 18.85 57.12
C CYS N 22 -29.08 17.45 57.60
N SER N 23 -30.10 16.62 57.83
CA SER N 23 -29.85 15.29 58.40
C SER N 23 -30.07 14.14 57.42
N GLY N 24 -29.12 13.20 57.40
CA GLY N 24 -29.22 12.05 56.54
C GLY N 24 -28.95 10.68 57.15
N SER N 25 -28.12 9.91 56.45
CA SER N 25 -27.88 8.50 56.75
C SER N 25 -26.55 8.08 56.16
N SER N 26 -26.18 6.82 56.42
N SER N 26 -26.17 6.83 56.46
CA SER N 26 -24.88 6.29 56.04
CA SER N 26 -24.87 6.28 56.06
C SER N 26 -24.64 6.27 54.53
C SER N 26 -24.65 6.29 54.54
N SER N 27 -25.72 6.13 53.76
CA SER N 27 -25.60 5.99 52.31
C SER N 27 -25.44 7.33 51.56
N ASN N 28 -25.76 8.43 52.22
CA ASN N 28 -25.51 9.77 51.65
C ASN N 28 -24.38 10.53 52.35
N ILE N 29 -24.70 11.27 53.41
CA ILE N 29 -23.76 12.19 54.04
C ILE N 29 -22.63 11.37 54.67
N GLY N 30 -22.97 10.16 55.09
CA GLY N 30 -22.02 9.24 55.69
C GLY N 30 -21.03 8.70 54.67
N SER N 31 -21.30 8.96 53.39
CA SER N 31 -20.52 8.38 52.30
C SER N 31 -20.01 9.46 51.35
N TYR N 32 -20.80 10.50 51.16
CA TYR N 32 -20.45 11.53 50.18
C TYR N 32 -20.53 12.94 50.77
N THR N 33 -19.78 13.87 50.20
CA THR N 33 -19.82 15.26 50.64
C THR N 33 -21.14 15.94 50.32
N VAL N 34 -21.40 17.03 51.03
CA VAL N 34 -22.62 17.79 50.88
C VAL N 34 -22.38 19.14 50.18
N ASN N 35 -23.27 19.48 49.25
CA ASN N 35 -23.26 20.80 48.61
C ASN N 35 -24.40 21.66 49.16
N TRP N 36 -24.21 22.98 49.17
CA TRP N 36 -25.28 23.90 49.56
C TRP N 36 -25.58 24.90 48.45
N TYR N 37 -26.86 25.16 48.23
CA TYR N 37 -27.28 26.12 47.21
C TYR N 37 -28.20 27.19 47.80
N GLN N 38 -28.13 28.39 47.22
CA GLN N 38 -28.97 29.51 47.64
C GLN N 38 -29.88 29.95 46.52
N GLN N 39 -31.17 30.06 46.81
CA GLN N 39 -32.10 30.47 45.77
C GLN N 39 -32.89 31.70 46.23
N LEU N 40 -32.78 32.76 45.43
CA LEU N 40 -33.55 33.98 45.65
C LEU N 40 -34.81 33.85 44.82
N PRO N 41 -35.86 34.61 45.19
CA PRO N 41 -37.14 34.48 44.47
C PRO N 41 -36.98 34.70 42.97
N GLY N 42 -37.58 33.82 42.18
CA GLY N 42 -37.63 33.97 40.74
C GLY N 42 -36.32 33.73 40.00
N THR N 43 -35.34 33.15 40.67
CA THR N 43 -34.01 32.99 40.09
C THR N 43 -33.47 31.56 40.28
N ALA N 44 -32.57 31.15 39.40
CA ALA N 44 -31.94 29.83 39.50
C ALA N 44 -31.13 29.72 40.78
N PRO N 45 -31.00 28.49 41.33
CA PRO N 45 -30.12 28.29 42.47
C PRO N 45 -28.68 28.70 42.18
N LYS N 46 -28.00 29.20 43.19
CA LYS N 46 -26.58 29.56 43.11
C LYS N 46 -25.78 28.62 44.01
N LEU N 47 -24.70 28.02 43.49
CA LEU N 47 -23.84 27.20 44.32
C LEU N 47 -23.11 28.03 45.40
N LEU N 48 -23.25 27.58 46.64
CA LEU N 48 -22.76 28.28 47.83
CA LEU N 48 -22.70 28.29 47.78
C LEU N 48 -21.53 27.59 48.42
N ILE N 49 -21.70 26.30 48.70
CA ILE N 49 -20.70 25.50 49.37
C ILE N 49 -20.56 24.14 48.71
N TYR N 50 -19.33 23.65 48.54
CA TYR N 50 -19.13 22.30 48.03
C TYR N 50 -18.01 21.59 48.80
N SER N 51 -17.98 20.26 48.67
N SER N 51 -17.98 20.26 48.67
CA SER N 51 -17.00 19.42 49.38
CA SER N 51 -17.05 19.37 49.37
C SER N 51 -17.06 19.70 50.88
C SER N 51 -17.07 19.71 50.86
N LEU N 52 -18.28 19.95 51.34
CA LEU N 52 -18.64 20.24 52.74
C LEU N 52 -18.28 21.63 53.30
N ASN N 53 -17.08 22.13 53.01
CA ASN N 53 -16.58 23.25 53.82
C ASN N 53 -16.06 24.35 52.93
N GLN N 54 -16.09 24.07 51.63
CA GLN N 54 -15.49 24.96 50.63
C GLN N 54 -16.42 25.88 49.85
N ARG N 55 -15.87 27.05 49.52
CA ARG N 55 -16.59 28.12 48.84
C ARG N 55 -16.08 28.41 47.42
N PRO N 56 -17.00 28.44 46.45
CA PRO N 56 -16.70 28.87 45.08
C PRO N 56 -16.31 30.34 45.07
N SER N 57 -15.63 30.78 44.02
CA SER N 57 -15.30 32.18 43.85
C SER N 57 -16.56 33.02 43.96
N GLY N 58 -16.45 34.16 44.64
CA GLY N 58 -17.58 35.06 44.80
C GLY N 58 -18.33 34.89 46.12
N VAL N 59 -18.19 33.74 46.76
CA VAL N 59 -18.91 33.47 47.99
C VAL N 59 -18.04 33.87 49.19
N PRO N 60 -18.53 34.81 50.02
CA PRO N 60 -17.80 35.32 51.19
C PRO N 60 -17.54 34.25 52.23
N ASP N 61 -16.49 34.44 53.03
CA ASP N 61 -16.06 33.43 54.00
C ASP N 61 -16.98 33.33 55.21
N ARG N 62 -17.95 34.22 55.31
CA ARG N 62 -18.91 34.15 56.40
C ARG N 62 -19.92 33.03 56.18
N PHE N 63 -19.85 32.41 55.01
CA PHE N 63 -20.57 31.17 54.74
C PHE N 63 -19.60 30.02 54.99
N SER N 64 -19.98 29.10 55.87
CA SER N 64 -19.14 27.94 56.17
C SER N 64 -19.98 26.69 56.34
N GLY N 65 -19.45 25.57 55.86
CA GLY N 65 -20.14 24.30 56.04
C GLY N 65 -19.38 23.44 57.03
N SER N 66 -20.11 22.54 57.67
CA SER N 66 -19.54 21.56 58.59
C SER N 66 -20.45 20.34 58.62
N LYS N 67 -19.98 19.25 59.21
CA LYS N 67 -20.89 18.13 59.43
C LYS N 67 -20.49 17.31 60.65
N SER N 68 -21.44 16.52 61.13
CA SER N 68 -21.24 15.66 62.28
C SER N 68 -22.11 14.43 62.10
N GLY N 69 -21.49 13.26 62.01
CA GLY N 69 -22.23 12.03 61.78
C GLY N 69 -22.96 12.00 60.44
N THR N 70 -24.27 11.83 60.53
CA THR N 70 -25.14 11.74 59.35
C THR N 70 -25.87 13.05 59.15
N SER N 71 -25.41 14.07 59.86
CA SER N 71 -25.94 15.42 59.71
C SER N 71 -24.86 16.41 59.29
N ALA N 72 -25.28 17.41 58.51
CA ALA N 72 -24.38 18.45 58.03
C ALA N 72 -25.05 19.78 58.37
N SER N 73 -24.25 20.84 58.41
N SER N 73 -24.26 20.84 58.41
CA SER N 73 -24.79 22.14 58.78
CA SER N 73 -24.77 22.15 58.80
C SER N 73 -24.14 23.29 58.02
C SER N 73 -24.13 23.32 58.06
N LEU N 74 -24.98 24.24 57.61
CA LEU N 74 -24.53 25.47 56.99
C LEU N 74 -24.62 26.59 58.02
N ALA N 75 -23.52 27.30 58.21
CA ALA N 75 -23.49 28.43 59.13
C ALA N 75 -23.34 29.73 58.34
N ILE N 76 -24.19 30.71 58.65
CA ILE N 76 -24.06 32.03 58.04
C ILE N 76 -23.82 33.10 59.09
N SER N 77 -22.61 33.64 59.08
CA SER N 77 -22.21 34.68 60.02
C SER N 77 -22.54 36.05 59.45
N GLY N 78 -22.70 37.03 60.33
CA GLY N 78 -22.95 38.41 59.91
C GLY N 78 -24.09 38.57 58.92
N LEU N 79 -25.27 38.08 59.30
CA LEU N 79 -26.42 38.05 58.41
CA LEU N 79 -26.44 38.05 58.42
C LEU N 79 -26.69 39.40 57.77
N GLN N 80 -26.95 39.37 56.46
CA GLN N 80 -27.25 40.56 55.69
C GLN N 80 -28.64 40.46 55.07
N SER N 81 -29.26 41.61 54.82
CA SER N 81 -30.60 41.63 54.23
C SER N 81 -30.68 40.76 52.97
N GLU N 82 -29.64 40.86 52.14
CA GLU N 82 -29.57 40.14 50.87
C GLU N 82 -29.47 38.62 51.01
N ASP N 83 -29.28 38.15 52.25
CA ASP N 83 -29.16 36.72 52.53
C ASP N 83 -30.53 36.06 52.62
N GLU N 84 -31.58 36.86 52.56
CA GLU N 84 -32.92 36.30 52.64
C GLU N 84 -33.20 35.49 51.38
N ALA N 85 -33.41 34.18 51.57
CA ALA N 85 -33.47 33.23 50.46
C ALA N 85 -33.86 31.84 50.96
N VAL N 86 -34.06 30.92 50.02
CA VAL N 86 -34.21 29.51 50.37
C VAL N 86 -32.88 28.77 50.18
N TYR N 87 -32.49 27.99 51.19
CA TYR N 87 -31.23 27.26 51.15
C TYR N 87 -31.49 25.76 51.03
N TYR N 88 -30.83 25.12 50.06
CA TYR N 88 -30.98 23.69 49.86
C TYR N 88 -29.63 22.98 50.07
N CYS N 89 -29.65 21.83 50.73
CA CYS N 89 -28.46 20.96 50.77
C CYS N 89 -28.64 19.84 49.76
N ALA N 90 -27.53 19.25 49.33
CA ALA N 90 -27.61 18.08 48.46
C ALA N 90 -26.37 17.21 48.62
N ALA N 91 -26.55 15.92 48.35
CA ALA N 91 -25.46 14.95 48.34
C ALA N 91 -25.78 13.80 47.39
N TRP N 92 -24.74 13.19 46.82
CA TRP N 92 -24.89 11.93 46.11
C TRP N 92 -25.30 10.81 47.08
N ASP N 93 -26.02 9.81 46.57
CA ASP N 93 -26.56 8.74 47.40
C ASP N 93 -26.46 7.45 46.59
N ASP N 94 -25.76 6.45 47.10
CA ASP N 94 -25.56 5.22 46.34
C ASP N 94 -26.49 4.04 46.66
N SER N 95 -27.56 4.29 47.41
CA SER N 95 -28.56 3.24 47.63
C SER N 95 -29.51 3.13 46.44
N LEU N 96 -30.20 2.01 46.33
CA LEU N 96 -31.13 1.74 45.23
C LEU N 96 -30.49 1.96 43.87
N SER N 97 -31.06 2.86 43.07
CA SER N 97 -30.33 3.39 41.94
C SER N 97 -29.75 4.75 42.28
N ALA N 98 -28.45 4.88 42.12
CA ALA N 98 -27.70 6.05 42.58
C ALA N 98 -28.27 7.36 42.03
N HIS N 99 -28.31 8.40 42.86
CA HIS N 99 -29.04 9.60 42.53
C HIS N 99 -28.51 10.73 43.39
N VAL N 100 -28.80 11.96 43.01
CA VAL N 100 -28.53 13.12 43.87
C VAL N 100 -29.75 13.34 44.76
N VAL N 101 -29.54 13.62 46.04
CA VAL N 101 -30.64 13.94 46.94
CA VAL N 101 -30.66 13.97 46.90
C VAL N 101 -30.58 15.41 47.38
N PHE N 102 -31.67 16.13 47.19
CA PHE N 102 -31.79 17.46 47.75
C PHE N 102 -32.56 17.39 49.07
N GLY N 103 -32.23 18.30 49.98
CA GLY N 103 -33.04 18.52 51.16
C GLY N 103 -34.28 19.30 50.78
N GLY N 104 -35.22 19.42 51.70
CA GLY N 104 -36.49 20.04 51.36
C GLY N 104 -36.37 21.56 51.31
N GLY N 105 -35.23 22.08 51.76
CA GLY N 105 -35.02 23.51 51.72
C GLY N 105 -35.41 24.24 52.99
N THR N 106 -34.68 25.30 53.30
CA THR N 106 -34.98 26.13 54.45
C THR N 106 -35.13 27.56 53.95
N LYS N 107 -36.33 28.10 54.08
CA LYS N 107 -36.57 29.51 53.79
C LYS N 107 -36.06 30.39 54.93
N LEU N 108 -35.02 31.17 54.66
CA LEU N 108 -34.46 32.12 55.63
C LEU N 108 -34.99 33.53 55.45
N THR N 109 -35.60 34.11 56.48
CA THR N 109 -36.01 35.51 56.40
C THR N 109 -35.08 36.37 57.24
N VAL N 110 -34.51 37.41 56.64
CA VAL N 110 -33.80 38.40 57.43
C VAL N 110 -34.71 39.55 57.80
N LEU N 111 -35.07 39.65 59.07
CA LEU N 111 -36.15 40.55 59.47
C LEU N 111 -35.80 42.01 59.16
N GLY N 112 -36.48 42.64 58.19
CA GLY N 112 -36.07 43.97 57.77
C GLY N 112 -36.96 45.19 58.03
N GLN N 113 -37.99 45.03 58.87
CA GLN N 113 -38.83 46.16 59.28
C GLN N 113 -39.76 45.73 60.42
N PRO N 114 -40.41 46.70 61.09
CA PRO N 114 -41.21 46.32 62.25
C PRO N 114 -42.43 45.51 61.84
N LYS N 115 -42.89 44.64 62.73
CA LYS N 115 -44.07 43.82 62.50
C LYS N 115 -45.32 44.66 62.23
N ALA N 116 -46.16 44.17 61.32
CA ALA N 116 -47.38 44.86 60.89
C ALA N 116 -48.48 43.83 60.77
N ALA N 117 -49.55 44.00 61.53
CA ALA N 117 -50.68 43.07 61.44
C ALA N 117 -51.41 43.29 60.13
N PRO N 118 -51.94 42.20 59.56
CA PRO N 118 -52.68 42.26 58.30
C PRO N 118 -53.98 43.04 58.37
N SER N 119 -54.30 43.76 57.30
CA SER N 119 -55.65 44.25 57.08
C SER N 119 -56.39 43.17 56.30
N VAL N 120 -57.63 42.89 56.69
CA VAL N 120 -58.38 41.82 56.07
C VAL N 120 -59.70 42.35 55.52
N THR N 121 -59.97 42.04 54.25
CA THR N 121 -61.24 42.38 53.63
C THR N 121 -61.91 41.14 53.08
N LEU N 122 -63.17 40.94 53.45
CA LEU N 122 -63.92 39.76 53.05
C LEU N 122 -65.12 40.15 52.20
N PHE N 123 -65.14 39.69 50.95
CA PHE N 123 -66.25 39.98 50.06
C PHE N 123 -67.16 38.78 49.95
N PRO N 124 -68.46 39.02 50.06
CA PRO N 124 -69.50 38.01 49.82
C PRO N 124 -69.65 37.82 48.32
N PRO N 125 -70.38 36.77 47.89
CA PRO N 125 -70.64 36.62 46.45
C PRO N 125 -71.40 37.82 45.90
N SER N 126 -71.02 38.28 44.71
CA SER N 126 -71.72 39.38 44.06
C SER N 126 -73.01 38.84 43.48
N SER N 127 -74.02 39.70 43.34
CA SER N 127 -75.28 39.29 42.74
C SER N 127 -75.12 38.77 41.32
N GLU N 128 -74.12 39.29 40.60
CA GLU N 128 -73.86 38.83 39.25
C GLU N 128 -73.36 37.38 39.22
N GLU N 129 -72.45 37.04 40.13
CA GLU N 129 -71.94 35.68 40.17
C GLU N 129 -73.06 34.74 40.57
N LEU N 130 -73.85 35.16 41.55
CA LEU N 130 -74.97 34.36 42.00
C LEU N 130 -75.94 34.10 40.84
N GLN N 131 -76.07 35.08 39.95
CA GLN N 131 -76.92 34.93 38.78
C GLN N 131 -76.24 34.05 37.72
N ALA N 132 -74.94 33.82 37.90
CA ALA N 132 -74.20 32.88 37.06
C ALA N 132 -74.20 31.50 37.70
N ASN N 133 -74.94 31.36 38.81
CA ASN N 133 -75.15 30.10 39.53
C ASN N 133 -73.89 29.61 40.24
N LYS N 134 -73.05 30.55 40.68
CA LYS N 134 -71.87 30.25 41.46
C LYS N 134 -71.77 31.22 42.64
N ALA N 135 -70.88 30.91 43.58
CA ALA N 135 -70.72 31.75 44.77
C ALA N 135 -69.28 31.65 45.29
N THR N 136 -68.59 32.78 45.25
CA THR N 136 -67.22 32.86 45.72
C THR N 136 -67.06 33.86 46.85
N LEU N 137 -66.48 33.43 47.95
CA LEU N 137 -66.10 34.36 49.00
C LEU N 137 -64.63 34.67 48.81
N VAL N 138 -64.30 35.95 48.90
CA VAL N 138 -62.96 36.41 48.59
C VAL N 138 -62.36 37.10 49.81
N CYS N 139 -61.32 36.48 50.37
CA CYS N 139 -60.65 37.08 51.52
C CYS N 139 -59.32 37.66 51.11
N LEU N 140 -59.22 38.98 51.19
CA LEU N 140 -58.02 39.68 50.77
C LEU N 140 -57.24 40.10 52.00
N ILE N 141 -55.95 39.77 52.00
CA ILE N 141 -55.10 39.95 53.17
C ILE N 141 -53.89 40.75 52.74
N SER N 142 -53.69 41.91 53.34
CA SER N 142 -52.70 42.86 52.85
C SER N 142 -51.97 43.62 53.95
N ASP N 143 -50.84 44.21 53.56
CA ASP N 143 -50.04 45.09 54.40
C ASP N 143 -49.51 44.41 55.67
N PHE N 144 -49.26 43.11 55.58
CA PHE N 144 -48.65 42.40 56.71
C PHE N 144 -47.15 42.15 56.58
N TYR N 145 -46.46 42.16 57.71
CA TYR N 145 -45.04 41.83 57.76
C TYR N 145 -44.80 41.27 59.15
N PRO N 146 -44.07 40.14 59.25
CA PRO N 146 -43.46 39.27 58.24
C PRO N 146 -44.46 38.63 57.30
N GLY N 147 -43.95 38.10 56.18
CA GLY N 147 -44.75 37.52 55.12
C GLY N 147 -45.19 36.09 55.30
N ALA N 148 -45.78 35.78 56.46
CA ALA N 148 -46.33 34.46 56.70
C ALA N 148 -47.63 34.60 57.48
N VAL N 149 -48.69 33.98 56.95
CA VAL N 149 -49.99 33.95 57.61
C VAL N 149 -50.66 32.59 57.46
N THR N 150 -51.64 32.32 58.31
CA THR N 150 -52.54 31.20 58.08
C THR N 150 -53.98 31.69 58.00
N VAL N 151 -54.78 31.01 57.21
CA VAL N 151 -56.16 31.45 56.94
C VAL N 151 -57.11 30.31 57.26
N ALA N 152 -58.16 30.61 58.01
CA ALA N 152 -59.15 29.61 58.36
C ALA N 152 -60.54 30.10 58.01
N TRP N 153 -61.28 29.31 57.26
CA TRP N 153 -62.63 29.69 56.92
C TRP N 153 -63.60 28.99 57.85
N LYS N 154 -64.64 29.69 58.24
CA LYS N 154 -65.69 29.15 59.09
C LYS N 154 -67.11 29.36 58.58
N ALA N 155 -67.90 28.29 58.70
CA ALA N 155 -69.34 28.39 58.54
C ALA N 155 -69.79 28.41 60.00
N ASP N 156 -70.41 29.51 60.41
CA ASP N 156 -70.63 29.84 61.83
C ASP N 156 -69.36 29.88 62.62
N SER N 157 -69.17 28.81 63.37
CA SER N 157 -68.00 28.60 64.18
C SER N 157 -67.32 27.32 63.75
N SER N 158 -67.89 26.67 62.74
CA SER N 158 -67.38 25.38 62.32
C SER N 158 -66.43 25.57 61.16
N PRO N 159 -65.31 24.85 61.19
CA PRO N 159 -64.27 24.91 60.16
C PRO N 159 -64.74 24.43 58.80
N VAL N 160 -64.48 25.21 57.76
CA VAL N 160 -64.78 24.74 56.42
C VAL N 160 -63.42 24.57 55.79
N LYS N 161 -63.10 23.35 55.38
CA LYS N 161 -61.82 23.12 54.72
C LYS N 161 -62.01 22.89 53.22
N ALA N 162 -63.19 22.36 52.87
CA ALA N 162 -63.48 22.10 51.47
C ALA N 162 -63.69 23.41 50.71
N GLY N 163 -63.16 23.50 49.50
CA GLY N 163 -63.41 24.66 48.66
C GLY N 163 -62.50 25.85 48.94
N VAL N 164 -61.43 25.63 49.68
CA VAL N 164 -60.51 26.72 50.02
C VAL N 164 -59.27 26.71 49.12
N GLU N 165 -58.97 27.86 48.54
CA GLU N 165 -57.73 28.03 47.80
C GLU N 165 -57.00 29.28 48.30
N THR N 166 -55.74 29.14 48.70
CA THR N 166 -55.00 30.28 49.27
C THR N 166 -53.63 30.47 48.62
N THR N 167 -53.32 31.71 48.27
CA THR N 167 -52.02 31.99 47.65
C THR N 167 -50.90 32.09 48.69
N THR N 168 -49.67 31.94 48.22
CA THR N 168 -48.49 32.15 49.04
C THR N 168 -48.27 33.66 49.11
N PRO N 169 -47.85 34.17 50.27
CA PRO N 169 -47.62 35.61 50.43
C PRO N 169 -46.63 36.17 49.39
N SER N 170 -46.88 37.40 48.95
CA SER N 170 -46.09 38.04 47.90
C SER N 170 -45.74 39.47 48.27
N LYS N 171 -44.54 39.90 47.91
CA LYS N 171 -44.09 41.26 48.21
C LYS N 171 -44.94 42.30 47.47
N GLN N 172 -45.34 43.35 48.18
CA GLN N 172 -46.04 44.46 47.57
C GLN N 172 -45.06 45.55 47.17
N SER N 173 -45.57 46.57 46.48
CA SER N 173 -44.75 47.71 46.06
C SER N 173 -44.16 48.44 47.28
N ASN N 174 -44.91 48.43 48.37
CA ASN N 174 -44.52 49.10 49.61
C ASN N 174 -43.67 48.21 50.55
N ASN N 175 -43.26 47.05 50.04
CA ASN N 175 -42.39 46.10 50.76
C ASN N 175 -43.08 45.30 51.88
N LYS N 176 -44.37 45.53 52.04
CA LYS N 176 -45.22 44.64 52.83
C LYS N 176 -45.72 43.49 51.96
N TYR N 177 -46.57 42.62 52.51
CA TYR N 177 -46.98 41.41 51.81
C TYR N 177 -48.49 41.31 51.65
N ALA N 178 -48.90 40.52 50.67
CA ALA N 178 -50.31 40.28 50.39
C ALA N 178 -50.60 38.80 50.16
N ALA N 179 -51.83 38.40 50.44
CA ALA N 179 -52.26 37.05 50.14
C ALA N 179 -53.77 37.05 49.96
N SER N 180 -54.29 35.97 49.37
CA SER N 180 -55.73 35.83 49.21
C SER N 180 -56.20 34.40 49.46
N SER N 181 -57.46 34.28 49.89
CA SER N 181 -58.06 32.99 50.15
C SER N 181 -59.45 32.99 49.55
N TYR N 182 -59.77 31.93 48.82
CA TYR N 182 -61.05 31.84 48.14
C TYR N 182 -61.87 30.66 48.68
N LEU N 183 -63.10 30.93 49.11
CA LEU N 183 -64.00 29.84 49.48
C LEU N 183 -65.07 29.72 48.41
N SER N 184 -65.10 28.57 47.74
CA SER N 184 -66.10 28.31 46.72
C SER N 184 -67.33 27.60 47.27
N LEU N 185 -68.50 28.09 46.88
CA LEU N 185 -69.77 27.54 47.30
C LEU N 185 -70.75 27.55 46.14
N THR N 186 -71.81 26.76 46.25
CA THR N 186 -72.94 26.92 45.35
C THR N 186 -73.70 28.09 45.94
N PRO N 187 -74.47 28.82 45.12
CA PRO N 187 -75.30 29.88 45.70
C PRO N 187 -76.21 29.39 46.84
N GLU N 188 -76.70 28.16 46.74
CA GLU N 188 -77.60 27.59 47.73
C GLU N 188 -76.91 27.41 49.08
N GLN N 189 -75.62 27.06 49.05
CA GLN N 189 -74.83 26.91 50.26
C GLN N 189 -74.67 28.28 50.90
N TRP N 190 -74.36 29.26 50.05
CA TRP N 190 -74.15 30.64 50.50
C TRP N 190 -75.38 31.16 51.23
N LYS N 191 -76.56 30.87 50.69
CA LYS N 191 -77.82 31.38 51.21
C LYS N 191 -78.20 30.57 52.45
N SER N 192 -77.72 29.34 52.56
CA SER N 192 -78.14 28.46 53.64
C SER N 192 -77.51 28.81 55.01
N HIS N 193 -76.27 29.26 55.04
CA HIS N 193 -75.66 29.62 56.34
C HIS N 193 -76.04 31.02 56.83
N ARG N 194 -75.90 31.22 58.13
CA ARG N 194 -76.27 32.49 58.73
C ARG N 194 -75.10 33.43 58.50
N SER N 195 -73.90 32.87 58.52
CA SER N 195 -72.71 33.65 58.21
C SER N 195 -71.53 32.78 57.82
N TYR N 196 -70.55 33.41 57.18
CA TYR N 196 -69.24 32.81 56.98
C TYR N 196 -68.20 33.77 57.50
N SER N 197 -67.05 33.25 57.90
CA SER N 197 -66.01 34.10 58.43
C SER N 197 -64.66 33.70 57.85
N CYS N 198 -63.79 34.69 57.70
CA CYS N 198 -62.43 34.43 57.26
C CYS N 198 -61.51 34.90 58.39
N GLN N 199 -60.72 34.00 58.93
CA GLN N 199 -59.92 34.30 60.10
C GLN N 199 -58.45 34.18 59.71
N VAL N 200 -57.69 35.26 59.93
CA VAL N 200 -56.30 35.29 59.51
C VAL N 200 -55.39 35.39 60.71
N THR N 201 -54.49 34.41 60.85
CA THR N 201 -53.56 34.41 61.96
C THR N 201 -52.20 34.85 61.45
N HIS N 202 -51.62 35.83 62.12
CA HIS N 202 -50.32 36.36 61.74
C HIS N 202 -49.50 36.62 62.99
N GLU N 203 -48.35 35.96 63.08
CA GLU N 203 -47.46 36.06 64.23
C GLU N 203 -48.24 35.92 65.53
N GLY N 204 -49.10 34.90 65.58
CA GLY N 204 -49.84 34.56 66.77
C GLY N 204 -51.08 35.37 67.08
N SER N 205 -51.36 36.41 66.28
CA SER N 205 -52.54 37.22 66.52
C SER N 205 -53.58 37.09 65.40
N THR N 206 -54.85 37.03 65.77
CA THR N 206 -55.89 36.76 64.79
C THR N 206 -56.73 37.98 64.44
N VAL N 207 -56.98 38.16 63.15
CA VAL N 207 -57.92 39.15 62.64
C VAL N 207 -59.03 38.43 61.88
N GLU N 208 -60.28 38.74 62.20
CA GLU N 208 -61.39 38.00 61.62
C GLU N 208 -62.45 38.93 61.03
N LYS N 209 -62.97 38.54 59.87
CA LYS N 209 -64.06 39.25 59.24
C LYS N 209 -65.18 38.26 58.93
N THR N 210 -66.42 38.73 58.94
CA THR N 210 -67.58 37.87 58.74
C THR N 210 -68.58 38.45 57.74
N VAL N 211 -69.11 37.61 56.87
CA VAL N 211 -70.16 38.06 55.95
C VAL N 211 -71.44 37.21 56.04
N ALA N 212 -72.54 37.80 55.62
CA ALA N 212 -73.86 37.18 55.65
C ALA N 212 -74.63 37.52 54.37
N PRO N 213 -75.56 36.63 53.97
CA PRO N 213 -76.39 37.00 52.81
C PRO N 213 -77.27 38.20 53.12
N THR N 214 -77.50 39.05 52.11
CA THR N 214 -78.34 40.24 52.26
C THR N 214 -79.03 40.57 50.94
N VAL O 2 0.98 18.65 66.13
CA VAL O 2 2.18 19.04 66.84
C VAL O 2 2.03 18.85 68.35
N GLN O 3 3.02 18.24 68.98
CA GLN O 3 2.91 18.00 70.41
C GLN O 3 4.26 17.74 71.08
N LEU O 4 4.42 18.30 72.28
CA LEU O 4 5.50 17.95 73.19
C LEU O 4 4.88 17.48 74.50
N VAL O 5 5.38 16.39 75.07
CA VAL O 5 4.82 15.94 76.33
C VAL O 5 5.95 15.59 77.29
N GLN O 6 6.06 16.34 78.38
CA GLN O 6 7.10 16.05 79.35
C GLN O 6 6.62 15.02 80.35
N SER O 7 7.56 14.23 80.85
CA SER O 7 7.29 13.24 81.88
C SER O 7 8.54 13.04 82.71
N GLY O 8 8.40 12.38 83.86
CA GLY O 8 9.55 12.06 84.68
C GLY O 8 9.63 12.96 85.90
N GLY O 9 8.70 13.92 85.97
CA GLY O 9 8.75 14.90 87.04
C GLY O 9 8.30 14.27 88.33
N GLY O 10 8.56 14.94 89.45
CA GLY O 10 8.14 14.42 90.73
C GLY O 10 8.85 15.00 91.92
N VAL O 11 8.64 14.37 93.07
CA VAL O 11 9.24 14.79 94.32
C VAL O 11 10.53 13.98 94.52
N VAL O 12 11.56 14.65 95.02
CA VAL O 12 12.87 14.04 95.24
C VAL O 12 13.54 14.77 96.39
N GLN O 13 14.47 14.09 97.06
CA GLN O 13 15.13 14.67 98.22
C GLN O 13 16.36 15.40 97.69
N PRO O 14 16.77 16.49 98.37
CA PRO O 14 17.98 17.23 97.96
C PRO O 14 19.20 16.34 97.85
N ARG O 15 20.12 16.72 96.96
CA ARG O 15 21.37 15.98 96.71
C ARG O 15 21.16 14.73 95.83
N ARG O 16 19.90 14.33 95.65
CA ARG O 16 19.56 13.17 94.82
C ARG O 16 19.47 13.55 93.33
N SER O 17 19.21 12.58 92.46
CA SER O 17 19.08 12.80 91.02
C SER O 17 17.72 12.39 90.46
N LEU O 18 17.35 12.97 89.31
CA LEU O 18 16.13 12.60 88.58
C LEU O 18 16.30 12.80 87.06
N ARG O 19 15.60 11.98 86.28
N ARG O 19 15.68 11.93 86.26
CA ARG O 19 15.69 12.03 84.82
CA ARG O 19 15.72 12.09 84.80
C ARG O 19 14.35 12.39 84.17
C ARG O 19 14.35 12.44 84.24
N LEU O 20 14.33 13.48 83.42
CA LEU O 20 13.12 13.91 82.71
C LEU O 20 13.16 13.50 81.23
N SER O 21 11.98 13.27 80.65
CA SER O 21 11.88 12.95 79.23
C SER O 21 10.84 13.83 78.54
N CYS O 22 10.98 14.04 77.24
CA CYS O 22 10.02 14.85 76.49
C CYS O 22 9.74 14.19 75.14
N ALA O 23 8.49 13.78 74.93
CA ALA O 23 8.11 13.08 73.70
C ALA O 23 7.54 14.06 72.68
N ALA O 24 8.09 14.03 71.47
CA ALA O 24 7.69 14.94 70.41
C ALA O 24 6.90 14.21 69.32
N SER O 25 5.89 14.87 68.77
CA SER O 25 5.15 14.35 67.64
C SER O 25 4.69 15.46 66.69
N GLY O 26 4.50 15.12 65.42
CA GLY O 26 3.90 16.05 64.48
C GLY O 26 4.86 16.96 63.76
N PHE O 27 6.15 16.81 64.05
CA PHE O 27 7.19 17.55 63.33
C PHE O 27 8.45 16.70 63.29
N THR O 28 9.42 17.10 62.46
CA THR O 28 10.63 16.30 62.33
C THR O 28 11.59 16.64 63.46
N PHE O 29 11.49 15.88 64.56
CA PHE O 29 12.29 16.08 65.75
C PHE O 29 13.78 16.19 65.46
N SER O 30 14.27 15.25 64.65
CA SER O 30 15.70 15.14 64.36
C SER O 30 16.25 16.30 63.55
N SER O 31 15.36 17.17 63.08
CA SER O 31 15.79 18.33 62.31
C SER O 31 15.94 19.60 63.14
N TYR O 32 15.60 19.53 64.43
CA TYR O 32 15.58 20.72 65.28
C TYR O 32 16.41 20.55 66.55
N ALA O 33 17.08 21.63 66.92
CA ALA O 33 17.66 21.75 68.25
C ALA O 33 16.49 21.75 69.23
N MET O 34 16.77 21.43 70.49
CA MET O 34 15.72 21.40 71.51
C MET O 34 16.18 22.08 72.78
N HIS O 35 15.27 22.77 73.44
CA HIS O 35 15.60 23.46 74.68
C HIS O 35 14.87 22.87 75.87
N TRP O 36 15.51 22.96 77.04
CA TRP O 36 14.79 22.83 78.29
C TRP O 36 14.75 24.21 78.91
N VAL O 37 13.58 24.59 79.42
CA VAL O 37 13.38 25.86 80.10
C VAL O 37 12.53 25.57 81.34
N ARG O 38 12.83 26.21 82.47
CA ARG O 38 12.03 25.95 83.65
C ARG O 38 11.44 27.21 84.28
N GLN O 39 10.41 27.02 85.10
CA GLN O 39 9.72 28.13 85.74
C GLN O 39 9.24 27.74 87.13
N ALA O 40 9.73 28.41 88.16
CA ALA O 40 9.25 28.14 89.51
C ALA O 40 7.87 28.78 89.64
N PRO O 41 6.96 28.14 90.39
CA PRO O 41 5.60 28.67 90.59
C PRO O 41 5.61 30.14 91.02
N GLY O 42 4.90 30.99 90.30
CA GLY O 42 4.83 32.40 90.65
C GLY O 42 6.09 33.19 90.33
N LYS O 43 7.04 32.57 89.64
CA LYS O 43 8.31 33.21 89.35
C LYS O 43 8.47 33.35 87.83
N GLY O 44 9.63 33.84 87.37
CA GLY O 44 9.80 34.08 85.95
C GLY O 44 10.30 32.86 85.19
N LEU O 45 10.40 32.98 83.88
CA LEU O 45 10.95 31.89 83.07
C LEU O 45 12.47 31.86 83.20
N GLU O 46 13.04 30.66 83.28
CA GLU O 46 14.48 30.51 83.31
C GLU O 46 14.89 29.41 82.34
N TRP O 47 15.72 29.78 81.37
CA TRP O 47 16.22 28.82 80.39
C TRP O 47 17.19 27.87 81.06
N VAL O 48 17.15 26.61 80.63
CA VAL O 48 18.00 25.58 81.23
C VAL O 48 19.09 25.09 80.30
N ALA O 49 18.73 24.67 79.10
CA ALA O 49 19.75 24.11 78.19
C ALA O 49 19.26 23.98 76.75
N VAL O 50 20.20 23.85 75.81
CA VAL O 50 19.86 23.51 74.44
C VAL O 50 20.78 22.41 73.90
N ILE O 51 20.23 21.53 73.06
CA ILE O 51 21.02 20.51 72.38
C ILE O 51 20.73 20.54 70.88
N SER O 52 21.79 20.46 70.07
CA SER O 52 21.62 20.52 68.62
C SER O 52 20.93 19.26 68.08
N TYR O 53 20.44 19.33 66.85
CA TYR O 53 19.72 18.23 66.21
C TYR O 53 20.42 16.88 66.34
N ASP O 54 21.74 16.88 66.09
CA ASP O 54 22.53 15.67 66.11
C ASP O 54 23.26 15.45 67.44
N GLY O 55 22.98 16.28 68.43
CA GLY O 55 23.60 16.08 69.73
C GLY O 55 25.04 16.52 69.80
N ARG O 56 25.57 17.11 68.73
CA ARG O 56 27.00 17.40 68.69
C ARG O 56 27.32 18.68 69.43
N ASN O 57 26.31 19.52 69.62
CA ASN O 57 26.52 20.75 70.35
C ASN O 57 25.50 20.93 71.47
N LYS O 58 25.96 21.32 72.65
CA LYS O 58 25.11 21.37 73.83
C LYS O 58 25.48 22.62 74.62
N TYR O 59 24.47 23.34 75.12
CA TYR O 59 24.73 24.48 75.98
C TYR O 59 23.81 24.47 77.22
N TYR O 60 24.34 24.90 78.36
CA TYR O 60 23.59 24.78 79.61
C TYR O 60 23.53 26.15 80.30
N ALA O 61 22.48 26.39 81.08
CA ALA O 61 22.46 27.55 81.97
C ALA O 61 23.47 27.35 83.10
N ASP O 62 24.09 28.45 83.56
CA ASP O 62 25.05 28.35 84.64
C ASP O 62 24.48 27.77 85.93
N SER O 63 23.21 28.04 86.21
CA SER O 63 22.60 27.59 87.46
C SER O 63 22.55 26.07 87.57
N VAL O 64 22.61 25.40 86.42
CA VAL O 64 22.61 23.95 86.37
C VAL O 64 23.88 23.41 85.74
N LYS O 65 24.73 24.34 85.29
CA LYS O 65 25.97 24.00 84.59
C LYS O 65 26.78 23.05 85.47
N GLY O 66 27.32 21.98 84.90
CA GLY O 66 28.17 21.11 85.69
C GLY O 66 27.39 20.09 86.50
N ARG O 67 26.08 20.29 86.57
CA ARG O 67 25.17 19.39 87.28
C ARG O 67 24.21 18.66 86.37
N PHE O 68 23.66 19.34 85.37
CA PHE O 68 22.70 18.68 84.48
C PHE O 68 23.35 18.38 83.14
N THR O 69 22.85 17.32 82.51
CA THR O 69 23.30 16.90 81.20
C THR O 69 22.08 16.62 80.34
N VAL O 70 22.03 17.26 79.19
CA VAL O 70 20.95 17.09 78.23
C VAL O 70 21.38 16.12 77.13
N SER O 71 20.44 15.32 76.66
CA SER O 71 20.68 14.39 75.57
C SER O 71 19.39 14.13 74.83
N ARG O 72 19.49 13.44 73.70
CA ARG O 72 18.32 13.10 72.91
C ARG O 72 18.47 11.78 72.17
N ASP O 73 17.34 11.16 71.85
CA ASP O 73 17.35 9.97 71.01
C ASP O 73 16.44 10.23 69.82
N ASN O 74 17.07 10.50 68.68
CA ASN O 74 16.32 10.88 67.48
C ASN O 74 15.46 9.76 66.88
N SER O 75 15.86 8.51 67.10
CA SER O 75 15.07 7.40 66.58
C SER O 75 13.73 7.24 67.29
N LYS O 76 13.66 7.76 68.51
CA LYS O 76 12.44 7.70 69.29
C LYS O 76 11.77 9.06 69.41
N ASN O 77 12.37 10.08 68.78
CA ASN O 77 11.87 11.45 68.85
C ASN O 77 11.66 11.89 70.29
N THR O 78 12.63 11.56 71.14
CA THR O 78 12.57 11.88 72.56
C THR O 78 13.78 12.68 73.00
N LEU O 79 13.54 13.68 73.83
CA LEU O 79 14.58 14.48 74.48
C LEU O 79 14.67 14.11 75.96
N TYR O 80 15.89 14.10 76.50
CA TYR O 80 16.07 13.76 77.91
C TYR O 80 16.81 14.88 78.63
N LEU O 81 16.55 15.01 79.93
CA LEU O 81 17.34 15.86 80.79
C LEU O 81 17.74 15.11 82.06
N GLN O 82 19.03 14.81 82.21
CA GLN O 82 19.50 14.18 83.42
C GLN O 82 19.88 15.23 84.46
N MET O 83 19.19 15.22 85.59
CA MET O 83 19.40 16.21 86.64
C MET O 83 20.10 15.56 87.83
N ASN O 84 21.33 15.96 88.08
CA ASN O 84 22.07 15.44 89.23
C ASN O 84 22.38 16.53 90.26
N SER O 85 22.76 16.10 91.46
CA SER O 85 23.14 17.02 92.53
C SER O 85 22.09 18.10 92.75
N LEU O 86 20.83 17.67 92.87
CA LEU O 86 19.69 18.59 92.94
C LEU O 86 19.73 19.50 94.18
N ARG O 87 19.23 20.73 93.99
CA ARG O 87 19.15 21.70 95.07
C ARG O 87 17.69 22.09 95.24
N ALA O 88 17.35 22.63 96.41
CA ALA O 88 15.97 23.04 96.64
C ALA O 88 15.50 24.07 95.61
N GLU O 89 16.39 25.00 95.26
CA GLU O 89 16.03 26.06 94.31
C GLU O 89 15.86 25.58 92.87
N ASP O 90 16.17 24.31 92.60
CA ASP O 90 15.90 23.75 91.28
C ASP O 90 14.45 23.33 91.14
N THR O 91 13.73 23.39 92.26
CA THR O 91 12.31 23.07 92.29
C THR O 91 11.59 24.00 91.34
N SER O 92 10.80 23.44 90.44
CA SER O 92 10.24 24.19 89.33
C SER O 92 9.35 23.31 88.48
N VAL O 93 8.49 23.95 87.68
CA VAL O 93 7.86 23.25 86.57
C VAL O 93 8.83 23.31 85.41
N TYR O 94 9.11 22.16 84.81
CA TYR O 94 10.03 22.08 83.69
C TYR O 94 9.35 21.88 82.34
N TYR O 95 9.65 22.76 81.41
CA TYR O 95 9.09 22.73 80.07
C TYR O 95 10.19 22.35 79.09
N CYS O 96 9.79 21.64 78.03
CA CYS O 96 10.68 21.47 76.90
C CYS O 96 10.08 22.27 75.76
N ALA O 97 10.91 22.73 74.84
CA ALA O 97 10.43 23.58 73.76
C ALA O 97 11.29 23.37 72.53
N ARG O 98 10.63 23.37 71.37
CA ARG O 98 11.36 23.22 70.12
C ARG O 98 12.02 24.54 69.79
N GLU O 99 13.25 24.46 69.33
CA GLU O 99 14.00 25.63 68.90
C GLU O 99 13.24 26.41 67.81
N LEU O 100 13.44 27.73 67.84
CA LEU O 100 12.83 28.70 66.92
C LEU O 100 13.08 28.33 65.46
N LEU O 101 14.34 28.12 65.11
CA LEU O 101 14.72 27.95 63.72
C LEU O 101 15.28 26.54 63.53
N MET O 102 15.00 25.96 62.38
N MET O 102 14.96 25.89 62.42
CA MET O 102 15.48 24.64 62.01
CA MET O 102 15.59 24.61 62.15
C MET O 102 17.00 24.66 61.76
C MET O 102 17.09 24.81 61.97
N ASP O 103 17.49 25.68 61.04
CA ASP O 103 18.92 25.83 60.79
C ASP O 103 19.55 26.85 61.74
N TYR O 104 20.79 26.60 62.11
CA TYR O 104 21.52 27.44 63.06
C TYR O 104 22.25 28.55 62.32
N TYR O 105 22.15 29.76 62.84
CA TYR O 105 22.94 30.84 62.28
C TYR O 105 23.67 31.50 63.44
N ASP O 106 24.97 31.73 63.30
CA ASP O 106 25.74 32.17 64.47
C ASP O 106 25.59 33.65 64.84
N HIS O 107 24.88 34.42 64.01
CA HIS O 107 24.56 35.80 64.36
C HIS O 107 23.15 35.91 64.88
N ILE O 108 22.46 34.77 64.90
CA ILE O 108 21.07 34.68 65.32
C ILE O 108 20.95 33.84 66.58
N GLY O 109 21.69 32.73 66.60
CA GLY O 109 21.71 31.79 67.71
C GLY O 109 20.53 30.86 67.96
N TYR O 110 20.38 30.49 69.22
CA TYR O 110 19.27 29.65 69.67
C TYR O 110 18.22 30.37 70.50
N SER O 111 16.99 29.90 70.39
CA SER O 111 15.88 30.45 71.16
C SER O 111 14.67 29.53 71.07
N PRO O 112 13.82 29.54 72.10
CA PRO O 112 12.59 28.74 72.13
C PRO O 112 11.61 29.14 71.03
N GLY O 113 11.02 28.16 70.36
CA GLY O 113 10.12 28.45 69.26
C GLY O 113 8.67 28.44 69.68
N PRO O 114 7.77 28.10 68.75
CA PRO O 114 6.33 28.17 68.96
C PRO O 114 5.77 26.99 69.76
N THR O 115 6.55 25.92 69.87
CA THR O 115 6.04 24.70 70.47
C THR O 115 6.62 24.40 71.84
N TRP O 116 5.75 24.39 72.85
CA TRP O 116 6.14 24.12 74.22
C TRP O 116 5.25 23.01 74.74
N GLY O 117 5.78 22.17 75.63
CA GLY O 117 4.95 21.19 76.30
C GLY O 117 4.19 21.83 77.46
N GLN O 118 3.42 21.02 78.16
CA GLN O 118 2.57 21.55 79.23
C GLN O 118 3.35 21.72 80.52
N GLY O 119 4.53 21.09 80.59
CA GLY O 119 5.37 21.19 81.77
C GLY O 119 5.16 20.04 82.74
N THR O 120 6.22 19.69 83.47
CA THR O 120 6.11 18.70 84.53
C THR O 120 6.79 19.22 85.79
N LEU O 121 6.13 19.06 86.93
CA LEU O 121 6.62 19.66 88.17
C LEU O 121 7.65 18.77 88.87
N VAL O 122 8.77 19.37 89.25
CA VAL O 122 9.81 18.69 90.01
C VAL O 122 10.02 19.43 91.32
N THR O 123 9.85 18.70 92.43
CA THR O 123 9.99 19.30 93.75
C THR O 123 11.16 18.71 94.55
N VAL O 124 12.10 19.56 94.93
CA VAL O 124 13.27 19.14 95.71
C VAL O 124 13.16 19.70 97.12
N SER O 125 12.88 18.81 98.09
CA SER O 125 12.68 19.24 99.47
C SER O 125 13.15 18.17 100.46
N PRO P 2 22.88 38.01 83.10
CA PRO P 2 22.26 36.68 83.12
C PRO P 2 20.74 36.82 82.94
N VAL P 3 20.17 37.94 83.35
CA VAL P 3 18.73 38.20 83.19
C VAL P 3 18.50 39.62 82.66
N LEU P 4 17.69 39.73 81.60
CA LEU P 4 17.29 41.00 81.00
C LEU P 4 16.35 41.87 81.85
N THR P 5 16.50 43.18 81.70
CA THR P 5 15.75 44.15 82.50
C THR P 5 14.40 44.53 81.89
N GLN P 6 13.31 44.17 82.56
CA GLN P 6 11.96 44.56 82.11
C GLN P 6 11.27 45.35 83.21
N PRO P 7 10.31 46.22 82.84
CA PRO P 7 9.52 46.80 83.92
C PRO P 7 8.73 45.66 84.55
N PRO P 8 8.57 45.68 85.89
CA PRO P 8 7.83 44.60 86.55
C PRO P 8 6.38 44.47 86.11
N SER P 9 5.75 45.59 85.82
CA SER P 9 4.35 45.60 85.45
C SER P 9 4.03 46.75 84.50
N ALA P 10 2.88 46.67 83.85
CA ALA P 10 2.43 47.71 82.94
C ALA P 10 0.91 47.59 82.89
N SER P 11 0.24 48.67 82.51
CA SER P 11 -1.21 48.62 82.37
C SER P 11 -1.74 49.58 81.32
N GLY P 12 -2.94 49.31 80.82
CA GLY P 12 -3.63 50.21 79.91
C GLY P 12 -5.12 49.94 79.85
N SER P 13 -5.87 50.95 79.41
CA SER P 13 -7.29 50.79 79.12
C SER P 13 -7.46 50.22 77.71
N PRO P 14 -8.57 49.51 77.47
CA PRO P 14 -8.91 48.93 76.15
C PRO P 14 -8.90 49.96 75.01
N GLY P 15 -8.37 49.56 73.86
CA GLY P 15 -8.24 50.42 72.70
C GLY P 15 -6.92 51.19 72.63
N GLN P 16 -6.26 51.33 73.77
CA GLN P 16 -5.00 52.06 73.86
C GLN P 16 -3.79 51.27 73.35
N ARG P 17 -2.70 51.99 73.12
CA ARG P 17 -1.44 51.35 72.73
C ARG P 17 -0.54 51.35 73.94
N VAL P 18 0.18 50.25 74.15
N VAL P 18 0.16 50.24 74.16
CA VAL P 18 1.13 50.15 75.27
CA VAL P 18 1.14 50.13 75.22
C VAL P 18 2.44 49.52 74.80
C VAL P 18 2.46 49.63 74.68
N THR P 19 3.56 50.01 75.34
CA THR P 19 4.86 49.48 74.99
C THR P 19 5.53 48.90 76.22
N ILE P 20 6.34 47.87 76.03
CA ILE P 20 7.05 47.23 77.12
C ILE P 20 8.51 47.09 76.74
N SER P 21 9.37 47.70 77.54
CA SER P 21 10.79 47.74 77.21
C SER P 21 11.55 46.53 77.75
N CYS P 22 12.69 46.26 77.15
CA CYS P 22 13.50 45.11 77.49
C CYS P 22 14.93 45.57 77.28
N SER P 23 15.69 45.71 78.37
CA SER P 23 17.04 46.26 78.25
C SER P 23 18.08 45.19 78.49
N GLY P 24 19.09 45.18 77.61
CA GLY P 24 20.17 44.23 77.69
C GLY P 24 21.52 44.90 77.56
N SER P 25 22.35 44.33 76.69
CA SER P 25 23.76 44.70 76.58
C SER P 25 24.27 44.32 75.20
N SER P 26 25.51 44.66 74.92
N SER P 26 25.50 44.69 74.91
CA SER P 26 26.10 44.47 73.60
CA SER P 26 26.11 44.49 73.61
C SER P 26 26.15 43.01 73.20
C SER P 26 26.13 43.01 73.22
N SER P 27 26.26 42.13 74.19
CA SER P 27 26.42 40.69 73.93
C SER P 27 25.12 39.95 73.65
N ASN P 28 23.98 40.56 74.00
CA ASN P 28 22.68 39.99 73.62
C ASN P 28 21.92 40.77 72.55
N ILE P 29 21.12 41.75 72.95
CA ILE P 29 20.20 42.42 72.05
C ILE P 29 20.97 43.23 71.00
N GLY P 30 22.15 43.71 71.39
CA GLY P 30 23.03 44.46 70.51
C GLY P 30 23.68 43.62 69.43
N SER P 31 23.53 42.31 69.57
CA SER P 31 24.21 41.32 68.73
C SER P 31 23.23 40.33 68.12
N TYR P 32 22.16 40.02 68.83
CA TYR P 32 21.23 38.98 68.41
C TYR P 32 19.80 39.50 68.44
N THR P 33 18.92 38.90 67.64
CA THR P 33 17.52 39.30 67.62
C THR P 33 16.80 38.95 68.91
N VAL P 34 15.67 39.62 69.15
CA VAL P 34 14.88 39.42 70.35
C VAL P 34 13.57 38.70 70.07
N ASN P 35 13.22 37.74 70.91
CA ASN P 35 11.91 37.08 70.83
C ASN P 35 11.01 37.60 71.94
N TRP P 36 9.71 37.61 71.69
CA TRP P 36 8.77 37.98 72.75
C TRP P 36 7.76 36.85 72.97
N TYR P 37 7.45 36.56 74.23
CA TYR P 37 6.48 35.52 74.55
C TYR P 37 5.38 36.08 75.46
N GLN P 38 4.17 35.53 75.34
CA GLN P 38 3.06 35.95 76.18
C GLN P 38 2.62 34.76 77.01
N GLN P 39 2.52 34.95 78.31
CA GLN P 39 2.11 33.87 79.17
C GLN P 39 0.90 34.24 80.01
N LEU P 40 -0.17 33.45 79.87
CA LEU P 40 -1.35 33.60 80.70
C LEU P 40 -1.21 32.68 81.91
N PRO P 41 -1.92 32.98 83.00
CA PRO P 41 -1.81 32.17 84.22
C PRO P 41 -2.08 30.70 83.95
N GLY P 42 -1.23 29.82 84.47
CA GLY P 42 -1.46 28.39 84.39
C GLY P 42 -1.29 27.70 83.04
N THR P 43 -0.68 28.39 82.08
CA THR P 43 -0.56 27.87 80.72
C THR P 43 0.87 28.02 80.22
N ALA P 44 1.28 27.17 79.27
CA ALA P 44 2.62 27.28 78.70
C ALA P 44 2.80 28.62 77.99
N PRO P 45 4.04 29.14 77.96
CA PRO P 45 4.29 30.34 77.15
C PRO P 45 3.93 30.15 75.68
N LYS P 46 3.46 31.21 75.04
CA LYS P 46 3.18 31.21 73.60
C LYS P 46 4.12 32.18 72.88
N LEU P 47 4.77 31.72 71.82
CA LEU P 47 5.60 32.63 71.02
C LEU P 47 4.80 33.71 70.29
N LEU P 48 5.19 34.96 70.48
CA LEU P 48 4.49 36.14 69.97
CA LEU P 48 4.48 36.10 69.93
C LEU P 48 5.25 36.79 68.83
N ILE P 49 6.52 37.11 69.11
CA ILE P 49 7.37 37.84 68.19
C ILE P 49 8.74 37.19 68.13
N TYR P 50 9.30 37.10 66.92
CA TYR P 50 10.66 36.61 66.72
C TYR P 50 11.38 37.45 65.66
N SER P 51 12.70 37.33 65.60
N SER P 51 12.70 37.33 65.63
CA SER P 51 13.53 38.10 64.68
CA SER P 51 13.59 38.09 64.74
C SER P 51 13.27 39.59 64.81
C SER P 51 13.25 39.58 64.82
N LEU P 52 13.02 40.01 66.05
CA LEU P 52 12.72 41.38 66.47
C LEU P 52 11.32 41.92 66.14
N ASN P 53 10.84 41.64 64.93
CA ASN P 53 9.71 42.42 64.43
C ASN P 53 8.63 41.52 63.87
N GLN P 54 8.92 40.23 63.85
CA GLN P 54 8.04 39.28 63.18
C GLN P 54 7.08 38.44 63.99
N ARG P 55 5.94 38.16 63.36
CA ARG P 55 4.84 37.43 63.95
C ARG P 55 4.57 36.08 63.30
N PRO P 56 4.52 35.01 64.11
CA PRO P 56 4.10 33.68 63.64
C PRO P 56 2.63 33.76 63.21
N SER P 57 2.19 32.80 62.41
CA SER P 57 0.78 32.72 62.01
C SER P 57 -0.10 32.73 63.26
N GLY P 58 -1.22 33.45 63.19
CA GLY P 58 -2.15 33.52 64.31
C GLY P 58 -2.00 34.74 65.20
N VAL P 59 -0.84 35.39 65.16
CA VAL P 59 -0.59 36.55 66.01
C VAL P 59 -0.98 37.82 65.26
N PRO P 60 -1.93 38.61 65.81
CA PRO P 60 -2.40 39.82 65.13
C PRO P 60 -1.32 40.87 64.93
N ASP P 61 -1.51 41.71 63.92
CA ASP P 61 -0.49 42.69 63.55
C ASP P 61 -0.40 43.89 64.50
N ARG P 62 -1.33 43.98 65.45
CA ARG P 62 -1.29 45.04 66.46
C ARG P 62 -0.19 44.77 67.49
N PHE P 63 0.43 43.60 67.37
CA PHE P 63 1.63 43.29 68.12
C PHE P 63 2.82 43.60 67.20
N SER P 64 3.72 44.47 67.66
CA SER P 64 4.91 44.84 66.92
C SER P 64 6.15 45.00 67.79
N GLY P 65 7.30 44.58 67.26
CA GLY P 65 8.57 44.74 67.96
C GLY P 65 9.44 45.80 67.30
N SER P 66 10.32 46.39 68.08
CA SER P 66 11.30 47.36 67.60
C SER P 66 12.51 47.36 68.53
N LYS P 67 13.60 47.99 68.12
CA LYS P 67 14.70 48.17 69.05
C LYS P 67 15.54 49.41 68.78
N SER P 68 16.30 49.81 69.81
CA SER P 68 17.18 50.97 69.73
C SER P 68 18.36 50.70 70.66
N GLY P 69 19.56 50.66 70.09
CA GLY P 69 20.74 50.36 70.88
C GLY P 69 20.69 48.97 71.51
N THR P 70 20.78 48.94 72.83
CA THR P 70 20.81 47.69 73.60
C THR P 70 19.45 47.43 74.24
N SER P 71 18.45 48.18 73.79
CA SER P 71 17.08 48.00 74.25
C SER P 71 16.11 47.67 73.12
N ALA P 72 15.10 46.87 73.45
CA ALA P 72 14.06 46.47 72.52
C ALA P 72 12.70 46.75 73.14
N SER P 73 11.67 46.83 72.31
N SER P 73 11.67 46.83 72.31
CA SER P 73 10.34 47.15 72.79
CA SER P 73 10.33 47.18 72.81
C SER P 73 9.24 46.40 72.06
C SER P 73 9.21 46.46 72.07
N LEU P 74 8.26 45.92 72.83
CA LEU P 74 7.06 45.33 72.27
C LEU P 74 5.91 46.32 72.39
N ALA P 75 5.25 46.60 71.27
CA ALA P 75 4.10 47.49 71.24
C ALA P 75 2.81 46.72 70.96
N ILE P 76 1.79 46.97 71.76
CA ILE P 76 0.48 46.39 71.52
C ILE P 76 -0.55 47.49 71.30
N SER P 77 -1.03 47.59 70.07
CA SER P 77 -2.02 48.60 69.69
C SER P 77 -3.41 48.03 69.93
N GLY P 78 -4.38 48.92 70.11
CA GLY P 78 -5.77 48.52 70.29
C GLY P 78 -5.93 47.46 71.38
N LEU P 79 -5.42 47.80 72.55
CA LEU P 79 -5.37 46.88 73.69
CA LEU P 79 -5.37 46.89 73.70
C LEU P 79 -6.71 46.22 73.95
N GLN P 80 -6.70 44.90 74.17
CA GLN P 80 -7.94 44.21 74.48
C GLN P 80 -7.83 43.58 75.86
N SER P 81 -8.97 43.40 76.54
CA SER P 81 -8.98 42.82 77.88
C SER P 81 -8.22 41.49 77.96
N GLU P 82 -8.44 40.65 76.95
CA GLU P 82 -7.85 39.30 76.87
C GLU P 82 -6.33 39.29 76.70
N ASP P 83 -5.76 40.46 76.46
CA ASP P 83 -4.32 40.63 76.26
C ASP P 83 -3.61 40.69 77.61
N GLU P 84 -4.40 40.71 78.68
CA GLU P 84 -3.86 40.77 80.04
C GLU P 84 -3.14 39.48 80.40
N ALA P 85 -1.83 39.62 80.66
CA ALA P 85 -0.92 38.49 80.82
C ALA P 85 0.46 38.98 81.25
N VAL P 86 1.37 38.05 81.53
CA VAL P 86 2.77 38.40 81.74
C VAL P 86 3.56 38.15 80.45
N TYR P 87 4.35 39.16 80.07
CA TYR P 87 5.15 39.10 78.85
C TYR P 87 6.64 39.01 79.12
N TYR P 88 7.29 38.03 78.50
CA TYR P 88 8.74 37.85 78.63
C TYR P 88 9.43 38.05 77.28
N CYS P 89 10.58 38.73 77.31
CA CYS P 89 11.48 38.80 76.17
C CYS P 89 12.61 37.79 76.35
N ALA P 90 13.32 37.47 75.26
CA ALA P 90 14.50 36.62 75.35
C ALA P 90 15.47 36.90 74.20
N ALA P 91 16.75 36.65 74.45
CA ALA P 91 17.77 36.77 73.42
C ALA P 91 18.95 35.83 73.69
N TRP P 92 19.60 35.39 72.63
CA TRP P 92 20.89 34.72 72.76
C TRP P 92 21.93 35.70 73.32
N ASP P 93 22.92 35.18 74.04
CA ASP P 93 23.92 36.01 74.71
C ASP P 93 25.26 35.29 74.61
N ASP P 94 26.26 35.92 73.99
CA ASP P 94 27.55 35.23 73.80
C ASP P 94 28.64 35.55 74.82
N SER P 95 28.28 36.20 75.93
CA SER P 95 29.26 36.38 76.99
C SER P 95 29.39 35.12 77.84
N LEU P 96 30.49 35.03 78.59
CA LEU P 96 30.76 33.88 79.45
C LEU P 96 30.63 32.57 78.69
N SER P 97 29.75 31.69 79.16
CA SER P 97 29.30 30.57 78.33
C SER P 97 27.96 30.90 77.73
N ALA P 98 27.88 30.83 76.40
CA ALA P 98 26.73 31.30 75.65
C ALA P 98 25.41 30.67 76.12
N HIS P 99 24.34 31.46 76.17
CA HIS P 99 23.12 31.01 76.82
C HIS P 99 21.95 31.85 76.33
N VAL P 100 20.74 31.36 76.55
CA VAL P 100 19.54 32.15 76.32
C VAL P 100 19.22 32.93 77.60
N VAL P 101 18.86 34.20 77.47
CA VAL P 101 18.43 35.01 78.61
CA VAL P 101 18.40 34.96 78.62
C VAL P 101 16.94 35.37 78.52
N PHE P 102 16.19 35.07 79.57
CA PHE P 102 14.82 35.56 79.67
C PHE P 102 14.81 36.79 80.56
N GLY P 103 13.89 37.71 80.29
CA GLY P 103 13.60 38.78 81.21
C GLY P 103 12.80 38.36 82.42
N GLY P 104 12.67 39.24 83.40
CA GLY P 104 12.00 38.91 84.65
C GLY P 104 10.49 38.92 84.48
N GLY P 105 10.03 39.41 83.33
CA GLY P 105 8.60 39.45 83.04
C GLY P 105 7.88 40.74 83.39
N THR P 106 6.89 41.08 82.58
CA THR P 106 6.07 42.26 82.82
C THR P 106 4.60 41.83 82.84
N LYS P 107 3.96 41.99 84.00
CA LYS P 107 2.52 41.78 84.14
C LYS P 107 1.70 42.96 83.59
N LEU P 108 0.95 42.68 82.53
CA LEU P 108 0.08 43.69 81.92
C LEU P 108 -1.36 43.59 82.42
N THR P 109 -1.87 44.69 82.98
CA THR P 109 -3.26 44.78 83.43
C THR P 109 -4.10 45.65 82.48
N VAL P 110 -5.22 45.11 82.01
CA VAL P 110 -6.21 45.91 81.29
C VAL P 110 -7.29 46.48 82.20
N LEU P 111 -7.29 47.80 82.38
CA LEU P 111 -8.07 48.46 83.43
C LEU P 111 -9.57 48.21 83.25
N VAL Q 2 14.33 53.83 45.55
CA VAL Q 2 14.09 54.46 44.27
C VAL Q 2 14.08 55.96 44.59
N GLN Q 3 14.76 56.76 43.79
CA GLN Q 3 14.80 58.19 44.08
C GLN Q 3 15.17 59.03 42.87
N LEU Q 4 14.49 60.16 42.78
CA LEU Q 4 14.82 61.25 41.88
C LEU Q 4 15.07 62.51 42.69
N VAL Q 5 16.12 63.25 42.35
CA VAL Q 5 16.37 64.49 43.08
C VAL Q 5 16.66 65.61 42.08
N GLN Q 6 15.77 66.58 42.05
CA GLN Q 6 15.90 67.74 41.18
C GLN Q 6 16.73 68.85 41.81
N SER Q 7 17.42 69.58 40.96
CA SER Q 7 18.22 70.74 41.36
C SER Q 7 18.28 71.77 40.23
N GLY Q 8 18.76 72.96 40.55
CA GLY Q 8 18.96 74.00 39.57
C GLY Q 8 17.92 75.11 39.60
N GLY Q 9 16.93 74.98 40.49
CA GLY Q 9 15.85 75.94 40.53
C GLY Q 9 16.35 77.24 41.15
N GLY Q 10 15.57 78.31 41.00
CA GLY Q 10 15.95 79.59 41.58
C GLY Q 10 15.23 80.77 40.97
N VAL Q 11 15.69 81.97 41.30
CA VAL Q 11 15.11 83.19 40.77
C VAL Q 11 15.88 83.60 39.52
N VAL Q 12 15.16 84.07 38.50
CA VAL Q 12 15.74 84.47 37.22
C VAL Q 12 14.88 85.55 36.56
N GLN Q 13 15.50 86.34 35.68
CA GLN Q 13 14.79 87.43 35.04
C GLN Q 13 14.18 86.85 33.76
N PRO Q 14 13.01 87.37 33.32
CA PRO Q 14 12.40 86.88 32.07
C PRO Q 14 13.29 86.95 30.84
N ARG Q 15 13.08 86.03 29.90
CA ARG Q 15 13.84 85.94 28.65
C ARG Q 15 15.22 85.31 28.85
N ARG Q 16 15.64 85.18 30.12
CA ARG Q 16 16.93 84.59 30.43
C ARG Q 16 16.78 83.07 30.42
N SER Q 17 17.87 82.33 30.66
CA SER Q 17 17.78 80.86 30.67
C SER Q 17 18.22 80.21 31.97
N LEU Q 18 17.73 78.99 32.20
CA LEU Q 18 18.16 78.19 33.34
C LEU Q 18 18.11 76.69 32.98
N ARG Q 19 19.00 75.92 33.58
N ARG Q 19 19.05 75.91 33.51
CA ARG Q 19 19.10 74.48 33.33
CA ARG Q 19 19.04 74.46 33.29
C ARG Q 19 18.84 73.67 34.60
C ARG Q 19 18.77 73.73 34.60
N LEU Q 20 17.82 72.81 34.56
CA LEU Q 20 17.52 71.97 35.72
C LEU Q 20 18.09 70.57 35.53
N SER Q 21 18.44 69.92 36.65
CA SER Q 21 18.92 68.54 36.59
C SER Q 21 18.20 67.62 37.56
N CYS Q 22 18.16 66.34 37.25
CA CYS Q 22 17.50 65.37 38.12
C CYS Q 22 18.33 64.09 38.23
N ALA Q 23 18.82 63.78 39.42
CA ALA Q 23 19.66 62.61 39.62
C ALA Q 23 18.83 61.41 40.09
N ALA Q 24 18.97 60.28 39.39
CA ALA Q 24 18.21 59.06 39.71
C ALA Q 24 19.05 57.95 40.32
N SER Q 25 18.45 57.23 41.28
CA SER Q 25 19.07 56.04 41.87
C SER Q 25 18.04 54.98 42.24
N GLY Q 26 18.43 53.72 42.27
CA GLY Q 26 17.57 52.67 42.79
C GLY Q 26 16.65 51.96 41.82
N PHE Q 27 16.70 52.36 40.55
CA PHE Q 27 15.94 51.67 39.50
C PHE Q 27 16.75 51.81 38.24
N THR Q 28 16.40 51.07 37.19
CA THR Q 28 17.21 51.15 36.00
C THR Q 28 16.79 52.35 35.16
N PHE Q 29 17.45 53.48 35.44
CA PHE Q 29 17.18 54.76 34.79
C PHE Q 29 17.14 54.67 33.27
N SER Q 30 18.15 54.00 32.71
CA SER Q 30 18.32 53.92 31.28
C SER Q 30 17.24 53.10 30.59
N SER Q 31 16.39 52.46 31.38
CA SER Q 31 15.31 51.64 30.85
C SER Q 31 13.97 52.36 30.78
N TYR Q 32 13.91 53.60 31.26
CA TYR Q 32 12.65 54.31 31.39
C TYR Q 32 12.65 55.67 30.71
N ALA Q 33 11.53 55.98 30.09
CA ALA Q 33 11.26 57.33 29.67
C ALA Q 33 11.15 58.18 30.92
N MET Q 34 11.34 59.48 30.76
CA MET Q 34 11.28 60.39 31.90
C MET Q 34 10.46 61.59 31.51
N HIS Q 35 9.70 62.11 32.48
CA HIS Q 35 8.87 63.27 32.21
C HIS Q 35 9.33 64.46 33.03
N TRP Q 36 9.11 65.66 32.50
CA TRP Q 36 9.10 66.85 33.32
C TRP Q 36 7.65 67.28 33.40
N VAL Q 37 7.24 67.64 34.61
CA VAL Q 37 5.90 68.14 34.91
C VAL Q 37 6.07 69.32 35.85
N ARG Q 38 5.30 70.38 35.67
CA ARG Q 38 5.43 71.54 36.55
C ARG Q 38 4.10 71.92 37.20
N GLN Q 39 4.20 72.69 38.28
CA GLN Q 39 3.04 73.11 39.04
C GLN Q 39 3.28 74.51 39.56
N ALA Q 40 2.46 75.46 39.15
CA ALA Q 40 2.59 76.82 39.65
C ALA Q 40 2.05 76.89 41.06
N PRO Q 41 2.67 77.73 41.92
CA PRO Q 41 2.22 77.86 43.31
C PRO Q 41 0.71 78.06 43.40
N GLY Q 42 0.05 77.21 44.17
CA GLY Q 42 -1.39 77.30 44.36
C GLY Q 42 -2.18 76.83 43.15
N LYS Q 43 -1.49 76.30 42.15
CA LYS Q 43 -2.16 75.88 40.92
C LYS Q 43 -2.05 74.38 40.68
N GLY Q 44 -2.56 73.94 39.53
CA GLY Q 44 -2.61 72.54 39.18
C GLY Q 44 -1.35 72.05 38.51
N LEU Q 45 -1.31 70.75 38.22
CA LEU Q 45 -0.22 70.12 37.49
C LEU Q 45 -0.29 70.41 36.00
N GLU Q 46 0.88 70.64 35.41
CA GLU Q 46 1.01 70.86 33.97
C GLU Q 46 2.14 70.00 33.43
N TRP Q 47 1.84 69.14 32.47
CA TRP Q 47 2.88 68.31 31.89
C TRP Q 47 3.78 69.20 31.03
N VAL Q 48 5.07 68.91 31.06
CA VAL Q 48 6.04 69.73 30.34
C VAL Q 48 6.64 69.00 29.17
N ALA Q 49 7.19 67.81 29.43
CA ALA Q 49 7.85 67.06 28.36
C ALA Q 49 8.11 65.60 28.73
N VAL Q 50 8.37 64.78 27.71
CA VAL Q 50 8.84 63.41 27.94
C VAL Q 50 10.04 63.08 27.03
N ILE Q 51 10.98 62.30 27.54
CA ILE Q 51 12.10 61.80 26.74
C ILE Q 51 12.27 60.28 26.86
N SER Q 52 12.51 59.60 25.74
CA SER Q 52 12.62 58.14 25.75
C SER Q 52 13.90 57.68 26.43
N TYR Q 53 13.94 56.39 26.78
CA TYR Q 53 15.07 55.79 27.50
C TYR Q 53 16.42 56.16 26.89
N ASP Q 54 16.48 56.07 25.57
CA ASP Q 54 17.68 56.32 24.80
C ASP Q 54 17.85 57.72 24.20
N GLY Q 55 16.97 58.65 24.57
CA GLY Q 55 17.11 60.01 24.09
C GLY Q 55 16.67 60.22 22.66
N ARG Q 56 16.16 59.16 22.03
CA ARG Q 56 15.86 59.20 20.61
C ARG Q 56 14.52 59.86 20.36
N ASN Q 57 13.69 59.93 21.41
CA ASN Q 57 12.38 60.55 21.29
C ASN Q 57 12.07 61.61 22.34
N LYS Q 58 11.52 62.75 21.91
CA LYS Q 58 11.30 63.86 22.82
C LYS Q 58 9.96 64.46 22.43
N TYR Q 59 9.14 64.79 23.42
CA TYR Q 59 7.87 65.48 23.18
C TYR Q 59 7.71 66.61 24.17
N TYR Q 60 7.11 67.71 23.75
CA TYR Q 60 7.07 68.89 24.59
C TYR Q 60 5.61 69.35 24.69
N ALA Q 61 5.25 69.99 25.80
CA ALA Q 61 3.97 70.68 25.87
C ALA Q 61 4.01 71.87 24.92
N ASP Q 62 2.89 72.20 24.31
CA ASP Q 62 2.84 73.34 23.40
C ASP Q 62 3.23 74.66 24.06
N SER Q 63 2.91 74.82 25.34
CA SER Q 63 3.17 76.09 26.02
C SER Q 63 4.67 76.41 26.12
N VAL Q 64 5.49 75.36 26.05
CA VAL Q 64 6.94 75.51 26.11
C VAL Q 64 7.63 75.03 24.84
N LYS Q 65 6.83 74.50 23.91
CA LYS Q 65 7.34 73.92 22.67
C LYS Q 65 8.19 74.97 21.97
N GLY Q 66 9.36 74.59 21.46
CA GLY Q 66 10.16 75.56 20.72
C GLY Q 66 11.03 76.46 21.59
N ARG Q 67 10.81 76.41 22.91
CA ARG Q 67 11.60 77.19 23.88
C ARG Q 67 12.43 76.30 24.79
N PHE Q 68 11.87 75.18 25.25
CA PHE Q 68 12.60 74.30 26.15
C PHE Q 68 13.07 73.05 25.40
N THR Q 69 14.17 72.49 25.88
CA THR Q 69 14.74 71.28 25.32
C THR Q 69 15.10 70.32 26.45
N VAL Q 70 14.57 69.11 26.36
CA VAL Q 70 14.85 68.07 27.34
C VAL Q 70 15.94 67.15 26.81
N SER Q 71 16.79 66.67 27.71
CA SER Q 71 17.86 65.74 27.38
C SER Q 71 18.22 64.87 28.58
N ARG Q 72 19.02 63.84 28.34
CA ARG Q 72 19.47 62.97 29.42
C ARG Q 72 20.86 62.41 29.17
N ASP Q 73 21.54 62.05 30.25
CA ASP Q 73 22.81 61.36 30.18
C ASP Q 73 22.69 60.11 31.03
N ASN Q 74 22.54 58.96 30.39
CA ASN Q 74 22.30 57.74 31.16
C ASN Q 74 23.51 57.31 31.99
N SER Q 75 24.70 57.69 31.55
CA SER Q 75 25.93 57.35 32.28
C SER Q 75 26.05 58.07 33.62
N LYS Q 76 25.35 59.18 33.77
CA LYS Q 76 25.38 59.94 35.00
C LYS Q 76 24.05 59.78 35.73
N ASN Q 77 23.16 58.99 35.13
CA ASN Q 77 21.82 58.76 35.65
C ASN Q 77 21.17 60.11 35.91
N THR Q 78 21.35 61.03 34.97
CA THR Q 78 20.81 62.36 35.15
C THR Q 78 19.90 62.77 33.99
N LEU Q 79 18.78 63.41 34.33
CA LEU Q 79 17.89 63.99 33.35
C LEU Q 79 18.02 65.51 33.41
N TYR Q 80 17.93 66.17 32.25
CA TYR Q 80 18.03 67.63 32.22
C TYR Q 80 16.82 68.27 31.55
N LEU Q 81 16.53 69.50 31.95
CA LEU Q 81 15.57 70.35 31.24
C LEU Q 81 16.19 71.72 31.02
N GLN Q 82 16.49 72.04 29.76
CA GLN Q 82 16.99 73.36 29.41
C GLN Q 82 15.86 74.33 29.12
N MET Q 83 15.77 75.38 29.93
CA MET Q 83 14.69 76.35 29.81
C MET Q 83 15.22 77.67 29.25
N ASN Q 84 14.80 78.03 28.04
CA ASN Q 84 15.20 79.29 27.44
C ASN Q 84 14.03 80.25 27.27
N SER Q 85 14.35 81.52 27.03
CA SER Q 85 13.34 82.55 26.78
C SER Q 85 12.27 82.55 27.86
N LEU Q 86 12.72 82.54 29.12
CA LEU Q 86 11.81 82.40 30.24
C LEU Q 86 10.81 83.56 30.37
N ARG Q 87 9.61 83.22 30.82
CA ARG Q 87 8.53 84.17 31.06
C ARG Q 87 8.12 84.03 32.51
N ALA Q 88 7.45 85.05 33.04
CA ALA Q 88 7.01 85.04 34.42
C ALA Q 88 6.13 83.83 34.72
N GLU Q 89 5.28 83.46 33.77
CA GLU Q 89 4.35 82.34 33.96
C GLU Q 89 5.03 80.97 33.99
N ASP Q 90 6.33 80.90 33.73
CA ASP Q 90 7.07 79.65 33.90
C ASP Q 90 7.42 79.40 35.35
N THR Q 91 7.14 80.38 36.21
CA THR Q 91 7.39 80.23 37.64
C THR Q 91 6.58 79.06 38.15
N SER Q 92 7.25 78.12 38.82
CA SER Q 92 6.63 76.84 39.16
C SER Q 92 7.60 75.98 39.95
N VAL Q 93 7.08 74.97 40.63
CA VAL Q 93 7.92 73.88 41.10
C VAL Q 93 8.03 72.88 39.96
N TYR Q 94 9.25 72.49 39.62
CA TYR Q 94 9.45 71.53 38.54
C TYR Q 94 9.83 70.16 39.04
N TYR Q 95 9.06 69.16 38.62
CA TYR Q 95 9.28 67.78 39.00
C TYR Q 95 9.77 66.99 37.82
N CYS Q 96 10.60 65.99 38.12
CA CYS Q 96 10.91 64.96 37.14
C CYS Q 96 10.23 63.71 37.64
N ALA Q 97 9.87 62.82 36.73
CA ALA Q 97 9.12 61.63 37.11
C ALA Q 97 9.43 60.47 36.19
N ARG Q 98 9.52 59.28 36.77
CA ARG Q 98 9.78 58.11 35.96
C ARG Q 98 8.46 57.76 35.28
N GLU Q 99 8.54 57.42 34.01
CA GLU Q 99 7.42 56.99 33.20
C GLU Q 99 6.71 55.78 33.82
N LEU Q 100 5.39 55.72 33.62
CA LEU Q 100 4.54 54.63 34.13
C LEU Q 100 5.06 53.25 33.72
N LEU Q 101 5.28 53.06 32.44
CA LEU Q 101 5.61 51.73 31.95
C LEU Q 101 7.00 51.79 31.35
N MET Q 102 7.72 50.69 31.54
N MET Q 102 7.80 50.74 31.58
CA MET Q 102 9.07 50.51 31.03
CA MET Q 102 9.09 50.68 30.92
C MET Q 102 9.08 50.34 29.50
C MET Q 102 8.89 50.55 29.42
N ASP Q 103 8.13 49.56 28.96
CA ASP Q 103 7.98 49.36 27.51
C ASP Q 103 6.87 50.24 26.94
N TYR Q 104 7.07 50.66 25.70
CA TYR Q 104 6.17 51.57 24.99
C TYR Q 104 5.13 50.73 24.26
N TYR Q 105 3.87 51.16 24.37
CA TYR Q 105 2.84 50.51 23.61
C TYR Q 105 2.07 51.59 22.87
N ASP Q 106 1.81 51.41 21.58
CA ASP Q 106 1.27 52.52 20.82
C ASP Q 106 -0.22 52.74 21.07
N HIS Q 107 -0.82 51.84 21.85
CA HIS Q 107 -2.20 52.01 22.29
C HIS Q 107 -2.32 52.55 23.72
N ILE Q 108 -1.18 52.75 24.38
CA ILE Q 108 -1.13 53.22 25.76
C ILE Q 108 -0.49 54.59 25.88
N GLY Q 109 0.61 54.77 25.15
CA GLY Q 109 1.38 56.01 25.14
C GLY Q 109 2.23 56.28 26.38
N TYR Q 110 2.48 57.56 26.65
CA TYR Q 110 3.23 57.98 27.83
C TYR Q 110 2.46 58.67 28.95
N SER Q 111 2.92 58.47 30.18
CA SER Q 111 2.32 59.12 31.36
C SER Q 111 3.24 58.95 32.57
N PRO Q 112 3.20 59.90 33.51
CA PRO Q 112 3.98 59.85 34.76
C PRO Q 112 3.62 58.67 35.68
N GLY Q 113 4.64 58.02 36.22
CA GLY Q 113 4.43 56.84 37.05
C GLY Q 113 4.42 57.13 38.53
N PRO Q 114 4.84 56.13 39.34
CA PRO Q 114 4.76 56.20 40.80
C PRO Q 114 5.88 57.01 41.44
N THR Q 115 6.95 57.27 40.68
CA THR Q 115 8.13 57.89 41.26
C THR Q 115 8.34 59.34 40.83
N TRP Q 116 8.28 60.24 41.80
CA TRP Q 116 8.46 61.66 41.56
C TRP Q 116 9.54 62.12 42.53
N GLY Q 117 10.32 63.11 42.13
CA GLY Q 117 11.25 63.74 43.05
C GLY Q 117 10.51 64.74 43.91
N GLN Q 118 11.23 65.44 44.79
CA GLN Q 118 10.57 66.34 45.73
C GLN Q 118 10.29 67.67 45.03
N GLY Q 119 10.93 67.90 43.88
CA GLY Q 119 10.71 69.11 43.13
C GLY Q 119 11.70 70.23 43.39
N THR Q 120 11.93 71.06 42.37
CA THR Q 120 12.76 72.25 42.54
C THR Q 120 12.06 73.48 41.95
N LEU Q 121 12.07 74.57 42.73
CA LEU Q 121 11.34 75.80 42.41
C LEU Q 121 12.09 76.76 41.49
N VAL Q 122 11.42 77.23 40.43
CA VAL Q 122 12.00 78.23 39.54
C VAL Q 122 11.11 79.46 39.52
N THR Q 123 11.67 80.62 39.85
CA THR Q 123 10.92 81.87 39.92
C THR Q 123 11.37 82.90 38.89
N VAL Q 124 10.46 83.31 38.01
CA VAL Q 124 10.75 84.29 36.98
C VAL Q 124 10.06 85.63 37.20
N SER Q 125 10.81 86.68 37.56
CA SER Q 125 10.21 87.98 37.84
C SER Q 125 11.15 89.11 37.45
N SER Q 126 10.68 90.35 37.57
CA SER Q 126 11.57 91.51 37.43
C SER Q 126 12.06 92.03 38.77
N ALA Q 127 11.53 91.47 39.86
CA ALA Q 127 11.85 91.93 41.21
C ALA Q 127 13.32 91.70 41.53
N SER Q 128 13.92 92.56 42.36
CA SER Q 128 15.29 92.32 42.78
C SER Q 128 15.35 92.19 44.29
N THR Q 129 16.43 91.59 44.80
CA THR Q 129 16.59 91.36 46.23
C THR Q 129 16.28 92.60 47.07
N LYS Q 130 15.42 92.46 48.06
CA LYS Q 130 15.06 93.60 48.89
C LYS Q 130 14.65 93.18 50.30
N GLY Q 131 15.24 93.81 51.34
CA GLY Q 131 14.88 93.46 52.70
C GLY Q 131 13.56 94.12 53.07
N PRO Q 132 12.87 93.59 54.09
CA PRO Q 132 11.53 94.11 54.38
C PRO Q 132 11.55 95.39 55.20
N SER Q 133 10.52 96.22 55.06
CA SER Q 133 10.23 97.24 56.05
C SER Q 133 9.31 96.61 57.09
N VAL Q 134 9.52 96.92 58.37
CA VAL Q 134 8.68 96.34 59.40
C VAL Q 134 7.98 97.43 60.19
N PHE Q 135 6.65 97.35 60.26
CA PHE Q 135 5.87 98.31 61.00
C PHE Q 135 5.10 97.56 62.06
N PRO Q 136 4.93 98.19 63.24
CA PRO Q 136 4.17 97.53 64.30
C PRO Q 136 2.67 97.66 64.07
N LEU Q 137 1.92 96.62 64.39
CA LEU Q 137 0.47 96.75 64.38
C LEU Q 137 0.02 96.80 65.82
N ALA Q 138 -0.21 98.02 66.30
CA ALA Q 138 -0.45 98.28 67.71
C ALA Q 138 -1.81 97.79 68.19
N PRO Q 139 -1.86 97.29 69.44
CA PRO Q 139 -3.15 97.02 70.07
C PRO Q 139 -3.83 98.36 70.36
N SER Q 140 -5.14 98.40 70.17
CA SER Q 140 -5.92 99.60 70.47
C SER Q 140 -7.31 99.17 70.91
N SER Q 141 -8.21 100.14 71.07
CA SER Q 141 -9.58 99.82 71.43
C SER Q 141 -10.27 99.06 70.29
N LYS Q 142 -9.88 99.33 69.05
CA LYS Q 142 -10.53 98.69 67.90
C LYS Q 142 -10.07 97.24 67.70
N SER Q 143 -8.91 96.87 68.26
CA SER Q 143 -8.41 95.50 68.21
C SER Q 143 -8.57 94.67 69.48
N THR Q 144 -9.49 95.04 70.37
CA THR Q 144 -9.64 94.31 71.63
C THR Q 144 -11.02 93.63 71.77
N SER Q 145 -11.02 92.34 72.12
CA SER Q 145 -12.26 91.64 72.42
C SER Q 145 -12.31 91.27 73.90
N GLY Q 146 -13.42 90.67 74.32
CA GLY Q 146 -13.57 90.27 75.72
C GLY Q 146 -12.52 89.35 76.31
N GLY Q 147 -11.58 89.94 77.05
CA GLY Q 147 -10.58 89.18 77.77
C GLY Q 147 -9.25 89.12 77.04
N THR Q 148 -9.33 89.17 75.71
CA THR Q 148 -8.16 89.01 74.85
C THR Q 148 -7.89 90.24 73.99
N ALA Q 149 -6.64 90.41 73.58
CA ALA Q 149 -6.27 91.53 72.73
C ALA Q 149 -5.40 91.00 71.60
N ALA Q 150 -5.48 91.63 70.43
CA ALA Q 150 -4.64 91.21 69.33
C ALA Q 150 -3.59 92.27 69.05
N LEU Q 151 -2.38 91.83 68.76
CA LEU Q 151 -1.30 92.70 68.33
C LEU Q 151 -0.46 91.97 67.30
N GLY Q 152 0.36 92.70 66.55
CA GLY Q 152 1.14 92.07 65.51
C GLY Q 152 2.20 92.92 64.85
N CYS Q 153 2.74 92.41 63.75
N CYS Q 153 2.79 92.40 63.79
CA CYS Q 153 3.73 93.14 62.95
CA CYS Q 153 3.70 93.17 62.96
C CYS Q 153 3.42 93.01 61.46
C CYS Q 153 3.43 93.00 61.47
N LEU Q 154 3.57 94.10 60.74
CA LEU Q 154 3.37 94.09 59.30
C LEU Q 154 4.74 94.05 58.64
N VAL Q 155 4.98 93.00 57.86
CA VAL Q 155 6.27 92.78 57.22
C VAL Q 155 6.07 93.08 55.74
N LYS Q 156 6.57 94.22 55.31
CA LYS Q 156 6.18 94.80 54.03
C LYS Q 156 7.28 94.79 52.98
N ASP Q 157 6.87 94.50 51.74
CA ASP Q 157 7.70 94.75 50.57
C ASP Q 157 9.06 94.05 50.49
N TYR Q 158 9.11 92.73 50.58
CA TYR Q 158 10.39 92.05 50.42
C TYR Q 158 10.39 91.12 49.22
N PHE Q 159 11.58 90.70 48.81
CA PHE Q 159 11.78 89.77 47.71
C PHE Q 159 13.24 89.34 47.72
N PRO Q 160 13.50 88.06 47.46
CA PRO Q 160 12.48 87.02 47.31
C PRO Q 160 12.07 86.45 48.65
N GLU Q 161 11.18 85.48 48.63
CA GLU Q 161 10.89 84.64 49.79
C GLU Q 161 12.13 83.85 50.23
N PRO Q 162 12.20 83.49 51.52
CA PRO Q 162 11.21 83.72 52.57
C PRO Q 162 11.65 84.79 53.58
N VAL Q 163 10.76 85.14 54.50
CA VAL Q 163 11.13 85.87 55.71
C VAL Q 163 10.74 84.96 56.87
N THR Q 164 11.44 85.08 57.99
CA THR Q 164 11.01 84.39 59.20
C THR Q 164 10.57 85.40 60.26
N VAL Q 165 9.58 85.04 61.06
CA VAL Q 165 9.13 85.88 62.17
C VAL Q 165 9.06 85.11 63.48
N SER Q 166 9.75 85.62 64.50
CA SER Q 166 9.56 85.14 65.86
C SER Q 166 9.09 86.28 66.75
N TRP Q 167 8.65 85.94 67.97
CA TRP Q 167 8.19 86.92 68.94
C TRP Q 167 8.89 86.82 70.29
N ASN Q 168 9.30 87.97 70.80
CA ASN Q 168 10.03 88.09 72.07
C ASN Q 168 11.24 87.17 72.16
N SER Q 169 12.01 87.13 71.09
CA SER Q 169 13.26 86.40 71.00
C SER Q 169 13.08 84.90 71.26
N GLY Q 170 11.92 84.38 70.89
CA GLY Q 170 11.64 82.95 71.00
C GLY Q 170 10.94 82.59 72.30
N ALA Q 171 10.78 83.57 73.19
CA ALA Q 171 10.16 83.33 74.48
C ALA Q 171 8.66 83.19 74.31
N LEU Q 172 8.13 83.86 73.29
CA LEU Q 172 6.71 83.82 72.98
C LEU Q 172 6.47 82.90 71.80
N THR Q 173 5.82 81.76 72.05
CA THR Q 173 5.55 80.77 71.02
C THR Q 173 4.06 80.52 70.97
N SER Q 174 3.44 80.49 72.15
CA SER Q 174 2.01 80.31 72.26
C SER Q 174 1.30 81.56 71.76
N GLY Q 175 0.35 81.39 70.85
CA GLY Q 175 -0.40 82.53 70.35
C GLY Q 175 0.21 83.20 69.14
N VAL Q 176 1.37 82.72 68.70
CA VAL Q 176 2.04 83.32 67.55
C VAL Q 176 1.44 82.74 66.27
N HIS Q 177 1.12 83.60 65.31
CA HIS Q 177 0.56 83.17 64.05
C HIS Q 177 1.15 83.96 62.89
N THR Q 178 2.00 83.32 62.09
CA THR Q 178 2.56 83.99 60.92
C THR Q 178 1.77 83.63 59.65
N PHE Q 179 1.19 84.65 59.01
CA PHE Q 179 0.32 84.42 57.87
C PHE Q 179 1.14 84.26 56.60
N PRO Q 180 0.66 83.42 55.67
CA PRO Q 180 1.32 83.32 54.36
C PRO Q 180 1.37 84.65 53.62
N ALA Q 181 2.42 84.82 52.82
CA ALA Q 181 2.68 86.06 52.10
C ALA Q 181 1.77 86.27 50.90
N VAL Q 182 1.50 87.53 50.58
N VAL Q 182 1.48 87.55 50.60
CA VAL Q 182 0.83 87.85 49.32
CA VAL Q 182 0.89 87.93 49.33
C VAL Q 182 1.88 88.34 48.33
C VAL Q 182 1.99 88.24 48.34
N LEU Q 183 1.75 87.97 47.06
CA LEU Q 183 2.68 88.41 46.05
C LEU Q 183 2.01 89.57 45.35
N GLN Q 184 2.49 90.77 45.62
CA GLN Q 184 1.89 91.98 45.09
C GLN Q 184 2.26 92.17 43.63
N SER Q 185 1.50 93.03 42.94
CA SER Q 185 1.75 93.31 41.54
C SER Q 185 3.12 93.96 41.34
N SER Q 186 3.68 94.48 42.44
CA SER Q 186 4.98 95.14 42.42
C SER Q 186 6.14 94.17 42.30
N GLY Q 187 5.89 92.89 42.57
CA GLY Q 187 6.95 91.90 42.61
C GLY Q 187 7.53 91.66 43.99
N LEU Q 188 7.02 92.36 45.00
CA LEU Q 188 7.52 92.18 46.36
C LEU Q 188 6.49 91.43 47.20
N TYR Q 189 6.97 90.74 48.23
CA TYR Q 189 6.08 89.97 49.10
C TYR Q 189 5.76 90.78 50.35
N SER Q 190 4.59 90.55 50.93
CA SER Q 190 4.26 91.07 52.24
C SER Q 190 3.52 90.03 53.08
N LEU Q 191 3.75 90.03 54.39
CA LEU Q 191 2.97 89.19 55.30
C LEU Q 191 2.74 89.87 56.65
N SER Q 192 1.86 89.27 57.44
CA SER Q 192 1.58 89.76 58.78
C SER Q 192 1.70 88.61 59.79
N SER Q 193 2.23 88.92 60.97
CA SER Q 193 2.23 87.98 62.08
C SER Q 193 1.48 88.56 63.27
N VAL Q 194 0.55 87.80 63.84
CA VAL Q 194 -0.29 88.33 64.92
C VAL Q 194 -0.21 87.45 66.17
N VAL Q 195 -0.19 88.10 67.33
CA VAL Q 195 -0.20 87.41 68.62
C VAL Q 195 -1.49 87.71 69.38
N THR Q 196 -2.17 86.66 69.82
CA THR Q 196 -3.34 86.84 70.68
C THR Q 196 -2.92 86.61 72.14
N VAL Q 197 -3.21 87.60 72.98
CA VAL Q 197 -2.84 87.54 74.39
C VAL Q 197 -4.03 87.99 75.24
N PRO Q 198 -4.06 87.58 76.52
CA PRO Q 198 -5.06 88.17 77.42
C PRO Q 198 -4.80 89.66 77.58
N SER Q 199 -5.86 90.46 77.55
CA SER Q 199 -5.77 91.93 77.62
C SER Q 199 -4.97 92.36 78.85
N SER Q 200 -4.96 91.49 79.85
CA SER Q 200 -4.26 91.69 81.12
C SER Q 200 -2.80 91.99 80.82
N SER Q 201 -2.24 91.24 79.88
CA SER Q 201 -0.82 91.24 79.57
C SER Q 201 -0.39 92.60 79.05
N LEU Q 202 -1.26 93.22 78.25
CA LEU Q 202 -0.96 94.45 77.49
C LEU Q 202 -0.06 95.42 78.23
N GLY Q 203 -0.29 95.55 79.54
CA GLY Q 203 0.42 96.54 80.33
C GLY Q 203 1.92 96.35 80.50
N THR Q 204 2.35 95.37 81.28
CA THR Q 204 3.78 95.21 81.57
C THR Q 204 4.64 94.77 80.37
N GLN Q 205 4.22 93.68 79.73
CA GLN Q 205 4.93 93.14 78.57
C GLN Q 205 5.12 94.12 77.42
N THR Q 206 6.34 94.11 76.88
CA THR Q 206 6.65 94.80 75.64
C THR Q 206 6.71 93.69 74.59
N TYR Q 207 6.45 94.05 73.34
CA TYR Q 207 6.40 93.06 72.27
C TYR Q 207 7.20 93.42 71.04
N ILE Q 208 8.23 92.62 70.76
CA ILE Q 208 9.09 92.88 69.61
C ILE Q 208 9.00 91.70 68.64
N CYS Q 209 8.65 92.02 67.40
N CYS Q 209 8.77 92.03 67.38
CA CYS Q 209 8.63 91.02 66.34
CA CYS Q 209 8.62 91.09 66.28
C CYS Q 209 10.01 90.99 65.69
C CYS Q 209 9.92 90.96 65.49
N ASN Q 210 10.57 89.79 65.57
CA ASN Q 210 11.87 89.63 64.93
C ASN Q 210 11.74 89.00 63.56
N VAL Q 211 12.03 89.82 62.55
CA VAL Q 211 11.90 89.44 61.16
C VAL Q 211 13.28 89.25 60.54
N ASN Q 212 13.51 88.09 59.93
CA ASN Q 212 14.78 87.84 59.27
C ASN Q 212 14.55 87.55 57.78
N HIS Q 213 15.20 88.33 56.92
CA HIS Q 213 15.15 88.07 55.48
C HIS Q 213 16.52 87.73 54.91
N LYS Q 214 16.82 86.44 54.84
CA LYS Q 214 18.14 85.96 54.43
C LYS Q 214 18.62 86.36 53.02
N PRO Q 215 17.72 86.43 52.01
CA PRO Q 215 18.26 86.79 50.68
C PRO Q 215 18.96 88.14 50.60
N SER Q 216 18.51 89.12 51.39
CA SER Q 216 19.16 90.42 51.41
C SER Q 216 20.01 90.55 52.64
N ASN Q 217 20.03 89.48 53.44
CA ASN Q 217 20.77 89.45 54.70
C ASN Q 217 20.35 90.64 55.55
N THR Q 218 19.04 90.85 55.63
CA THR Q 218 18.46 91.90 56.44
C THR Q 218 17.64 91.35 57.60
N LYS Q 219 17.88 91.87 58.80
CA LYS Q 219 17.03 91.60 59.93
C LYS Q 219 16.52 92.89 60.54
N VAL Q 220 15.24 92.90 60.89
CA VAL Q 220 14.64 94.06 61.52
C VAL Q 220 13.89 93.53 62.73
N ASP Q 221 14.14 94.14 63.89
CA ASP Q 221 13.32 93.92 65.05
C ASP Q 221 12.49 95.18 65.29
N LYS Q 222 11.19 95.02 65.52
CA LYS Q 222 10.35 96.18 65.80
C LYS Q 222 9.44 95.88 66.99
N ARG Q 223 9.51 96.73 68.01
CA ARG Q 223 8.60 96.64 69.15
C ARG Q 223 7.20 97.20 68.92
N VAL Q 224 6.23 96.41 69.38
CA VAL Q 224 4.81 96.71 69.29
C VAL Q 224 4.28 96.94 70.70
N GLU Q 225 3.75 98.13 70.95
CA GLU Q 225 3.30 98.48 72.29
C GLU Q 225 1.86 98.96 72.21
N PRO Q 226 1.14 98.90 73.35
CA PRO Q 226 -0.17 99.56 73.39
C PRO Q 226 -0.05 101.04 73.09
N LYS Q 227 -1.09 101.62 72.52
CA LYS Q 227 -1.07 103.01 72.12
C LYS Q 227 -1.19 103.90 73.35
N SER Q 228 -0.68 105.11 73.25
CA SER Q 228 -0.76 106.08 74.35
C SER Q 228 -0.89 107.49 73.81
N PRO R 2 -7.04 70.57 25.71
CA PRO R 2 -5.72 70.86 26.29
C PRO R 2 -5.67 70.48 27.77
N VAL R 3 -6.83 70.53 28.43
CA VAL R 3 -6.95 70.17 29.84
C VAL R 3 -8.18 69.28 29.99
N LEU R 4 -8.02 68.13 30.66
CA LEU R 4 -9.17 67.27 30.93
C LEU R 4 -10.09 67.97 31.90
N THR R 5 -11.39 67.74 31.76
CA THR R 5 -12.36 68.46 32.58
C THR R 5 -12.68 67.77 33.91
N GLN R 6 -12.32 68.41 35.02
CA GLN R 6 -12.64 67.85 36.33
C GLN R 6 -13.47 68.86 37.11
N PRO R 7 -14.30 68.37 38.03
CA PRO R 7 -14.96 69.29 38.95
C PRO R 7 -13.90 69.96 39.83
N PRO R 8 -14.06 71.25 40.12
CA PRO R 8 -13.13 72.02 40.94
C PRO R 8 -12.96 71.46 42.35
N SER R 9 -14.04 70.92 42.90
CA SER R 9 -14.02 70.43 44.27
C SER R 9 -14.96 69.27 44.50
N ALA R 10 -14.76 68.59 45.62
CA ALA R 10 -15.59 67.46 46.03
C ALA R 10 -15.46 67.36 47.54
N SER R 11 -16.46 66.74 48.18
CA SER R 11 -16.43 66.54 49.62
C SER R 11 -17.19 65.28 50.06
N GLY R 12 -16.87 64.80 51.27
CA GLY R 12 -17.59 63.69 51.86
C GLY R 12 -17.40 63.63 53.36
N SER R 13 -18.34 62.99 54.04
CA SER R 13 -18.23 62.67 55.46
C SER R 13 -17.42 61.39 55.64
N PRO R 14 -16.75 61.24 56.80
CA PRO R 14 -16.00 60.01 57.07
C PRO R 14 -16.87 58.76 56.91
N GLY R 15 -16.33 57.70 56.31
CA GLY R 15 -17.11 56.51 56.06
C GLY R 15 -17.83 56.49 54.73
N GLN R 16 -18.05 57.67 54.16
CA GLN R 16 -18.76 57.82 52.89
C GLN R 16 -17.92 57.46 51.67
N ARG R 17 -18.61 57.27 50.56
CA ARG R 17 -18.01 57.03 49.26
C ARG R 17 -18.07 58.31 48.42
N VAL R 18 -17.02 58.59 47.67
N VAL R 18 -17.01 58.62 47.70
CA VAL R 18 -16.99 59.78 46.81
CA VAL R 18 -17.00 59.74 46.79
C VAL R 18 -16.43 59.42 45.42
C VAL R 18 -16.53 59.32 45.41
N THR R 19 -17.01 60.01 44.38
CA THR R 19 -16.54 59.81 43.02
C THR R 19 -16.11 61.13 42.39
N ILE R 20 -15.12 61.07 41.49
CA ILE R 20 -14.64 62.27 40.83
C ILE R 20 -14.57 62.02 39.33
N SER R 21 -15.30 62.80 38.54
CA SER R 21 -15.36 62.54 37.10
C SER R 21 -14.24 63.24 36.33
N CYS R 22 -13.93 62.73 35.14
CA CYS R 22 -12.85 63.27 34.32
C CYS R 22 -13.27 63.10 32.87
N SER R 23 -13.56 64.19 32.17
CA SER R 23 -14.09 64.09 30.81
C SER R 23 -13.10 64.53 29.75
N GLY R 24 -12.97 63.74 28.69
CA GLY R 24 -12.05 64.06 27.61
C GLY R 24 -12.68 63.93 26.23
N SER R 25 -11.97 63.25 25.33
CA SER R 25 -12.32 63.20 23.92
C SER R 25 -11.70 61.98 23.26
N SER R 26 -12.02 61.79 21.99
N SER R 26 -12.06 61.76 22.00
CA SER R 26 -11.61 60.59 21.26
CA SER R 26 -11.63 60.59 21.25
C SER R 26 -10.09 60.48 21.13
C SER R 26 -10.10 60.48 21.16
N SER R 27 -9.41 61.62 21.09
CA SER R 27 -7.97 61.63 20.87
C SER R 27 -7.16 61.38 22.14
N ASN R 28 -7.80 61.53 23.30
CA ASN R 28 -7.16 61.16 24.56
C ASN R 28 -7.76 59.91 25.21
N ILE R 29 -8.79 60.10 26.03
CA ILE R 29 -9.36 59.04 26.86
C ILE R 29 -10.02 57.94 26.01
N GLY R 30 -10.57 58.34 24.86
CA GLY R 30 -11.21 57.43 23.93
C GLY R 30 -10.24 56.50 23.21
N SER R 31 -8.96 56.80 23.35
CA SER R 31 -7.90 56.13 22.60
C SER R 31 -6.84 55.61 23.57
N TYR R 32 -6.61 56.33 24.66
CA TYR R 32 -5.53 55.99 25.56
C TYR R 32 -6.06 55.91 26.99
N THR R 33 -5.39 55.15 27.85
CA THR R 33 -5.78 55.01 29.25
C THR R 33 -5.61 56.26 30.14
N VAL R 34 -6.32 56.25 31.26
CA VAL R 34 -6.29 57.35 32.21
C VAL R 34 -5.56 56.98 33.51
N ASN R 35 -4.72 57.88 34.00
CA ASN R 35 -4.05 57.75 35.31
C ASN R 35 -4.68 58.68 36.35
N TRP R 36 -4.63 58.28 37.62
CA TRP R 36 -5.11 59.16 38.68
C TRP R 36 -3.97 59.41 39.70
N TYR R 37 -3.83 60.65 40.15
CA TYR R 37 -2.80 61.01 41.14
C TYR R 37 -3.37 61.72 42.38
N GLN R 38 -2.73 61.51 43.53
CA GLN R 38 -3.13 62.17 44.78
C GLN R 38 -2.01 63.05 45.31
N GLN R 39 -2.33 64.30 45.62
CA GLN R 39 -1.29 65.20 46.13
C GLN R 39 -1.70 65.79 47.48
N LEU R 40 -0.87 65.57 48.49
CA LEU R 40 -1.08 66.19 49.79
C LEU R 40 -0.29 67.50 49.83
N PRO R 41 -0.69 68.43 50.70
CA PRO R 41 -0.03 69.75 50.77
C PRO R 41 1.48 69.65 50.99
N GLY R 42 2.23 70.43 50.20
CA GLY R 42 3.66 70.55 50.36
C GLY R 42 4.46 69.32 49.95
N THR R 43 3.81 68.38 49.25
CA THR R 43 4.43 67.10 48.90
C THR R 43 4.20 66.79 47.42
N ALA R 44 5.08 65.97 46.86
CA ALA R 44 4.95 65.55 45.47
C ALA R 44 3.67 64.74 45.26
N PRO R 45 3.09 64.80 44.05
CA PRO R 45 1.96 63.95 43.68
C PRO R 45 2.28 62.46 43.83
N LYS R 46 1.26 61.67 44.19
CA LYS R 46 1.37 60.21 44.30
C LYS R 46 0.53 59.50 43.24
N LEU R 47 1.12 58.57 42.52
CA LEU R 47 0.34 57.76 41.57
C LEU R 47 -0.65 56.86 42.29
N LEU R 48 -1.92 56.96 41.89
CA LEU R 48 -3.04 56.29 42.55
CA LEU R 48 -2.98 56.22 42.56
C LEU R 48 -3.55 55.11 41.72
N ILE R 49 -3.92 55.44 40.48
CA ILE R 49 -4.55 54.52 39.55
C ILE R 49 -3.93 54.65 38.17
N TYR R 50 -3.72 53.52 37.51
CA TYR R 50 -3.25 53.51 36.12
C TYR R 50 -3.99 52.45 35.33
N SER R 51 -3.92 52.55 34.00
N SER R 51 -3.92 52.57 34.01
CA SER R 51 -4.64 51.66 33.10
CA SER R 51 -4.63 51.69 33.06
C SER R 51 -6.12 51.62 33.46
C SER R 51 -6.10 51.63 33.48
N LEU R 52 -6.61 52.80 33.86
CA LEU R 52 -7.99 53.07 34.28
C LEU R 52 -8.41 52.56 35.66
N ASN R 53 -8.00 51.35 36.02
CA ASN R 53 -8.67 50.67 37.13
C ASN R 53 -7.71 50.07 38.15
N GLN R 54 -6.41 50.17 37.86
CA GLN R 54 -5.37 49.50 38.64
C GLN R 54 -4.58 50.30 39.67
N ARG R 55 -4.20 49.60 40.75
CA ARG R 55 -3.49 50.24 41.86
C ARG R 55 -2.06 49.76 42.07
N PRO R 56 -1.11 50.70 42.13
CA PRO R 56 0.28 50.40 42.51
C PRO R 56 0.32 49.90 43.95
N SER R 57 1.40 49.21 44.32
CA SER R 57 1.62 48.77 45.69
C SER R 57 1.51 49.95 46.65
N GLY R 58 0.89 49.73 47.80
CA GLY R 58 0.73 50.78 48.79
C GLY R 58 -0.61 51.48 48.73
N VAL R 59 -1.30 51.38 47.60
CA VAL R 59 -2.59 52.04 47.42
C VAL R 59 -3.69 51.08 47.83
N PRO R 60 -4.52 51.48 48.81
CA PRO R 60 -5.58 50.60 49.33
C PRO R 60 -6.62 50.28 48.27
N ASP R 61 -7.30 49.14 48.42
CA ASP R 61 -8.25 48.65 47.42
C ASP R 61 -9.57 49.41 47.37
N ARG R 62 -9.78 50.32 48.30
CA ARG R 62 -10.97 51.15 48.30
C ARG R 62 -10.89 52.24 47.23
N PHE R 63 -9.74 52.33 46.57
CA PHE R 63 -9.61 53.16 45.39
C PHE R 63 -9.81 52.35 44.10
N SER R 64 -10.78 52.78 43.29
CA SER R 64 -11.08 52.13 42.01
C SER R 64 -11.42 53.11 40.90
N GLY R 65 -10.95 52.82 39.68
CA GLY R 65 -11.27 53.63 38.52
C GLY R 65 -12.21 52.91 37.57
N SER R 66 -12.95 53.69 36.79
CA SER R 66 -13.83 53.16 35.75
C SER R 66 -14.02 54.19 34.65
N LYS R 67 -14.59 53.78 33.51
CA LYS R 67 -14.95 54.76 32.50
C LYS R 67 -16.13 54.31 31.65
N SER R 68 -16.73 55.29 30.96
CA SER R 68 -17.86 55.07 30.09
C SER R 68 -17.74 56.10 28.98
N GLY R 69 -17.60 55.62 27.76
CA GLY R 69 -17.40 56.49 26.61
C GLY R 69 -16.11 57.28 26.75
N THR R 70 -16.22 58.60 26.73
CA THR R 70 -15.05 59.49 26.80
C THR R 70 -14.89 60.10 28.19
N SER R 71 -15.61 59.57 29.16
CA SER R 71 -15.49 60.01 30.55
C SER R 71 -15.07 58.89 31.48
N ALA R 72 -14.30 59.26 32.51
CA ALA R 72 -13.81 58.32 33.52
C ALA R 72 -14.12 58.84 34.91
N SER R 73 -14.12 57.93 35.88
N SER R 73 -14.11 57.93 35.89
CA SER R 73 -14.45 58.29 37.26
CA SER R 73 -14.47 58.28 37.26
C SER R 73 -13.60 57.51 38.27
C SER R 73 -13.64 57.50 38.29
N LEU R 74 -13.14 58.23 39.29
CA LEU R 74 -12.43 57.61 40.41
C LEU R 74 -13.33 57.51 41.62
N ALA R 75 -13.45 56.30 42.19
CA ALA R 75 -14.26 56.08 43.38
C ALA R 75 -13.40 55.78 44.61
N ILE R 76 -13.69 56.48 45.70
CA ILE R 76 -13.04 56.22 46.99
C ILE R 76 -14.05 55.82 48.06
N SER R 77 -13.99 54.56 48.46
CA SER R 77 -14.89 54.01 49.47
C SER R 77 -14.30 54.19 50.87
N GLY R 78 -15.17 54.21 51.88
CA GLY R 78 -14.73 54.30 53.27
C GLY R 78 -13.78 55.46 53.53
N LEU R 79 -14.23 56.65 53.16
CA LEU R 79 -13.41 57.85 53.22
CA LEU R 79 -13.43 57.87 53.22
C LEU R 79 -12.72 58.05 54.56
N GLN R 80 -11.43 58.38 54.49
CA GLN R 80 -10.59 58.62 55.67
C GLN R 80 -10.05 60.05 55.68
N SER R 81 -9.75 60.54 56.87
CA SER R 81 -9.22 61.89 57.07
C SER R 81 -8.02 62.20 56.17
N GLU R 82 -7.12 61.22 56.04
CA GLU R 82 -5.89 61.37 55.25
C GLU R 82 -6.14 61.54 53.76
N ASP R 83 -7.37 61.38 53.33
CA ASP R 83 -7.71 61.50 51.91
C ASP R 83 -7.89 62.94 51.43
N GLU R 84 -7.86 63.91 52.34
CA GLU R 84 -8.02 65.28 51.90
C GLU R 84 -6.78 65.68 51.11
N ALA R 85 -6.99 65.99 49.83
CA ALA R 85 -5.88 66.18 48.90
C ALA R 85 -6.43 66.66 47.56
N VAL R 86 -5.55 66.98 46.63
CA VAL R 86 -5.99 67.24 45.27
C VAL R 86 -5.78 65.99 44.41
N TYR R 87 -6.81 65.61 43.65
CA TYR R 87 -6.75 64.42 42.81
C TYR R 87 -6.75 64.86 41.36
N TYR R 88 -5.78 64.33 40.61
CA TYR R 88 -5.65 64.62 39.18
C TYR R 88 -5.83 63.40 38.29
N CYS R 89 -6.52 63.59 37.17
CA CYS R 89 -6.56 62.58 36.10
C CYS R 89 -5.58 62.98 35.01
N ALA R 90 -5.13 62.02 34.21
CA ALA R 90 -4.29 62.32 33.06
C ALA R 90 -4.41 61.25 31.97
N ALA R 91 -4.16 61.66 30.72
CA ALA R 91 -4.14 60.73 29.58
C ALA R 91 -3.22 61.23 28.47
N TRP R 92 -2.66 60.28 27.71
CA TRP R 92 -1.99 60.58 26.45
C TRP R 92 -2.97 61.15 25.43
N ASP R 93 -2.47 61.98 24.52
CA ASP R 93 -3.32 62.67 23.56
C ASP R 93 -2.57 62.73 22.23
N ASP R 94 -3.15 62.17 21.16
CA ASP R 94 -2.45 62.14 19.89
C ASP R 94 -2.84 63.26 18.90
N SER R 95 -3.55 64.26 19.40
CA SER R 95 -3.87 65.46 18.62
C SER R 95 -2.69 66.44 18.60
N LEU R 96 -2.72 67.36 17.64
CA LEU R 96 -1.65 68.36 17.49
C LEU R 96 -0.27 67.73 17.43
N SER R 97 0.59 68.14 18.36
CA SER R 97 1.81 67.40 18.66
C SER R 97 1.51 66.58 19.90
N ALA R 98 1.71 65.27 19.81
CA ALA R 98 1.27 64.36 20.86
C ALA R 98 1.80 64.76 22.24
N HIS R 99 0.96 64.62 23.27
CA HIS R 99 1.28 65.18 24.58
C HIS R 99 0.45 64.52 25.67
N VAL R 100 0.90 64.69 26.92
CA VAL R 100 0.12 64.30 28.09
C VAL R 100 -0.77 65.47 28.52
N VAL R 101 -2.03 65.17 28.86
CA VAL R 101 -2.93 66.18 29.42
CA VAL R 101 -2.90 66.19 29.44
C VAL R 101 -3.29 65.85 30.87
N PHE R 102 -3.10 66.81 31.76
CA PHE R 102 -3.57 66.67 33.14
C PHE R 102 -4.92 67.35 33.29
N GLY R 103 -5.75 66.82 34.18
CA GLY R 103 -6.94 67.54 34.62
C GLY R 103 -6.60 68.68 35.56
N GLY R 104 -7.57 69.52 35.87
CA GLY R 104 -7.34 70.70 36.67
C GLY R 104 -7.22 70.40 38.15
N GLY R 105 -7.55 69.17 38.54
CA GLY R 105 -7.46 68.76 39.93
C GLY R 105 -8.75 68.93 40.72
N THR R 106 -8.96 68.02 41.66
CA THR R 106 -10.14 68.08 42.53
C THR R 106 -9.70 68.06 43.99
N LYS R 107 -9.99 69.13 44.70
CA LYS R 107 -9.77 69.15 46.16
C LYS R 107 -10.88 68.40 46.88
N LEU R 108 -10.52 67.28 47.51
CA LEU R 108 -11.51 66.52 48.28
C LEU R 108 -11.42 66.90 49.75
N THR R 109 -12.52 67.39 50.33
CA THR R 109 -12.55 67.66 51.76
C THR R 109 -13.36 66.65 52.56
N VAL R 110 -12.77 66.05 53.59
CA VAL R 110 -13.57 65.26 54.53
C VAL R 110 -13.96 66.20 55.67
N LEU R 111 -15.22 66.61 55.82
CA LEU R 111 -15.38 67.72 56.76
C LEU R 111 -14.96 67.31 58.17
N GLY R 112 -14.17 68.15 58.84
CA GLY R 112 -13.50 67.62 60.02
C GLY R 112 -13.80 68.37 61.30
N GLN R 113 -14.81 69.24 61.26
CA GLN R 113 -15.26 69.96 62.45
C GLN R 113 -16.54 70.74 62.18
N PRO R 114 -17.20 71.23 63.24
CA PRO R 114 -18.48 71.91 62.99
C PRO R 114 -18.15 73.20 62.24
N LYS R 115 -19.04 73.73 61.42
CA LYS R 115 -18.76 74.99 60.73
C LYS R 115 -18.46 76.08 61.74
N ALA R 116 -17.49 76.94 61.41
CA ALA R 116 -17.02 78.00 62.28
C ALA R 116 -16.80 79.30 61.52
N ALA R 117 -17.51 80.36 61.93
CA ALA R 117 -17.35 81.66 61.31
C ALA R 117 -16.01 82.27 61.73
N PRO R 118 -15.40 83.04 60.82
CA PRO R 118 -14.11 83.71 61.05
C PRO R 118 -14.15 84.80 62.11
N SER R 119 -13.06 84.90 62.87
CA SER R 119 -12.79 86.08 63.66
C SER R 119 -11.99 87.04 62.77
N VAL R 120 -12.35 88.32 62.81
CA VAL R 120 -11.72 89.29 61.94
C VAL R 120 -11.13 90.43 62.77
N THR R 121 -9.87 90.75 62.52
CA THR R 121 -9.23 91.89 63.17
C THR R 121 -8.69 92.83 62.10
N LEU R 122 -9.04 94.11 62.22
CA LEU R 122 -8.64 95.12 61.24
C LEU R 122 -7.76 96.18 61.88
N PHE R 123 -6.52 96.27 61.38
CA PHE R 123 -5.57 97.27 61.88
C PHE R 123 -5.50 98.42 60.88
N PRO R 124 -5.56 99.66 61.39
CA PRO R 124 -5.36 100.87 60.59
C PRO R 124 -3.88 101.13 60.27
N PRO R 125 -3.60 102.07 59.35
CA PRO R 125 -2.23 102.47 59.03
C PRO R 125 -1.47 103.05 60.23
N SER R 126 -0.20 102.70 60.33
CA SER R 126 0.68 103.21 61.37
C SER R 126 1.13 104.61 61.00
N SER R 127 1.47 105.41 62.00
CA SER R 127 1.97 106.76 61.78
C SER R 127 3.25 106.76 60.94
N GLU R 128 4.03 105.69 61.05
CA GLU R 128 5.24 105.59 60.25
C GLU R 128 4.92 105.46 58.78
N GLU R 129 3.93 104.63 58.46
CA GLU R 129 3.56 104.46 57.07
C GLU R 129 2.95 105.72 56.44
N LEU R 130 2.06 106.39 57.19
CA LEU R 130 1.46 107.61 56.65
C LEU R 130 2.50 108.69 56.34
N GLN R 131 3.51 108.77 57.21
CA GLN R 131 4.61 109.71 57.03
C GLN R 131 5.59 109.24 55.95
N ALA R 132 5.45 107.97 55.60
CA ALA R 132 6.20 107.38 54.48
C ALA R 132 5.39 107.51 53.19
N ASN R 133 4.27 108.20 53.29
CA ASN R 133 3.40 108.53 52.15
C ASN R 133 2.67 107.28 51.63
N LYS R 134 2.38 106.35 52.53
CA LYS R 134 1.62 105.16 52.20
C LYS R 134 0.54 104.90 53.24
N ALA R 135 -0.39 104.01 52.93
CA ALA R 135 -1.47 103.68 53.85
C ALA R 135 -1.96 102.26 53.58
N THR R 136 -1.80 101.37 54.56
CA THR R 136 -2.25 99.99 54.42
C THR R 136 -3.24 99.63 55.50
N LEU R 137 -4.39 99.11 55.08
CA LEU R 137 -5.34 98.54 56.03
C LEU R 137 -5.10 97.05 56.01
N VAL R 138 -5.04 96.43 57.18
CA VAL R 138 -4.69 95.02 57.30
C VAL R 138 -5.84 94.28 57.96
N CYS R 139 -6.48 93.40 57.18
CA CYS R 139 -7.57 92.59 57.69
C CYS R 139 -7.15 91.14 57.90
N LEU R 140 -7.13 90.72 59.16
CA LEU R 140 -6.68 89.37 59.51
C LEU R 140 -7.91 88.51 59.82
N ILE R 141 -7.96 87.35 59.18
CA ILE R 141 -9.14 86.47 59.21
C ILE R 141 -8.74 85.07 59.66
N SER R 142 -9.31 84.59 60.76
CA SER R 142 -8.81 83.37 61.39
C SER R 142 -9.88 82.46 61.98
N ASP R 143 -9.50 81.21 62.22
CA ASP R 143 -10.30 80.20 62.91
C ASP R 143 -11.62 79.86 62.23
N PHE R 144 -11.65 79.95 60.90
CA PHE R 144 -12.85 79.55 60.15
C PHE R 144 -12.78 78.18 59.49
N TYR R 145 -13.92 77.50 59.41
CA TYR R 145 -14.02 76.22 58.73
C TYR R 145 -15.44 76.13 58.21
N PRO R 146 -15.62 75.72 56.93
CA PRO R 146 -14.63 75.36 55.91
C PRO R 146 -13.68 76.48 55.51
N GLY R 147 -12.61 76.10 54.83
CA GLY R 147 -11.56 77.03 54.45
C GLY R 147 -11.76 77.83 53.20
N ALA R 148 -12.92 78.46 53.08
CA ALA R 148 -13.16 79.35 51.95
C ALA R 148 -13.95 80.58 52.39
N VAL R 149 -13.41 81.75 52.05
CA VAL R 149 -14.09 83.02 52.32
C VAL R 149 -13.91 83.98 51.15
N THR R 150 -14.77 84.98 51.08
CA THR R 150 -14.55 86.12 50.19
C THR R 150 -14.50 87.42 50.99
N VAL R 151 -13.71 88.37 50.51
CA VAL R 151 -13.47 89.61 51.24
C VAL R 151 -13.81 90.81 50.35
N ALA R 152 -14.59 91.72 50.91
CA ALA R 152 -14.98 92.94 50.21
C ALA R 152 -14.65 94.13 51.10
N TRP R 153 -13.93 95.11 50.55
CA TRP R 153 -13.60 96.30 51.31
C TRP R 153 -14.56 97.42 50.93
N LYS R 154 -14.94 98.22 51.92
CA LYS R 154 -15.81 99.36 51.65
C LYS R 154 -15.28 100.67 52.23
N ALA R 155 -15.36 101.73 51.44
CA ALA R 155 -15.15 103.09 51.92
C ALA R 155 -16.53 103.70 52.09
N ASP R 156 -16.87 104.05 53.32
CA ASP R 156 -18.23 104.36 53.72
C ASP R 156 -19.10 103.16 53.34
N SER R 157 -19.83 103.25 52.24
CA SER R 157 -20.63 102.10 51.83
C SER R 157 -20.26 101.61 50.44
N SER R 158 -19.28 102.24 49.80
CA SER R 158 -18.96 101.87 48.43
C SER R 158 -17.79 100.90 48.37
N PRO R 159 -17.91 99.88 47.52
CA PRO R 159 -16.85 98.87 47.35
C PRO R 159 -15.58 99.50 46.78
N VAL R 160 -14.42 99.24 47.40
CA VAL R 160 -13.18 99.71 46.82
C VAL R 160 -12.47 98.43 46.39
N LYS R 161 -12.20 98.32 45.09
CA LYS R 161 -11.50 97.16 44.55
C LYS R 161 -10.04 97.41 44.15
N ALA R 162 -9.73 98.66 43.77
CA ALA R 162 -8.36 98.99 43.38
C ALA R 162 -7.46 98.92 44.60
N GLY R 163 -6.26 98.38 44.45
CA GLY R 163 -5.31 98.38 45.55
C GLY R 163 -5.51 97.23 46.53
N VAL R 164 -6.28 96.22 46.14
CA VAL R 164 -6.55 95.09 47.02
C VAL R 164 -5.71 93.85 46.70
N GLU R 165 -5.06 93.32 47.74
CA GLU R 165 -4.35 92.04 47.67
C GLU R 165 -4.80 91.13 48.81
N THR R 166 -5.22 89.92 48.44
CA THR R 166 -5.77 88.95 49.39
C THR R 166 -5.09 87.59 49.23
N THR R 167 -4.73 86.97 50.35
CA THR R 167 -4.07 85.67 50.31
C THR R 167 -5.10 84.58 50.10
N THR R 168 -4.63 83.43 49.63
CA THR R 168 -5.50 82.26 49.52
C THR R 168 -5.61 81.69 50.93
N PRO R 169 -6.81 81.21 51.29
CA PRO R 169 -7.01 80.64 52.63
C PRO R 169 -6.01 79.52 52.89
N SER R 170 -5.56 79.42 54.14
CA SER R 170 -4.55 78.44 54.49
C SER R 170 -4.89 77.70 55.77
N LYS R 171 -4.57 76.40 55.79
CA LYS R 171 -4.85 75.57 56.95
C LYS R 171 -4.03 76.07 58.13
N GLN R 172 -4.65 76.19 59.30
CA GLN R 172 -3.89 76.54 60.49
C GLN R 172 -3.47 75.28 61.20
N SER R 173 -2.66 75.43 62.24
CA SER R 173 -2.20 74.30 63.03
C SER R 173 -3.37 73.57 63.69
N ASN R 174 -4.42 74.31 64.04
CA ASN R 174 -5.60 73.74 64.68
C ASN R 174 -6.66 73.22 63.72
N ASN R 175 -6.32 73.19 62.43
CA ASN R 175 -7.17 72.66 61.36
C ASN R 175 -8.35 73.56 60.99
N LYS R 176 -8.45 74.71 61.66
CA LYS R 176 -9.32 75.78 61.19
C LYS R 176 -8.50 76.58 60.19
N TYR R 177 -9.04 77.65 59.64
CA TYR R 177 -8.34 78.32 58.55
C TYR R 177 -8.05 79.79 58.81
N ALA R 178 -7.05 80.30 58.09
CA ALA R 178 -6.68 81.71 58.19
C ALA R 178 -6.48 82.30 56.80
N ALA R 179 -6.70 83.60 56.69
CA ALA R 179 -6.42 84.35 55.48
C ALA R 179 -6.20 85.81 55.86
N SER R 180 -5.63 86.59 54.95
CA SER R 180 -5.45 88.01 55.20
C SER R 180 -5.75 88.81 53.94
N SER R 181 -6.17 90.06 54.14
CA SER R 181 -6.50 90.95 53.04
C SER R 181 -5.90 92.34 53.28
N TYR R 182 -5.25 92.88 52.25
CA TYR R 182 -4.59 94.17 52.37
C TYR R 182 -5.25 95.17 51.42
N LEU R 183 -5.68 96.31 51.95
CA LEU R 183 -6.17 97.38 51.11
C LEU R 183 -5.12 98.49 51.11
N SER R 184 -4.55 98.77 49.96
CA SER R 184 -3.58 99.85 49.85
C SER R 184 -4.23 101.16 49.42
N LEU R 185 -3.87 102.24 50.10
CA LEU R 185 -4.41 103.56 49.79
C LEU R 185 -3.29 104.57 49.95
N THR R 186 -3.44 105.76 49.37
CA THR R 186 -2.57 106.86 49.72
C THR R 186 -3.10 107.46 51.02
N PRO R 187 -2.21 108.09 51.82
CA PRO R 187 -2.61 108.81 53.03
C PRO R 187 -3.70 109.87 52.84
N GLU R 188 -3.70 110.54 51.69
CA GLU R 188 -4.66 111.62 51.41
C GLU R 188 -6.08 111.08 51.29
N GLN R 189 -6.17 109.89 50.72
CA GLN R 189 -7.42 109.15 50.55
C GLN R 189 -7.91 108.74 51.93
N TRP R 190 -6.96 108.25 52.74
CA TRP R 190 -7.22 107.80 54.09
C TRP R 190 -7.87 108.93 54.89
N LYS R 191 -7.35 110.14 54.73
CA LYS R 191 -7.81 111.28 55.53
C LYS R 191 -9.15 111.82 55.01
N SER R 192 -9.41 111.64 53.71
CA SER R 192 -10.60 112.22 53.10
C SER R 192 -11.93 111.51 53.41
N HIS R 193 -11.90 110.18 53.51
CA HIS R 193 -13.12 109.41 53.81
C HIS R 193 -13.43 109.37 55.31
N ARG R 194 -14.70 109.10 55.63
CA ARG R 194 -15.15 109.10 57.02
C ARG R 194 -14.83 107.79 57.76
N SER R 195 -14.87 106.66 57.05
CA SER R 195 -14.49 105.39 57.65
C SER R 195 -14.16 104.36 56.57
N TYR R 196 -13.47 103.28 56.95
CA TYR R 196 -13.34 102.14 56.07
C TYR R 196 -13.77 100.85 56.77
N SER R 197 -14.20 99.85 56.02
CA SER R 197 -14.67 98.61 56.62
C SER R 197 -14.15 97.39 55.86
N CYS R 198 -13.92 96.29 56.58
CA CYS R 198 -13.53 95.05 55.92
C CYS R 198 -14.60 94.01 56.20
N GLN R 199 -15.22 93.49 55.15
CA GLN R 199 -16.35 92.60 55.30
C GLN R 199 -15.97 91.23 54.74
N VAL R 200 -16.09 90.21 55.57
CA VAL R 200 -15.70 88.86 55.21
C VAL R 200 -16.90 87.94 55.19
N THR R 201 -17.16 87.32 54.04
CA THR R 201 -18.29 86.42 53.91
C THR R 201 -17.80 84.97 53.94
N HIS R 202 -18.43 84.18 54.81
CA HIS R 202 -18.08 82.78 54.98
C HIS R 202 -19.32 81.93 55.12
N GLU R 203 -19.47 80.98 54.19
CA GLU R 203 -20.62 80.09 54.15
C GLU R 203 -21.92 80.86 54.31
N GLY R 204 -22.03 81.96 53.57
CA GLY R 204 -23.23 82.77 53.52
C GLY R 204 -23.44 83.76 54.65
N SER R 205 -22.55 83.75 55.64
CA SER R 205 -22.69 84.69 56.75
C SER R 205 -21.55 85.70 56.74
N THR R 206 -21.86 86.96 57.05
CA THR R 206 -20.86 88.01 56.92
C THR R 206 -20.38 88.49 58.29
N VAL R 207 -19.07 88.68 58.40
CA VAL R 207 -18.47 89.32 59.57
C VAL R 207 -17.76 90.57 59.10
N GLU R 208 -18.05 91.69 59.75
CA GLU R 208 -17.52 92.97 59.29
C GLU R 208 -16.86 93.70 60.45
N LYS R 209 -15.73 94.33 60.18
CA LYS R 209 -15.10 95.18 61.18
C LYS R 209 -14.84 96.54 60.56
N THR R 210 -14.88 97.60 61.36
CA THR R 210 -14.71 98.93 60.80
C THR R 210 -13.76 99.81 61.57
N VAL R 211 -12.91 100.53 60.86
CA VAL R 211 -12.06 101.52 61.49
C VAL R 211 -12.30 102.83 60.76
N ALA R 212 -12.03 103.93 61.43
CA ALA R 212 -12.22 105.25 60.86
C ALA R 212 -11.05 106.10 61.30
N PRO R 213 -10.65 107.13 60.53
CA PRO R 213 -9.63 107.81 61.31
C PRO R 213 -10.41 108.39 62.51
N THR R 214 -9.81 108.43 63.69
CA THR R 214 -10.49 108.97 64.86
C THR R 214 -9.47 109.56 65.79
N VAL S 2 27.74 -39.71 -43.73
CA VAL S 2 27.63 -40.54 -42.55
C VAL S 2 29.04 -41.04 -42.29
N GLN S 3 29.49 -40.96 -41.04
CA GLN S 3 30.84 -41.36 -40.71
C GLN S 3 31.11 -41.65 -39.24
N LEU S 4 31.92 -42.68 -39.01
CA LEU S 4 32.52 -42.94 -37.71
C LEU S 4 34.02 -42.92 -37.95
N VAL S 5 34.77 -42.26 -37.08
CA VAL S 5 36.22 -42.22 -37.25
C VAL S 5 36.94 -42.50 -35.94
N GLN S 6 37.66 -43.62 -35.88
CA GLN S 6 38.42 -43.95 -34.67
C GLN S 6 39.79 -43.31 -34.67
N SER S 7 40.26 -42.99 -33.48
CA SER S 7 41.60 -42.44 -33.26
C SER S 7 42.09 -42.86 -31.87
N GLY S 8 43.38 -42.66 -31.63
CA GLY S 8 43.95 -42.95 -30.33
C GLY S 8 44.79 -44.21 -30.28
N GLY S 9 44.86 -44.93 -31.39
CA GLY S 9 45.56 -46.20 -31.42
C GLY S 9 47.07 -45.97 -31.39
N GLY S 10 47.82 -47.02 -31.09
CA GLY S 10 49.27 -46.91 -31.06
C GLY S 10 49.92 -48.05 -30.30
N VAL S 11 51.22 -47.91 -30.05
CA VAL S 11 51.95 -48.93 -29.31
C VAL S 11 51.95 -48.58 -27.83
N VAL S 12 51.80 -49.59 -26.98
CA VAL S 12 51.76 -49.41 -25.53
C VAL S 12 52.28 -50.67 -24.85
N GLN S 13 52.75 -50.50 -23.62
CA GLN S 13 53.35 -51.58 -22.86
C GLN S 13 52.29 -52.29 -22.01
N PRO S 14 52.47 -53.61 -21.76
CA PRO S 14 51.51 -54.28 -20.88
C PRO S 14 51.45 -53.50 -19.56
N ARG S 15 50.32 -53.51 -18.84
CA ARG S 15 50.20 -52.74 -17.59
C ARG S 15 49.94 -51.25 -17.84
N ARG S 16 50.13 -50.78 -19.07
CA ARG S 16 49.90 -49.36 -19.39
C ARG S 16 48.42 -49.08 -19.67
N SER S 17 48.07 -47.81 -19.92
CA SER S 17 46.69 -47.44 -20.23
C SER S 17 46.64 -46.71 -21.57
N LEU S 18 45.49 -46.75 -22.24
CA LEU S 18 45.30 -45.96 -23.47
C LEU S 18 43.84 -45.54 -23.64
N ARG S 19 43.59 -44.40 -24.24
N ARG S 19 43.59 -44.35 -24.17
CA ARG S 19 42.22 -43.93 -24.45
CA ARG S 19 42.21 -43.94 -24.44
C ARG S 19 41.92 -43.74 -25.93
C ARG S 19 41.97 -43.83 -25.94
N LEU S 20 40.91 -44.46 -26.42
CA LEU S 20 40.51 -44.35 -27.83
C LEU S 20 39.29 -43.44 -27.98
N SER S 21 39.16 -42.77 -29.12
CA SER S 21 37.99 -41.94 -29.38
C SER S 21 37.38 -42.25 -30.75
N CYS S 22 36.09 -42.01 -30.90
CA CYS S 22 35.43 -42.26 -32.17
C CYS S 22 34.46 -41.11 -32.48
N ALA S 23 34.74 -40.36 -33.55
CA ALA S 23 33.92 -39.21 -33.91
C ALA S 23 32.84 -39.56 -34.94
N ALA S 24 31.60 -39.20 -34.63
CA ALA S 24 30.46 -39.51 -35.49
C ALA S 24 29.90 -38.27 -36.19
N SER S 25 29.49 -38.43 -37.44
CA SER S 25 28.81 -37.37 -38.18
C SER S 25 27.74 -37.93 -39.13
N GLY S 26 26.73 -37.14 -39.45
CA GLY S 26 25.77 -37.53 -40.47
C GLY S 26 24.56 -38.33 -40.02
N PHE S 27 24.46 -38.59 -38.72
CA PHE S 27 23.29 -39.24 -38.16
C PHE S 27 23.12 -38.71 -36.74
N THR S 28 21.97 -38.96 -36.12
CA THR S 28 21.75 -38.43 -34.80
C THR S 28 22.42 -39.34 -33.77
N PHE S 29 23.66 -38.98 -33.46
CA PHE S 29 24.51 -39.73 -32.53
C PHE S 29 23.79 -39.99 -31.21
N SER S 30 23.16 -38.95 -30.68
CA SER S 30 22.52 -39.03 -29.37
C SER S 30 21.30 -39.93 -29.34
N SER S 31 20.90 -40.41 -30.51
CA SER S 31 19.74 -41.30 -30.61
C SER S 31 20.10 -42.80 -30.66
N TYR S 32 21.38 -43.11 -30.69
CA TYR S 32 21.83 -44.49 -30.88
C TYR S 32 22.79 -44.98 -29.81
N ALA S 33 22.60 -46.24 -29.44
CA ALA S 33 23.59 -46.97 -28.67
C ALA S 33 24.82 -47.11 -29.55
N MET S 34 25.98 -47.36 -28.94
CA MET S 34 27.21 -47.50 -29.69
C MET S 34 27.98 -48.71 -29.19
N HIS S 35 28.64 -49.43 -30.10
CA HIS S 35 29.40 -50.61 -29.71
C HIS S 35 30.89 -50.44 -29.96
N TRP S 36 31.70 -51.11 -29.14
CA TRP S 36 33.08 -51.40 -29.51
C TRP S 36 33.20 -52.89 -29.79
N VAL S 37 33.91 -53.22 -30.88
CA VAL S 37 34.19 -54.59 -31.29
C VAL S 37 35.66 -54.65 -31.73
N ARG S 38 36.38 -55.72 -31.40
CA ARG S 38 37.78 -55.78 -31.84
C ARG S 38 38.13 -57.05 -32.62
N GLN S 39 39.23 -56.96 -33.36
CA GLN S 39 39.70 -58.04 -34.21
C GLN S 39 41.22 -58.12 -34.26
N ALA S 40 41.80 -59.23 -33.82
CA ALA S 40 43.25 -59.38 -33.90
C ALA S 40 43.61 -59.67 -35.36
N PRO S 41 44.77 -59.16 -35.82
CA PRO S 41 45.19 -59.39 -37.22
C PRO S 41 45.12 -60.85 -37.65
N GLY S 42 44.41 -61.10 -38.73
CA GLY S 42 44.26 -62.44 -39.29
C GLY S 42 43.34 -63.32 -38.48
N LYS S 43 42.71 -62.75 -37.46
CA LYS S 43 41.85 -63.49 -36.55
C LYS S 43 40.41 -62.98 -36.62
N GLY S 44 39.53 -63.52 -35.79
CA GLY S 44 38.12 -63.17 -35.84
C GLY S 44 37.70 -61.95 -35.07
N LEU S 45 36.42 -61.60 -35.20
CA LEU S 45 35.79 -60.49 -34.48
C LEU S 45 35.46 -60.83 -33.02
N GLU S 46 35.69 -59.86 -32.15
CA GLU S 46 35.36 -60.00 -30.73
C GLU S 46 34.62 -58.75 -30.27
N TRP S 47 33.40 -58.93 -29.77
CA TRP S 47 32.64 -57.80 -29.27
C TRP S 47 33.28 -57.32 -27.99
N VAL S 48 33.29 -56.00 -27.78
CA VAL S 48 33.94 -55.44 -26.61
C VAL S 48 32.94 -54.83 -25.62
N ALA S 49 32.09 -53.92 -26.10
CA ALA S 49 31.15 -53.25 -25.19
C ALA S 49 30.04 -52.51 -25.92
N VAL S 50 28.97 -52.18 -25.20
CA VAL S 50 27.94 -51.29 -25.73
C VAL S 50 27.56 -50.21 -24.70
N ILE S 51 27.26 -49.02 -25.18
CA ILE S 51 26.76 -47.95 -24.31
C ILE S 51 25.48 -47.35 -24.91
N SER S 52 24.47 -47.12 -24.08
CA SER S 52 23.20 -46.60 -24.59
C SER S 52 23.33 -45.14 -25.04
N TYR S 53 22.34 -44.68 -25.80
CA TYR S 53 22.30 -43.33 -26.36
C TYR S 53 22.62 -42.24 -25.34
N ASP S 54 22.01 -42.38 -24.17
CA ASP S 54 22.13 -41.42 -23.07
C ASP S 54 23.17 -41.78 -22.03
N GLY S 55 23.95 -42.81 -22.29
CA GLY S 55 25.01 -43.18 -21.36
C GLY S 55 24.55 -43.91 -20.11
N ARG S 56 23.25 -44.21 -20.02
CA ARG S 56 22.71 -44.76 -18.79
C ARG S 56 22.93 -46.27 -18.68
N ASN S 57 23.18 -46.92 -19.81
CA ASN S 57 23.41 -48.36 -19.82
C ASN S 57 24.68 -48.80 -20.54
N LYS S 58 25.44 -49.70 -19.93
CA LYS S 58 26.74 -50.10 -20.45
C LYS S 58 26.85 -51.61 -20.25
N TYR S 59 27.35 -52.32 -21.26
CA TYR S 59 27.62 -53.75 -21.11
C TYR S 59 28.98 -54.13 -21.67
N TYR S 60 29.66 -55.07 -21.03
CA TYR S 60 31.03 -55.39 -21.41
C TYR S 60 31.15 -56.88 -21.65
N ALA S 61 32.07 -57.29 -22.50
CA ALA S 61 32.43 -58.70 -22.59
C ALA S 61 33.14 -59.07 -21.30
N ASP S 62 32.97 -60.29 -20.82
CA ASP S 62 33.63 -60.73 -19.59
C ASP S 62 35.15 -60.61 -19.73
N SER S 63 35.66 -60.83 -20.94
CA SER S 63 37.09 -60.83 -21.20
C SER S 63 37.74 -59.48 -20.95
N VAL S 64 36.94 -58.41 -20.97
CA VAL S 64 37.43 -57.07 -20.72
C VAL S 64 36.82 -56.43 -19.48
N LYS S 65 35.87 -57.14 -18.88
CA LYS S 65 35.13 -56.67 -17.71
C LYS S 65 36.07 -56.23 -16.59
N GLY S 66 35.80 -55.08 -15.97
CA GLY S 66 36.60 -54.65 -14.85
C GLY S 66 37.88 -53.94 -15.23
N ARG S 67 38.20 -53.98 -16.53
CA ARG S 67 39.38 -53.32 -17.07
C ARG S 67 39.08 -52.16 -18.02
N PHE S 68 38.10 -52.31 -18.89
CA PHE S 68 37.81 -51.25 -19.85
C PHE S 68 36.54 -50.51 -19.44
N THR S 69 36.46 -49.23 -19.80
CA THR S 69 35.30 -48.40 -19.53
C THR S 69 34.91 -47.60 -20.76
N VAL S 70 33.65 -47.73 -21.18
CA VAL S 70 33.14 -46.98 -22.32
C VAL S 70 32.37 -45.75 -21.84
N SER S 71 32.45 -44.66 -22.59
CA SER S 71 31.72 -43.45 -22.29
C SER S 71 31.46 -42.64 -23.56
N ARG S 72 30.61 -41.63 -23.46
CA ARG S 72 30.31 -40.77 -24.59
C ARG S 72 29.97 -39.33 -24.22
N ASP S 73 30.19 -38.43 -25.17
CA ASP S 73 29.79 -37.03 -25.05
C ASP S 73 28.95 -36.69 -26.26
N ASN S 74 27.63 -36.60 -26.09
CA ASN S 74 26.74 -36.39 -27.22
C ASN S 74 26.91 -35.01 -27.86
N SER S 75 27.37 -34.04 -27.08
CA SER S 75 27.59 -32.69 -27.58
C SER S 75 28.77 -32.63 -28.57
N LYS S 76 29.66 -33.62 -28.49
CA LYS S 76 30.81 -33.67 -29.39
C LYS S 76 30.66 -34.80 -30.41
N ASN S 77 29.53 -35.51 -30.32
CA ASN S 77 29.25 -36.65 -31.20
C ASN S 77 30.44 -37.59 -31.12
N THR S 78 30.94 -37.79 -29.91
CA THR S 78 32.11 -38.64 -29.72
C THR S 78 31.88 -39.78 -28.73
N LEU S 79 32.39 -40.95 -29.07
CA LEU S 79 32.40 -42.10 -28.20
C LEU S 79 33.83 -42.30 -27.72
N TYR S 80 34.00 -42.73 -26.46
CA TYR S 80 35.33 -42.94 -25.91
C TYR S 80 35.46 -44.36 -25.37
N LEU S 81 36.68 -44.89 -25.39
CA LEU S 81 36.99 -46.13 -24.68
C LEU S 81 38.25 -45.98 -23.84
N GLN S 82 38.10 -46.01 -22.52
CA GLN S 82 39.27 -45.97 -21.65
C GLN S 82 39.74 -47.40 -21.37
N MET S 83 40.96 -47.71 -21.79
CA MET S 83 41.47 -49.07 -21.63
C MET S 83 42.57 -49.09 -20.58
N ASN S 84 42.33 -49.75 -19.46
CA ASN S 84 43.36 -49.87 -18.44
C ASN S 84 43.82 -51.32 -18.24
N SER S 85 44.96 -51.46 -17.57
CA SER S 85 45.54 -52.76 -17.22
C SER S 85 45.68 -53.71 -18.42
N LEU S 86 46.21 -53.17 -19.51
CA LEU S 86 46.33 -53.86 -20.80
C LEU S 86 47.22 -55.11 -20.80
N ARG S 87 46.84 -56.11 -21.60
CA ARG S 87 47.64 -57.34 -21.73
C ARG S 87 48.03 -57.46 -23.20
N ALA S 88 49.07 -58.23 -23.46
CA ALA S 88 49.56 -58.46 -24.81
C ALA S 88 48.51 -59.00 -25.78
N GLU S 89 47.66 -59.91 -25.31
CA GLU S 89 46.66 -60.53 -26.17
C GLU S 89 45.54 -59.58 -26.58
N ASP S 90 45.57 -58.37 -26.02
CA ASP S 90 44.65 -57.31 -26.42
C ASP S 90 45.08 -56.59 -27.69
N THR S 91 46.27 -56.91 -28.19
CA THR S 91 46.74 -56.30 -29.44
C THR S 91 45.72 -56.65 -30.51
N SER S 92 45.23 -55.63 -31.22
CA SER S 92 44.09 -55.80 -32.11
C SER S 92 43.74 -54.51 -32.83
N VAL S 93 42.98 -54.63 -33.91
CA VAL S 93 42.27 -53.49 -34.48
C VAL S 93 40.93 -53.32 -33.75
N TYR S 94 40.66 -52.10 -33.30
CA TYR S 94 39.42 -51.78 -32.59
C TYR S 94 38.47 -50.98 -33.47
N TYR S 95 37.24 -51.48 -33.60
CA TYR S 95 36.24 -50.83 -34.43
C TYR S 95 35.17 -50.24 -33.51
N CYS S 96 34.58 -49.11 -33.92
CA CYS S 96 33.36 -48.65 -33.26
C CYS S 96 32.24 -48.84 -34.28
N ALA S 97 31.04 -49.03 -33.79
CA ALA S 97 29.92 -49.31 -34.68
C ALA S 97 28.62 -48.80 -34.10
N ARG S 98 27.76 -48.27 -34.98
CA ARG S 98 26.47 -47.80 -34.54
C ARG S 98 25.60 -49.02 -34.33
N GLU S 99 24.84 -49.00 -33.25
CA GLU S 99 23.88 -50.06 -32.96
C GLU S 99 22.91 -50.22 -34.14
N LEU S 100 22.47 -51.46 -34.35
CA LEU S 100 21.55 -51.84 -35.43
C LEU S 100 20.29 -51.00 -35.38
N LEU S 101 19.65 -50.91 -34.23
CA LEU S 101 18.35 -50.27 -34.10
C LEU S 101 18.46 -49.05 -33.21
N MET S 102 17.69 -48.03 -33.56
N MET S 102 17.77 -47.97 -33.56
CA MET S 102 17.59 -46.78 -32.82
CA MET S 102 17.72 -46.83 -32.67
C MET S 102 16.92 -46.95 -31.46
C MET S 102 17.03 -47.19 -31.36
N ASP S 103 15.82 -47.70 -31.43
CA ASP S 103 15.09 -48.00 -30.19
C ASP S 103 15.42 -49.38 -29.67
N TYR S 104 15.42 -49.50 -28.35
CA TYR S 104 15.78 -50.74 -27.66
C TYR S 104 14.55 -51.61 -27.48
N TYR S 105 14.70 -52.89 -27.78
CA TYR S 105 13.63 -53.83 -27.50
C TYR S 105 14.21 -55.00 -26.73
N ASP S 106 13.57 -55.40 -25.63
CA ASP S 106 14.19 -56.38 -24.76
C ASP S 106 14.12 -57.82 -25.27
N HIS S 107 13.39 -58.03 -26.37
CA HIS S 107 13.37 -59.33 -27.02
C HIS S 107 14.28 -59.38 -28.23
N ILE S 108 14.92 -58.26 -28.55
CA ILE S 108 15.78 -58.19 -29.72
C ILE S 108 17.24 -57.94 -29.32
N GLY S 109 17.42 -57.04 -28.36
CA GLY S 109 18.72 -56.67 -27.84
C GLY S 109 19.62 -55.81 -28.70
N TYR S 110 20.93 -55.92 -28.49
CA TYR S 110 21.93 -55.20 -29.27
C TYR S 110 22.80 -55.95 -30.26
N SER S 111 23.18 -55.24 -31.32
CA SER S 111 24.06 -55.76 -32.36
C SER S 111 24.51 -54.59 -33.24
N PRO S 112 25.71 -54.71 -33.83
CA PRO S 112 26.28 -53.70 -34.74
C PRO S 112 25.45 -53.50 -36.01
N GLY S 113 25.25 -52.26 -36.42
CA GLY S 113 24.41 -51.98 -37.57
C GLY S 113 25.23 -51.78 -38.83
N PRO S 114 24.71 -50.97 -39.76
CA PRO S 114 25.29 -50.77 -41.09
C PRO S 114 26.47 -49.80 -41.10
N THR S 115 26.64 -49.03 -40.03
CA THR S 115 27.66 -48.00 -40.04
C THR S 115 28.85 -48.32 -39.15
N TRP S 116 30.01 -48.45 -39.77
CA TRP S 116 31.25 -48.76 -39.06
C TRP S 116 32.31 -47.75 -39.42
N GLY S 117 33.20 -47.48 -38.47
CA GLY S 117 34.37 -46.67 -38.76
C GLY S 117 35.43 -47.53 -39.41
N GLN S 118 36.58 -46.96 -39.71
CA GLN S 118 37.62 -47.67 -40.44
C GLN S 118 38.46 -48.55 -39.51
N GLY S 119 38.35 -48.29 -38.21
CA GLY S 119 39.10 -49.07 -37.23
C GLY S 119 40.40 -48.37 -36.87
N THR S 120 40.86 -48.57 -35.65
CA THR S 120 42.16 -48.05 -35.24
C THR S 120 42.99 -49.14 -34.55
N LEU S 121 44.26 -49.25 -34.93
CA LEU S 121 45.11 -50.33 -34.46
C LEU S 121 45.77 -50.03 -33.12
N VAL S 122 45.67 -51.00 -32.22
CA VAL S 122 46.33 -50.92 -30.92
C VAL S 122 47.28 -52.10 -30.76
N THR S 123 48.56 -51.80 -30.51
CA THR S 123 49.58 -52.83 -30.37
C THR S 123 50.15 -52.80 -28.96
N VAL S 124 50.03 -53.91 -28.25
CA VAL S 124 50.54 -54.01 -26.88
C VAL S 124 51.74 -54.93 -26.77
N SER S 125 52.91 -54.32 -26.54
CA SER S 125 54.16 -55.06 -26.46
C SER S 125 55.12 -54.39 -25.48
N PRO T 2 30.55 -68.68 -25.57
CA PRO T 2 31.11 -67.32 -25.66
C PRO T 2 31.30 -66.93 -27.12
N VAL T 3 31.53 -67.91 -27.99
CA VAL T 3 31.70 -67.70 -29.42
C VAL T 3 30.84 -68.76 -30.09
N LEU T 4 29.98 -68.36 -31.03
CA LEU T 4 29.18 -69.31 -31.79
C LEU T 4 30.00 -70.20 -32.73
N THR T 5 29.54 -71.44 -32.90
CA THR T 5 30.28 -72.42 -33.69
C THR T 5 29.95 -72.38 -35.18
N GLN T 6 30.94 -72.02 -35.99
CA GLN T 6 30.80 -71.99 -37.44
C GLN T 6 31.85 -72.91 -38.07
N PRO T 7 31.55 -73.46 -39.26
CA PRO T 7 32.62 -74.16 -39.97
C PRO T 7 33.73 -73.18 -40.35
N PRO T 8 34.98 -73.61 -40.26
CA PRO T 8 36.15 -72.77 -40.57
C PRO T 8 36.15 -72.27 -42.02
N SER T 9 35.66 -73.08 -42.95
CA SER T 9 35.70 -72.70 -44.36
C SER T 9 34.52 -73.30 -45.13
N ALA T 10 34.29 -72.74 -46.31
CA ALA T 10 33.25 -73.19 -47.23
C ALA T 10 33.65 -72.77 -48.63
N SER T 11 33.11 -73.45 -49.64
CA SER T 11 33.38 -73.08 -51.02
C SER T 11 32.24 -73.40 -51.98
N GLY T 12 32.26 -72.71 -53.12
CA GLY T 12 31.31 -72.98 -54.20
C GLY T 12 31.82 -72.43 -55.53
N SER T 13 31.32 -72.97 -56.63
CA SER T 13 31.57 -72.44 -57.96
C SER T 13 30.61 -71.29 -58.28
N PRO T 14 31.02 -70.37 -59.16
CA PRO T 14 30.17 -69.26 -59.59
C PRO T 14 28.82 -69.74 -60.11
N GLY T 15 27.74 -69.04 -59.77
CA GLY T 15 26.41 -69.47 -60.17
C GLY T 15 25.76 -70.40 -59.16
N GLN T 16 26.56 -71.02 -58.31
CA GLN T 16 26.07 -71.94 -57.29
C GLN T 16 25.44 -71.27 -56.08
N ARG T 17 24.70 -72.06 -55.31
CA ARG T 17 24.12 -71.60 -54.07
C ARG T 17 25.00 -72.22 -52.97
N VAL T 18 25.27 -71.43 -51.94
N VAL T 18 25.30 -71.42 -51.94
CA VAL T 18 26.08 -71.93 -50.81
CA VAL T 18 26.03 -71.93 -50.80
C VAL T 18 25.44 -71.53 -49.47
C VAL T 18 25.31 -71.60 -49.51
N THR T 19 25.51 -72.44 -48.49
CA THR T 19 24.97 -72.16 -47.18
C THR T 19 26.06 -72.23 -46.12
N ILE T 20 25.92 -71.42 -45.07
CA ILE T 20 26.89 -71.38 -43.98
C ILE T 20 26.16 -71.48 -42.65
N SER T 21 26.48 -72.51 -41.86
CA SER T 21 25.75 -72.73 -40.62
C SER T 21 26.37 -71.96 -39.44
N CYS T 22 25.56 -71.73 -38.42
CA CYS T 22 25.99 -70.96 -37.25
C CYS T 22 25.26 -71.58 -36.05
N SER T 23 25.99 -72.23 -35.15
CA SER T 23 25.33 -72.95 -34.06
C SER T 23 25.52 -72.29 -32.71
N GLY T 24 24.43 -72.17 -31.97
CA GLY T 24 24.45 -71.58 -30.64
C GLY T 24 23.73 -72.36 -29.57
N SER T 25 22.90 -71.65 -28.82
CA SER T 25 22.26 -72.17 -27.62
C SER T 25 21.01 -71.35 -27.30
N SER T 26 20.28 -71.76 -26.28
N SER T 26 20.26 -71.79 -26.30
CA SER T 26 19.00 -71.15 -25.95
CA SER T 26 18.99 -71.17 -25.94
C SER T 26 19.12 -69.68 -25.55
C SER T 26 19.13 -69.69 -25.58
N SER T 27 20.24 -69.32 -24.97
CA SER T 27 20.43 -67.96 -24.46
C SER T 27 20.85 -66.93 -25.52
N ASN T 28 21.34 -67.42 -26.65
CA ASN T 28 21.64 -66.56 -27.79
C ASN T 28 20.67 -66.73 -28.97
N ILE T 29 20.97 -67.66 -29.87
CA ILE T 29 20.26 -67.82 -31.13
C ILE T 29 18.82 -68.26 -30.87
N GLY T 30 18.66 -69.00 -29.77
CA GLY T 30 17.37 -69.51 -29.32
C GLY T 30 16.46 -68.41 -28.77
N SER T 31 17.02 -67.22 -28.58
CA SER T 31 16.35 -66.11 -27.90
C SER T 31 16.34 -64.82 -28.73
N TYR T 32 17.39 -64.58 -29.50
CA TYR T 32 17.53 -63.33 -30.23
C TYR T 32 17.82 -63.60 -31.69
N THR T 33 17.47 -62.66 -32.57
CA THR T 33 17.75 -62.84 -33.98
C THR T 33 19.24 -62.79 -34.29
N VAL T 34 19.60 -63.33 -35.45
CA VAL T 34 20.97 -63.39 -35.89
C VAL T 34 21.20 -62.40 -37.02
N ASN T 35 22.31 -61.69 -36.95
CA ASN T 35 22.76 -60.82 -38.02
C ASN T 35 23.89 -61.52 -38.76
N TRP T 36 24.05 -61.23 -40.04
CA TRP T 36 25.18 -61.77 -40.77
C TRP T 36 25.98 -60.63 -41.36
N TYR T 37 27.30 -60.76 -41.28
CA TYR T 37 28.22 -59.76 -41.81
C TYR T 37 29.22 -60.39 -42.78
N GLN T 38 29.65 -59.61 -43.76
CA GLN T 38 30.62 -60.06 -44.73
C GLN T 38 31.86 -59.19 -44.57
N GLN T 39 33.01 -59.83 -44.45
CA GLN T 39 34.25 -59.09 -44.27
C GLN T 39 35.28 -59.44 -45.34
N LEU T 40 35.72 -58.42 -46.07
CA LEU T 40 36.77 -58.56 -47.04
C LEU T 40 38.10 -58.26 -46.33
N PRO T 41 39.22 -58.75 -46.88
CA PRO T 41 40.51 -58.55 -46.22
C PRO T 41 40.81 -57.06 -45.96
N GLY T 42 41.25 -56.75 -44.75
CA GLY T 42 41.69 -55.40 -44.42
C GLY T 42 40.65 -54.32 -44.31
N THR T 43 39.36 -54.70 -44.25
CA THR T 43 38.28 -53.72 -44.26
C THR T 43 37.27 -54.00 -43.16
N ALA T 44 36.56 -52.98 -42.72
CA ALA T 44 35.53 -53.15 -41.70
C ALA T 44 34.42 -54.05 -42.25
N PRO T 45 33.74 -54.81 -41.37
CA PRO T 45 32.57 -55.58 -41.77
C PRO T 45 31.45 -54.73 -42.36
N LYS T 46 30.72 -55.27 -43.34
CA LYS T 46 29.55 -54.61 -43.91
C LYS T 46 28.35 -55.46 -43.50
N LEU T 47 27.30 -54.83 -42.96
CA LEU T 47 26.08 -55.55 -42.65
C LEU T 47 25.34 -56.09 -43.87
N LEU T 48 25.04 -57.39 -43.83
CA LEU T 48 24.46 -58.16 -44.93
CA LEU T 48 24.43 -58.07 -44.95
C LEU T 48 22.99 -58.45 -44.64
N ILE T 49 22.77 -59.07 -43.49
CA ILE T 49 21.46 -59.55 -43.09
C ILE T 49 21.22 -59.19 -41.63
N TYR T 50 20.00 -58.75 -41.33
CA TYR T 50 19.58 -58.46 -39.97
C TYR T 50 18.16 -58.97 -39.74
N SER T 51 17.77 -59.07 -38.48
N SER T 51 17.80 -59.09 -38.47
CA SER T 51 16.46 -59.60 -38.09
CA SER T 51 16.52 -59.62 -38.01
C SER T 51 16.24 -60.98 -38.69
C SER T 51 16.26 -60.96 -38.69
N LEU T 52 17.33 -61.72 -38.78
CA LEU T 52 17.44 -63.09 -39.32
C LEU T 52 17.36 -63.26 -40.85
N ASN T 53 16.46 -62.55 -41.52
CA ASN T 53 16.10 -62.95 -42.88
C ASN T 53 16.12 -61.73 -43.78
N GLN T 54 16.33 -60.58 -43.16
CA GLN T 54 16.23 -59.27 -43.79
C GLN T 54 17.50 -58.57 -44.24
N ARG T 55 17.33 -57.82 -45.33
CA ARG T 55 18.41 -57.12 -46.01
C ARG T 55 18.34 -55.60 -45.97
N PRO T 56 19.43 -54.95 -45.54
CA PRO T 56 19.61 -53.49 -45.61
C PRO T 56 19.65 -53.04 -47.07
N SER T 57 19.39 -51.77 -47.33
CA SER T 57 19.50 -51.23 -48.68
C SER T 57 20.87 -51.57 -49.26
N GLY T 58 20.92 -51.95 -50.53
CA GLY T 58 22.17 -52.28 -51.20
C GLY T 58 22.49 -53.76 -51.25
N VAL T 59 21.89 -54.56 -50.37
CA VAL T 59 22.18 -55.99 -50.32
C VAL T 59 21.17 -56.70 -51.22
N PRO T 60 21.68 -57.42 -52.24
CA PRO T 60 20.78 -58.10 -53.19
C PRO T 60 19.95 -59.18 -52.53
N ASP T 61 18.80 -59.50 -53.13
CA ASP T 61 17.85 -60.43 -52.54
C ASP T 61 18.32 -61.88 -52.66
N ARG T 62 19.42 -62.08 -53.37
CA ARG T 62 20.02 -63.40 -53.50
C ARG T 62 20.74 -63.82 -52.22
N PHE T 63 20.83 -62.89 -51.27
CA PHE T 63 21.27 -63.18 -49.92
C PHE T 63 20.04 -63.39 -49.05
N SER T 64 19.95 -64.55 -48.41
CA SER T 64 18.84 -64.85 -47.53
C SER T 64 19.26 -65.58 -46.26
N GLY T 65 18.64 -65.23 -45.14
CA GLY T 65 18.88 -65.89 -43.87
C GLY T 65 17.71 -66.75 -43.41
N SER T 66 18.01 -67.76 -42.60
CA SER T 66 17.00 -68.61 -41.98
C SER T 66 17.56 -69.17 -40.68
N LYS T 67 16.71 -69.77 -39.86
CA LYS T 67 17.22 -70.49 -38.69
C LYS T 67 16.29 -71.61 -38.26
N SER T 68 16.85 -72.52 -37.47
CA SER T 68 16.11 -73.66 -36.94
C SER T 68 16.70 -74.01 -35.58
N GLY T 69 15.89 -73.92 -34.54
CA GLY T 69 16.37 -74.16 -33.19
C GLY T 69 17.45 -73.19 -32.74
N THR T 70 18.60 -73.73 -32.39
CA THR T 70 19.73 -72.96 -31.87
C THR T 70 20.77 -72.80 -32.97
N SER T 71 20.37 -73.11 -34.19
CA SER T 71 21.24 -72.93 -35.35
C SER T 71 20.62 -71.98 -36.36
N ALA T 72 21.48 -71.23 -37.04
CA ALA T 72 21.05 -70.29 -38.06
C ALA T 72 21.88 -70.54 -39.31
N SER T 73 21.37 -70.09 -40.45
N SER T 73 21.39 -70.09 -40.46
CA SER T 73 22.06 -70.32 -41.72
CA SER T 73 22.06 -70.34 -41.72
C SER T 73 21.96 -69.13 -42.67
C SER T 73 21.94 -69.18 -42.70
N LEU T 74 23.07 -68.82 -43.31
CA LEU T 74 23.08 -67.82 -44.36
C LEU T 74 23.16 -68.54 -45.70
N ALA T 75 22.23 -68.21 -46.59
CA ALA T 75 22.19 -68.77 -47.93
C ALA T 75 22.56 -67.71 -48.95
N ILE T 76 23.48 -68.05 -49.86
CA ILE T 76 23.80 -67.15 -50.96
C ILE T 76 23.51 -67.83 -52.29
N SER T 77 22.49 -67.32 -52.97
CA SER T 77 22.07 -67.86 -54.25
C SER T 77 22.84 -67.14 -55.35
N GLY T 78 22.98 -67.78 -56.51
CA GLY T 78 23.64 -67.16 -57.64
C GLY T 78 25.00 -66.59 -57.32
N LEU T 79 25.88 -67.45 -56.78
CA LEU T 79 27.19 -67.02 -56.30
CA LEU T 79 27.19 -67.03 -56.30
C LEU T 79 27.95 -66.19 -57.32
N GLN T 80 28.53 -65.09 -56.85
CA GLN T 80 29.33 -64.21 -57.67
C GLN T 80 30.73 -64.19 -57.10
N SER T 81 31.72 -63.91 -57.95
CA SER T 81 33.12 -63.88 -57.52
C SER T 81 33.34 -63.00 -56.29
N GLU T 82 32.69 -61.83 -56.27
CA GLU T 82 32.84 -60.86 -55.19
C GLU T 82 32.30 -61.31 -53.84
N ASP T 83 31.61 -62.44 -53.81
CA ASP T 83 31.06 -62.96 -52.55
C ASP T 83 32.12 -63.72 -51.75
N GLU T 84 33.29 -63.92 -52.35
CA GLU T 84 34.37 -64.62 -51.67
C GLU T 84 34.89 -63.76 -50.53
N ALA T 85 34.74 -64.24 -49.29
CA ALA T 85 34.99 -63.43 -48.09
C ALA T 85 34.88 -64.29 -46.84
N VAL T 86 35.17 -63.68 -45.68
CA VAL T 86 34.89 -64.33 -44.41
C VAL T 86 33.57 -63.79 -43.86
N TYR T 87 32.69 -64.71 -43.46
CA TYR T 87 31.37 -64.38 -42.94
C TYR T 87 31.20 -64.66 -41.46
N TYR T 88 30.70 -63.65 -40.74
CA TYR T 88 30.43 -63.77 -39.31
C TYR T 88 28.95 -63.64 -39.02
N CYS T 89 28.47 -64.48 -38.11
CA CYS T 89 27.15 -64.35 -37.50
C CYS T 89 27.29 -63.70 -36.14
N ALA T 90 26.21 -63.10 -35.64
CA ALA T 90 26.20 -62.57 -34.29
C ALA T 90 24.79 -62.52 -33.74
N ALA T 91 24.70 -62.60 -32.41
CA ALA T 91 23.44 -62.48 -31.69
C ALA T 91 23.68 -61.93 -30.30
N TRP T 92 22.68 -61.24 -29.76
CA TRP T 92 22.68 -60.89 -28.36
C TRP T 92 22.60 -62.17 -27.53
N ASP T 93 23.15 -62.14 -26.32
CA ASP T 93 23.23 -63.32 -25.48
C ASP T 93 22.98 -62.87 -24.04
N ASP T 94 21.95 -63.42 -23.41
CA ASP T 94 21.58 -62.99 -22.07
C ASP T 94 22.09 -63.84 -20.89
N SER T 95 23.03 -64.74 -21.14
CA SER T 95 23.65 -65.48 -20.05
C SER T 95 24.74 -64.64 -19.38
N LEU T 96 25.13 -65.02 -18.17
CA LEU T 96 26.15 -64.30 -17.41
C LEU T 96 25.84 -62.81 -17.29
N SER T 97 26.78 -61.99 -17.78
CA SER T 97 26.49 -60.59 -18.05
C SER T 97 26.20 -60.45 -19.53
N ALA T 98 25.03 -59.89 -19.85
CA ALA T 98 24.52 -59.87 -21.21
C ALA T 98 25.51 -59.28 -22.19
N HIS T 99 25.58 -59.86 -23.38
CA HIS T 99 26.67 -59.56 -24.30
C HIS T 99 26.31 -59.97 -25.72
N VAL T 100 27.05 -59.44 -26.69
CA VAL T 100 26.96 -59.89 -28.06
C VAL T 100 27.92 -61.05 -28.25
N VAL T 101 27.48 -62.09 -28.95
CA VAL T 101 28.37 -63.19 -29.32
CA VAL T 101 28.38 -63.19 -29.32
C VAL T 101 28.55 -63.26 -30.83
N PHE T 102 29.81 -63.32 -31.26
CA PHE T 102 30.13 -63.54 -32.67
C PHE T 102 30.42 -65.02 -32.87
N GLY T 103 30.10 -65.52 -34.06
CA GLY T 103 30.57 -66.83 -34.47
C GLY T 103 32.04 -66.81 -34.84
N GLY T 104 32.62 -67.98 -35.02
CA GLY T 104 34.06 -68.04 -35.27
C GLY T 104 34.41 -67.66 -36.70
N GLY T 105 33.40 -67.55 -37.55
CA GLY T 105 33.62 -67.16 -38.93
C GLY T 105 33.82 -68.28 -39.93
N THR T 106 33.34 -68.07 -41.15
CA THR T 106 33.54 -69.05 -42.21
C THR T 106 34.19 -68.30 -43.37
N LYS T 107 35.42 -68.69 -43.73
CA LYS T 107 36.05 -68.16 -44.93
C LYS T 107 35.48 -68.87 -46.14
N LEU T 108 34.74 -68.12 -46.97
CA LEU T 108 34.16 -68.65 -48.21
C LEU T 108 35.02 -68.40 -49.44
N THR T 109 35.36 -69.49 -50.13
CA THR T 109 36.10 -69.42 -51.39
C THR T 109 35.18 -69.72 -52.59
N VAL T 110 35.18 -68.84 -53.58
CA VAL T 110 34.52 -69.11 -54.85
C VAL T 110 35.49 -69.74 -55.86
N LEU T 111 35.27 -71.01 -56.17
CA LEU T 111 36.26 -71.83 -56.88
C LEU T 111 36.56 -71.28 -58.27
N VAL U 2 -0.61 -38.44 -75.61
CA VAL U 2 0.13 -37.23 -75.95
C VAL U 2 0.74 -37.35 -77.36
N GLN U 3 0.57 -36.31 -78.16
CA GLN U 3 1.06 -36.30 -79.54
C GLN U 3 1.18 -34.89 -80.10
N LEU U 4 2.23 -34.67 -80.90
CA LEU U 4 2.33 -33.47 -81.71
C LEU U 4 2.43 -33.83 -83.19
N VAL U 5 1.68 -33.10 -84.01
CA VAL U 5 1.65 -33.29 -85.46
C VAL U 5 1.74 -31.97 -86.21
N GLN U 6 2.83 -31.79 -86.96
CA GLN U 6 3.02 -30.58 -87.75
C GLN U 6 2.36 -30.69 -89.12
N SER U 7 1.92 -29.54 -89.63
CA SER U 7 1.33 -29.44 -90.95
C SER U 7 1.60 -28.08 -91.56
N GLY U 8 1.34 -27.95 -92.86
CA GLY U 8 1.49 -26.68 -93.53
C GLY U 8 2.74 -26.66 -94.39
N GLY U 9 3.49 -27.76 -94.33
CA GLY U 9 4.77 -27.83 -95.04
C GLY U 9 4.52 -27.98 -96.53
N GLY U 10 5.56 -27.75 -97.32
CA GLY U 10 5.45 -27.88 -98.77
C GLY U 10 6.60 -27.16 -99.43
N VAL U 11 6.51 -27.00 -100.74
CA VAL U 11 7.55 -26.31 -101.50
C VAL U 11 7.14 -24.83 -101.63
N VAL U 12 8.12 -23.95 -101.50
CA VAL U 12 7.90 -22.50 -101.56
C VAL U 12 9.15 -21.81 -102.11
N GLN U 13 8.97 -20.62 -102.68
CA GLN U 13 10.07 -19.91 -103.30
C GLN U 13 10.78 -18.98 -102.32
N PRO U 14 12.10 -18.75 -102.50
CA PRO U 14 12.82 -17.81 -101.62
C PRO U 14 12.17 -16.43 -101.60
N ARG U 15 12.28 -15.71 -100.48
CA ARG U 15 11.69 -14.37 -100.33
C ARG U 15 10.19 -14.42 -100.08
N ARG U 16 9.58 -15.58 -100.30
CA ARG U 16 8.14 -15.71 -100.07
C ARG U 16 7.92 -15.97 -98.59
N SER U 17 6.66 -16.07 -98.17
CA SER U 17 6.38 -16.35 -96.78
C SER U 17 5.52 -17.61 -96.66
N LEU U 18 5.57 -18.29 -95.52
CA LEU U 18 4.72 -19.46 -95.23
C LEU U 18 4.39 -19.59 -93.73
N ARG U 19 3.23 -20.13 -93.42
N ARG U 19 3.18 -20.06 -93.41
CA ARG U 19 2.81 -20.29 -92.03
CA ARG U 19 2.83 -20.29 -92.01
C ARG U 19 2.62 -21.78 -91.69
C ARG U 19 2.69 -21.79 -91.76
N LEU U 20 3.37 -22.25 -90.71
CA LEU U 20 3.30 -23.65 -90.25
C LEU U 20 2.45 -23.80 -89.01
N SER U 21 1.85 -24.98 -88.86
CA SER U 21 1.05 -25.24 -87.67
C SER U 21 1.46 -26.55 -87.00
N CYS U 22 1.21 -26.64 -85.70
CA CYS U 22 1.53 -27.83 -84.94
C CYS U 22 0.39 -28.14 -83.96
N ALA U 23 -0.25 -29.28 -84.17
CA ALA U 23 -1.40 -29.68 -83.38
C ALA U 23 -0.99 -30.59 -82.24
N ALA U 24 -1.42 -30.23 -81.04
CA ALA U 24 -1.09 -30.97 -79.82
C ALA U 24 -2.34 -31.70 -79.32
N SER U 25 -2.15 -32.91 -78.79
CA SER U 25 -3.26 -33.62 -78.17
C SER U 25 -2.85 -34.46 -76.98
N GLY U 26 -3.80 -34.67 -76.06
CA GLY U 26 -3.63 -35.59 -74.95
C GLY U 26 -3.04 -35.01 -73.67
N PHE U 27 -2.72 -33.72 -73.69
CA PHE U 27 -2.25 -33.03 -72.49
C PHE U 27 -2.69 -31.57 -72.54
N THR U 28 -2.55 -30.87 -71.43
CA THR U 28 -2.99 -29.49 -71.38
C THR U 28 -1.91 -28.59 -71.98
N PHE U 29 -2.07 -28.37 -73.28
CA PHE U 29 -1.17 -27.59 -74.12
C PHE U 29 -0.85 -26.23 -73.50
N SER U 30 -1.89 -25.56 -73.02
CA SER U 30 -1.76 -24.20 -72.51
C SER U 30 -0.93 -24.12 -71.23
N SER U 31 -0.57 -25.29 -70.70
CA SER U 31 0.24 -25.32 -69.49
C SER U 31 1.75 -25.47 -69.77
N TYR U 32 2.10 -25.62 -71.04
CA TYR U 32 3.48 -25.91 -71.41
C TYR U 32 3.98 -24.90 -72.43
N ALA U 33 5.24 -24.51 -72.28
CA ALA U 33 5.97 -23.80 -73.31
C ALA U 33 6.14 -24.74 -74.50
N MET U 34 6.39 -24.18 -75.68
CA MET U 34 6.55 -24.99 -76.89
C MET U 34 7.74 -24.53 -77.72
N HIS U 35 8.45 -25.49 -78.32
CA HIS U 35 9.61 -25.14 -79.13
C HIS U 35 9.38 -25.48 -80.60
N TRP U 36 10.00 -24.71 -81.49
CA TRP U 36 10.23 -25.13 -82.86
C TRP U 36 11.72 -25.40 -83.05
N VAL U 37 12.04 -26.52 -83.70
CA VAL U 37 13.42 -26.89 -84.01
C VAL U 37 13.43 -27.42 -85.45
N ARG U 38 14.45 -27.07 -86.25
CA ARG U 38 14.48 -27.57 -87.62
C ARG U 38 15.79 -28.27 -87.96
N GLN U 39 15.78 -29.09 -89.00
CA GLN U 39 16.96 -29.83 -89.40
C GLN U 39 17.10 -30.02 -90.91
N ALA U 40 18.16 -29.49 -91.52
CA ALA U 40 18.36 -29.71 -92.94
C ALA U 40 18.88 -31.15 -93.10
N PRO U 41 18.49 -31.84 -94.19
CA PRO U 41 18.93 -33.23 -94.43
C PRO U 41 20.44 -33.44 -94.31
N GLY U 42 20.85 -34.39 -93.48
CA GLY U 42 22.26 -34.72 -93.29
C GLY U 42 23.07 -33.73 -92.49
N LYS U 43 22.40 -32.72 -91.94
CA LYS U 43 23.10 -31.67 -91.21
C LYS U 43 22.60 -31.75 -89.78
N GLY U 44 23.01 -30.83 -88.92
CA GLY U 44 22.61 -30.96 -87.52
C GLY U 44 21.27 -30.33 -87.23
N LEU U 45 20.83 -30.49 -85.97
CA LEU U 45 19.61 -29.89 -85.49
C LEU U 45 19.84 -28.41 -85.21
N GLU U 46 18.85 -27.60 -85.54
CA GLU U 46 18.92 -26.19 -85.26
C GLU U 46 17.61 -25.76 -84.62
N TRP U 47 17.74 -25.24 -83.41
CA TRP U 47 16.62 -24.75 -82.63
C TRP U 47 16.11 -23.48 -83.30
N VAL U 48 14.80 -23.29 -83.28
CA VAL U 48 14.18 -22.14 -83.93
C VAL U 48 13.63 -21.16 -82.92
N ALA U 49 12.79 -21.63 -82.01
CA ALA U 49 12.16 -20.71 -81.07
C ALA U 49 11.44 -21.41 -79.92
N VAL U 50 11.15 -20.65 -78.87
CA VAL U 50 10.29 -21.12 -77.80
C VAL U 50 9.25 -20.06 -77.45
N ILE U 51 8.05 -20.49 -77.11
CA ILE U 51 7.00 -19.60 -76.64
C ILE U 51 6.41 -20.12 -75.33
N SER U 52 6.20 -19.21 -74.38
CA SER U 52 5.69 -19.58 -73.05
C SER U 52 4.24 -20.05 -73.09
N TYR U 53 3.82 -20.71 -72.00
CA TYR U 53 2.47 -21.27 -71.88
C TYR U 53 1.35 -20.34 -72.32
N ASP U 54 1.45 -19.10 -71.84
CA ASP U 54 0.45 -18.07 -72.07
C ASP U 54 0.78 -17.13 -73.24
N GLY U 55 1.82 -17.44 -74.01
CA GLY U 55 2.12 -16.61 -75.16
C GLY U 55 2.84 -15.32 -74.83
N ARG U 56 3.16 -15.11 -73.56
CA ARG U 56 3.70 -13.82 -73.12
C ARG U 56 5.19 -13.71 -73.40
N ASN U 57 5.83 -14.85 -73.60
CA ASN U 57 7.27 -14.88 -73.88
C ASN U 57 7.70 -15.70 -75.09
N LYS U 58 8.59 -15.13 -75.89
CA LYS U 58 9.00 -15.74 -77.15
C LYS U 58 10.50 -15.48 -77.22
N TYR U 59 11.25 -16.50 -77.63
CA TYR U 59 12.68 -16.33 -77.84
C TYR U 59 13.09 -16.97 -79.16
N TYR U 60 14.03 -16.38 -79.87
CA TYR U 60 14.33 -16.86 -81.22
C TYR U 60 15.81 -17.14 -81.41
N ALA U 61 16.12 -18.08 -82.31
CA ALA U 61 17.49 -18.26 -82.78
C ALA U 61 17.87 -17.06 -83.64
N ASP U 62 19.14 -16.67 -83.60
CA ASP U 62 19.60 -15.53 -84.40
C ASP U 62 19.37 -15.74 -85.89
N SER U 63 19.46 -16.99 -86.33
CA SER U 63 19.34 -17.33 -87.74
C SER U 63 17.97 -17.01 -88.34
N VAL U 64 16.95 -16.88 -87.49
CA VAL U 64 15.61 -16.57 -87.99
C VAL U 64 15.02 -15.24 -87.49
N LYS U 65 15.74 -14.56 -86.60
CA LYS U 65 15.24 -13.30 -86.02
C LYS U 65 14.87 -12.31 -87.11
N GLY U 66 13.73 -11.66 -86.97
CA GLY U 66 13.32 -10.64 -87.93
C GLY U 66 12.66 -11.23 -89.16
N ARG U 67 12.74 -12.55 -89.28
CA ARG U 67 12.10 -13.25 -90.39
C ARG U 67 11.00 -14.18 -89.89
N PHE U 68 11.25 -14.88 -88.80
CA PHE U 68 10.24 -15.79 -88.28
C PHE U 68 9.65 -15.19 -87.03
N THR U 69 8.40 -15.55 -86.79
CA THR U 69 7.65 -15.14 -85.63
C THR U 69 6.96 -16.36 -85.06
N VAL U 70 7.16 -16.64 -83.78
CA VAL U 70 6.47 -17.78 -83.21
C VAL U 70 5.24 -17.26 -82.48
N SER U 71 4.18 -18.04 -82.54
CA SER U 71 2.94 -17.71 -81.86
C SER U 71 2.16 -18.97 -81.54
N ARG U 72 1.12 -18.85 -80.73
CA ARG U 72 0.30 -20.00 -80.40
C ARG U 72 -1.15 -19.59 -80.15
N ASP U 73 -2.07 -20.54 -80.34
CA ASP U 73 -3.45 -20.29 -79.98
C ASP U 73 -3.87 -21.40 -79.03
N ASN U 74 -3.92 -21.09 -77.75
CA ASN U 74 -4.20 -22.09 -76.74
C ASN U 74 -5.62 -22.64 -76.80
N SER U 75 -6.55 -21.84 -77.32
CA SER U 75 -7.94 -22.27 -77.44
C SER U 75 -8.12 -23.37 -78.48
N LYS U 76 -7.18 -23.48 -79.41
CA LYS U 76 -7.25 -24.53 -80.43
C LYS U 76 -6.18 -25.55 -80.12
N ASN U 77 -5.44 -25.31 -79.03
CA ASN U 77 -4.34 -26.18 -78.64
C ASN U 77 -3.40 -26.36 -79.83
N THR U 78 -3.15 -25.24 -80.49
CA THR U 78 -2.32 -25.21 -81.68
C THR U 78 -1.16 -24.23 -81.54
N LEU U 79 0.02 -24.65 -82.01
CA LEU U 79 1.19 -23.80 -82.07
C LEU U 79 1.45 -23.42 -83.54
N TYR U 80 1.92 -22.19 -83.75
CA TYR U 80 2.19 -21.69 -85.09
C TYR U 80 3.63 -21.21 -85.23
N LEU U 81 4.14 -21.28 -86.45
CA LEU U 81 5.40 -20.64 -86.81
C LEU U 81 5.18 -19.83 -88.09
N GLN U 82 5.24 -18.52 -87.97
CA GLN U 82 5.13 -17.62 -89.11
C GLN U 82 6.50 -17.40 -89.72
N MET U 83 6.66 -17.82 -90.98
CA MET U 83 7.95 -17.72 -91.65
C MET U 83 7.93 -16.68 -92.74
N ASN U 84 8.68 -15.60 -92.55
CA ASN U 84 8.79 -14.55 -93.56
C ASN U 84 10.21 -14.49 -94.09
N SER U 85 10.39 -13.81 -95.22
CA SER U 85 11.71 -13.60 -95.82
C SER U 85 12.48 -14.91 -96.00
N LEU U 86 11.83 -15.92 -96.57
CA LEU U 86 12.40 -17.26 -96.68
C LEU U 86 13.67 -17.29 -97.52
N ARG U 87 14.59 -18.17 -97.14
CA ARG U 87 15.84 -18.35 -97.87
C ARG U 87 15.94 -19.80 -98.32
N ALA U 88 16.76 -20.08 -99.33
CA ALA U 88 16.92 -21.45 -99.82
C ALA U 88 17.40 -22.36 -98.70
N GLU U 89 18.29 -21.84 -97.87
CA GLU U 89 18.88 -22.58 -96.76
C GLU U 89 17.89 -22.84 -95.62
N ASP U 90 16.68 -22.28 -95.73
CA ASP U 90 15.63 -22.57 -94.77
C ASP U 90 14.96 -23.91 -95.08
N THR U 91 15.33 -24.49 -96.21
CA THR U 91 14.80 -25.80 -96.60
C THR U 91 15.19 -26.77 -95.50
N SER U 92 14.21 -27.50 -94.96
CA SER U 92 14.43 -28.29 -93.76
C SER U 92 13.17 -29.04 -93.36
N VAL U 93 13.34 -30.05 -92.52
CA VAL U 93 12.23 -30.61 -91.78
C VAL U 93 12.03 -29.79 -90.52
N TYR U 94 10.80 -29.34 -90.27
CA TYR U 94 10.52 -28.56 -89.07
C TYR U 94 9.78 -29.35 -88.01
N TYR U 95 10.35 -29.40 -86.81
CA TYR U 95 9.73 -30.13 -85.73
C TYR U 95 9.20 -29.16 -84.69
N CYS U 96 8.11 -29.56 -84.05
CA CYS U 96 7.63 -28.89 -82.85
C CYS U 96 7.83 -29.84 -81.69
N ALA U 97 8.01 -29.28 -80.50
CA ALA U 97 8.29 -30.11 -79.34
C ALA U 97 7.76 -29.45 -78.09
N ARG U 98 7.21 -30.28 -77.21
CA ARG U 98 6.69 -29.78 -75.94
C ARG U 98 7.91 -29.52 -75.07
N GLU U 99 7.89 -28.40 -74.36
CA GLU U 99 8.94 -28.04 -73.42
C GLU U 99 9.17 -29.12 -72.35
N LEU U 100 10.41 -29.22 -71.92
CA LEU U 100 10.87 -30.20 -70.92
C LEU U 100 10.05 -30.12 -69.64
N LEU U 101 9.94 -28.93 -69.08
CA LEU U 101 9.33 -28.75 -67.77
C LEU U 101 8.08 -27.89 -67.94
N MET U 102 7.05 -28.20 -67.18
N MET U 102 7.00 -28.20 -67.24
CA MET U 102 5.80 -27.46 -67.17
CA MET U 102 5.84 -27.32 -67.28
C MET U 102 5.97 -26.05 -66.56
C MET U 102 6.18 -25.97 -66.68
N ASP U 103 6.69 -25.97 -65.45
CA ASP U 103 6.97 -24.70 -64.77
C ASP U 103 8.34 -24.16 -65.11
N TYR U 104 8.44 -22.84 -65.15
CA TYR U 104 9.68 -22.16 -65.53
C TYR U 104 10.51 -21.96 -64.29
N TYR U 105 11.79 -22.26 -64.41
CA TYR U 105 12.72 -22.00 -63.33
C TYR U 105 13.89 -21.21 -63.90
N ASP U 106 14.29 -20.14 -63.24
CA ASP U 106 15.28 -19.25 -63.87
C ASP U 106 16.71 -19.77 -63.82
N HIS U 107 16.92 -20.89 -63.13
CA HIS U 107 18.20 -21.57 -63.13
C HIS U 107 18.26 -22.79 -64.07
N ILE U 108 17.14 -23.07 -64.74
CA ILE U 108 17.04 -24.23 -65.64
C ILE U 108 16.81 -23.85 -67.11
N GLY U 109 15.94 -22.88 -67.32
CA GLY U 109 15.56 -22.37 -68.63
C GLY U 109 14.65 -23.25 -69.48
N TYR U 110 14.75 -23.10 -70.80
CA TYR U 110 13.98 -23.92 -71.75
C TYR U 110 14.71 -24.95 -72.58
N SER U 111 13.99 -26.02 -72.89
CA SER U 111 14.51 -27.09 -73.74
C SER U 111 13.37 -28.03 -74.15
N PRO U 112 13.50 -28.66 -75.33
CA PRO U 112 12.55 -29.64 -75.87
C PRO U 112 12.42 -30.88 -74.99
N GLY U 113 11.19 -31.35 -74.78
CA GLY U 113 10.96 -32.47 -73.90
C GLY U 113 10.85 -33.80 -74.62
N PRO U 114 10.07 -34.73 -74.06
CA PRO U 114 10.01 -36.10 -74.58
C PRO U 114 9.13 -36.23 -75.81
N THR U 115 8.31 -35.22 -76.06
CA THR U 115 7.33 -35.30 -77.12
C THR U 115 7.73 -34.40 -78.28
N TRP U 116 7.98 -35.01 -79.42
CA TRP U 116 8.38 -34.32 -80.63
C TRP U 116 7.41 -34.78 -81.70
N GLY U 117 7.11 -33.91 -82.65
CA GLY U 117 6.33 -34.32 -83.79
C GLY U 117 7.13 -35.06 -84.84
N GLN U 118 6.46 -35.42 -85.92
CA GLN U 118 7.05 -36.24 -86.98
C GLN U 118 7.87 -35.39 -87.95
N GLY U 119 7.67 -34.09 -87.90
CA GLY U 119 8.40 -33.18 -88.77
C GLY U 119 7.56 -32.88 -90.00
N THR U 120 7.75 -31.69 -90.55
CA THR U 120 7.10 -31.33 -91.80
C THR U 120 8.11 -30.72 -92.78
N LEU U 121 8.05 -31.16 -94.03
CA LEU U 121 9.06 -30.76 -94.99
C LEU U 121 8.73 -29.42 -95.64
N VAL U 122 9.73 -28.55 -95.66
CA VAL U 122 9.63 -27.27 -96.33
C VAL U 122 10.75 -27.19 -97.37
N THR U 123 10.42 -26.98 -98.63
CA THR U 123 11.47 -26.92 -99.65
C THR U 123 11.52 -25.54 -100.28
N VAL U 124 12.66 -24.87 -100.15
CA VAL U 124 12.83 -23.54 -100.71
C VAL U 124 13.81 -23.53 -101.88
N SER U 125 13.29 -23.35 -103.10
CA SER U 125 14.10 -23.40 -104.30
C SER U 125 13.57 -22.44 -105.36
N PRO V 2 27.55 -20.13 -80.30
CA PRO V 2 26.22 -20.30 -80.89
C PRO V 2 25.84 -21.79 -81.04
N VAL V 3 26.84 -22.67 -81.18
CA VAL V 3 26.60 -24.10 -81.30
C VAL V 3 27.55 -24.90 -80.41
N LEU V 4 27.01 -25.81 -79.61
CA LEU V 4 27.83 -26.69 -78.78
C LEU V 4 28.65 -27.69 -79.62
N THR V 5 29.84 -28.02 -79.14
CA THR V 5 30.77 -28.87 -79.86
C THR V 5 30.65 -30.39 -79.62
N GLN V 6 30.29 -31.16 -80.64
CA GLN V 6 30.24 -32.61 -80.45
C GLN V 6 31.18 -33.23 -81.49
N PRO V 7 31.74 -34.41 -81.18
CA PRO V 7 32.50 -35.17 -82.17
C PRO V 7 31.58 -35.66 -83.29
N PRO V 8 32.05 -35.65 -84.55
CA PRO V 8 31.22 -36.12 -85.65
C PRO V 8 30.83 -37.57 -85.44
N SER V 9 31.74 -38.35 -84.86
CA SER V 9 31.52 -39.78 -84.67
C SER V 9 32.21 -40.37 -83.44
N ALA V 10 31.75 -41.56 -83.07
CA ALA V 10 32.29 -42.35 -81.96
C ALA V 10 31.91 -43.79 -82.28
N SER V 11 32.62 -44.77 -81.72
CA SER V 11 32.24 -46.17 -81.97
C SER V 11 32.56 -47.13 -80.83
N GLY V 12 31.85 -48.26 -80.82
CA GLY V 12 32.11 -49.35 -79.90
C GLY V 12 31.54 -50.67 -80.38
N SER V 13 32.08 -51.77 -79.87
CA SER V 13 31.53 -53.11 -80.07
C SER V 13 30.40 -53.40 -79.09
N PRO V 14 29.45 -54.29 -79.47
CA PRO V 14 28.35 -54.67 -78.58
C PRO V 14 28.84 -55.15 -77.20
N GLY V 15 28.14 -54.73 -76.15
CA GLY V 15 28.52 -55.04 -74.79
C GLY V 15 29.44 -54.00 -74.16
N GLN V 16 30.12 -53.24 -75.01
CA GLN V 16 31.06 -52.20 -74.59
C GLN V 16 30.37 -50.92 -74.09
N ARG V 17 31.16 -50.08 -73.42
CA ARG V 17 30.70 -48.78 -72.96
C ARG V 17 31.28 -47.68 -73.87
N VAL V 18 30.47 -46.67 -74.17
N VAL V 18 30.47 -46.69 -74.20
CA VAL V 18 30.90 -45.54 -75.00
CA VAL V 18 30.92 -45.54 -74.97
C VAL V 18 30.49 -44.19 -74.40
C VAL V 18 30.56 -44.22 -74.28
N THR V 19 31.35 -43.19 -74.53
CA THR V 19 31.07 -41.84 -74.04
C THR V 19 31.09 -40.79 -75.16
N ILE V 20 30.27 -39.75 -75.01
CA ILE V 20 30.18 -38.68 -75.99
C ILE V 20 30.27 -37.28 -75.36
N SER V 21 31.27 -36.50 -75.77
CA SER V 21 31.51 -35.19 -75.16
C SER V 21 30.72 -34.04 -75.80
N CYS V 22 30.53 -32.96 -75.04
CA CYS V 22 29.74 -31.80 -75.47
C CYS V 22 30.38 -30.55 -74.84
N SER V 23 30.99 -29.68 -75.64
CA SER V 23 31.71 -28.54 -75.05
C SER V 23 31.03 -27.19 -75.27
N GLY V 24 30.97 -26.40 -74.19
CA GLY V 24 30.36 -25.08 -74.22
C GLY V 24 31.16 -23.95 -73.59
N SER V 25 30.48 -23.17 -72.75
CA SER V 25 30.98 -21.92 -72.19
C SER V 25 30.22 -21.60 -70.91
N SER V 26 30.62 -20.51 -70.25
N SER V 26 30.64 -20.53 -70.23
CA SER V 26 30.07 -20.14 -68.95
CA SER V 26 30.09 -20.14 -68.93
C SER V 26 28.58 -19.85 -69.01
C SER V 26 28.58 -19.87 -69.02
N SER V 27 28.12 -19.38 -70.16
CA SER V 27 26.73 -18.97 -70.33
C SER V 27 25.76 -20.11 -70.61
N ASN V 28 26.27 -21.27 -71.01
CA ASN V 28 25.42 -22.46 -71.16
C ASN V 28 25.65 -23.53 -70.08
N ILE V 29 26.58 -24.44 -70.32
CA ILE V 29 26.76 -25.61 -69.47
C ILE V 29 27.27 -25.16 -68.09
N GLY V 30 28.00 -24.05 -68.08
CA GLY V 30 28.51 -23.47 -66.86
C GLY V 30 27.40 -22.86 -66.02
N SER V 31 26.22 -22.75 -66.62
CA SER V 31 25.09 -22.05 -66.03
C SER V 31 23.86 -22.95 -66.00
N TYR V 32 23.70 -23.78 -67.02
CA TYR V 32 22.48 -24.58 -67.15
C TYR V 32 22.79 -26.06 -67.40
N THR V 33 21.84 -26.92 -67.04
CA THR V 33 21.95 -28.36 -67.25
C THR V 33 21.88 -28.72 -68.72
N VAL V 34 22.37 -29.91 -69.06
CA VAL V 34 22.39 -30.40 -70.43
C VAL V 34 21.37 -31.53 -70.65
N ASN V 35 20.67 -31.46 -71.77
CA ASN V 35 19.77 -32.55 -72.16
C ASN V 35 20.45 -33.36 -73.26
N TRP V 36 20.14 -34.64 -73.34
CA TRP V 36 20.65 -35.46 -74.43
C TRP V 36 19.50 -36.12 -75.19
N TYR V 37 19.60 -36.14 -76.52
CA TYR V 37 18.59 -36.75 -77.38
C TYR V 37 19.22 -37.79 -78.31
N GLN V 38 18.47 -38.82 -78.67
CA GLN V 38 18.99 -39.82 -79.58
C GLN V 38 18.16 -39.82 -80.84
N GLN V 39 18.84 -39.71 -81.98
CA GLN V 39 18.20 -39.67 -83.28
C GLN V 39 18.74 -40.75 -84.21
N LEU V 40 17.85 -41.59 -84.72
CA LEU V 40 18.25 -42.56 -85.72
C LEU V 40 18.02 -41.84 -87.04
N PRO V 41 18.70 -42.29 -88.12
CA PRO V 41 18.55 -41.59 -89.41
C PRO V 41 17.11 -41.47 -89.88
N GLY V 42 16.73 -40.28 -90.32
CA GLY V 42 15.42 -40.06 -90.92
C GLY V 42 14.25 -40.08 -89.96
N THR V 43 14.52 -40.02 -88.66
CA THR V 43 13.48 -40.17 -87.65
C THR V 43 13.62 -39.05 -86.61
N ALA V 44 12.53 -38.71 -85.93
CA ALA V 44 12.56 -37.69 -84.90
C ALA V 44 13.46 -38.08 -83.72
N PRO V 45 14.06 -37.08 -83.05
CA PRO V 45 14.83 -37.26 -81.81
C PRO V 45 14.01 -37.88 -80.69
N LYS V 46 14.68 -38.67 -79.86
CA LYS V 46 14.09 -39.29 -78.68
C LYS V 46 14.75 -38.65 -77.45
N LEU V 47 13.97 -38.14 -76.50
CA LEU V 47 14.59 -37.63 -75.28
C LEU V 47 15.24 -38.72 -74.44
N LEU V 48 16.51 -38.52 -74.12
CA LEU V 48 17.33 -39.52 -73.43
CA LEU V 48 17.26 -39.53 -73.40
C LEU V 48 17.60 -39.13 -71.98
N ILE V 49 18.16 -37.94 -71.83
CA ILE V 49 18.62 -37.43 -70.56
C ILE V 49 18.24 -35.96 -70.32
N TYR V 50 17.81 -35.64 -69.08
CA TYR V 50 17.55 -34.26 -68.72
C TYR V 50 18.10 -34.00 -67.31
N SER V 51 18.24 -32.71 -66.98
N SER V 51 18.25 -32.71 -67.00
CA SER V 51 18.81 -32.29 -65.70
CA SER V 51 18.82 -32.24 -65.74
C SER V 51 20.16 -32.98 -65.47
C SER V 51 20.13 -32.97 -65.49
N LEU V 52 20.89 -33.13 -66.57
CA LEU V 52 22.22 -33.77 -66.63
C LEU V 52 22.26 -35.29 -66.49
N ASN V 53 21.46 -35.83 -65.59
CA ASN V 53 21.69 -37.20 -65.12
C ASN V 53 20.46 -38.07 -65.11
N GLN V 54 19.32 -37.48 -65.46
CA GLN V 54 18.04 -38.16 -65.33
C GLN V 54 17.43 -38.74 -66.60
N ARG V 55 16.72 -39.85 -66.43
CA ARG V 55 16.13 -40.58 -67.53
C ARG V 55 14.60 -40.57 -67.48
N PRO V 56 13.97 -40.18 -68.60
CA PRO V 56 12.51 -40.28 -68.74
C PRO V 56 12.10 -41.75 -68.70
N SER V 57 10.84 -42.02 -68.40
CA SER V 57 10.33 -43.39 -68.44
C SER V 57 10.65 -44.05 -69.78
N GLY V 58 11.04 -45.32 -69.73
CA GLY V 58 11.34 -46.07 -70.94
C GLY V 58 12.81 -46.12 -71.32
N VAL V 59 13.61 -45.18 -70.80
CA VAL V 59 15.03 -45.13 -71.14
C VAL V 59 15.83 -45.94 -70.12
N PRO V 60 16.56 -46.97 -70.57
CA PRO V 60 17.32 -47.85 -69.68
C PRO V 60 18.43 -47.15 -68.90
N ASP V 61 18.79 -47.72 -67.76
CA ASP V 61 19.75 -47.13 -66.83
C ASP V 61 21.19 -47.23 -67.30
N ARG V 62 21.40 -47.93 -68.41
CA ARG V 62 22.72 -48.03 -69.01
C ARG V 62 23.09 -46.73 -69.72
N PHE V 63 22.13 -45.81 -69.77
CA PHE V 63 22.39 -44.45 -70.19
C PHE V 63 22.61 -43.57 -68.96
N SER V 64 23.75 -42.91 -68.87
CA SER V 64 24.04 -42.02 -67.75
C SER V 64 24.76 -40.73 -68.16
N GLY V 65 24.40 -39.62 -67.52
CA GLY V 65 25.05 -38.35 -67.77
C GLY V 65 25.94 -37.81 -66.66
N SER V 66 26.90 -36.98 -67.07
CA SER V 66 27.79 -36.26 -66.15
C SER V 66 28.28 -34.98 -66.84
N LYS V 67 28.89 -34.07 -66.09
CA LYS V 67 29.55 -32.91 -66.71
C LYS V 67 30.71 -32.39 -65.88
N SER V 68 31.56 -31.61 -66.54
CA SER V 68 32.72 -31.02 -65.90
C SER V 68 33.05 -29.68 -66.55
N GLY V 69 32.98 -28.60 -65.76
CA GLY V 69 33.21 -27.26 -66.29
C GLY V 69 32.19 -26.86 -67.33
N THR V 70 32.69 -26.54 -68.53
CA THR V 70 31.84 -26.08 -69.62
C THR V 70 31.64 -27.23 -70.61
N SER V 71 32.01 -28.44 -70.17
CA SER V 71 31.81 -29.65 -70.96
C SER V 71 30.93 -30.66 -70.24
N ALA V 72 30.15 -31.41 -71.02
CA ALA V 72 29.26 -32.46 -70.49
C ALA V 72 29.50 -33.74 -71.27
N SER V 73 29.12 -34.88 -70.68
N SER V 73 29.13 -34.88 -70.69
CA SER V 73 29.35 -36.16 -71.32
CA SER V 73 29.38 -36.18 -71.33
C SER V 73 28.21 -37.16 -71.10
C SER V 73 28.26 -37.20 -71.09
N LEU V 74 27.85 -37.85 -72.17
CA LEU V 74 26.87 -38.95 -72.11
C LEU V 74 27.56 -40.31 -72.20
N ALA V 75 27.28 -41.19 -71.25
CA ALA V 75 27.83 -42.55 -71.25
C ALA V 75 26.76 -43.61 -71.53
N ILE V 76 27.05 -44.52 -72.46
CA ILE V 76 26.16 -45.65 -72.72
C ILE V 76 26.85 -47.00 -72.48
N SER V 77 26.40 -47.66 -71.42
CA SER V 77 26.88 -48.97 -70.96
C SER V 77 26.11 -50.10 -71.62
N GLY V 78 26.73 -51.29 -71.68
CA GLY V 78 26.05 -52.46 -72.23
C GLY V 78 25.46 -52.25 -73.60
N LEU V 79 26.32 -51.84 -74.54
CA LEU V 79 25.90 -51.46 -75.89
CA LEU V 79 25.92 -51.46 -75.89
C LEU V 79 25.02 -52.50 -76.55
N GLN V 80 23.95 -52.01 -77.18
CA GLN V 80 22.97 -52.79 -77.90
C GLN V 80 22.96 -52.35 -79.37
N SER V 81 22.56 -53.25 -80.25
CA SER V 81 22.51 -52.97 -81.69
C SER V 81 21.78 -51.67 -82.00
N GLU V 82 20.67 -51.42 -81.31
CA GLU V 82 19.84 -50.23 -81.55
C GLU V 82 20.52 -48.91 -81.21
N ASP V 83 21.69 -48.95 -80.58
CA ASP V 83 22.37 -47.72 -80.23
C ASP V 83 23.14 -47.06 -81.37
N GLU V 84 23.29 -47.72 -82.51
CA GLU V 84 24.03 -47.05 -83.58
C GLU V 84 23.12 -45.90 -84.03
N ALA V 85 23.58 -44.66 -83.85
CA ALA V 85 22.70 -43.51 -84.04
C ALA V 85 23.45 -42.20 -83.91
N VAL V 86 22.77 -41.09 -84.17
CA VAL V 86 23.36 -39.79 -83.86
C VAL V 86 22.81 -39.29 -82.51
N TYR V 87 23.72 -38.86 -81.66
CA TYR V 87 23.39 -38.37 -80.31
C TYR V 87 23.67 -36.87 -80.25
N TYR V 88 22.68 -36.12 -79.77
CA TYR V 88 22.81 -34.68 -79.63
C TYR V 88 22.75 -34.23 -78.17
N CYS V 89 23.61 -33.28 -77.82
CA CYS V 89 23.49 -32.58 -76.55
C CYS V 89 22.81 -31.25 -76.81
N ALA V 90 22.22 -30.68 -75.76
CA ALA V 90 21.64 -29.36 -75.85
C ALA V 90 21.61 -28.73 -74.47
N ALA V 91 21.65 -27.40 -74.43
CA ALA V 91 21.54 -26.67 -73.18
C ALA V 91 20.93 -25.30 -73.40
N TRP V 92 20.24 -24.79 -72.38
CA TRP V 92 19.84 -23.39 -72.37
C TRP V 92 21.09 -22.52 -72.31
N ASP V 93 20.97 -21.31 -72.87
CA ASP V 93 22.10 -20.40 -72.98
C ASP V 93 21.57 -18.99 -72.74
N ASP V 94 22.09 -18.30 -71.73
CA ASP V 94 21.57 -16.98 -71.41
C ASP V 94 22.41 -15.84 -72.01
N SER V 95 23.31 -16.20 -72.92
CA SER V 95 24.08 -15.24 -73.71
C SER V 95 23.25 -14.70 -74.87
N LEU V 96 23.69 -13.58 -75.44
CA LEU V 96 22.99 -12.93 -76.55
C LEU V 96 21.51 -12.66 -76.28
N SER V 97 20.67 -13.21 -77.13
CA SER V 97 19.25 -13.36 -76.84
C SER V 97 19.07 -14.80 -76.39
N ALA V 98 18.49 -14.99 -75.20
CA ALA V 98 18.47 -16.33 -74.61
C ALA V 98 17.85 -17.35 -75.56
N HIS V 99 18.44 -18.55 -75.59
CA HIS V 99 18.11 -19.51 -76.63
C HIS V 99 18.52 -20.93 -76.24
N VAL V 100 17.96 -21.91 -76.93
CA VAL V 100 18.40 -23.29 -76.80
C VAL V 100 19.53 -23.51 -77.82
N VAL V 101 20.60 -24.18 -77.41
CA VAL V 101 21.68 -24.56 -78.31
CA VAL V 101 21.64 -24.57 -78.35
C VAL V 101 21.76 -26.08 -78.51
N PHE V 102 21.74 -26.54 -79.76
CA PHE V 102 22.00 -27.94 -80.05
C PHE V 102 23.45 -28.12 -80.45
N GLY V 103 24.01 -29.29 -80.12
CA GLY V 103 25.28 -29.72 -80.66
C GLY V 103 25.20 -30.19 -82.10
N GLY V 104 26.36 -30.41 -82.72
CA GLY V 104 26.43 -30.76 -84.12
C GLY V 104 26.08 -32.22 -84.37
N GLY V 105 25.96 -32.99 -83.29
CA GLY V 105 25.63 -34.40 -83.39
C GLY V 105 26.82 -35.34 -83.42
N THR V 106 26.65 -36.52 -82.83
CA THR V 106 27.68 -37.55 -82.82
C THR V 106 27.14 -38.85 -83.38
N LYS V 107 27.72 -39.30 -84.49
CA LYS V 107 27.40 -40.63 -85.02
C LYS V 107 28.09 -41.75 -84.26
N LEU V 108 27.28 -42.56 -83.59
CA LEU V 108 27.77 -43.70 -82.85
C LEU V 108 27.63 -44.91 -83.75
N THR V 109 28.74 -45.59 -84.00
CA THR V 109 28.71 -46.82 -84.77
C THR V 109 28.91 -47.96 -83.79
N VAL V 110 28.02 -48.95 -83.83
CA VAL V 110 28.26 -50.17 -83.09
C VAL V 110 28.96 -51.17 -83.99
N LEU V 111 30.23 -51.42 -83.70
CA LEU V 111 31.13 -52.12 -84.61
C LEU V 111 30.65 -53.54 -84.90
N VAL W 2 -4.85 -71.14 -47.86
CA VAL W 2 -6.13 -71.11 -48.54
C VAL W 2 -6.39 -72.52 -49.03
N GLN W 3 -7.59 -73.04 -48.80
CA GLN W 3 -7.88 -74.41 -49.21
C GLN W 3 -9.37 -74.69 -49.31
N LEU W 4 -9.75 -75.49 -50.31
CA LEU W 4 -11.09 -76.06 -50.38
C LEU W 4 -10.99 -77.58 -50.39
N VAL W 5 -11.84 -78.25 -49.60
CA VAL W 5 -11.82 -79.71 -49.54
C VAL W 5 -13.22 -80.32 -49.61
N GLN W 6 -13.49 -81.06 -50.68
CA GLN W 6 -14.77 -81.74 -50.87
C GLN W 6 -14.78 -83.11 -50.19
N SER W 7 -15.95 -83.52 -49.73
CA SER W 7 -16.15 -84.84 -49.14
C SER W 7 -17.57 -85.32 -49.39
N GLY W 8 -17.81 -86.60 -49.13
CA GLY W 8 -19.13 -87.17 -49.24
C GLY W 8 -19.28 -88.03 -50.48
N GLY W 9 -18.22 -88.10 -51.28
CA GLY W 9 -18.28 -88.80 -52.55
C GLY W 9 -18.26 -90.30 -52.32
N GLY W 10 -18.62 -91.06 -53.36
CA GLY W 10 -18.61 -92.50 -53.27
C GLY W 10 -19.45 -93.11 -54.38
N VAL W 11 -19.69 -94.41 -54.27
CA VAL W 11 -20.49 -95.11 -55.26
C VAL W 11 -21.93 -95.12 -54.76
N VAL W 12 -22.88 -94.93 -55.68
CA VAL W 12 -24.31 -94.87 -55.34
C VAL W 12 -25.14 -95.36 -56.52
N GLN W 13 -26.35 -95.81 -56.22
CA GLN W 13 -27.22 -96.37 -57.24
C GLN W 13 -28.14 -95.34 -57.91
N PRO W 14 -28.46 -95.56 -59.20
CA PRO W 14 -29.39 -94.68 -59.91
C PRO W 14 -30.72 -94.57 -59.17
N ARG W 15 -31.40 -93.43 -59.30
CA ARG W 15 -32.68 -93.17 -58.65
C ARG W 15 -32.56 -92.82 -57.17
N ARG W 16 -31.38 -93.09 -56.60
CA ARG W 16 -31.10 -92.77 -55.19
C ARG W 16 -30.62 -91.31 -55.08
N SER W 17 -30.34 -90.83 -53.87
CA SER W 17 -29.85 -89.48 -53.66
C SER W 17 -28.50 -89.49 -52.95
N LEU W 18 -27.71 -88.41 -53.13
CA LEU W 18 -26.45 -88.24 -52.39
C LEU W 18 -26.16 -86.75 -52.16
N ARG W 19 -25.52 -86.43 -51.03
N ARG W 19 -25.56 -86.44 -51.01
CA ARG W 19 -25.19 -85.04 -50.71
CA ARG W 19 -25.16 -85.08 -50.69
C ARG W 19 -23.68 -84.83 -50.53
C ARG W 19 -23.64 -84.93 -50.64
N LEU W 20 -23.11 -83.93 -51.34
CA LEU W 20 -21.69 -83.63 -51.28
C LEU W 20 -21.46 -82.38 -50.44
N SER W 21 -20.31 -82.30 -49.79
CA SER W 21 -19.97 -81.11 -49.00
C SER W 21 -18.59 -80.56 -49.36
N CYS W 22 -18.40 -79.27 -49.13
CA CYS W 22 -17.12 -78.64 -49.43
C CYS W 22 -16.73 -77.66 -48.32
N ALA W 23 -15.63 -77.96 -47.62
CA ALA W 23 -15.17 -77.15 -46.50
C ALA W 23 -14.14 -76.15 -46.99
N ALA W 24 -14.36 -74.88 -46.65
CA ALA W 24 -13.49 -73.79 -47.08
C ALA W 24 -12.65 -73.24 -45.93
N SER W 25 -11.40 -72.89 -46.26
CA SER W 25 -10.52 -72.22 -45.31
C SER W 25 -9.60 -71.22 -45.99
N GLY W 26 -9.16 -70.21 -45.24
CA GLY W 26 -8.14 -69.29 -45.72
C GLY W 26 -8.66 -68.07 -46.46
N PHE W 27 -9.98 -67.96 -46.58
CA PHE W 27 -10.59 -66.77 -47.17
C PHE W 27 -11.96 -66.55 -46.53
N THR W 28 -12.55 -65.38 -46.75
CA THR W 28 -13.83 -65.10 -46.12
C THR W 28 -14.94 -65.72 -46.96
N PHE W 29 -15.28 -66.96 -46.60
CA PHE W 29 -16.29 -67.74 -47.30
C PHE W 29 -17.59 -66.98 -47.50
N SER W 30 -18.06 -66.32 -46.44
CA SER W 30 -19.35 -65.65 -46.46
C SER W 30 -19.36 -64.44 -47.40
N SER W 31 -18.21 -64.07 -47.93
CA SER W 31 -18.10 -62.94 -48.85
C SER W 31 -18.13 -63.38 -50.32
N TYR W 32 -18.16 -64.68 -50.56
CA TYR W 32 -18.04 -65.22 -51.90
C TYR W 32 -19.14 -66.17 -52.33
N ALA W 33 -19.54 -66.05 -53.59
CA ALA W 33 -20.34 -67.04 -54.27
C ALA W 33 -19.52 -68.32 -54.40
N MET W 34 -20.19 -69.45 -54.60
CA MET W 34 -19.48 -70.72 -54.71
C MET W 34 -20.05 -71.50 -55.89
N HIS W 35 -19.19 -72.21 -56.61
CA HIS W 35 -19.65 -72.98 -57.75
C HIS W 35 -19.46 -74.47 -57.53
N TRP W 36 -20.33 -75.26 -58.15
CA TRP W 36 -20.02 -76.65 -58.37
C TRP W 36 -19.77 -76.77 -59.87
N VAL W 37 -18.70 -77.48 -60.23
CA VAL W 37 -18.34 -77.76 -61.61
C VAL W 37 -17.95 -79.23 -61.60
N ARG W 38 -18.32 -79.98 -62.62
CA ARG W 38 -17.95 -81.38 -62.62
C ARG W 38 -17.19 -81.85 -63.85
N GLN W 39 -16.50 -82.98 -63.70
CA GLN W 39 -15.71 -83.55 -64.77
C GLN W 39 -15.78 -85.07 -64.67
N ALA W 40 -16.30 -85.72 -65.70
CA ALA W 40 -16.34 -87.18 -65.70
C ALA W 40 -14.95 -87.72 -66.01
N PRO W 41 -14.59 -88.86 -65.41
CA PRO W 41 -13.25 -89.43 -65.65
C PRO W 41 -12.94 -89.50 -67.14
N GLY W 42 -11.81 -88.91 -67.52
CA GLY W 42 -11.36 -88.89 -68.89
C GLY W 42 -12.16 -87.94 -69.77
N LYS W 43 -13.06 -87.17 -69.16
CA LYS W 43 -13.91 -86.27 -69.93
C LYS W 43 -13.65 -84.81 -69.53
N GLY W 44 -14.42 -83.89 -70.10
CA GLY W 44 -14.20 -82.48 -69.85
C GLY W 44 -14.93 -81.92 -68.64
N LEU W 45 -14.70 -80.65 -68.34
CA LEU W 45 -15.39 -79.94 -67.26
C LEU W 45 -16.81 -79.53 -67.66
N GLU W 46 -17.73 -79.67 -66.72
CA GLU W 46 -19.12 -79.25 -66.91
C GLU W 46 -19.56 -78.45 -65.70
N TRP W 47 -19.98 -77.21 -65.93
CA TRP W 47 -20.44 -76.38 -64.83
C TRP W 47 -21.76 -76.95 -64.33
N VAL W 48 -21.94 -76.89 -63.02
CA VAL W 48 -23.11 -77.45 -62.37
C VAL W 48 -24.04 -76.38 -61.80
N ALA W 49 -23.46 -75.51 -60.97
CA ALA W 49 -24.29 -74.50 -60.31
C ALA W 49 -23.47 -73.45 -59.59
N VAL W 50 -24.11 -72.33 -59.27
CA VAL W 50 -23.51 -71.31 -58.40
C VAL W 50 -24.51 -70.86 -57.33
N ILE W 51 -24.00 -70.56 -56.14
CA ILE W 51 -24.85 -69.99 -55.08
C ILE W 51 -24.19 -68.72 -54.51
N SER W 52 -24.98 -67.68 -54.30
CA SER W 52 -24.48 -66.40 -53.80
C SER W 52 -24.03 -66.43 -52.34
N TYR W 53 -23.26 -65.42 -51.95
CA TYR W 53 -22.71 -65.30 -50.60
C TYR W 53 -23.74 -65.58 -49.50
N ASP W 54 -24.90 -64.97 -49.65
CA ASP W 54 -25.97 -65.05 -48.67
C ASP W 54 -27.04 -66.11 -48.93
N GLY W 55 -26.82 -66.95 -49.93
CA GLY W 55 -27.77 -68.01 -50.21
C GLY W 55 -29.03 -67.56 -50.91
N ARG W 56 -29.11 -66.28 -51.24
CA ARG W 56 -30.35 -65.73 -51.77
C ARG W 56 -30.47 -66.01 -53.26
N ASN W 57 -29.35 -66.33 -53.89
CA ASN W 57 -29.37 -66.64 -55.31
C ASN W 57 -28.67 -67.93 -55.69
N LYS W 58 -29.31 -68.73 -56.52
CA LYS W 58 -28.78 -70.05 -56.86
C LYS W 58 -29.08 -70.18 -58.34
N TYR W 59 -28.13 -70.67 -59.12
CA TYR W 59 -28.40 -70.94 -60.54
C TYR W 59 -27.84 -72.28 -60.99
N TYR W 60 -28.56 -72.96 -61.88
CA TYR W 60 -28.21 -74.33 -62.24
C TYR W 60 -28.08 -74.54 -63.74
N ALA W 61 -27.24 -75.51 -64.11
CA ALA W 61 -27.19 -76.03 -65.47
C ALA W 61 -28.51 -76.75 -65.72
N ASP W 62 -29.00 -76.71 -66.95
CA ASP W 62 -30.26 -77.38 -67.29
C ASP W 62 -30.25 -78.88 -67.00
N SER W 63 -29.10 -79.51 -67.14
CA SER W 63 -29.00 -80.96 -66.97
C SER W 63 -29.36 -81.43 -65.55
N VAL W 64 -29.27 -80.54 -64.56
CA VAL W 64 -29.60 -80.92 -63.19
C VAL W 64 -30.79 -80.16 -62.59
N LYS W 65 -31.33 -79.20 -63.33
CA LYS W 65 -32.43 -78.37 -62.84
C LYS W 65 -33.58 -79.27 -62.39
N GLY W 66 -34.16 -78.98 -61.22
CA GLY W 66 -35.30 -79.73 -60.76
C GLY W 66 -34.91 -81.01 -60.04
N ARG W 67 -33.63 -81.36 -60.13
CA ARG W 67 -33.09 -82.54 -59.44
C ARG W 67 -32.08 -82.19 -58.36
N PHE W 68 -31.20 -81.23 -58.61
CA PHE W 68 -30.20 -80.88 -57.60
C PHE W 68 -30.51 -79.56 -56.91
N THR W 69 -30.06 -79.46 -55.67
CA THR W 69 -30.25 -78.24 -54.88
C THR W 69 -28.94 -77.89 -54.18
N VAL W 70 -28.47 -76.66 -54.40
CA VAL W 70 -27.26 -76.19 -53.76
C VAL W 70 -27.63 -75.34 -52.55
N SER W 71 -26.83 -75.43 -51.50
CA SER W 71 -27.04 -74.63 -50.29
C SER W 71 -25.73 -74.39 -49.55
N ARG W 72 -25.77 -73.49 -48.56
CA ARG W 72 -24.59 -73.20 -47.76
C ARG W 72 -24.89 -72.80 -46.33
N ASP W 73 -23.92 -73.02 -45.45
CA ASP W 73 -24.01 -72.53 -44.08
C ASP W 73 -22.78 -71.70 -43.85
N ASN W 74 -22.95 -70.38 -43.89
CA ASN W 74 -21.81 -69.48 -43.78
C ASN W 74 -21.14 -69.48 -42.42
N SER W 75 -21.88 -69.81 -41.38
CA SER W 75 -21.31 -69.86 -40.04
C SER W 75 -20.32 -71.00 -39.84
N LYS W 76 -20.44 -72.02 -40.68
CA LYS W 76 -19.52 -73.16 -40.61
C LYS W 76 -18.59 -73.13 -41.80
N ASN W 77 -18.76 -72.11 -42.64
CA ASN W 77 -17.97 -71.95 -43.85
C ASN W 77 -17.99 -73.20 -44.73
N THR W 78 -19.18 -73.79 -44.88
CA THR W 78 -19.34 -75.01 -45.65
C THR W 78 -20.37 -74.84 -46.77
N LEU W 79 -20.06 -75.39 -47.93
CA LEU W 79 -20.97 -75.45 -49.07
C LEU W 79 -21.50 -76.86 -49.28
N TYR W 80 -22.77 -76.98 -49.69
CA TYR W 80 -23.38 -78.29 -49.92
C TYR W 80 -23.96 -78.41 -51.33
N LEU W 81 -23.99 -79.64 -51.84
CA LEU W 81 -24.75 -79.96 -53.05
C LEU W 81 -25.62 -81.18 -52.84
N GLN W 82 -26.93 -80.98 -52.83
CA GLN W 82 -27.87 -82.09 -52.72
C GLN W 82 -28.24 -82.64 -54.09
N MET W 83 -27.91 -83.90 -54.34
CA MET W 83 -28.16 -84.51 -55.63
C MET W 83 -29.28 -85.54 -55.47
N ASN W 84 -30.42 -85.27 -56.09
CA ASN W 84 -31.54 -86.18 -56.05
C ASN W 84 -31.85 -86.76 -57.43
N SER W 85 -32.62 -87.84 -57.47
CA SER W 85 -33.05 -88.44 -58.73
C SER W 85 -31.86 -88.70 -59.64
N LEU W 86 -30.82 -89.33 -59.09
CA LEU W 86 -29.56 -89.53 -59.81
C LEU W 86 -29.69 -90.38 -61.06
N ARG W 87 -28.87 -90.02 -62.06
CA ARG W 87 -28.81 -90.74 -63.32
C ARG W 87 -27.39 -91.24 -63.53
N ALA W 88 -27.25 -92.25 -64.40
CA ALA W 88 -25.95 -92.81 -64.71
C ALA W 88 -24.98 -91.75 -65.22
N GLU W 89 -25.48 -90.83 -66.03
CA GLU W 89 -24.64 -89.78 -66.62
C GLU W 89 -24.17 -88.74 -65.60
N ASP W 90 -24.65 -88.85 -64.36
CA ASP W 90 -24.14 -87.98 -63.31
C ASP W 90 -22.81 -88.47 -62.74
N THR W 91 -22.37 -89.65 -63.16
CA THR W 91 -21.09 -90.17 -62.69
C THR W 91 -20.01 -89.19 -63.12
N SER W 92 -19.20 -88.73 -62.18
CA SER W 92 -18.28 -87.63 -62.43
C SER W 92 -17.47 -87.31 -61.19
N VAL W 93 -16.36 -86.61 -61.37
CA VAL W 93 -15.71 -85.92 -60.26
C VAL W 93 -16.38 -84.57 -60.09
N TYR W 94 -16.81 -84.25 -58.87
CA TYR W 94 -17.44 -82.95 -58.59
C TYR W 94 -16.50 -82.01 -57.85
N TYR W 95 -16.32 -80.83 -58.41
CA TYR W 95 -15.43 -79.83 -57.82
C TYR W 95 -16.25 -78.69 -57.27
N CYS W 96 -15.76 -78.09 -56.19
CA CYS W 96 -16.29 -76.82 -55.73
C CYS W 96 -15.23 -75.76 -55.99
N ALA W 97 -15.66 -74.52 -56.20
CA ALA W 97 -14.73 -73.46 -56.55
C ALA W 97 -15.22 -72.13 -56.05
N ARG W 98 -14.30 -71.32 -55.55
CA ARG W 98 -14.65 -69.99 -55.09
C ARG W 98 -14.85 -69.14 -56.34
N GLU W 99 -15.89 -68.34 -56.33
CA GLU W 99 -16.19 -67.41 -57.41
C GLU W 99 -15.01 -66.47 -57.71
N LEU W 100 -14.86 -66.11 -58.99
CA LEU W 100 -13.81 -65.22 -59.49
C LEU W 100 -13.75 -63.89 -58.75
N LEU W 101 -14.89 -63.20 -58.68
CA LEU W 101 -14.91 -61.85 -58.13
C LEU W 101 -15.81 -61.88 -56.90
N MET W 102 -15.43 -61.13 -55.90
N MET W 102 -15.43 -61.18 -55.84
CA MET W 102 -16.18 -61.01 -54.66
CA MET W 102 -16.30 -61.06 -54.68
C MET W 102 -17.49 -60.21 -54.85
C MET W 102 -17.57 -60.30 -55.04
N ASP W 103 -17.43 -59.10 -55.59
CA ASP W 103 -18.63 -58.30 -55.89
C ASP W 103 -19.17 -58.69 -57.25
N TYR W 104 -20.49 -58.62 -57.39
CA TYR W 104 -21.20 -59.02 -58.59
C TYR W 104 -21.27 -57.85 -59.54
N TYR W 105 -20.98 -58.12 -60.81
CA TYR W 105 -21.15 -57.09 -61.80
C TYR W 105 -21.97 -57.69 -62.93
N ASP W 106 -23.00 -56.99 -63.38
CA ASP W 106 -23.93 -57.62 -64.32
C ASP W 106 -23.42 -57.70 -65.76
N HIS W 107 -22.26 -57.10 -66.02
CA HIS W 107 -21.61 -57.24 -67.32
C HIS W 107 -20.49 -58.27 -67.29
N ILE W 108 -20.26 -58.85 -66.11
CA ILE W 108 -19.20 -59.83 -65.91
C ILE W 108 -19.81 -61.19 -65.55
N GLY W 109 -20.81 -61.14 -64.68
CA GLY W 109 -21.50 -62.33 -64.21
C GLY W 109 -20.72 -63.21 -63.24
N TYR W 110 -21.03 -64.50 -63.23
CA TYR W 110 -20.32 -65.46 -62.38
C TYR W 110 -19.40 -66.42 -63.13
N SER W 111 -18.34 -66.82 -62.45
CA SER W 111 -17.39 -67.79 -62.98
C SER W 111 -16.44 -68.28 -61.88
N PRO W 112 -15.94 -69.52 -62.02
CA PRO W 112 -14.98 -70.11 -61.07
C PRO W 112 -13.67 -69.34 -61.00
N GLY W 113 -13.15 -69.12 -59.80
CA GLY W 113 -11.93 -68.34 -59.62
C GLY W 113 -10.70 -69.21 -59.51
N PRO W 114 -9.68 -68.73 -58.77
CA PRO W 114 -8.38 -69.39 -58.70
C PRO W 114 -8.38 -70.58 -57.75
N THR W 115 -9.39 -70.66 -56.90
CA THR W 115 -9.41 -71.66 -55.85
C THR W 115 -10.45 -72.75 -56.12
N TRP W 116 -9.94 -73.97 -56.30
CA TRP W 116 -10.75 -75.15 -56.57
C TRP W 116 -10.35 -76.18 -55.54
N GLY W 117 -11.29 -77.04 -55.14
CA GLY W 117 -10.96 -78.16 -54.31
C GLY W 117 -10.37 -79.25 -55.18
N GLN W 118 -10.04 -80.40 -54.58
CA GLN W 118 -9.37 -81.48 -55.31
C GLN W 118 -10.38 -82.33 -56.07
N GLY W 119 -11.65 -82.19 -55.73
CA GLY W 119 -12.70 -82.93 -56.39
C GLY W 119 -13.06 -84.19 -55.61
N THR W 120 -14.31 -84.62 -55.72
CA THR W 120 -14.76 -85.87 -55.12
C THR W 120 -15.55 -86.71 -56.13
N LEU W 121 -15.23 -88.00 -56.18
CA LEU W 121 -15.81 -88.88 -57.18
C LEU W 121 -17.18 -89.44 -56.79
N VAL W 122 -18.11 -89.34 -57.73
CA VAL W 122 -19.45 -89.90 -57.59
C VAL W 122 -19.71 -90.89 -58.72
N THR W 123 -20.04 -92.12 -58.35
CA THR W 123 -20.30 -93.16 -59.34
C THR W 123 -21.73 -93.65 -59.30
N VAL W 124 -22.44 -93.50 -60.42
CA VAL W 124 -23.83 -93.94 -60.51
C VAL W 124 -23.97 -95.14 -61.44
N SER W 125 -24.23 -96.32 -60.87
CA SER W 125 -24.31 -97.54 -61.65
C SER W 125 -25.32 -98.54 -61.08
N PRO X 2 -24.42 -74.35 -76.76
CA PRO X 2 -24.45 -74.98 -75.43
C PRO X 2 -23.04 -75.16 -74.86
N VAL X 3 -22.07 -75.33 -75.76
CA VAL X 3 -20.66 -75.48 -75.42
C VAL X 3 -19.82 -74.60 -76.34
N LEU X 4 -18.93 -73.79 -75.79
CA LEU X 4 -18.04 -73.00 -76.64
C LEU X 4 -17.10 -73.96 -77.37
N THR X 5 -16.71 -73.61 -78.60
CA THR X 5 -15.91 -74.50 -79.43
C THR X 5 -14.39 -74.41 -79.31
N GLN X 6 -13.76 -75.48 -78.83
CA GLN X 6 -12.31 -75.53 -78.74
C GLN X 6 -11.84 -76.73 -79.56
N PRO X 7 -10.60 -76.65 -80.07
CA PRO X 7 -9.98 -77.83 -80.71
C PRO X 7 -9.75 -78.93 -79.69
N PRO X 8 -9.95 -80.20 -80.09
CA PRO X 8 -9.75 -81.32 -79.17
C PRO X 8 -8.31 -81.38 -78.67
N SER X 9 -7.38 -81.00 -79.54
CA SER X 9 -5.96 -81.07 -79.22
C SER X 9 -5.16 -79.98 -79.93
N ALA X 10 -3.95 -79.76 -79.45
CA ALA X 10 -3.02 -78.80 -80.04
C ALA X 10 -1.64 -79.27 -79.61
N SER X 11 -0.60 -78.88 -80.36
CA SER X 11 0.76 -79.25 -79.97
C SER X 11 1.79 -78.22 -80.42
N GLY X 12 2.94 -78.24 -79.76
CA GLY X 12 4.07 -77.41 -80.14
C GLY X 12 5.38 -77.91 -79.59
N SER X 13 6.48 -77.53 -80.23
CA SER X 13 7.82 -77.76 -79.72
C SER X 13 8.18 -76.67 -78.71
N PRO X 14 9.06 -76.98 -77.76
CA PRO X 14 9.51 -75.98 -76.78
C PRO X 14 10.03 -74.70 -77.45
N GLY X 15 9.68 -73.55 -76.88
CA GLY X 15 10.06 -72.27 -77.46
C GLY X 15 9.05 -71.70 -78.44
N GLN X 16 8.19 -72.56 -79.01
CA GLN X 16 7.20 -72.11 -79.99
C GLN X 16 6.00 -71.40 -79.36
N ARG X 17 5.25 -70.70 -80.20
CA ARG X 17 4.01 -70.05 -79.79
C ARG X 17 2.81 -70.85 -80.30
N VAL X 18 1.78 -70.97 -79.47
N VAL X 18 1.79 -70.98 -79.46
CA VAL X 18 0.55 -71.65 -79.88
CA VAL X 18 0.55 -71.61 -79.87
C VAL X 18 -0.68 -70.84 -79.45
C VAL X 18 -0.63 -70.72 -79.53
N THR X 19 -1.70 -70.84 -80.30
CA THR X 19 -2.94 -70.14 -80.00
C THR X 19 -4.09 -71.12 -79.97
N ILE X 20 -5.09 -70.86 -79.13
CA ILE X 20 -6.23 -71.75 -79.04
C ILE X 20 -7.51 -70.95 -79.13
N SER X 21 -8.34 -71.24 -80.13
CA SER X 21 -9.53 -70.42 -80.33
C SER X 21 -10.70 -70.97 -79.52
N CYS X 22 -11.67 -70.10 -79.25
CA CYS X 22 -12.83 -70.47 -78.44
C CYS X 22 -13.94 -69.64 -79.07
N SER X 23 -14.89 -70.29 -79.74
CA SER X 23 -15.90 -69.53 -80.46
C SER X 23 -17.28 -69.58 -79.84
N GLY X 24 -17.91 -68.41 -79.74
CA GLY X 24 -19.23 -68.31 -79.16
C GLY X 24 -20.26 -67.50 -79.93
N SER X 25 -20.94 -66.63 -79.19
CA SER X 25 -22.10 -65.90 -79.67
C SER X 25 -22.30 -64.64 -78.83
N SER X 26 -23.29 -63.82 -79.21
N SER X 26 -23.26 -63.81 -79.23
CA SER X 26 -23.50 -62.54 -78.56
CA SER X 26 -23.52 -62.53 -78.59
C SER X 26 -23.86 -62.68 -77.09
C SER X 26 -23.85 -62.69 -77.10
N SER X 27 -24.50 -63.80 -76.75
CA SER X 27 -24.98 -64.00 -75.38
C SER X 27 -23.90 -64.48 -74.42
N ASN X 28 -22.78 -64.99 -74.96
CA ASN X 28 -21.64 -65.34 -74.11
C ASN X 28 -20.46 -64.36 -74.31
N ILE X 29 -19.58 -64.64 -75.27
CA ILE X 29 -18.34 -63.91 -75.42
C ILE X 29 -18.62 -62.45 -75.82
N GLY X 30 -19.71 -62.25 -76.57
CA GLY X 30 -20.12 -60.93 -77.00
C GLY X 30 -20.68 -60.02 -75.92
N SER X 31 -20.93 -60.59 -74.75
CA SER X 31 -21.61 -59.89 -73.66
C SER X 31 -20.82 -59.94 -72.37
N TYR X 32 -20.13 -61.06 -72.14
CA TYR X 32 -19.45 -61.26 -70.87
C TYR X 32 -18.00 -61.66 -71.12
N THR X 33 -17.13 -61.39 -70.16
CA THR X 33 -15.72 -61.77 -70.29
C THR X 33 -15.51 -63.29 -70.25
N VAL X 34 -14.36 -63.71 -70.76
CA VAL X 34 -13.99 -65.12 -70.82
C VAL X 34 -12.86 -65.45 -69.85
N ASN X 35 -12.99 -66.57 -69.12
CA ASN X 35 -11.90 -67.06 -68.28
C ASN X 35 -11.22 -68.24 -68.96
N TRP X 36 -9.93 -68.42 -68.68
CA TRP X 36 -9.21 -69.58 -69.18
C TRP X 36 -8.61 -70.38 -68.01
N TYR X 37 -8.70 -71.70 -68.07
CA TYR X 37 -8.13 -72.56 -67.02
C TYR X 37 -7.18 -73.62 -67.58
N GLN X 38 -6.17 -73.98 -66.79
CA GLN X 38 -5.22 -75.02 -67.19
C GLN X 38 -5.30 -76.20 -66.24
N GLN X 39 -5.45 -77.40 -66.79
CA GLN X 39 -5.55 -78.58 -65.97
C GLN X 39 -4.48 -79.58 -66.41
N LEU X 40 -3.62 -79.96 -65.48
CA LEU X 40 -2.61 -80.97 -65.74
C LEU X 40 -3.19 -82.33 -65.36
N PRO X 41 -2.63 -83.41 -65.92
CA PRO X 41 -3.19 -84.74 -65.65
C PRO X 41 -3.26 -85.05 -64.16
N GLY X 42 -4.40 -85.54 -63.71
CA GLY X 42 -4.55 -86.00 -62.33
C GLY X 42 -4.58 -84.86 -61.31
N THR X 43 -4.76 -83.62 -61.79
CA THR X 43 -4.69 -82.44 -60.91
C THR X 43 -5.86 -81.52 -61.16
N ALA X 44 -6.20 -80.72 -60.14
CA ALA X 44 -7.29 -79.74 -60.26
C ALA X 44 -6.97 -78.69 -61.32
N PRO X 45 -8.01 -78.11 -61.96
CA PRO X 45 -7.81 -76.99 -62.88
C PRO X 45 -7.15 -75.78 -62.20
N LYS X 46 -6.34 -75.06 -62.95
CA LYS X 46 -5.70 -73.82 -62.48
C LYS X 46 -6.23 -72.61 -63.23
N LEU X 47 -6.66 -71.57 -62.51
CA LEU X 47 -7.06 -70.34 -63.18
C LEU X 47 -5.88 -69.66 -63.86
N LEU X 48 -6.04 -69.38 -65.14
CA LEU X 48 -4.98 -68.85 -65.99
CA LEU X 48 -4.97 -68.81 -65.94
C LEU X 48 -5.21 -67.39 -66.35
N ILE X 49 -6.39 -67.14 -66.91
CA ILE X 49 -6.78 -65.84 -67.43
C ILE X 49 -8.20 -65.49 -67.02
N TYR X 50 -8.40 -64.21 -66.65
CA TYR X 50 -9.72 -63.70 -66.35
C TYR X 50 -9.87 -62.31 -66.95
N SER X 51 -11.13 -61.84 -67.05
N SER X 51 -11.13 -61.87 -67.06
CA SER X 51 -11.45 -60.56 -67.66
CA SER X 51 -11.51 -60.59 -67.67
C SER X 51 -10.82 -60.44 -69.04
C SER X 51 -10.82 -60.45 -69.02
N LEU X 52 -10.80 -61.57 -69.74
CA LEU X 52 -10.24 -61.73 -71.09
C LEU X 52 -8.71 -61.73 -71.20
N ASN X 53 -8.06 -60.85 -70.45
CA ASN X 53 -6.68 -60.53 -70.77
C ASN X 53 -5.77 -60.57 -69.54
N GLN X 54 -6.36 -60.81 -68.39
CA GLN X 54 -5.63 -60.71 -67.12
C GLN X 54 -5.14 -61.99 -66.48
N ARG X 55 -3.99 -61.88 -65.81
CA ARG X 55 -3.36 -63.03 -65.17
C ARG X 55 -3.33 -62.88 -63.66
N PRO X 56 -3.83 -63.89 -62.93
CA PRO X 56 -3.70 -63.96 -61.48
C PRO X 56 -2.23 -64.08 -61.08
N SER X 57 -1.91 -63.75 -59.85
CA SER X 57 -0.56 -63.90 -59.31
C SER X 57 -0.05 -65.33 -59.54
N GLY X 58 1.22 -65.44 -59.90
CA GLY X 58 1.83 -66.74 -60.13
C GLY X 58 1.88 -67.17 -61.59
N VAL X 59 1.04 -66.58 -62.43
CA VAL X 59 0.97 -66.97 -63.84
C VAL X 59 1.92 -66.09 -64.64
N PRO X 60 2.89 -66.70 -65.33
CA PRO X 60 3.91 -65.97 -66.11
C PRO X 60 3.32 -65.16 -67.26
N ASP X 61 4.03 -64.13 -67.67
CA ASP X 61 3.54 -63.19 -68.68
C ASP X 61 3.56 -63.73 -70.11
N ARG X 62 4.14 -64.92 -70.31
CA ARG X 62 4.14 -65.52 -71.63
C ARG X 62 2.77 -66.13 -71.99
N PHE X 63 1.86 -66.10 -71.02
CA PHE X 63 0.46 -66.41 -71.26
C PHE X 63 -0.34 -65.13 -71.46
N SER X 64 -1.02 -65.02 -72.60
CA SER X 64 -1.85 -63.85 -72.89
C SER X 64 -3.17 -64.20 -73.59
N GLY X 65 -4.23 -63.48 -73.22
CA GLY X 65 -5.52 -63.68 -73.86
C GLY X 65 -5.88 -62.51 -74.75
N SER X 66 -6.71 -62.78 -75.75
CA SER X 66 -7.25 -61.76 -76.66
C SER X 66 -8.59 -62.24 -77.23
N LYS X 67 -9.33 -61.34 -77.87
CA LYS X 67 -10.52 -61.77 -78.59
C LYS X 67 -10.84 -60.88 -79.78
N SER X 68 -11.67 -61.39 -80.68
CA SER X 68 -12.09 -60.69 -81.86
C SER X 68 -13.50 -61.15 -82.22
N GLY X 69 -14.44 -60.21 -82.19
CA GLY X 69 -15.83 -60.50 -82.44
C GLY X 69 -16.42 -61.44 -81.40
N THR X 70 -16.93 -62.59 -81.86
CA THR X 70 -17.57 -63.56 -80.98
C THR X 70 -16.64 -64.75 -80.72
N SER X 71 -15.38 -64.58 -81.09
CA SER X 71 -14.34 -65.57 -80.84
C SER X 71 -13.23 -65.00 -79.98
N ALA X 72 -12.64 -65.85 -79.14
CA ALA X 72 -11.54 -65.44 -78.28
C ALA X 72 -10.39 -66.41 -78.46
N SER X 73 -9.18 -65.98 -78.10
N SER X 73 -9.18 -65.99 -78.09
CA SER X 73 -8.00 -66.82 -78.26
CA SER X 73 -7.99 -66.83 -78.27
C SER X 73 -7.01 -66.65 -77.12
C SER X 73 -6.98 -66.66 -77.16
N LEU X 74 -6.47 -67.78 -76.67
CA LEU X 74 -5.39 -67.77 -75.68
C LEU X 74 -4.09 -68.08 -76.40
N ALA X 75 -3.10 -67.23 -76.22
CA ALA X 75 -1.78 -67.44 -76.82
C ALA X 75 -0.73 -67.78 -75.76
N ILE X 76 0.02 -68.84 -76.01
CA ILE X 76 1.15 -69.21 -75.15
C ILE X 76 2.47 -69.18 -75.91
N SER X 77 3.32 -68.21 -75.57
CA SER X 77 4.62 -68.06 -76.21
C SER X 77 5.67 -68.89 -75.47
N GLY X 78 6.74 -69.25 -76.18
CA GLY X 78 7.86 -69.98 -75.59
C GLY X 78 7.42 -71.21 -74.82
N LEU X 79 6.67 -72.07 -75.51
CA LEU X 79 6.06 -73.25 -74.89
CA LEU X 79 6.05 -73.25 -74.92
C LEU X 79 7.05 -74.08 -74.10
N GLN X 80 6.64 -74.49 -72.90
CA GLN X 80 7.46 -75.33 -72.04
C GLN X 80 6.76 -76.66 -71.78
N SER X 81 7.52 -77.71 -71.49
CA SER X 81 6.95 -79.03 -71.24
C SER X 81 5.84 -79.01 -70.20
N GLU X 82 6.04 -78.24 -69.14
CA GLU X 82 5.08 -78.18 -68.04
C GLU X 82 3.75 -77.54 -68.48
N ASP X 83 3.73 -76.98 -69.68
CA ASP X 83 2.53 -76.34 -70.22
C ASP X 83 1.62 -77.41 -70.81
N GLU X 84 2.10 -78.66 -70.87
CA GLU X 84 1.30 -79.73 -71.42
C GLU X 84 0.15 -80.01 -70.48
N ALA X 85 -1.06 -79.81 -70.98
CA ALA X 85 -2.25 -79.81 -70.15
C ALA X 85 -3.50 -79.69 -71.01
N VAL X 86 -4.65 -79.79 -70.38
CA VAL X 86 -5.90 -79.46 -71.06
C VAL X 86 -6.30 -78.03 -70.69
N TYR X 87 -6.63 -77.23 -71.69
CA TYR X 87 -6.99 -75.83 -71.50
C TYR X 87 -8.48 -75.68 -71.78
N TYR X 88 -9.19 -75.05 -70.85
CA TYR X 88 -10.61 -74.80 -71.00
C TYR X 88 -10.89 -73.31 -71.05
N CYS X 89 -11.80 -72.92 -71.94
CA CYS X 89 -12.34 -71.57 -71.91
C CYS X 89 -13.70 -71.64 -71.22
N ALA X 90 -14.15 -70.51 -70.69
CA ALA X 90 -15.47 -70.41 -70.12
C ALA X 90 -15.96 -68.98 -70.18
N ALA X 91 -17.28 -68.82 -70.22
CA ALA X 91 -17.92 -67.51 -70.20
C ALA X 91 -19.31 -67.61 -69.58
N TRP X 92 -19.75 -66.52 -68.96
CA TRP X 92 -21.14 -66.41 -68.56
C TRP X 92 -22.03 -66.38 -69.80
N ASP X 93 -23.27 -66.86 -69.65
CA ASP X 93 -24.20 -66.98 -70.77
C ASP X 93 -25.58 -66.63 -70.28
N ASP X 94 -26.22 -65.62 -70.86
CA ASP X 94 -27.52 -65.18 -70.38
C ASP X 94 -28.72 -65.74 -71.15
N SER X 95 -28.49 -66.73 -72.00
CA SER X 95 -29.56 -67.44 -72.67
C SER X 95 -30.20 -68.46 -71.74
N LEU X 96 -31.41 -68.91 -72.08
CA LEU X 96 -32.15 -69.88 -71.27
C LEU X 96 -32.28 -69.45 -69.82
N SER X 97 -31.79 -70.31 -68.92
CA SER X 97 -31.51 -69.90 -67.56
C SER X 97 -30.02 -69.62 -67.49
N ALA X 98 -29.66 -68.42 -67.04
CA ALA X 98 -28.28 -67.96 -67.12
C ALA X 98 -27.33 -68.96 -66.48
N HIS X 99 -26.17 -69.14 -67.09
CA HIS X 99 -25.30 -70.24 -66.71
C HIS X 99 -23.89 -69.97 -67.21
N VAL X 100 -22.92 -70.70 -66.66
CA VAL X 100 -21.57 -70.68 -67.18
C VAL X 100 -21.46 -71.76 -68.26
N VAL X 101 -20.80 -71.43 -69.36
CA VAL X 101 -20.52 -72.40 -70.41
CA VAL X 101 -20.51 -72.43 -70.38
C VAL X 101 -19.02 -72.67 -70.49
N PHE X 102 -18.62 -73.93 -70.42
CA PHE X 102 -17.24 -74.31 -70.65
C PHE X 102 -17.07 -74.77 -72.10
N GLY X 103 -15.87 -74.55 -72.63
CA GLY X 103 -15.47 -75.16 -73.88
C GLY X 103 -15.13 -76.62 -73.67
N GLY X 104 -14.95 -77.36 -74.75
CA GLY X 104 -14.74 -78.79 -74.64
C GLY X 104 -13.33 -79.13 -74.19
N GLY X 105 -12.46 -78.14 -74.17
CA GLY X 105 -11.08 -78.34 -73.74
C GLY X 105 -10.11 -78.66 -74.87
N THR X 106 -8.88 -78.19 -74.72
CA THR X 106 -7.84 -78.46 -75.70
C THR X 106 -6.64 -79.10 -75.00
N LYS X 107 -6.33 -80.33 -75.36
CA LYS X 107 -5.11 -80.98 -74.88
C LYS X 107 -3.90 -80.47 -75.63
N LEU X 108 -3.03 -79.77 -74.92
CA LEU X 108 -1.79 -79.25 -75.48
C LEU X 108 -0.65 -80.20 -75.20
N THR X 109 0.01 -80.67 -76.25
CA THR X 109 1.18 -81.51 -76.10
C THR X 109 2.42 -80.68 -76.42
N VAL X 110 3.37 -80.68 -75.51
CA VAL X 110 4.69 -80.12 -75.78
C VAL X 110 5.64 -81.20 -76.29
N LEU X 111 6.00 -81.10 -77.57
CA LEU X 111 6.66 -82.18 -78.28
C LEU X 111 8.01 -82.55 -77.65
#